data_8IQ5
#
_entry.id   8IQ5
#
_cell.length_a   102.815
_cell.length_b   82.838
_cell.length_c   196.140
_cell.angle_alpha   90.000
_cell.angle_beta   98.371
_cell.angle_gamma   90.000
#
_symmetry.space_group_name_H-M   'P 1 21 1'
#
loop_
_entity.id
_entity.type
_entity.pdbx_description
1 polymer 'K2-2 TSP'
2 non-polymer 2-AMINO-2-HYDROXYMETHYL-PROPANE-1,3-DIOL
3 non-polymer GLYCEROL
4 non-polymer BICINE
5 water water
#
_entity_poly.entity_id   1
_entity_poly.type   'polypeptide(L)'
_entity_poly.pdbx_seq_one_letter_code
;MGHHHHHHHHHHSSGHGTIQGSEDLYFQSHMMALVDLVRAGGYSVEYPQFSSMAKLKAFPHSEDGQLVRLLSWHEGVGLG
GGLFKVSTSSTATGNDGTVVVASNGVRLLRVVNGPIWADMFGALPNSDIDSMPAVAAAYAYAASVNTDLYIGVATYKFKG
STPINVDPSRAGIIGYQGKVRIDCSEFTGSIVFSINSSYSYTPAAYYNNLSPALQGLYVFGAKTSGVDGLLVGRETVGSD
KSYNGQTEVRECTFDKFDRNIRMGHNSWRFVFYKVNSLNALSPNGILYVPAGLDDSGEILSFYHCQFFDGAGSNIRLSCS
SYTMVFNTCSFLNITFFVDSASSATVTCNGCNFENPGSASTRRYVDISAGHTNVFNIIGGSIVTNSNPGQTQALLYVSTD
NLLNLVGVTAPYGGHYQQEQELGYHAFIGGAGTVTTSGVMLQLRNGAGTCPLHSSLSTFSNWNFGYGNLNAWTVDKGTGT
SSVVEYLANAGPKGTEGAMRVAPVSVGTNVSQVQAVTNPGMFSMSCMVNIATTPGNAGQVSIGFLDAAGNSLPGGVSANL
GTTTGWQVIGKNTLRGKVPIGAKQVRVNIQTVAGADVKYAYLLCNVVKKLGC
;
_entity_poly.pdbx_strand_id   A,B,C,D,E,F
#
loop_
_chem_comp.id
_chem_comp.type
_chem_comp.name
_chem_comp.formula
BCN non-polymer BICINE 'C6 H13 N O4'
GOL non-polymer GLYCEROL 'C3 H8 O3'
TRS non-polymer 2-AMINO-2-HYDROXYMETHYL-PROPANE-1,3-DIOL 'C4 H12 N O3 1'
#
# COMPACT_ATOMS: atom_id res chain seq x y z
N GLU A 46 23.96 13.68 -74.47
CA GLU A 46 24.61 12.37 -74.34
C GLU A 46 25.11 12.12 -72.91
N TYR A 47 24.44 11.22 -72.21
CA TYR A 47 24.84 10.82 -70.87
C TYR A 47 24.89 9.30 -70.95
N PRO A 48 26.05 8.73 -71.31
CA PRO A 48 26.12 7.28 -71.50
C PRO A 48 25.85 6.50 -70.23
N GLN A 49 25.24 5.34 -70.38
CA GLN A 49 24.88 4.47 -69.28
C GLN A 49 25.25 3.03 -69.61
N PHE A 50 25.70 2.29 -68.60
CA PHE A 50 26.12 0.91 -68.77
C PHE A 50 25.45 0.02 -67.73
N SER A 51 25.03 -1.16 -68.14
CA SER A 51 24.18 -1.96 -67.28
C SER A 51 24.95 -2.84 -66.30
N SER A 52 26.26 -3.01 -66.46
CA SER A 52 26.99 -3.89 -65.55
C SER A 52 28.45 -3.51 -65.61
N MET A 53 29.19 -3.91 -64.58
CA MET A 53 30.64 -3.68 -64.59
C MET A 53 31.31 -4.34 -65.81
N ALA A 54 30.84 -5.54 -66.18
CA ALA A 54 31.41 -6.20 -67.35
C ALA A 54 31.19 -5.36 -68.60
N LYS A 55 29.99 -4.80 -68.76
CA LYS A 55 29.73 -4.00 -69.96
C LYS A 55 30.52 -2.69 -69.93
N LEU A 56 30.67 -2.11 -68.75
CA LEU A 56 31.48 -0.91 -68.62
C LEU A 56 32.92 -1.16 -69.06
N LYS A 57 33.49 -2.32 -68.67
CA LYS A 57 34.87 -2.61 -69.02
C LYS A 57 35.05 -2.98 -70.49
N ALA A 58 34.04 -3.60 -71.12
CA ALA A 58 34.17 -4.05 -72.49
C ALA A 58 33.98 -2.94 -73.52
N PHE A 59 33.40 -1.80 -73.13
CA PHE A 59 33.09 -0.76 -74.11
C PHE A 59 34.36 0.01 -74.51
N PRO A 60 34.51 0.39 -75.80
CA PRO A 60 35.72 1.12 -76.24
C PRO A 60 35.67 2.61 -75.90
N HIS A 61 35.79 2.93 -74.61
CA HIS A 61 35.77 4.33 -74.16
C HIS A 61 36.94 5.09 -74.79
N SER A 62 36.70 6.33 -75.17
CA SER A 62 37.74 7.11 -75.82
C SER A 62 37.78 8.58 -75.44
N GLU A 63 36.71 9.17 -74.90
CA GLU A 63 36.66 10.62 -74.70
C GLU A 63 37.15 10.96 -73.29
N ASP A 64 38.34 11.56 -73.21
CA ASP A 64 38.91 11.96 -71.93
C ASP A 64 37.99 12.93 -71.19
N GLY A 65 37.78 12.66 -69.91
CA GLY A 65 36.96 13.51 -69.08
C GLY A 65 35.47 13.22 -69.07
N GLN A 66 34.99 12.35 -69.94
CA GLN A 66 33.56 12.10 -70.03
C GLN A 66 33.04 11.45 -68.74
N LEU A 67 31.86 11.89 -68.29
CA LEU A 67 31.17 11.22 -67.19
C LEU A 67 30.21 10.18 -67.77
N VAL A 68 30.29 8.96 -67.25
CA VAL A 68 29.42 7.86 -67.67
C VAL A 68 28.77 7.29 -66.42
N ARG A 69 27.61 6.66 -66.58
CA ARG A 69 26.87 6.12 -65.45
C ARG A 69 26.88 4.60 -65.52
N LEU A 70 27.22 3.97 -64.40
CA LEU A 70 27.10 2.54 -64.23
C LEU A 70 25.82 2.30 -63.44
N LEU A 71 24.91 1.52 -64.00
CA LEU A 71 23.66 1.28 -63.31
C LEU A 71 23.76 0.30 -62.18
N SER A 72 24.65 -0.67 -62.30
CA SER A 72 24.77 -1.75 -61.34
C SER A 72 26.11 -2.42 -61.58
N TRP A 73 26.70 -2.94 -60.51
CA TRP A 73 27.92 -3.72 -60.66
C TRP A 73 27.59 -5.04 -61.34
N HIS A 74 26.67 -5.82 -60.75
CA HIS A 74 26.16 -7.04 -61.34
C HIS A 74 24.92 -6.75 -62.19
N GLU A 75 24.87 -7.34 -63.38
CA GLU A 75 23.74 -7.13 -64.27
C GLU A 75 22.42 -7.43 -63.57
N GLY A 76 21.48 -6.49 -63.63
CA GLY A 76 20.12 -6.71 -63.17
C GLY A 76 19.89 -6.54 -61.68
N VAL A 77 20.91 -6.19 -60.91
CA VAL A 77 20.79 -6.08 -59.47
C VAL A 77 20.39 -4.66 -59.03
N GLY A 78 21.08 -3.64 -59.55
CA GLY A 78 20.83 -2.27 -59.19
C GLY A 78 21.67 -1.73 -58.06
N LEU A 79 22.67 -2.48 -57.60
CA LEU A 79 23.54 -2.04 -56.50
C LEU A 79 24.93 -1.77 -57.02
N GLY A 80 25.62 -0.83 -56.40
CA GLY A 80 27.01 -0.60 -56.73
C GLY A 80 27.24 0.28 -57.94
N GLY A 81 26.17 0.85 -58.52
CA GLY A 81 26.34 1.79 -59.61
C GLY A 81 26.82 3.15 -59.15
N GLY A 82 26.97 4.05 -60.10
CA GLY A 82 27.40 5.41 -59.80
C GLY A 82 27.99 6.05 -61.05
N LEU A 83 28.51 7.26 -60.87
CA LEU A 83 29.16 7.98 -61.97
C LEU A 83 30.64 7.65 -61.98
N PHE A 84 31.19 7.53 -63.18
CA PHE A 84 32.61 7.32 -63.41
C PHE A 84 33.10 8.36 -64.39
N LYS A 85 34.33 8.83 -64.18
CA LYS A 85 34.96 9.76 -65.09
C LYS A 85 36.02 9.04 -65.91
N VAL A 86 35.89 9.10 -67.23
CA VAL A 86 36.87 8.51 -68.13
C VAL A 86 38.16 9.31 -68.06
N SER A 87 39.30 8.61 -67.98
CA SER A 87 40.61 9.25 -67.99
C SER A 87 41.48 8.50 -68.97
N THR A 88 41.96 9.23 -69.98
CA THR A 88 42.95 8.70 -70.91
C THR A 88 44.37 8.91 -70.43
N SER A 89 44.58 9.64 -69.35
CA SER A 89 45.91 9.85 -68.79
C SER A 89 46.20 9.04 -67.54
N SER A 90 45.21 8.70 -66.72
CA SER A 90 45.51 7.95 -65.51
C SER A 90 45.99 6.56 -65.83
N THR A 91 47.05 6.14 -65.15
CA THR A 91 47.50 4.76 -65.24
C THR A 91 47.30 4.00 -63.92
N ALA A 92 46.36 4.47 -63.10
CA ALA A 92 46.17 3.90 -61.78
C ALA A 92 45.82 2.42 -61.89
N THR A 93 46.21 1.68 -60.86
CA THR A 93 45.96 0.24 -60.81
C THR A 93 44.48 -0.05 -60.62
N GLY A 94 43.96 -0.92 -61.46
CA GLY A 94 42.57 -1.30 -61.39
C GLY A 94 42.24 -2.10 -60.15
N ASN A 95 41.02 -1.88 -59.67
CA ASN A 95 40.52 -2.65 -58.55
C ASN A 95 39.08 -3.12 -58.75
N ASP A 96 38.52 -2.94 -59.95
CA ASP A 96 37.15 -3.37 -60.30
C ASP A 96 36.10 -2.81 -59.35
N GLY A 97 36.36 -1.62 -58.80
CA GLY A 97 35.41 -1.05 -57.88
C GLY A 97 35.36 0.45 -58.00
N THR A 98 36.46 1.11 -57.64
CA THR A 98 36.56 2.56 -57.76
C THR A 98 37.53 2.99 -58.82
N VAL A 99 38.46 2.13 -59.23
CA VAL A 99 39.37 2.38 -60.34
C VAL A 99 39.17 1.21 -61.27
N VAL A 100 38.59 1.45 -62.44
CA VAL A 100 38.21 0.39 -63.35
C VAL A 100 39.06 0.56 -64.60
N VAL A 101 39.72 -0.50 -65.00
CA VAL A 101 40.50 -0.48 -66.22
C VAL A 101 39.69 -1.20 -67.30
N ALA A 102 39.29 -0.46 -68.32
CA ALA A 102 38.59 -1.05 -69.45
C ALA A 102 39.56 -1.93 -70.24
N SER A 103 39.00 -2.79 -71.09
CA SER A 103 39.83 -3.73 -71.83
C SER A 103 40.80 -3.00 -72.75
N ASN A 104 40.47 -1.77 -73.15
CA ASN A 104 41.35 -0.96 -74.00
C ASN A 104 42.33 -0.10 -73.20
N GLY A 105 42.40 -0.28 -71.87
CA GLY A 105 43.35 0.41 -71.03
C GLY A 105 42.89 1.74 -70.47
N VAL A 106 41.76 2.26 -70.92
CA VAL A 106 41.27 3.54 -70.41
C VAL A 106 40.84 3.34 -68.96
N ARG A 107 41.16 4.30 -68.10
CA ARG A 107 40.75 4.24 -66.70
C ARG A 107 39.39 4.90 -66.53
N LEU A 108 38.56 4.31 -65.69
CA LEU A 108 37.29 4.89 -65.34
C LEU A 108 37.32 5.07 -63.83
N LEU A 109 37.23 6.32 -63.38
CA LEU A 109 37.46 6.63 -61.97
C LEU A 109 36.11 6.95 -61.34
N ARG A 110 35.68 6.10 -60.42
CA ARG A 110 34.40 6.33 -59.78
C ARG A 110 34.42 7.65 -59.04
N VAL A 111 33.34 8.42 -59.18
CA VAL A 111 33.14 9.64 -58.41
C VAL A 111 32.36 9.25 -57.15
N VAL A 112 33.03 9.33 -56.00
CA VAL A 112 32.40 8.95 -54.73
C VAL A 112 32.32 10.19 -53.85
N ASN A 113 31.21 10.31 -53.16
CA ASN A 113 31.04 11.37 -52.18
C ASN A 113 30.60 10.64 -50.91
N GLY A 114 31.39 10.72 -49.87
CA GLY A 114 31.08 10.01 -48.66
C GLY A 114 31.78 8.66 -48.59
N PRO A 115 31.26 7.73 -47.80
CA PRO A 115 31.93 6.43 -47.64
C PRO A 115 31.96 5.60 -48.90
N ILE A 116 32.94 4.70 -48.94
CA ILE A 116 32.97 3.61 -49.92
C ILE A 116 31.94 2.57 -49.48
N TRP A 117 31.28 1.90 -50.42
CA TRP A 117 30.35 0.82 -50.08
C TRP A 117 30.88 -0.47 -50.67
N ALA A 118 30.71 -1.57 -49.94
CA ALA A 118 31.22 -2.86 -50.43
C ALA A 118 30.56 -3.27 -51.75
N ASP A 119 29.31 -2.87 -51.98
CA ASP A 119 28.68 -3.24 -53.24
C ASP A 119 29.33 -2.58 -54.45
N MET A 120 30.13 -1.52 -54.22
CA MET A 120 30.88 -0.91 -55.33
C MET A 120 31.93 -1.84 -55.87
N PHE A 121 32.30 -2.89 -55.10
CA PHE A 121 33.29 -3.88 -55.48
C PHE A 121 32.63 -5.22 -55.78
N GLY A 122 31.32 -5.23 -55.96
CA GLY A 122 30.63 -6.44 -56.32
C GLY A 122 30.08 -7.26 -55.18
N ALA A 123 30.16 -6.78 -53.93
CA ALA A 123 29.52 -7.51 -52.85
C ALA A 123 28.02 -7.51 -53.08
N LEU A 124 27.36 -8.59 -52.69
CA LEU A 124 25.91 -8.69 -52.82
C LEU A 124 25.29 -9.07 -51.48
N PRO A 125 24.12 -8.52 -51.17
CA PRO A 125 23.42 -8.87 -49.94
C PRO A 125 22.74 -10.22 -50.05
N ASN A 126 22.66 -10.93 -48.92
CA ASN A 126 21.87 -12.17 -48.83
C ASN A 126 22.27 -13.20 -49.87
N SER A 127 23.57 -13.30 -50.11
CA SER A 127 24.13 -14.20 -51.11
C SER A 127 24.76 -15.41 -50.45
N ASP A 128 24.73 -16.55 -51.16
CA ASP A 128 25.45 -17.71 -50.64
C ASP A 128 26.92 -17.72 -51.02
N ILE A 129 27.37 -16.78 -51.83
CA ILE A 129 28.78 -16.70 -52.13
C ILE A 129 29.51 -15.99 -50.99
N ASP A 130 30.73 -16.44 -50.71
CA ASP A 130 31.63 -15.79 -49.74
C ASP A 130 31.76 -14.31 -50.09
N SER A 131 31.40 -13.46 -49.13
CA SER A 131 31.53 -12.02 -49.29
C SER A 131 32.85 -11.48 -48.74
N MET A 132 33.63 -12.27 -48.02
CA MET A 132 34.83 -11.71 -47.44
C MET A 132 35.81 -11.15 -48.47
N PRO A 133 36.04 -11.79 -49.64
CA PRO A 133 36.95 -11.18 -50.61
C PRO A 133 36.50 -9.81 -51.11
N ALA A 134 35.21 -9.62 -51.40
CA ALA A 134 34.81 -8.31 -51.88
C ALA A 134 34.91 -7.27 -50.78
N VAL A 135 34.55 -7.63 -49.53
CA VAL A 135 34.69 -6.69 -48.42
C VAL A 135 36.14 -6.35 -48.20
N ALA A 136 37.03 -7.34 -48.25
CA ALA A 136 38.45 -7.07 -48.05
C ALA A 136 39.01 -6.18 -49.18
N ALA A 137 38.60 -6.41 -50.44
CA ALA A 137 39.09 -5.53 -51.52
C ALA A 137 38.57 -4.11 -51.35
N ALA A 138 37.28 -3.97 -51.03
CA ALA A 138 36.72 -2.63 -50.82
C ALA A 138 37.41 -1.94 -49.66
N TYR A 139 37.68 -2.68 -48.59
CA TYR A 139 38.34 -2.12 -47.42
C TYR A 139 39.73 -1.65 -47.76
N ALA A 140 40.49 -2.45 -48.50
CA ALA A 140 41.83 -2.03 -48.87
C ALA A 140 41.79 -0.69 -49.61
N TYR A 141 40.81 -0.53 -50.52
CA TYR A 141 40.72 0.77 -51.19
C TYR A 141 40.33 1.88 -50.21
N ALA A 142 39.28 1.63 -49.41
CA ALA A 142 38.83 2.66 -48.48
C ALA A 142 39.96 3.15 -47.59
N ALA A 143 40.72 2.21 -47.01
CA ALA A 143 41.85 2.60 -46.17
C ALA A 143 42.84 3.44 -46.93
N SER A 144 43.08 3.09 -48.21
CA SER A 144 44.04 3.83 -49.00
C SER A 144 43.67 5.29 -49.22
N VAL A 145 42.39 5.62 -49.14
CA VAL A 145 41.90 7.00 -49.28
C VAL A 145 41.31 7.56 -47.98
N ASN A 146 41.64 6.93 -46.85
CA ASN A 146 41.23 7.46 -45.53
C ASN A 146 39.74 7.68 -45.43
N THR A 147 38.95 6.74 -45.96
CA THR A 147 37.49 6.82 -46.06
C THR A 147 36.89 5.57 -45.45
N ASP A 148 35.80 5.70 -44.70
CA ASP A 148 35.20 4.50 -44.11
C ASP A 148 34.53 3.64 -45.17
N LEU A 149 34.39 2.35 -44.83
CA LEU A 149 33.69 1.39 -45.67
C LEU A 149 32.33 1.05 -45.06
N TYR A 150 31.27 1.17 -45.84
CA TYR A 150 29.92 0.75 -45.45
C TYR A 150 29.61 -0.62 -46.07
N ILE A 151 28.97 -1.47 -45.27
CA ILE A 151 28.37 -2.72 -45.71
C ILE A 151 26.86 -2.57 -45.56
N GLY A 152 26.15 -2.64 -46.68
CA GLY A 152 24.70 -2.45 -46.62
C GLY A 152 24.03 -3.52 -45.77
N VAL A 153 23.03 -3.10 -45.00
CA VAL A 153 22.33 -4.02 -44.10
C VAL A 153 21.76 -5.20 -44.88
N ALA A 154 22.09 -6.43 -44.44
CA ALA A 154 21.75 -7.74 -45.00
C ALA A 154 22.51 -8.83 -44.24
N THR A 155 22.44 -10.08 -44.70
CA THR A 155 23.30 -11.15 -44.21
C THR A 155 24.42 -11.42 -45.19
N TYR A 156 25.61 -11.70 -44.64
CA TYR A 156 26.82 -11.97 -45.39
C TYR A 156 27.48 -13.21 -44.80
N LYS A 157 28.11 -14.01 -45.65
CA LYS A 157 28.89 -15.16 -45.21
C LYS A 157 30.35 -14.84 -45.41
N PHE A 158 31.15 -15.02 -44.37
CA PHE A 158 32.60 -14.89 -44.45
C PHE A 158 33.18 -16.30 -44.35
N LYS A 159 33.88 -16.74 -45.41
CA LYS A 159 34.49 -18.05 -45.45
C LYS A 159 35.99 -17.88 -45.58
N GLY A 160 36.71 -18.99 -45.86
CA GLY A 160 38.15 -18.89 -45.97
C GLY A 160 38.84 -18.79 -44.62
N SER A 161 40.09 -18.29 -44.63
CA SER A 161 40.86 -18.27 -43.40
C SER A 161 41.71 -17.02 -43.25
N THR A 162 41.45 -15.99 -44.03
CA THR A 162 42.25 -14.78 -44.01
C THR A 162 41.49 -13.67 -43.28
N PRO A 163 42.03 -13.14 -42.22
CA PRO A 163 41.35 -12.07 -41.46
C PRO A 163 41.32 -10.78 -42.25
N ILE A 164 40.42 -9.89 -41.83
CA ILE A 164 40.47 -8.49 -42.24
C ILE A 164 41.12 -7.71 -41.10
N ASN A 165 42.25 -7.04 -41.37
CA ASN A 165 42.85 -6.15 -40.38
C ASN A 165 42.36 -4.73 -40.68
N VAL A 166 41.59 -4.21 -39.78
CA VAL A 166 41.12 -2.83 -39.85
C VAL A 166 42.22 -1.94 -39.31
N ASP A 167 42.57 -0.90 -40.09
CA ASP A 167 43.55 0.10 -39.66
C ASP A 167 42.75 1.30 -39.21
N PRO A 168 42.61 1.53 -37.89
CA PRO A 168 41.72 2.59 -37.40
C PRO A 168 42.21 3.97 -37.71
N SER A 169 43.48 4.10 -38.13
CA SER A 169 43.97 5.40 -38.55
C SER A 169 43.59 5.75 -39.97
N ARG A 170 42.97 4.82 -40.69
CA ARG A 170 42.63 5.02 -42.10
C ARG A 170 41.15 4.80 -42.39
N ALA A 171 40.54 3.74 -41.87
CA ALA A 171 39.17 3.43 -42.26
C ALA A 171 38.53 2.45 -41.30
N GLY A 172 37.25 2.67 -40.97
CA GLY A 172 36.48 1.68 -40.25
C GLY A 172 35.52 0.94 -41.18
N ILE A 173 34.87 -0.09 -40.62
CA ILE A 173 33.86 -0.87 -41.33
C ILE A 173 32.55 -0.71 -40.57
N ILE A 174 31.53 -0.22 -41.27
CA ILE A 174 30.26 0.21 -40.69
C ILE A 174 29.14 -0.54 -41.35
N GLY A 175 28.40 -1.34 -40.58
CA GLY A 175 27.18 -1.94 -41.09
C GLY A 175 26.10 -0.88 -41.14
N TYR A 176 25.51 -0.66 -42.31
CA TYR A 176 24.67 0.53 -42.51
C TYR A 176 23.36 0.13 -43.19
N GLN A 177 22.21 0.26 -42.51
CA GLN A 177 22.04 0.68 -41.13
C GLN A 177 20.89 -0.20 -40.62
N GLY A 178 21.18 -1.01 -39.62
CA GLY A 178 20.20 -1.96 -39.08
C GLY A 178 20.90 -3.19 -38.56
N LYS A 179 20.27 -4.34 -38.69
CA LYS A 179 20.78 -5.55 -38.04
C LYS A 179 21.63 -6.33 -39.05
N VAL A 180 22.88 -5.91 -39.20
CA VAL A 180 23.78 -6.48 -40.21
C VAL A 180 24.38 -7.76 -39.65
N ARG A 181 24.28 -8.87 -40.40
CA ARG A 181 24.61 -10.20 -39.87
C ARG A 181 25.81 -10.74 -40.65
N ILE A 182 26.91 -10.99 -39.99
CA ILE A 182 28.14 -11.53 -40.59
C ILE A 182 28.33 -12.95 -40.05
N ASP A 183 27.93 -13.93 -40.86
CA ASP A 183 27.98 -15.34 -40.52
C ASP A 183 29.38 -15.86 -40.84
N CYS A 184 30.14 -16.16 -39.79
CA CYS A 184 31.50 -16.67 -39.90
C CYS A 184 31.56 -18.13 -39.48
N SER A 185 30.43 -18.83 -39.53
CA SER A 185 30.38 -20.22 -39.09
C SER A 185 31.28 -21.13 -39.94
N GLU A 186 31.63 -20.74 -41.18
CA GLU A 186 32.51 -21.57 -42.02
C GLU A 186 33.92 -21.03 -42.11
N PHE A 187 34.24 -19.94 -41.41
CA PHE A 187 35.57 -19.36 -41.42
C PHE A 187 36.53 -20.23 -40.59
N THR A 188 37.75 -20.43 -41.09
CA THR A 188 38.69 -21.34 -40.43
C THR A 188 40.01 -20.67 -40.05
N GLY A 189 40.13 -19.37 -40.19
CA GLY A 189 41.32 -18.67 -39.76
C GLY A 189 41.33 -18.46 -38.27
N SER A 190 42.46 -17.96 -37.79
CA SER A 190 42.64 -17.80 -36.36
C SER A 190 41.81 -16.64 -35.80
N ILE A 191 41.56 -15.59 -36.59
CA ILE A 191 40.81 -14.42 -36.16
C ILE A 191 40.00 -13.93 -37.36
N VAL A 192 38.80 -13.40 -37.12
CA VAL A 192 38.02 -12.82 -38.21
C VAL A 192 38.45 -11.39 -38.48
N PHE A 193 38.43 -10.57 -37.46
CA PHE A 193 38.81 -9.17 -37.54
C PHE A 193 39.94 -8.90 -36.58
N SER A 194 40.92 -8.13 -37.00
CA SER A 194 41.86 -7.51 -36.06
C SER A 194 41.79 -6.00 -36.26
N ILE A 195 42.20 -5.25 -35.25
CA ILE A 195 42.20 -3.77 -35.35
C ILE A 195 43.55 -3.29 -34.85
N ASN A 196 44.34 -2.70 -35.75
CA ASN A 196 45.67 -2.26 -35.36
C ASN A 196 46.16 -1.23 -36.36
N SER A 197 46.65 -0.11 -35.85
CA SER A 197 47.13 0.98 -36.71
C SER A 197 48.40 0.61 -37.43
N SER A 198 48.57 1.18 -38.64
CA SER A 198 49.80 1.09 -39.40
C SER A 198 50.85 2.14 -39.02
N TYR A 199 50.53 3.02 -38.07
CA TYR A 199 51.44 4.13 -37.75
C TYR A 199 51.91 4.06 -36.31
N SER A 200 53.08 4.65 -36.04
CA SER A 200 53.56 4.76 -34.67
C SER A 200 53.16 6.06 -33.98
N TYR A 201 52.84 7.10 -34.74
CA TYR A 201 52.41 8.36 -34.11
C TYR A 201 51.44 9.09 -35.02
N THR A 202 51.89 9.87 -35.92
CA THR A 202 50.94 10.57 -36.79
C THR A 202 50.79 9.87 -38.13
N PRO A 203 49.62 9.93 -38.77
CA PRO A 203 48.43 10.67 -38.37
C PRO A 203 47.49 9.92 -37.43
N ALA A 204 47.87 8.75 -36.88
CA ALA A 204 46.99 8.06 -35.93
C ALA A 204 46.53 8.97 -34.79
N ALA A 205 47.44 9.82 -34.27
CA ALA A 205 47.11 10.76 -33.20
C ALA A 205 46.08 11.78 -33.61
N TYR A 206 45.88 11.95 -34.93
CA TYR A 206 44.88 12.89 -35.45
C TYR A 206 43.60 12.22 -35.91
N TYR A 207 43.70 10.96 -36.31
CA TYR A 207 42.65 10.30 -37.11
C TYR A 207 41.90 9.18 -36.42
N ASN A 208 42.51 8.47 -35.44
CA ASN A 208 41.85 7.26 -34.94
C ASN A 208 40.47 7.59 -34.39
N ASN A 209 40.34 8.77 -33.77
CA ASN A 209 39.11 9.16 -33.09
C ASN A 209 38.01 9.67 -34.01
N LEU A 210 38.29 9.91 -35.31
CA LEU A 210 37.35 10.62 -36.17
C LEU A 210 36.19 9.76 -36.62
N SER A 211 36.33 8.45 -36.56
CA SER A 211 35.26 7.54 -36.98
C SER A 211 35.52 6.20 -36.28
N PRO A 212 34.48 5.38 -36.08
CA PRO A 212 34.69 4.08 -35.44
C PRO A 212 35.46 3.13 -36.34
N ALA A 213 36.12 2.16 -35.72
CA ALA A 213 36.79 1.09 -36.46
C ALA A 213 35.80 0.00 -36.88
N LEU A 214 34.82 -0.32 -36.04
CA LEU A 214 33.75 -1.27 -36.37
C LEU A 214 32.47 -0.77 -35.75
N GLN A 215 31.37 -0.88 -36.48
CA GLN A 215 30.08 -0.41 -35.98
CA GLN A 215 30.08 -0.41 -35.98
C GLN A 215 28.96 -1.20 -36.64
N GLY A 216 27.97 -1.61 -35.85
CA GLY A 216 26.72 -2.06 -36.43
C GLY A 216 26.68 -3.50 -36.93
N LEU A 217 27.52 -4.38 -36.40
CA LEU A 217 27.68 -5.74 -36.94
C LEU A 217 27.43 -6.81 -35.89
N TYR A 218 26.61 -7.80 -36.22
CA TYR A 218 26.54 -9.04 -35.46
C TYR A 218 27.46 -10.06 -36.14
N VAL A 219 28.52 -10.46 -35.46
CA VAL A 219 29.56 -11.31 -36.02
C VAL A 219 29.54 -12.60 -35.21
N PHE A 220 29.33 -13.72 -35.88
CA PHE A 220 29.19 -14.96 -35.13
C PHE A 220 29.89 -16.14 -35.78
N GLY A 221 30.29 -17.11 -34.93
CA GLY A 221 30.91 -18.34 -35.40
C GLY A 221 30.06 -19.54 -35.12
N ALA A 222 30.72 -20.67 -35.01
CA ALA A 222 30.07 -21.95 -34.67
C ALA A 222 30.77 -22.63 -33.51
N LYS A 223 31.51 -21.85 -32.70
CA LYS A 223 32.24 -22.37 -31.54
C LYS A 223 33.31 -23.37 -31.95
N THR A 224 33.89 -23.16 -33.11
CA THR A 224 35.00 -24.00 -33.55
C THR A 224 36.27 -23.65 -32.79
N SER A 225 36.96 -24.69 -32.31
CA SER A 225 38.19 -24.45 -31.57
C SER A 225 39.24 -23.78 -32.48
N GLY A 226 39.86 -22.72 -31.98
CA GLY A 226 40.94 -22.07 -32.71
C GLY A 226 40.54 -20.90 -33.59
N VAL A 227 39.26 -20.54 -33.61
CA VAL A 227 38.78 -19.41 -34.41
C VAL A 227 38.25 -18.35 -33.46
N ASP A 228 38.94 -17.23 -33.36
CA ASP A 228 38.54 -16.11 -32.51
C ASP A 228 37.80 -15.06 -33.34
N GLY A 229 37.03 -14.22 -32.66
CA GLY A 229 36.26 -13.20 -33.35
C GLY A 229 37.04 -11.93 -33.63
N LEU A 230 37.34 -11.16 -32.58
CA LEU A 230 37.97 -9.85 -32.72
C LEU A 230 39.26 -9.83 -31.92
N LEU A 231 40.36 -9.45 -32.58
CA LEU A 231 41.65 -9.18 -31.93
C LEU A 231 41.82 -7.66 -31.85
N VAL A 232 41.96 -7.17 -30.63
CA VAL A 232 42.10 -5.76 -30.34
C VAL A 232 43.60 -5.49 -30.21
N GLY A 233 44.23 -4.94 -31.27
CA GLY A 233 45.68 -4.80 -31.31
C GLY A 233 46.34 -5.85 -32.22
N ARG A 234 47.55 -6.26 -31.88
CA ARG A 234 48.42 -7.00 -32.81
C ARG A 234 48.75 -8.36 -32.19
N GLU A 235 48.89 -9.37 -33.06
CA GLU A 235 49.10 -10.72 -32.54
C GLU A 235 50.49 -10.89 -31.93
N THR A 236 51.51 -10.31 -32.56
CA THR A 236 52.90 -10.43 -32.13
C THR A 236 53.49 -9.04 -32.00
N VAL A 237 54.63 -8.96 -31.32
CA VAL A 237 55.28 -7.69 -31.03
C VAL A 237 55.94 -7.17 -32.30
N GLY A 238 55.43 -6.02 -32.77
N GLY A 238 55.81 -5.86 -32.56
CA GLY A 238 55.82 -5.46 -34.04
CA GLY A 238 56.59 -5.21 -33.57
C GLY A 238 57.08 -4.66 -33.92
C GLY A 238 57.82 -4.46 -33.05
N SER A 239 57.49 -4.07 -35.04
N SER A 239 58.72 -4.12 -33.99
CA SER A 239 58.82 -3.47 -35.14
CA SER A 239 59.84 -3.23 -33.68
C SER A 239 58.91 -2.13 -34.42
C SER A 239 59.35 -1.81 -33.42
N ASP A 240 57.82 -1.39 -34.42
N ASP A 240 58.29 -1.37 -34.10
CA ASP A 240 57.63 -0.10 -33.79
C ASP A 240 56.30 -0.28 -33.12
N LYS A 241 55.94 0.67 -32.27
CA LYS A 241 54.63 0.58 -31.66
C LYS A 241 53.56 0.93 -32.67
N SER A 242 52.35 0.48 -32.39
CA SER A 242 51.18 0.81 -33.20
C SER A 242 50.31 1.74 -32.37
N TYR A 243 50.02 2.91 -32.93
CA TYR A 243 49.32 3.96 -32.17
C TYR A 243 47.83 3.74 -32.29
N ASN A 244 47.24 3.04 -31.31
CA ASN A 244 45.85 2.63 -31.38
C ASN A 244 44.91 3.47 -30.54
N GLY A 245 45.41 4.45 -29.80
CA GLY A 245 44.53 5.16 -28.87
C GLY A 245 43.40 5.87 -29.57
N GLN A 246 42.21 5.82 -28.93
CA GLN A 246 40.98 6.49 -29.36
C GLN A 246 40.19 5.68 -30.37
N THR A 247 40.60 4.45 -30.65
CA THR A 247 39.85 3.59 -31.59
C THR A 247 38.59 3.04 -30.94
N GLU A 248 37.46 3.12 -31.64
CA GLU A 248 36.16 2.72 -31.11
C GLU A 248 35.61 1.49 -31.82
N VAL A 249 35.03 0.57 -31.04
CA VAL A 249 34.16 -0.51 -31.53
C VAL A 249 32.80 -0.23 -30.91
N ARG A 250 31.77 -0.08 -31.71
CA ARG A 250 30.48 0.25 -31.12
C ARG A 250 29.37 -0.54 -31.80
N GLU A 251 28.33 -0.84 -31.02
CA GLU A 251 27.11 -1.38 -31.59
C GLU A 251 27.41 -2.66 -32.38
N CYS A 252 28.20 -3.54 -31.79
CA CYS A 252 28.52 -4.84 -32.39
C CYS A 252 28.27 -5.93 -31.37
N THR A 253 27.97 -7.13 -31.89
CA THR A 253 27.86 -8.34 -31.09
C THR A 253 28.83 -9.37 -31.59
N PHE A 254 29.56 -9.99 -30.67
CA PHE A 254 30.45 -11.10 -31.00
C PHE A 254 29.94 -12.31 -30.27
N ASP A 255 29.75 -13.42 -30.99
CA ASP A 255 29.01 -14.56 -30.44
C ASP A 255 29.61 -15.84 -31.02
N LYS A 256 29.72 -16.87 -30.19
CA LYS A 256 30.00 -18.22 -30.69
C LYS A 256 31.37 -18.32 -31.36
N PHE A 257 32.36 -17.61 -30.84
CA PHE A 257 33.74 -17.87 -31.23
C PHE A 257 34.46 -18.65 -30.12
N ASP A 258 35.76 -18.87 -30.30
CA ASP A 258 36.57 -19.52 -29.27
C ASP A 258 36.85 -18.49 -28.18
N ARG A 259 37.63 -17.44 -28.49
CA ARG A 259 37.58 -16.19 -27.76
C ARG A 259 36.84 -15.19 -28.64
N ASN A 260 35.76 -14.60 -28.12
CA ASN A 260 34.99 -13.61 -28.89
C ASN A 260 35.80 -12.35 -29.10
N ILE A 261 36.42 -11.85 -28.02
CA ILE A 261 37.22 -10.63 -28.05
C ILE A 261 38.47 -10.92 -27.26
N ARG A 262 39.63 -10.66 -27.87
CA ARG A 262 40.92 -10.89 -27.25
C ARG A 262 41.81 -9.70 -27.47
N MET A 263 42.48 -9.24 -26.41
CA MET A 263 43.43 -8.12 -26.53
C MET A 263 44.77 -8.68 -26.96
N GLY A 264 45.41 -7.94 -27.86
CA GLY A 264 46.77 -8.19 -28.28
C GLY A 264 47.69 -7.08 -27.86
N HIS A 265 48.89 -7.05 -28.46
CA HIS A 265 49.83 -5.98 -28.18
C HIS A 265 49.27 -4.65 -28.72
N ASN A 266 49.72 -3.56 -28.13
CA ASN A 266 49.27 -2.21 -28.51
C ASN A 266 47.78 -2.02 -28.21
N SER A 267 47.27 -2.72 -27.20
CA SER A 267 45.86 -2.56 -26.85
C SER A 267 45.75 -1.44 -25.80
N TRP A 268 45.53 -0.22 -26.28
CA TRP A 268 45.47 0.94 -25.39
C TRP A 268 44.47 1.96 -25.90
N ARG A 269 43.67 2.47 -24.95
CA ARG A 269 42.67 3.51 -25.21
C ARG A 269 41.67 3.16 -26.30
N PHE A 270 41.39 1.86 -26.48
CA PHE A 270 40.19 1.48 -27.20
C PHE A 270 38.96 1.79 -26.35
N VAL A 271 37.86 2.15 -27.00
CA VAL A 271 36.58 2.37 -26.35
C VAL A 271 35.54 1.51 -27.02
N PHE A 272 34.67 0.91 -26.22
CA PHE A 272 33.62 0.03 -26.70
C PHE A 272 32.29 0.58 -26.18
N TYR A 273 31.29 0.75 -27.05
CA TYR A 273 29.98 1.24 -26.63
C TYR A 273 28.94 0.29 -27.15
N LYS A 274 28.07 -0.21 -26.29
CA LYS A 274 26.97 -1.09 -26.70
C LYS A 274 27.49 -2.32 -27.43
N VAL A 275 28.55 -2.91 -26.87
CA VAL A 275 29.10 -4.16 -27.42
C VAL A 275 28.58 -5.32 -26.59
N ASN A 276 28.13 -6.36 -27.26
CA ASN A 276 27.66 -7.59 -26.61
C ASN A 276 28.66 -8.70 -26.89
N SER A 277 28.96 -9.51 -25.87
CA SER A 277 29.80 -10.70 -26.07
C SER A 277 29.16 -11.83 -25.29
N LEU A 278 28.87 -12.96 -25.98
CA LEU A 278 28.17 -14.08 -25.33
C LEU A 278 28.59 -15.40 -25.97
N ASN A 279 28.35 -16.47 -25.21
CA ASN A 279 28.35 -17.85 -25.73
C ASN A 279 29.64 -18.21 -26.48
N ALA A 280 30.79 -17.96 -25.87
CA ALA A 280 32.08 -18.38 -26.44
C ALA A 280 32.46 -19.78 -25.96
N LEU A 281 33.41 -20.42 -26.68
CA LEU A 281 33.87 -21.77 -26.33
C LEU A 281 34.94 -21.76 -25.22
N SER A 282 35.90 -20.87 -25.30
CA SER A 282 37.03 -20.89 -24.36
C SER A 282 36.58 -20.55 -22.94
N PRO A 283 37.20 -21.15 -21.92
CA PRO A 283 36.92 -20.69 -20.55
C PRO A 283 37.17 -19.21 -20.36
N ASN A 284 38.02 -18.60 -21.20
CA ASN A 284 38.26 -17.16 -21.14
C ASN A 284 37.61 -16.41 -22.30
N GLY A 285 36.57 -16.95 -22.89
CA GLY A 285 36.18 -16.50 -24.21
C GLY A 285 35.32 -15.26 -24.30
N ILE A 286 34.71 -14.80 -23.22
CA ILE A 286 33.88 -13.60 -23.34
C ILE A 286 34.74 -12.37 -23.64
N LEU A 287 35.86 -12.27 -22.93
CA LEU A 287 36.80 -11.17 -23.12
C LEU A 287 38.10 -11.62 -22.46
N TYR A 288 39.19 -11.70 -23.23
CA TYR A 288 40.45 -12.24 -22.72
C TYR A 288 41.55 -11.24 -22.92
N VAL A 289 42.23 -10.90 -21.83
CA VAL A 289 43.41 -10.06 -21.89
C VAL A 289 44.59 -10.90 -21.42
N PRO A 290 45.33 -11.54 -22.31
CA PRO A 290 46.41 -12.46 -21.91
C PRO A 290 47.57 -11.73 -21.24
N ALA A 291 48.35 -12.51 -20.48
CA ALA A 291 49.56 -11.97 -19.89
C ALA A 291 50.61 -11.66 -20.95
N GLY A 292 51.47 -10.69 -20.64
CA GLY A 292 52.65 -10.47 -21.44
C GLY A 292 52.48 -9.54 -22.62
N LEU A 293 51.42 -8.74 -22.67
CA LEU A 293 51.24 -7.83 -23.79
C LEU A 293 52.20 -6.64 -23.68
N ASP A 294 52.67 -6.16 -24.85
CA ASP A 294 53.56 -5.01 -24.93
C ASP A 294 52.74 -3.77 -25.29
N ASP A 295 53.14 -2.63 -24.74
CA ASP A 295 52.57 -1.31 -25.09
C ASP A 295 51.05 -1.30 -24.95
N SER A 296 50.56 -1.87 -23.85
CA SER A 296 49.13 -2.07 -23.69
C SER A 296 48.70 -1.67 -22.28
N GLY A 297 47.40 -1.45 -22.14
CA GLY A 297 46.83 -1.34 -20.80
C GLY A 297 46.30 0.03 -20.42
N GLU A 298 46.47 1.07 -21.23
CA GLU A 298 45.97 2.40 -20.84
C GLU A 298 44.47 2.50 -21.11
N ILE A 299 43.67 2.63 -20.04
CA ILE A 299 42.24 3.00 -20.11
C ILE A 299 41.47 2.30 -21.23
N LEU A 300 41.40 0.97 -21.15
CA LEU A 300 40.49 0.22 -22.01
C LEU A 300 39.08 0.44 -21.47
N SER A 301 38.20 1.01 -22.28
CA SER A 301 36.95 1.58 -21.77
C SER A 301 35.73 0.97 -22.40
N PHE A 302 34.75 0.64 -21.57
CA PHE A 302 33.54 -0.05 -22.00
C PHE A 302 32.35 0.70 -21.46
N TYR A 303 31.47 1.15 -22.33
CA TYR A 303 30.27 1.88 -21.94
C TYR A 303 29.05 1.08 -22.38
N HIS A 304 28.22 0.73 -21.41
CA HIS A 304 26.95 0.06 -21.70
C HIS A 304 27.14 -1.21 -22.50
N CYS A 305 28.12 -2.02 -22.10
CA CYS A 305 28.39 -3.30 -22.76
C CYS A 305 27.79 -4.44 -21.94
N GLN A 306 27.50 -5.55 -22.59
CA GLN A 306 26.88 -6.68 -21.91
C GLN A 306 27.71 -7.92 -22.19
N PHE A 307 28.17 -8.56 -21.12
CA PHE A 307 29.06 -9.73 -21.18
C PHE A 307 28.31 -10.86 -20.50
N PHE A 308 27.90 -11.88 -21.25
CA PHE A 308 26.82 -12.68 -20.70
C PHE A 308 26.74 -14.05 -21.31
N ASP A 309 26.02 -14.93 -20.58
CA ASP A 309 25.58 -16.22 -21.10
C ASP A 309 26.72 -16.98 -21.75
N GLY A 310 27.82 -17.06 -21.01
CA GLY A 310 29.01 -17.69 -21.55
C GLY A 310 28.92 -19.19 -21.67
N ALA A 311 28.03 -19.84 -20.92
CA ALA A 311 27.90 -21.29 -20.95
C ALA A 311 29.26 -21.96 -20.78
N GLY A 312 30.03 -21.44 -19.83
CA GLY A 312 31.37 -21.93 -19.54
C GLY A 312 32.48 -20.96 -19.89
N SER A 313 32.20 -19.94 -20.70
CA SER A 313 33.17 -18.92 -20.99
C SER A 313 33.01 -17.73 -20.04
N ASN A 314 34.12 -16.98 -19.86
CA ASN A 314 34.22 -15.97 -18.82
C ASN A 314 35.09 -14.82 -19.30
N ILE A 315 35.22 -13.79 -18.47
CA ILE A 315 36.21 -12.72 -18.70
C ILE A 315 37.45 -13.05 -17.89
N ARG A 316 38.64 -12.90 -18.50
CA ARG A 316 39.86 -13.02 -17.72
C ARG A 316 40.84 -11.93 -18.09
N LEU A 317 41.25 -11.17 -17.08
CA LEU A 317 42.33 -10.19 -17.19
C LEU A 317 43.58 -10.79 -16.58
N SER A 318 44.60 -11.04 -17.43
CA SER A 318 45.85 -11.66 -17.00
C SER A 318 47.06 -10.79 -17.22
N CYS A 319 46.90 -9.66 -17.92
CA CYS A 319 48.05 -8.78 -18.20
C CYS A 319 48.32 -7.84 -17.03
N SER A 320 49.60 -7.64 -16.73
CA SER A 320 50.01 -6.71 -15.68
C SER A 320 49.96 -5.28 -16.19
N SER A 321 49.88 -4.33 -15.24
CA SER A 321 49.89 -2.88 -15.54
C SER A 321 48.82 -2.53 -16.58
N TYR A 322 47.59 -2.90 -16.24
CA TYR A 322 46.48 -2.88 -17.20
C TYR A 322 45.30 -2.26 -16.51
N THR A 323 44.68 -1.24 -17.13
CA THR A 323 43.64 -0.46 -16.49
C THR A 323 42.39 -0.52 -17.36
N MET A 324 41.28 -1.00 -16.78
CA MET A 324 40.03 -1.16 -17.51
C MET A 324 38.94 -0.42 -16.78
N VAL A 325 38.03 0.17 -17.53
CA VAL A 325 36.92 0.95 -16.96
C VAL A 325 35.64 0.47 -17.62
N PHE A 326 34.67 0.07 -16.81
CA PHE A 326 33.36 -0.40 -17.29
C PHE A 326 32.31 0.52 -16.69
N ASN A 327 31.51 1.13 -17.54
CA ASN A 327 30.45 2.04 -17.11
C ASN A 327 29.13 1.46 -17.60
N THR A 328 28.19 1.23 -16.67
CA THR A 328 26.84 0.68 -16.96
C THR A 328 26.87 -0.62 -17.75
N CYS A 329 27.87 -1.46 -17.47
CA CYS A 329 27.91 -2.78 -18.07
C CYS A 329 27.22 -3.80 -17.20
N SER A 330 26.89 -4.96 -17.78
CA SER A 330 26.37 -6.07 -17.02
C SER A 330 27.19 -7.30 -17.29
N PHE A 331 27.39 -8.08 -16.23
CA PHE A 331 28.17 -9.32 -16.24
C PHE A 331 27.20 -10.39 -15.75
N LEU A 332 26.71 -11.22 -16.68
CA LEU A 332 25.59 -12.09 -16.40
C LEU A 332 25.96 -13.54 -16.68
N ASN A 333 25.87 -14.38 -15.66
CA ASN A 333 26.14 -15.82 -15.81
C ASN A 333 27.57 -16.11 -16.30
N ILE A 334 28.53 -15.30 -15.82
CA ILE A 334 29.95 -15.45 -16.12
C ILE A 334 30.72 -14.99 -14.90
N THR A 335 32.00 -15.37 -14.84
CA THR A 335 32.92 -14.87 -13.83
C THR A 335 33.85 -13.84 -14.46
N PHE A 336 34.21 -12.81 -13.68
CA PHE A 336 35.27 -11.87 -14.05
C PHE A 336 36.51 -12.26 -13.24
N PHE A 337 37.46 -12.93 -13.90
CA PHE A 337 38.73 -13.31 -13.28
C PHE A 337 39.77 -12.24 -13.48
N VAL A 338 40.55 -11.96 -12.43
CA VAL A 338 41.75 -11.11 -12.52
C VAL A 338 42.91 -11.90 -11.92
N ASP A 339 43.88 -12.29 -12.75
CA ASP A 339 45.06 -12.98 -12.25
C ASP A 339 46.36 -12.33 -12.70
N SER A 340 46.30 -11.06 -13.07
CA SER A 340 47.49 -10.30 -13.43
C SER A 340 48.58 -10.43 -12.37
N ALA A 341 49.82 -10.56 -12.80
CA ALA A 341 50.93 -10.64 -11.86
C ALA A 341 51.02 -9.39 -11.00
N SER A 342 50.76 -8.21 -11.56
CA SER A 342 50.68 -7.01 -10.75
C SER A 342 50.00 -5.89 -11.49
N SER A 343 49.46 -4.96 -10.70
CA SER A 343 49.08 -3.63 -11.19
C SER A 343 47.92 -3.66 -12.18
N ALA A 344 46.96 -4.58 -12.01
CA ALA A 344 45.67 -4.44 -12.68
C ALA A 344 44.84 -3.43 -11.90
N THR A 345 44.10 -2.57 -12.59
CA THR A 345 43.13 -1.69 -11.93
C THR A 345 41.86 -1.78 -12.77
N VAL A 346 40.80 -2.32 -12.21
CA VAL A 346 39.52 -2.45 -12.90
C VAL A 346 38.53 -1.59 -12.13
N THR A 347 37.80 -0.71 -12.83
CA THR A 347 36.77 0.10 -12.19
C THR A 347 35.45 -0.21 -12.85
N CYS A 348 34.47 -0.65 -12.08
CA CYS A 348 33.12 -0.90 -12.59
C CYS A 348 32.20 0.14 -11.97
N ASN A 349 31.72 1.07 -12.76
CA ASN A 349 30.85 2.18 -12.33
CA ASN A 349 30.83 2.09 -12.26
C ASN A 349 29.42 1.88 -12.78
N GLY A 350 28.50 1.68 -11.86
CA GLY A 350 27.12 1.52 -12.28
C GLY A 350 26.85 0.24 -13.05
N CYS A 351 27.53 -0.84 -12.69
CA CYS A 351 27.40 -2.12 -13.36
C CYS A 351 26.54 -3.08 -12.55
N ASN A 352 26.07 -4.15 -13.20
CA ASN A 352 25.35 -5.22 -12.52
C ASN A 352 26.12 -6.52 -12.67
N PHE A 353 26.13 -7.29 -11.57
CA PHE A 353 26.67 -8.66 -11.54
C PHE A 353 25.52 -9.53 -11.07
N GLU A 354 25.15 -10.54 -11.88
CA GLU A 354 23.97 -11.33 -11.55
C GLU A 354 24.07 -12.69 -12.24
N ASN A 355 23.27 -13.64 -11.72
CA ASN A 355 23.14 -15.03 -12.19
C ASN A 355 21.72 -15.29 -12.72
N PRO A 356 21.18 -14.49 -13.65
CA PRO A 356 19.75 -14.65 -14.01
C PRO A 356 19.49 -16.00 -14.69
N GLY A 357 18.57 -16.77 -14.11
CA GLY A 357 18.22 -18.07 -14.67
C GLY A 357 19.24 -19.17 -14.52
N SER A 358 20.29 -18.98 -13.71
CA SER A 358 21.36 -19.96 -13.59
C SER A 358 21.37 -20.58 -12.20
N ALA A 359 21.64 -21.89 -12.15
CA ALA A 359 21.88 -22.60 -10.92
C ALA A 359 23.36 -22.67 -10.56
N SER A 360 24.23 -22.05 -11.36
CA SER A 360 25.67 -22.19 -11.14
C SER A 360 26.13 -21.47 -9.88
N THR A 361 27.08 -22.08 -9.18
CA THR A 361 27.71 -21.44 -8.02
C THR A 361 28.97 -20.67 -8.38
N ARG A 362 29.21 -20.40 -9.67
CA ARG A 362 30.42 -19.67 -10.07
C ARG A 362 30.52 -18.34 -9.33
N ARG A 363 31.76 -17.89 -9.13
CA ARG A 363 31.96 -16.57 -8.58
C ARG A 363 31.60 -15.49 -9.58
N TYR A 364 31.30 -14.31 -9.06
CA TYR A 364 31.13 -13.12 -9.89
C TYR A 364 32.47 -12.43 -10.17
N VAL A 365 33.30 -12.26 -9.15
CA VAL A 365 34.59 -11.59 -9.30
C VAL A 365 35.64 -12.42 -8.56
N ASP A 366 36.71 -12.80 -9.23
CA ASP A 366 37.74 -13.66 -8.64
C ASP A 366 39.11 -13.06 -8.92
N ILE A 367 39.63 -12.32 -7.96
CA ILE A 367 40.96 -11.71 -8.07
C ILE A 367 41.88 -12.70 -7.37
N SER A 368 42.58 -13.53 -8.14
CA SER A 368 43.08 -14.79 -7.63
C SER A 368 44.59 -14.86 -7.52
N ALA A 369 45.32 -13.88 -8.03
CA ALA A 369 46.78 -14.00 -8.04
C ALA A 369 47.39 -12.62 -8.09
N GLY A 370 48.72 -12.58 -8.00
CA GLY A 370 49.44 -11.34 -8.19
C GLY A 370 49.41 -10.43 -6.97
N HIS A 371 49.92 -9.21 -7.18
CA HIS A 371 49.94 -8.20 -6.11
C HIS A 371 49.60 -6.84 -6.70
N THR A 372 49.10 -5.96 -5.83
CA THR A 372 48.83 -4.57 -6.23
C THR A 372 47.75 -4.52 -7.31
N ASN A 373 46.84 -5.48 -7.32
CA ASN A 373 45.66 -5.47 -8.19
C ASN A 373 44.49 -4.87 -7.43
N VAL A 374 43.75 -3.97 -8.10
CA VAL A 374 42.66 -3.22 -7.48
C VAL A 374 41.41 -3.39 -8.33
N PHE A 375 40.30 -3.71 -7.69
CA PHE A 375 39.00 -3.85 -8.37
C PHE A 375 38.00 -3.00 -7.61
N ASN A 376 37.38 -2.04 -8.32
CA ASN A 376 36.39 -1.13 -7.74
C ASN A 376 34.99 -1.47 -8.24
N ILE A 377 34.03 -1.56 -7.33
CA ILE A 377 32.61 -1.67 -7.68
C ILE A 377 31.95 -0.44 -7.08
N ILE A 378 31.56 0.50 -7.95
CA ILE A 378 31.03 1.80 -7.53
C ILE A 378 29.59 1.90 -8.02
N GLY A 379 28.63 1.92 -7.11
CA GLY A 379 27.22 1.95 -7.50
C GLY A 379 26.81 0.68 -8.20
N GLY A 380 25.71 0.79 -8.96
CA GLY A 380 25.22 -0.41 -9.62
C GLY A 380 24.61 -1.39 -8.63
N SER A 381 24.73 -2.68 -8.96
CA SER A 381 24.06 -3.71 -8.18
C SER A 381 24.80 -5.03 -8.27
N ILE A 382 24.62 -5.82 -7.20
CA ILE A 382 25.08 -7.21 -7.11
C ILE A 382 23.88 -8.00 -6.69
N VAL A 383 23.41 -8.89 -7.56
CA VAL A 383 22.13 -9.59 -7.36
C VAL A 383 22.40 -11.08 -7.36
N THR A 384 21.84 -11.77 -6.37
CA THR A 384 22.09 -13.20 -6.16
C THR A 384 20.78 -13.96 -6.13
N ASN A 385 20.29 -14.37 -7.29
CA ASN A 385 19.06 -15.15 -7.31
C ASN A 385 19.31 -16.52 -6.71
N SER A 386 18.25 -17.11 -6.17
CA SER A 386 18.40 -18.36 -5.44
C SER A 386 18.98 -19.47 -6.31
N ASN A 387 19.77 -20.34 -5.68
CA ASN A 387 20.26 -21.55 -6.32
C ASN A 387 20.26 -22.65 -5.25
N PRO A 388 20.67 -23.88 -5.58
CA PRO A 388 20.60 -24.96 -4.58
C PRO A 388 21.48 -24.78 -3.36
N GLY A 389 22.43 -23.84 -3.38
CA GLY A 389 23.28 -23.60 -2.23
C GLY A 389 24.53 -22.93 -2.72
N GLN A 390 24.78 -21.69 -2.26
CA GLN A 390 25.93 -20.93 -2.75
C GLN A 390 27.11 -21.30 -1.86
N THR A 391 27.90 -22.30 -2.28
CA THR A 391 28.89 -22.97 -1.43
C THR A 391 30.28 -22.37 -1.51
N GLN A 392 30.46 -21.28 -2.26
CA GLN A 392 31.71 -20.52 -2.24
C GLN A 392 31.38 -19.05 -2.30
N ALA A 393 32.35 -18.21 -1.92
CA ALA A 393 32.18 -16.77 -1.99
C ALA A 393 32.03 -16.30 -3.44
N LEU A 394 31.08 -15.37 -3.65
CA LEU A 394 30.88 -14.83 -5.00
C LEU A 394 31.90 -13.76 -5.37
N LEU A 395 32.53 -13.15 -4.37
CA LEU A 395 33.63 -12.22 -4.58
C LEU A 395 34.82 -12.77 -3.84
N TYR A 396 35.99 -12.71 -4.45
CA TYR A 396 37.21 -13.26 -3.85
C TYR A 396 38.35 -12.31 -4.17
N VAL A 397 39.16 -11.97 -3.16
CA VAL A 397 40.32 -11.07 -3.36
C VAL A 397 41.52 -11.69 -2.65
N SER A 398 42.55 -12.04 -3.42
CA SER A 398 43.70 -12.75 -2.88
C SER A 398 44.70 -11.80 -2.21
N THR A 399 45.69 -12.41 -1.54
CA THR A 399 46.68 -11.65 -0.78
C THR A 399 47.32 -10.54 -1.62
N ASP A 400 47.49 -9.36 -0.98
CA ASP A 400 48.19 -8.21 -1.55
C ASP A 400 47.34 -7.47 -2.57
N ASN A 401 46.07 -7.83 -2.73
CA ASN A 401 45.15 -7.17 -3.66
C ASN A 401 44.03 -6.49 -2.90
N LEU A 402 43.24 -5.68 -3.61
CA LEU A 402 42.26 -4.82 -2.96
C LEU A 402 40.96 -4.80 -3.75
N LEU A 403 39.83 -5.02 -3.05
CA LEU A 403 38.50 -4.95 -3.64
C LEU A 403 37.76 -3.84 -2.90
N ASN A 404 37.38 -2.79 -3.64
CA ASN A 404 36.70 -1.64 -3.05
C ASN A 404 35.24 -1.64 -3.45
N LEU A 405 34.36 -1.49 -2.47
CA LEU A 405 32.93 -1.40 -2.71
C LEU A 405 32.47 -0.01 -2.31
N VAL A 406 31.78 0.71 -3.19
CA VAL A 406 31.36 2.08 -2.91
C VAL A 406 29.91 2.22 -3.33
N GLY A 407 29.04 2.59 -2.40
CA GLY A 407 27.69 2.96 -2.81
C GLY A 407 26.88 1.85 -3.42
N VAL A 408 27.08 0.62 -2.97
CA VAL A 408 26.38 -0.53 -3.50
C VAL A 408 25.80 -1.33 -2.33
N THR A 409 24.68 -2.01 -2.57
CA THR A 409 24.06 -2.84 -1.54
C THR A 409 24.61 -4.26 -1.62
N ALA A 410 25.08 -4.77 -0.48
CA ALA A 410 25.53 -6.16 -0.44
C ALA A 410 24.29 -7.04 -0.32
N PRO A 411 24.06 -7.98 -1.21
CA PRO A 411 22.83 -8.79 -1.13
C PRO A 411 22.96 -9.89 -0.08
N TYR A 412 21.82 -10.44 0.30
CA TYR A 412 21.80 -11.63 1.13
C TYR A 412 20.73 -12.55 0.60
N GLY A 413 20.97 -13.86 0.73
CA GLY A 413 19.94 -14.84 0.43
C GLY A 413 20.04 -16.04 1.35
N GLY A 414 18.90 -16.68 1.59
CA GLY A 414 18.88 -17.84 2.48
C GLY A 414 19.65 -19.05 1.95
N HIS A 415 19.99 -19.04 0.66
CA HIS A 415 20.76 -20.14 0.08
C HIS A 415 22.27 -19.96 0.26
N TYR A 416 22.70 -18.91 0.93
CA TYR A 416 24.13 -18.65 1.13
C TYR A 416 24.75 -19.71 2.03
N GLN A 417 25.84 -20.31 1.55
CA GLN A 417 26.52 -21.42 2.24
C GLN A 417 28.01 -21.26 2.09
N GLN A 418 28.47 -20.01 2.11
CA GLN A 418 29.89 -19.72 1.85
C GLN A 418 30.84 -20.38 2.83
N GLU A 419 30.35 -20.72 4.02
CA GLU A 419 31.17 -21.40 5.02
C GLU A 419 31.72 -22.73 4.50
N GLN A 420 31.10 -23.33 3.49
CA GLN A 420 31.67 -24.56 2.93
CA GLN A 420 31.66 -24.56 2.93
C GLN A 420 33.06 -24.31 2.35
N GLU A 421 33.28 -23.14 1.78
CA GLU A 421 34.62 -22.77 1.31
C GLU A 421 35.45 -22.13 2.44
N LEU A 422 34.89 -21.10 3.10
CA LEU A 422 35.71 -20.26 3.96
C LEU A 422 35.95 -20.84 5.32
N GLY A 423 35.07 -21.71 5.79
CA GLY A 423 35.04 -22.15 7.18
C GLY A 423 34.07 -21.35 8.02
N TYR A 424 33.59 -20.23 7.51
CA TYR A 424 32.72 -19.34 8.26
C TYR A 424 31.85 -18.58 7.26
N HIS A 425 30.79 -17.94 7.76
CA HIS A 425 29.74 -17.36 6.92
C HIS A 425 30.05 -15.87 6.66
N ALA A 426 30.61 -15.56 5.49
CA ALA A 426 30.88 -14.20 5.07
C ALA A 426 30.73 -14.15 3.55
N PHE A 427 30.61 -12.93 3.03
CA PHE A 427 30.29 -12.79 1.60
C PHE A 427 31.51 -12.88 0.70
N ILE A 428 32.67 -12.45 1.18
CA ILE A 428 33.87 -12.32 0.34
C ILE A 428 34.97 -13.20 0.90
N GLY A 429 35.66 -13.93 0.00
CA GLY A 429 36.79 -14.76 0.39
C GLY A 429 38.14 -14.13 0.05
N GLY A 430 39.20 -14.79 0.51
CA GLY A 430 40.53 -14.40 0.13
C GLY A 430 41.25 -13.58 1.19
N ALA A 431 42.59 -13.59 1.11
CA ALA A 431 43.44 -12.96 2.10
C ALA A 431 43.85 -11.53 1.72
N GLY A 432 43.22 -10.95 0.70
CA GLY A 432 43.39 -9.56 0.34
C GLY A 432 42.66 -8.64 1.29
N THR A 433 42.43 -7.42 0.82
CA THR A 433 41.78 -6.37 1.61
C THR A 433 40.51 -5.93 0.91
N VAL A 434 39.47 -5.64 1.68
CA VAL A 434 38.23 -5.04 1.18
C VAL A 434 38.05 -3.70 1.88
N THR A 435 37.59 -2.71 1.13
CA THR A 435 37.11 -1.48 1.76
C THR A 435 35.67 -1.24 1.37
N THR A 436 34.96 -0.50 2.23
CA THR A 436 33.58 -0.15 2.00
C THR A 436 33.44 1.36 2.20
N SER A 437 32.64 2.00 1.38
CA SER A 437 32.27 3.38 1.54
C SER A 437 30.83 3.47 1.08
N GLY A 438 29.93 3.86 1.96
CA GLY A 438 28.54 3.99 1.58
C GLY A 438 27.87 2.68 1.19
N VAL A 439 28.31 1.57 1.76
CA VAL A 439 27.73 0.27 1.48
C VAL A 439 26.52 0.03 2.37
N MET A 440 25.46 -0.47 1.77
CA MET A 440 24.21 -0.82 2.46
C MET A 440 24.17 -2.32 2.67
N LEU A 441 23.80 -2.74 3.86
CA LEU A 441 23.51 -4.15 4.14
C LEU A 441 22.00 -4.34 4.09
N GLN A 442 21.57 -5.58 3.82
CA GLN A 442 20.12 -5.84 3.74
C GLN A 442 19.63 -6.24 5.13
N LEU A 443 19.47 -5.22 5.98
CA LEU A 443 19.12 -5.42 7.39
C LEU A 443 17.70 -5.86 7.59
N ARG A 444 16.83 -5.68 6.60
CA ARG A 444 15.43 -6.09 6.69
C ARG A 444 15.16 -7.35 5.90
N ASN A 445 16.19 -8.01 5.41
CA ASN A 445 16.04 -9.28 4.70
C ASN A 445 15.69 -10.36 5.72
N GLY A 446 14.55 -11.02 5.53
CA GLY A 446 14.09 -12.00 6.51
C GLY A 446 15.01 -13.21 6.66
N ALA A 447 15.82 -13.49 5.63
CA ALA A 447 16.73 -14.63 5.72
C ALA A 447 17.97 -14.32 6.52
N GLY A 448 18.34 -13.04 6.64
CA GLY A 448 19.51 -12.69 7.42
C GLY A 448 20.36 -11.65 6.71
N THR A 449 21.58 -11.53 7.22
CA THR A 449 22.62 -10.64 6.72
C THR A 449 23.92 -11.31 7.13
N CYS A 450 24.99 -11.09 6.41
CA CYS A 450 26.29 -11.61 6.86
C CYS A 450 27.37 -10.55 6.80
N PRO A 451 28.46 -10.73 7.54
CA PRO A 451 29.59 -9.81 7.37
C PRO A 451 30.19 -10.00 5.98
N LEU A 452 30.94 -8.99 5.54
CA LEU A 452 31.51 -9.02 4.21
C LEU A 452 32.88 -9.68 4.15
N HIS A 453 33.80 -9.39 5.06
CA HIS A 453 35.17 -9.88 4.86
C HIS A 453 35.96 -9.86 6.16
N SER A 454 36.89 -10.81 6.27
CA SER A 454 37.82 -10.86 7.41
C SER A 454 38.58 -9.55 7.64
N SER A 455 38.96 -8.84 6.56
CA SER A 455 39.80 -7.66 6.73
C SER A 455 39.06 -6.50 7.37
N LEU A 456 37.73 -6.59 7.46
CA LEU A 456 36.89 -5.58 8.10
C LEU A 456 36.54 -5.97 9.53
N SER A 457 37.19 -6.99 10.09
CA SER A 457 36.88 -7.45 11.44
C SER A 457 36.89 -6.32 12.44
N THR A 458 35.81 -6.19 13.21
CA THR A 458 35.74 -5.20 14.30
C THR A 458 36.66 -5.60 15.45
N PHE A 459 36.71 -6.87 15.78
CA PHE A 459 37.37 -7.36 16.97
C PHE A 459 38.74 -7.96 16.65
N SER A 460 39.65 -7.79 17.59
CA SER A 460 40.99 -8.37 17.45
C SER A 460 40.97 -9.84 17.81
N ASN A 461 41.87 -10.61 17.17
CA ASN A 461 41.97 -12.05 17.43
C ASN A 461 40.62 -12.74 17.19
N TRP A 462 39.93 -12.26 16.15
CA TRP A 462 38.56 -12.69 15.82
C TRP A 462 38.51 -14.16 15.46
N ASN A 463 39.59 -14.68 14.88
CA ASN A 463 39.69 -16.07 14.45
C ASN A 463 40.66 -16.88 15.29
N PHE A 464 41.07 -16.35 16.45
CA PHE A 464 42.05 -17.01 17.30
C PHE A 464 43.39 -17.20 16.58
N GLY A 465 43.64 -16.37 15.55
CA GLY A 465 44.88 -16.42 14.79
C GLY A 465 46.09 -15.95 15.56
N TYR A 466 45.88 -15.30 16.71
CA TYR A 466 47.01 -15.02 17.58
C TYR A 466 47.66 -16.30 18.09
N GLY A 467 46.94 -17.44 18.07
CA GLY A 467 47.47 -18.66 18.69
C GLY A 467 47.24 -18.74 20.19
N ASN A 468 46.36 -17.91 20.71
CA ASN A 468 46.04 -17.84 22.13
C ASN A 468 44.71 -17.09 22.24
N LEU A 469 44.28 -16.79 23.46
CA LEU A 469 43.02 -16.09 23.71
C LEU A 469 43.23 -14.62 24.02
N ASN A 470 44.39 -14.06 23.68
CA ASN A 470 44.62 -12.64 23.98
C ASN A 470 43.61 -11.78 23.24
N ALA A 471 43.40 -10.57 23.78
CA ALA A 471 42.46 -9.54 23.32
C ALA A 471 41.03 -9.78 23.82
N TRP A 472 40.73 -10.97 24.30
CA TRP A 472 39.42 -11.31 24.85
C TRP A 472 39.51 -11.29 26.37
N THR A 473 38.48 -10.77 27.03
CA THR A 473 38.38 -10.85 28.49
C THR A 473 37.60 -12.11 28.83
N VAL A 474 38.19 -13.01 29.59
CA VAL A 474 37.57 -14.29 29.92
C VAL A 474 37.16 -14.25 31.39
N ASP A 475 35.88 -13.99 31.67
CA ASP A 475 35.39 -13.84 33.04
C ASP A 475 34.65 -15.10 33.45
N LYS A 476 35.31 -15.91 34.25
CA LYS A 476 34.71 -17.15 34.76
C LYS A 476 33.83 -16.91 35.97
N GLY A 477 33.76 -15.67 36.48
CA GLY A 477 32.97 -15.41 37.67
C GLY A 477 33.52 -16.21 38.85
N THR A 478 32.64 -16.85 39.61
CA THR A 478 33.13 -17.67 40.72
C THR A 478 33.56 -19.07 40.28
N GLY A 479 33.49 -19.38 38.99
CA GLY A 479 33.72 -20.73 38.51
C GLY A 479 35.17 -21.06 38.33
N THR A 480 35.84 -21.31 39.46
CA THR A 480 37.27 -21.56 39.46
C THR A 480 37.66 -22.84 38.73
N SER A 481 36.76 -23.78 38.56
CA SER A 481 37.10 -24.99 37.82
C SER A 481 36.69 -24.93 36.36
N SER A 482 36.07 -23.84 35.92
CA SER A 482 35.69 -23.73 34.52
C SER A 482 36.89 -23.78 33.61
N VAL A 483 36.72 -24.44 32.45
CA VAL A 483 37.81 -24.56 31.48
C VAL A 483 37.55 -23.60 30.34
N VAL A 484 38.53 -22.75 30.02
CA VAL A 484 38.51 -21.93 28.81
C VAL A 484 39.90 -22.04 28.18
N GLU A 485 39.95 -22.54 26.94
CA GLU A 485 41.28 -22.80 26.38
C GLU A 485 41.30 -22.57 24.89
N TYR A 486 42.47 -22.14 24.40
CA TYR A 486 42.74 -22.16 22.97
C TYR A 486 43.11 -23.58 22.55
N LEU A 487 42.55 -24.01 21.42
CA LEU A 487 42.87 -25.31 20.82
C LEU A 487 43.34 -25.10 19.37
N ALA A 488 44.52 -25.60 19.06
CA ALA A 488 45.04 -25.52 17.70
C ALA A 488 44.35 -26.55 16.81
N ASN A 489 44.15 -26.16 15.55
CA ASN A 489 43.62 -27.08 14.52
C ASN A 489 42.28 -27.70 14.94
N ALA A 490 41.45 -26.88 15.59
CA ALA A 490 40.24 -27.39 16.23
C ALA A 490 38.99 -26.68 15.73
N GLY A 491 39.12 -25.77 14.76
CA GLY A 491 37.96 -25.11 14.21
C GLY A 491 37.28 -25.93 13.14
N PRO A 492 36.36 -25.29 12.40
CA PRO A 492 35.55 -25.98 11.38
C PRO A 492 36.36 -26.74 10.34
N LYS A 493 37.49 -26.22 9.89
CA LYS A 493 38.29 -26.91 8.87
C LYS A 493 39.34 -27.83 9.47
N GLY A 494 39.55 -27.79 10.78
CA GLY A 494 40.61 -28.57 11.42
C GLY A 494 41.99 -28.01 11.19
N THR A 495 42.08 -26.78 10.70
CA THR A 495 43.34 -26.14 10.41
C THR A 495 43.48 -24.78 11.08
N GLU A 496 42.50 -24.36 11.86
CA GLU A 496 42.47 -23.05 12.46
C GLU A 496 42.23 -23.23 13.96
N GLY A 497 42.47 -22.17 14.71
CA GLY A 497 42.25 -22.23 16.15
C GLY A 497 40.78 -22.16 16.51
N ALA A 498 40.50 -22.60 17.73
CA ALA A 498 39.18 -22.43 18.31
C ALA A 498 39.34 -22.18 19.80
N MET A 499 38.31 -21.61 20.39
CA MET A 499 38.25 -21.41 21.84
C MET A 499 37.22 -22.37 22.40
N ARG A 500 37.64 -23.25 23.30
CA ARG A 500 36.71 -24.15 23.98
C ARG A 500 36.35 -23.58 25.35
N VAL A 501 35.05 -23.53 25.66
CA VAL A 501 34.53 -23.05 26.92
C VAL A 501 33.70 -24.17 27.53
N ALA A 502 34.07 -24.63 28.73
CA ALA A 502 33.36 -25.70 29.43
C ALA A 502 33.23 -25.29 30.90
N PRO A 503 32.22 -24.46 31.22
CA PRO A 503 32.09 -23.92 32.58
C PRO A 503 31.52 -24.94 33.55
N VAL A 504 31.90 -24.75 34.80
CA VAL A 504 31.43 -25.59 35.90
C VAL A 504 30.73 -24.72 36.92
N SER A 505 29.48 -25.09 37.24
CA SER A 505 28.65 -24.48 38.28
C SER A 505 28.03 -23.14 37.89
N VAL A 506 28.81 -22.23 37.31
CA VAL A 506 28.33 -20.92 36.89
C VAL A 506 28.85 -20.67 35.48
N GLY A 507 28.15 -19.82 34.76
CA GLY A 507 28.54 -19.55 33.37
C GLY A 507 29.83 -18.76 33.25
N THR A 508 30.40 -18.77 32.03
CA THR A 508 31.59 -17.98 31.70
C THR A 508 31.21 -16.97 30.62
N ASN A 509 31.70 -15.74 30.74
CA ASN A 509 31.43 -14.70 29.76
C ASN A 509 32.74 -14.22 29.17
N VAL A 510 32.87 -14.31 27.85
CA VAL A 510 34.07 -13.87 27.13
C VAL A 510 33.66 -12.63 26.35
N SER A 511 34.38 -11.53 26.51
CA SER A 511 33.93 -10.27 25.93
C SER A 511 35.08 -9.49 25.29
N GLN A 512 34.72 -8.52 24.46
CA GLN A 512 35.68 -7.58 23.91
C GLN A 512 34.94 -6.29 23.57
N VAL A 513 35.59 -5.15 23.75
CA VAL A 513 35.01 -3.84 23.45
C VAL A 513 35.91 -3.12 22.46
N GLN A 514 35.30 -2.40 21.52
CA GLN A 514 36.03 -1.61 20.54
C GLN A 514 35.31 -0.30 20.27
N ALA A 515 36.05 0.67 19.75
CA ALA A 515 35.47 1.96 19.37
C ALA A 515 34.66 1.82 18.09
N VAL A 516 33.55 2.56 18.02
CA VAL A 516 32.68 2.64 16.87
C VAL A 516 32.17 4.08 16.85
N THR A 517 31.53 4.46 15.75
CA THR A 517 30.85 5.75 15.71
C THR A 517 29.70 5.66 14.75
N ASN A 518 28.70 6.50 14.94
CA ASN A 518 27.68 6.66 13.89
C ASN A 518 28.25 7.51 12.76
N PRO A 519 27.73 7.33 11.54
CA PRO A 519 26.71 6.38 11.12
C PRO A 519 27.33 5.02 10.81
N GLY A 520 26.54 3.96 10.84
CA GLY A 520 27.06 2.66 10.47
C GLY A 520 25.98 1.59 10.51
N MET A 521 26.30 0.45 9.92
CA MET A 521 25.43 -0.72 9.98
C MET A 521 26.33 -1.89 10.28
N PHE A 522 25.85 -2.92 10.95
CA PHE A 522 26.72 -4.03 11.31
C PHE A 522 26.02 -5.37 11.09
N SER A 523 26.86 -6.40 10.90
CA SER A 523 26.45 -7.79 10.87
C SER A 523 27.57 -8.64 11.42
N MET A 524 27.23 -9.63 12.24
CA MET A 524 28.20 -10.55 12.79
C MET A 524 27.74 -11.97 12.52
N SER A 525 28.69 -12.81 12.19
CA SER A 525 28.49 -14.26 12.22
C SER A 525 29.57 -14.89 13.07
N CYS A 526 29.24 -16.07 13.59
CA CYS A 526 30.13 -16.87 14.43
CA CYS A 526 30.29 -16.84 14.19
C CYS A 526 30.01 -18.32 13.99
N MET A 527 31.03 -19.12 14.21
CA MET A 527 30.94 -20.56 14.09
C MET A 527 30.99 -21.17 15.48
N VAL A 528 30.02 -22.02 15.77
CA VAL A 528 29.87 -22.61 17.09
C VAL A 528 29.70 -24.11 16.96
N ASN A 529 30.30 -24.85 17.88
CA ASN A 529 30.11 -26.30 17.92
C ASN A 529 29.84 -26.70 19.38
N ILE A 530 28.58 -26.93 19.68
CA ILE A 530 28.19 -27.44 21.01
C ILE A 530 28.52 -28.92 21.04
N ALA A 531 29.39 -29.32 21.98
CA ALA A 531 29.66 -30.75 22.20
C ALA A 531 28.59 -31.35 23.08
N THR A 532 28.25 -30.66 24.17
CA THR A 532 27.19 -31.14 25.06
C THR A 532 26.63 -29.94 25.79
N THR A 533 25.36 -30.04 26.21
CA THR A 533 24.78 -28.91 26.93
C THR A 533 23.54 -29.38 27.69
N PRO A 534 23.26 -28.84 28.89
CA PRO A 534 22.08 -29.23 29.67
C PRO A 534 20.81 -28.47 29.33
N GLY A 535 20.82 -27.73 28.24
CA GLY A 535 19.76 -26.79 27.89
C GLY A 535 20.37 -25.81 26.91
N ASN A 536 19.69 -24.69 26.69
CA ASN A 536 20.26 -23.68 25.80
C ASN A 536 21.71 -23.41 26.21
N ALA A 537 22.63 -23.47 25.25
CA ALA A 537 24.05 -23.50 25.63
C ALA A 537 24.61 -22.14 25.98
N GLY A 538 23.94 -21.06 25.62
CA GLY A 538 24.48 -19.72 25.88
C GLY A 538 23.93 -18.75 24.85
N GLN A 539 24.64 -17.64 24.73
CA GLN A 539 24.18 -16.59 23.82
C GLN A 539 25.36 -15.73 23.43
N VAL A 540 25.28 -15.17 22.23
CA VAL A 540 26.21 -14.15 21.78
C VAL A 540 25.44 -12.84 21.70
N SER A 541 25.96 -11.78 22.30
CA SER A 541 25.26 -10.50 22.30
CA SER A 541 25.28 -10.49 22.37
C SER A 541 26.18 -9.38 21.84
N ILE A 542 25.58 -8.35 21.27
CA ILE A 542 26.24 -7.12 20.83
C ILE A 542 25.48 -5.96 21.43
N GLY A 543 26.21 -5.04 22.08
CA GLY A 543 25.58 -3.85 22.63
C GLY A 543 26.46 -2.64 22.39
N PHE A 544 25.88 -1.45 22.58
CA PHE A 544 26.56 -0.20 22.32
C PHE A 544 26.56 0.67 23.56
N LEU A 545 27.63 1.47 23.71
CA LEU A 545 27.74 2.46 24.77
C LEU A 545 28.20 3.78 24.18
N ASP A 546 27.85 4.88 24.84
CA ASP A 546 28.50 6.15 24.49
C ASP A 546 29.86 6.24 25.19
N ALA A 547 30.56 7.37 25.03
CA ALA A 547 31.90 7.49 25.61
C ALA A 547 31.92 7.62 27.12
N ALA A 548 30.78 7.93 27.73
CA ALA A 548 30.66 8.04 29.17
C ALA A 548 30.24 6.75 29.83
N GLY A 549 30.07 5.68 29.06
CA GLY A 549 29.63 4.43 29.62
C GLY A 549 28.11 4.29 29.72
N ASN A 550 27.35 5.17 29.14
CA ASN A 550 25.91 4.95 29.10
C ASN A 550 25.56 3.89 28.07
N SER A 551 24.77 2.89 28.48
CA SER A 551 24.31 1.85 27.57
C SER A 551 23.17 2.37 26.71
N LEU A 552 23.29 2.16 25.40
CA LEU A 552 22.31 2.67 24.46
C LEU A 552 21.32 1.57 24.10
N PRO A 553 20.07 1.93 23.90
CA PRO A 553 19.04 0.90 23.66
C PRO A 553 19.29 0.20 22.34
N GLY A 554 18.78 -1.03 22.27
CA GLY A 554 18.74 -1.76 21.03
C GLY A 554 19.76 -2.86 20.87
N GLY A 555 20.40 -3.29 21.95
CA GLY A 555 21.32 -4.42 21.85
C GLY A 555 20.64 -5.60 21.19
N VAL A 556 21.44 -6.51 20.64
CA VAL A 556 20.92 -7.70 19.98
C VAL A 556 21.59 -8.94 20.58
N SER A 557 20.96 -10.10 20.39
CA SER A 557 21.52 -11.33 20.91
C SER A 557 21.04 -12.52 20.10
N ALA A 558 21.84 -13.58 20.10
CA ALA A 558 21.53 -14.85 19.44
C ALA A 558 21.72 -15.97 20.43
N ASN A 559 20.69 -16.81 20.60
CA ASN A 559 20.84 -17.99 21.44
C ASN A 559 21.60 -19.07 20.69
N LEU A 560 22.33 -19.90 21.43
CA LEU A 560 23.10 -20.98 20.83
C LEU A 560 22.26 -22.23 20.61
N GLY A 561 21.21 -22.42 21.41
CA GLY A 561 20.38 -23.60 21.28
C GLY A 561 21.06 -24.86 21.84
N THR A 562 20.66 -26.01 21.30
CA THR A 562 21.11 -27.30 21.82
C THR A 562 21.57 -28.27 20.74
N THR A 563 21.62 -27.86 19.48
CA THR A 563 22.03 -28.76 18.41
C THR A 563 23.54 -28.86 18.37
N THR A 564 24.07 -30.09 18.29
CA THR A 564 25.51 -30.31 18.29
C THR A 564 26.08 -30.18 16.87
N GLY A 565 27.37 -29.93 16.76
CA GLY A 565 28.03 -29.85 15.47
C GLY A 565 28.24 -28.41 15.03
N TRP A 566 29.17 -28.21 14.10
CA TRP A 566 29.48 -26.85 13.65
C TRP A 566 28.26 -26.20 13.01
N GLN A 567 27.93 -24.99 13.44
CA GLN A 567 26.82 -24.23 12.87
C GLN A 567 27.12 -22.74 12.88
N VAL A 568 26.44 -22.03 11.98
CA VAL A 568 26.55 -20.58 11.86
C VAL A 568 25.56 -19.94 12.81
N ILE A 569 26.06 -19.03 13.64
CA ILE A 569 25.21 -18.23 14.54
C ILE A 569 25.28 -16.76 14.14
N GLY A 570 24.13 -16.11 14.07
CA GLY A 570 24.07 -14.66 13.90
C GLY A 570 23.25 -14.18 12.71
N LYS A 571 22.80 -15.04 11.79
CA LYS A 571 22.30 -14.60 10.48
C LYS A 571 21.22 -13.53 10.57
N ASN A 572 20.14 -13.83 11.31
CA ASN A 572 19.06 -12.85 11.37
C ASN A 572 18.92 -12.23 12.75
N THR A 573 19.98 -12.29 13.54
CA THR A 573 19.96 -11.81 14.92
C THR A 573 21.03 -10.76 15.15
N LEU A 574 22.28 -11.04 14.76
CA LEU A 574 23.38 -10.14 15.13
C LEU A 574 23.62 -9.11 14.03
N ARG A 575 22.71 -8.15 13.93
CA ARG A 575 22.75 -7.16 12.86
C ARG A 575 21.94 -5.95 13.28
N GLY A 576 22.23 -4.82 12.67
CA GLY A 576 21.46 -3.62 12.92
C GLY A 576 22.19 -2.35 12.50
N LYS A 577 21.60 -1.22 12.90
CA LYS A 577 22.21 0.09 12.71
C LYS A 577 22.98 0.52 13.95
N VAL A 578 24.08 1.23 13.76
CA VAL A 578 24.80 1.82 14.91
C VAL A 578 23.97 2.96 15.49
N PRO A 579 23.67 2.97 16.78
CA PRO A 579 22.88 4.08 17.35
C PRO A 579 23.62 5.41 17.23
N ILE A 580 22.87 6.49 16.97
CA ILE A 580 23.48 7.82 16.92
C ILE A 580 23.95 8.15 18.31
N GLY A 581 25.24 8.47 18.45
CA GLY A 581 25.85 8.73 19.73
C GLY A 581 26.62 7.57 20.30
N ALA A 582 26.57 6.38 19.69
CA ALA A 582 27.41 5.27 20.11
C ALA A 582 28.89 5.59 19.87
N LYS A 583 29.72 5.21 20.83
CA LYS A 583 31.17 5.34 20.70
C LYS A 583 31.90 4.05 21.01
N GLN A 584 31.22 3.03 21.56
CA GLN A 584 31.82 1.74 21.84
C GLN A 584 30.84 0.64 21.46
N VAL A 585 31.38 -0.48 20.99
CA VAL A 585 30.60 -1.71 20.75
C VAL A 585 31.22 -2.82 21.57
N ARG A 586 30.38 -3.59 22.24
CA ARG A 586 30.84 -4.67 23.10
C ARG A 586 30.18 -5.96 22.66
N VAL A 587 30.98 -6.99 22.41
CA VAL A 587 30.46 -8.34 22.15
C VAL A 587 30.68 -9.18 23.40
N ASN A 588 29.72 -10.03 23.72
CA ASN A 588 29.83 -10.95 24.84
C ASN A 588 29.36 -12.33 24.42
N ILE A 589 30.14 -13.35 24.74
CA ILE A 589 29.82 -14.73 24.47
C ILE A 589 29.61 -15.40 25.82
N GLN A 590 28.38 -15.77 26.11
CA GLN A 590 28.03 -16.40 27.37
C GLN A 590 27.84 -17.89 27.13
N THR A 591 28.51 -18.72 27.94
CA THR A 591 28.36 -20.19 27.88
C THR A 591 27.89 -20.62 29.26
N VAL A 592 26.83 -21.41 29.29
CA VAL A 592 26.19 -21.78 30.56
C VAL A 592 26.98 -22.87 31.27
N ALA A 593 26.76 -22.95 32.58
CA ALA A 593 27.31 -24.03 33.38
C ALA A 593 26.93 -25.38 32.81
N GLY A 594 27.91 -26.29 32.70
CA GLY A 594 27.64 -27.62 32.22
C GLY A 594 27.66 -27.77 30.72
N ALA A 595 27.69 -26.68 29.94
CA ALA A 595 27.85 -26.81 28.51
C ALA A 595 29.34 -26.92 28.14
N ASP A 596 29.60 -27.44 26.95
CA ASP A 596 30.96 -27.61 26.46
C ASP A 596 30.89 -27.23 24.98
N VAL A 597 31.45 -26.07 24.64
CA VAL A 597 31.25 -25.44 23.33
C VAL A 597 32.57 -24.95 22.78
N LYS A 598 32.79 -25.13 21.48
CA LYS A 598 33.88 -24.48 20.76
C LYS A 598 33.36 -23.32 19.92
N TYR A 599 34.13 -22.26 19.89
CA TYR A 599 33.86 -21.06 19.13
C TYR A 599 35.00 -20.81 18.16
N ALA A 600 34.65 -20.33 16.96
CA ALA A 600 35.62 -20.00 15.93
C ALA A 600 35.08 -18.85 15.10
N TYR A 601 36.00 -18.11 14.48
CA TYR A 601 35.60 -17.15 13.45
C TYR A 601 34.51 -16.18 13.92
N LEU A 602 34.82 -15.40 14.95
CA LEU A 602 33.86 -14.45 15.55
C LEU A 602 33.98 -13.15 14.76
N LEU A 603 33.25 -13.07 13.65
CA LEU A 603 33.48 -12.05 12.63
C LEU A 603 32.34 -11.04 12.66
N CYS A 604 32.62 -9.86 13.18
CA CYS A 604 31.72 -8.71 13.09
C CYS A 604 32.28 -7.75 12.06
N ASN A 605 31.41 -7.17 11.25
CA ASN A 605 31.80 -6.05 10.38
C ASN A 605 30.85 -4.90 10.67
N VAL A 606 31.42 -3.71 10.89
CA VAL A 606 30.67 -2.47 10.92
C VAL A 606 31.01 -1.73 9.63
N VAL A 607 30.03 -1.58 8.74
CA VAL A 607 30.22 -0.78 7.54
C VAL A 607 29.87 0.66 7.93
N LYS A 608 30.90 1.51 7.95
CA LYS A 608 30.84 2.86 8.45
C LYS A 608 30.92 3.84 7.29
N GLU B 46 10.46 16.33 -71.40
CA GLU B 46 10.53 14.95 -70.92
C GLU B 46 11.25 14.87 -69.56
N TYR B 47 12.36 14.15 -69.47
CA TYR B 47 13.20 14.14 -68.26
C TYR B 47 14.47 14.98 -68.50
N PRO B 48 14.38 16.31 -68.46
CA PRO B 48 15.56 17.16 -68.76
C PRO B 48 16.72 16.97 -67.78
N GLN B 49 17.95 17.05 -68.34
CA GLN B 49 19.20 16.94 -67.59
C GLN B 49 20.15 18.03 -68.05
N PHE B 50 20.92 18.60 -67.12
CA PHE B 50 21.88 19.67 -67.39
C PHE B 50 23.24 19.30 -66.79
N SER B 51 24.31 19.64 -67.49
CA SER B 51 25.62 19.13 -67.10
C SER B 51 26.36 19.97 -66.07
N SER B 52 25.89 21.17 -65.77
CA SER B 52 26.57 22.01 -64.80
C SER B 52 25.56 23.00 -64.23
N MET B 53 25.90 23.56 -63.06
CA MET B 53 25.06 24.61 -62.46
C MET B 53 24.88 25.78 -63.39
N ALA B 54 25.94 26.18 -64.09
CA ALA B 54 25.84 27.30 -65.01
C ALA B 54 24.88 27.00 -66.16
N LYS B 55 24.92 25.77 -66.69
CA LYS B 55 23.99 25.43 -67.76
C LYS B 55 22.56 25.33 -67.24
N LEU B 56 22.38 24.81 -66.01
CA LEU B 56 21.05 24.77 -65.43
C LEU B 56 20.45 26.16 -65.31
N LYS B 57 21.25 27.12 -64.88
CA LYS B 57 20.77 28.48 -64.68
C LYS B 57 20.49 29.20 -65.99
N ALA B 58 21.21 28.84 -67.05
CA ALA B 58 21.04 29.58 -68.30
C ALA B 58 19.75 29.24 -69.03
N PHE B 59 19.16 28.10 -68.77
CA PHE B 59 17.99 27.65 -69.52
C PHE B 59 16.75 28.37 -69.02
N PRO B 60 15.84 28.74 -69.93
CA PRO B 60 14.60 29.45 -69.53
C PRO B 60 13.50 28.53 -69.02
N HIS B 61 13.73 27.95 -67.85
CA HIS B 61 12.74 27.06 -67.24
C HIS B 61 11.43 27.79 -67.00
N SER B 62 10.31 27.09 -67.21
CA SER B 62 9.02 27.76 -67.08
C SER B 62 7.91 26.91 -66.47
N GLU B 63 8.02 25.59 -66.43
CA GLU B 63 6.89 24.70 -66.10
C GLU B 63 6.90 24.38 -64.62
N ASP B 64 5.98 24.98 -63.87
CA ASP B 64 5.90 24.73 -62.44
C ASP B 64 5.75 23.24 -62.15
N GLY B 65 6.58 22.74 -61.22
CA GLY B 65 6.53 21.36 -60.82
C GLY B 65 7.33 20.40 -61.66
N GLN B 66 7.94 20.87 -62.77
CA GLN B 66 8.79 20.01 -63.56
C GLN B 66 10.05 19.67 -62.76
N LEU B 67 10.47 18.42 -62.83
CA LEU B 67 11.69 17.99 -62.15
C LEU B 67 12.80 17.90 -63.18
N VAL B 68 13.93 18.52 -62.87
CA VAL B 68 15.06 18.63 -63.77
C VAL B 68 16.30 18.10 -63.08
N ARG B 69 17.11 17.34 -63.78
CA ARG B 69 18.28 16.73 -63.18
C ARG B 69 19.53 17.57 -63.47
N LEU B 70 20.35 17.77 -62.45
CA LEU B 70 21.66 18.38 -62.58
C LEU B 70 22.70 17.27 -62.43
N LEU B 71 23.55 17.11 -63.44
CA LEU B 71 24.52 16.01 -63.38
C LEU B 71 25.64 16.33 -62.39
N SER B 72 26.04 17.61 -62.30
CA SER B 72 27.19 18.00 -61.52
C SER B 72 27.11 19.49 -61.29
N TRP B 73 27.64 19.96 -60.16
CA TRP B 73 27.71 21.40 -59.95
C TRP B 73 28.74 22.03 -60.89
N HIS B 74 30.00 21.59 -60.78
CA HIS B 74 31.05 21.99 -61.72
C HIS B 74 31.05 21.04 -62.90
N GLU B 75 31.13 21.60 -64.12
CA GLU B 75 31.13 20.77 -65.33
C GLU B 75 32.19 19.67 -65.25
N GLY B 76 31.78 18.42 -65.49
CA GLY B 76 32.71 17.31 -65.61
C GLY B 76 33.19 16.68 -64.30
N VAL B 77 32.79 17.19 -63.13
CA VAL B 77 33.29 16.64 -61.88
C VAL B 77 32.45 15.45 -61.43
N GLY B 78 31.13 15.57 -61.47
CA GLY B 78 30.26 14.52 -61.02
C GLY B 78 29.81 14.64 -59.57
N LEU B 79 30.07 15.77 -58.92
CA LEU B 79 29.67 15.96 -57.54
C LEU B 79 28.67 17.10 -57.48
N GLY B 80 27.77 17.07 -56.51
CA GLY B 80 26.88 18.18 -56.28
C GLY B 80 25.66 18.21 -57.16
N GLY B 81 25.45 17.20 -58.01
CA GLY B 81 24.24 17.13 -58.81
C GLY B 81 23.06 16.72 -57.97
N GLY B 82 21.91 16.56 -58.62
CA GLY B 82 20.69 16.20 -57.93
C GLY B 82 19.48 16.61 -58.74
N LEU B 83 18.33 16.45 -58.16
CA LEU B 83 17.06 16.80 -58.77
C LEU B 83 16.61 18.17 -58.29
N PHE B 84 16.06 18.97 -59.19
CA PHE B 84 15.57 20.30 -58.90
C PHE B 84 14.13 20.40 -59.37
N LYS B 85 13.31 21.11 -58.62
CA LYS B 85 11.91 21.32 -58.98
C LYS B 85 11.74 22.76 -59.43
N VAL B 86 11.18 22.96 -60.62
CA VAL B 86 10.91 24.32 -61.09
C VAL B 86 9.77 24.88 -60.26
N SER B 87 9.96 26.08 -59.70
CA SER B 87 8.97 26.63 -58.78
C SER B 87 8.70 28.11 -59.08
N THR B 88 7.67 28.37 -59.90
CA THR B 88 7.40 29.70 -60.43
C THR B 88 6.91 30.70 -59.36
N SER B 89 6.57 30.26 -58.15
CA SER B 89 6.07 31.17 -57.12
C SER B 89 6.92 31.16 -55.86
N SER B 90 8.13 30.62 -55.94
CA SER B 90 8.98 30.52 -54.76
C SER B 90 9.49 31.87 -54.31
N THR B 91 9.50 32.05 -52.98
CA THR B 91 10.09 33.21 -52.37
C THR B 91 11.50 32.93 -51.90
N ALA B 92 12.05 31.77 -52.24
CA ALA B 92 13.33 31.32 -51.70
C ALA B 92 14.50 32.18 -52.16
N THR B 93 15.47 32.31 -51.26
CA THR B 93 16.69 33.07 -51.52
C THR B 93 17.58 32.28 -52.47
N GLY B 94 17.95 32.89 -53.60
CA GLY B 94 18.86 32.24 -54.53
C GLY B 94 20.25 32.14 -53.91
N ASN B 95 20.90 30.97 -54.09
CA ASN B 95 22.21 30.79 -53.50
C ASN B 95 23.15 29.89 -54.32
N ASP B 96 22.78 29.53 -55.55
CA ASP B 96 23.59 28.67 -56.43
C ASP B 96 23.93 27.33 -55.77
N GLY B 97 23.03 26.84 -54.91
CA GLY B 97 23.28 25.59 -54.19
C GLY B 97 22.02 24.78 -54.07
N THR B 98 21.12 25.23 -53.22
CA THR B 98 19.83 24.60 -53.04
C THR B 98 18.73 25.41 -53.69
N VAL B 99 18.95 26.69 -53.97
CA VAL B 99 17.98 27.55 -54.65
C VAL B 99 18.70 28.21 -55.81
N VAL B 100 18.25 27.95 -57.03
CA VAL B 100 18.91 28.46 -58.22
C VAL B 100 17.93 29.40 -58.92
N VAL B 101 18.36 30.61 -59.22
CA VAL B 101 17.52 31.54 -59.97
C VAL B 101 17.98 31.49 -61.41
N ALA B 102 17.11 31.02 -62.31
CA ALA B 102 17.43 30.95 -63.71
C ALA B 102 17.48 32.35 -64.32
N SER B 103 18.01 32.43 -65.53
CA SER B 103 18.21 33.71 -66.19
C SER B 103 16.90 34.48 -66.39
N ASN B 104 15.76 33.81 -66.46
CA ASN B 104 14.45 34.44 -66.60
C ASN B 104 13.76 34.75 -65.27
N GLY B 105 14.44 34.55 -64.14
CA GLY B 105 13.87 34.84 -62.85
C GLY B 105 13.18 33.67 -62.18
N VAL B 106 13.00 32.54 -62.87
CA VAL B 106 12.32 31.37 -62.30
C VAL B 106 13.26 30.66 -61.32
N ARG B 107 12.73 30.27 -60.16
CA ARG B 107 13.49 29.54 -59.16
C ARG B 107 13.44 28.05 -59.43
N LEU B 108 14.56 27.37 -59.23
CA LEU B 108 14.64 25.92 -59.17
C LEU B 108 15.07 25.53 -57.76
N LEU B 109 14.33 24.64 -57.14
CA LEU B 109 14.59 24.26 -55.75
C LEU B 109 15.16 22.85 -55.72
N ARG B 110 16.37 22.71 -55.20
CA ARG B 110 16.93 21.37 -55.08
C ARG B 110 16.06 20.54 -54.14
N VAL B 111 15.79 19.31 -54.54
CA VAL B 111 15.02 18.39 -53.72
C VAL B 111 16.01 17.62 -52.86
N VAL B 112 16.06 17.95 -51.58
CA VAL B 112 17.03 17.35 -50.66
C VAL B 112 16.26 16.51 -49.66
N ASN B 113 16.73 15.32 -49.42
CA ASN B 113 16.09 14.46 -48.45
C ASN B 113 16.65 14.40 -47.02
C ASN B 113 17.31 14.21 -47.53
N GLY B 114 17.94 14.37 -46.82
N GLY B 114 17.27 14.65 -46.28
CA GLY B 114 18.45 14.43 -45.47
C GLY B 114 19.32 15.67 -45.34
N PRO B 115 20.58 15.52 -44.94
CA PRO B 115 21.44 16.68 -44.73
C PRO B 115 21.79 17.41 -46.03
N ILE B 116 22.13 18.66 -45.87
CA ILE B 116 22.75 19.43 -46.94
C ILE B 116 24.20 18.97 -47.07
N TRP B 117 24.76 18.96 -48.28
CA TRP B 117 26.17 18.65 -48.47
C TRP B 117 26.90 19.83 -49.07
N ALA B 118 28.15 20.06 -48.63
CA ALA B 118 28.88 21.23 -49.11
C ALA B 118 29.10 21.21 -50.62
N ASP B 119 29.23 20.03 -51.25
CA ASP B 119 29.42 20.00 -52.70
C ASP B 119 28.19 20.50 -53.48
N MET B 120 27.01 20.57 -52.82
CA MET B 120 25.83 21.16 -53.46
C MET B 120 26.00 22.65 -53.69
N PHE B 121 26.97 23.29 -53.02
CA PHE B 121 27.28 24.70 -53.16
C PHE B 121 28.59 24.86 -53.92
N GLY B 122 29.08 23.80 -54.57
CA GLY B 122 30.28 23.93 -55.37
C GLY B 122 31.58 23.63 -54.64
N ALA B 123 31.54 23.21 -53.38
CA ALA B 123 32.79 22.78 -52.73
C ALA B 123 33.35 21.58 -53.47
N LEU B 124 34.69 21.50 -53.51
CA LEU B 124 35.36 20.39 -54.16
C LEU B 124 36.34 19.72 -53.21
N PRO B 125 36.46 18.40 -53.26
CA PRO B 125 37.42 17.68 -52.40
C PRO B 125 38.85 17.78 -52.92
N ASN B 126 39.81 17.75 -51.99
CA ASN B 126 41.24 17.65 -52.35
C ASN B 126 41.69 18.75 -53.30
N SER B 127 41.17 19.94 -53.07
CA SER B 127 41.48 21.12 -53.85
C SER B 127 42.41 22.06 -53.07
N ASP B 128 43.24 22.79 -53.83
CA ASP B 128 44.04 23.82 -53.19
C ASP B 128 43.28 25.13 -53.00
N ILE B 129 42.09 25.25 -53.55
CA ILE B 129 41.29 26.47 -53.42
C ILE B 129 40.70 26.50 -52.01
N ASP B 130 40.60 27.70 -51.46
CA ASP B 130 39.92 27.89 -50.17
C ASP B 130 38.50 27.35 -50.23
N SER B 131 38.19 26.38 -49.39
CA SER B 131 36.84 25.84 -49.31
C SER B 131 35.99 26.51 -48.25
N MET B 132 36.58 27.38 -47.41
CA MET B 132 35.79 27.96 -46.33
C MET B 132 34.60 28.75 -46.84
N PRO B 133 34.70 29.52 -47.93
CA PRO B 133 33.48 30.23 -48.39
C PRO B 133 32.33 29.32 -48.80
N ALA B 134 32.62 28.23 -49.52
CA ALA B 134 31.55 27.33 -49.91
C ALA B 134 30.95 26.61 -48.70
N VAL B 135 31.80 26.22 -47.75
CA VAL B 135 31.31 25.58 -46.53
C VAL B 135 30.46 26.57 -45.73
N ALA B 136 30.90 27.82 -45.64
CA ALA B 136 30.14 28.84 -44.91
C ALA B 136 28.81 29.11 -45.57
N ALA B 137 28.77 29.18 -46.91
CA ALA B 137 27.50 29.41 -47.60
C ALA B 137 26.55 28.21 -47.44
N ALA B 138 27.07 27.00 -47.59
CA ALA B 138 26.25 25.82 -47.38
C ALA B 138 25.74 25.77 -45.95
N TYR B 139 26.61 26.10 -44.99
CA TYR B 139 26.20 26.09 -43.58
C TYR B 139 25.11 27.13 -43.32
N ALA B 140 25.26 28.33 -43.88
CA ALA B 140 24.21 29.34 -43.66
C ALA B 140 22.86 28.82 -44.15
N TYR B 141 22.82 28.17 -45.30
CA TYR B 141 21.57 27.62 -45.78
C TYR B 141 21.07 26.50 -44.86
N ALA B 142 21.96 25.53 -44.55
CA ALA B 142 21.56 24.40 -43.72
C ALA B 142 20.98 24.88 -42.38
N ALA B 143 21.68 25.80 -41.72
CA ALA B 143 21.17 26.34 -40.46
C ALA B 143 19.82 26.99 -40.67
N SER B 144 19.62 27.73 -41.77
CA SER B 144 18.33 28.40 -41.98
C SER B 144 17.17 27.41 -42.08
N VAL B 145 17.43 26.16 -42.48
CA VAL B 145 16.37 25.15 -42.57
C VAL B 145 16.51 24.06 -41.50
N ASN B 146 17.25 24.34 -40.42
CA ASN B 146 17.34 23.41 -39.27
C ASN B 146 17.80 22.03 -39.69
N THR B 147 18.75 21.97 -40.61
CA THR B 147 19.26 20.73 -41.21
C THR B 147 20.77 20.69 -41.06
N ASP B 148 21.34 19.53 -40.77
CA ASP B 148 22.79 19.47 -40.65
C ASP B 148 23.49 19.59 -42.00
N LEU B 149 24.73 20.01 -41.94
CA LEU B 149 25.61 20.09 -43.11
C LEU B 149 26.66 18.99 -43.07
N TYR B 150 26.76 18.22 -44.16
CA TYR B 150 27.80 17.22 -44.36
C TYR B 150 28.91 17.78 -45.25
N ILE B 151 30.14 17.47 -44.89
CA ILE B 151 31.32 17.73 -45.74
C ILE B 151 31.84 16.36 -46.16
N GLY B 152 31.83 16.07 -47.46
CA GLY B 152 32.31 14.77 -47.93
C GLY B 152 33.77 14.55 -47.55
N VAL B 153 34.07 13.31 -47.12
CA VAL B 153 35.43 13.02 -46.66
C VAL B 153 36.45 13.28 -47.76
N ALA B 154 37.49 14.05 -47.41
CA ALA B 154 38.57 14.51 -48.27
C ALA B 154 39.40 15.49 -47.47
N THR B 155 40.37 16.12 -48.11
CA THR B 155 41.13 17.22 -47.52
C THR B 155 40.59 18.55 -48.04
N TYR B 156 40.51 19.51 -47.15
CA TYR B 156 40.05 20.85 -47.44
C TYR B 156 41.01 21.87 -46.86
N LYS B 157 41.16 23.01 -47.55
CA LYS B 157 41.93 24.14 -47.03
C LYS B 157 40.96 25.22 -46.62
N PHE B 158 41.10 25.74 -45.40
CA PHE B 158 40.36 26.92 -44.95
C PHE B 158 41.33 28.07 -44.89
N LYS B 159 41.07 29.13 -45.64
CA LYS B 159 41.92 30.32 -45.65
C LYS B 159 41.10 31.53 -45.24
N GLY B 160 41.66 32.73 -45.43
CA GLY B 160 40.96 33.93 -45.01
C GLY B 160 40.99 34.11 -43.49
N SER B 161 40.03 34.93 -43.02
CA SER B 161 40.01 35.30 -41.61
C SER B 161 38.59 35.34 -41.06
N THR B 162 37.63 34.71 -41.74
CA THR B 162 36.24 34.76 -41.30
C THR B 162 35.88 33.45 -40.57
N PRO B 163 35.57 33.47 -39.26
CA PRO B 163 35.19 32.22 -38.58
C PRO B 163 33.84 31.73 -39.08
N ILE B 164 33.60 30.43 -38.85
CA ILE B 164 32.26 29.87 -38.98
C ILE B 164 31.65 29.75 -37.58
N ASN B 165 30.49 30.42 -37.33
CA ASN B 165 29.77 30.22 -36.07
C ASN B 165 28.70 29.18 -36.29
N VAL B 166 28.86 28.05 -35.64
CA VAL B 166 27.88 26.99 -35.66
C VAL B 166 26.82 27.32 -34.61
N ASP B 167 25.56 27.28 -35.02
CA ASP B 167 24.44 27.48 -34.13
C ASP B 167 23.86 26.10 -33.83
N PRO B 168 24.12 25.54 -32.66
CA PRO B 168 23.71 24.15 -32.38
C PRO B 168 22.20 24.00 -32.30
N SER B 169 21.46 25.11 -32.20
CA SER B 169 20.01 25.06 -32.23
C SER B 169 19.45 24.98 -33.63
N ARG B 170 20.32 25.02 -34.64
CA ARG B 170 19.90 24.96 -36.04
C ARG B 170 20.59 23.84 -36.83
N ALA B 171 21.92 23.69 -36.73
CA ALA B 171 22.62 22.78 -37.63
C ALA B 171 24.02 22.52 -37.13
N GLY B 172 24.47 21.28 -37.30
CA GLY B 172 25.88 20.96 -37.09
C GLY B 172 26.62 20.79 -38.39
N ILE B 173 27.94 20.62 -38.28
CA ILE B 173 28.81 20.32 -39.42
C ILE B 173 29.46 18.98 -39.18
N ILE B 174 29.30 18.06 -40.12
CA ILE B 174 29.64 16.65 -39.95
C ILE B 174 30.55 16.24 -41.11
N GLY B 175 31.78 15.82 -40.79
CA GLY B 175 32.65 15.24 -41.83
C GLY B 175 32.19 13.83 -42.11
N TYR B 176 31.87 13.52 -43.37
CA TYR B 176 31.12 12.29 -43.68
C TYR B 176 31.79 11.55 -44.84
N GLN B 177 32.32 10.33 -44.60
CA GLN B 177 32.62 9.79 -43.29
C GLN B 177 33.96 9.10 -43.42
N GLY B 178 34.84 9.44 -42.49
CA GLY B 178 36.20 8.97 -42.51
C GLY B 178 37.11 10.04 -41.92
N LYS B 179 38.31 10.13 -42.43
CA LYS B 179 39.33 11.00 -41.82
C LYS B 179 39.32 12.34 -42.56
N VAL B 180 38.35 13.18 -42.21
CA VAL B 180 38.16 14.46 -42.91
C VAL B 180 39.18 15.46 -42.39
N ARG B 181 39.96 16.05 -43.28
CA ARG B 181 41.13 16.84 -42.90
C ARG B 181 40.87 18.29 -43.26
N ILE B 182 40.82 19.17 -42.27
CA ILE B 182 40.52 20.59 -42.46
C ILE B 182 41.79 21.36 -42.11
N ASP B 183 42.57 21.68 -43.15
CA ASP B 183 43.85 22.36 -43.02
C ASP B 183 43.61 23.86 -42.90
N CYS B 184 43.83 24.39 -41.70
CA CYS B 184 43.68 25.81 -41.39
C CYS B 184 45.04 26.48 -41.19
N SER B 185 46.10 25.90 -41.75
CA SER B 185 47.44 26.47 -41.60
C SER B 185 47.57 27.86 -42.20
N GLU B 186 46.72 28.24 -43.15
CA GLU B 186 46.76 29.57 -43.75
C GLU B 186 45.64 30.48 -43.27
N PHE B 187 44.80 29.99 -42.36
CA PHE B 187 43.73 30.81 -41.80
C PHE B 187 44.30 31.81 -40.80
N THR B 188 43.81 33.05 -40.86
CA THR B 188 44.36 34.10 -39.99
C THR B 188 43.30 34.71 -39.10
N GLY B 189 42.11 34.13 -39.03
CA GLY B 189 41.07 34.70 -38.18
C GLY B 189 41.31 34.38 -36.72
N SER B 190 40.46 34.96 -35.88
CA SER B 190 40.65 34.83 -34.43
C SER B 190 40.36 33.41 -33.97
N ILE B 191 39.36 32.77 -34.57
CA ILE B 191 38.92 31.42 -34.23
C ILE B 191 38.46 30.80 -35.55
N VAL B 192 38.64 29.48 -35.70
CA VAL B 192 38.10 28.81 -36.89
C VAL B 192 36.61 28.58 -36.73
N PHE B 193 36.21 27.92 -35.66
CA PHE B 193 34.82 27.61 -35.34
C PHE B 193 34.46 28.20 -33.99
N SER B 194 33.29 28.80 -33.91
CA SER B 194 32.65 29.03 -32.61
C SER B 194 31.36 28.25 -32.60
N ILE B 195 30.89 27.92 -31.41
CA ILE B 195 29.61 27.21 -31.27
C ILE B 195 28.77 27.96 -30.24
N ASN B 196 27.65 28.53 -30.69
CA ASN B 196 26.83 29.33 -29.78
C ASN B 196 25.43 29.46 -30.37
N SER B 197 24.44 29.20 -29.53
CA SER B 197 23.03 29.25 -29.95
C SER B 197 22.59 30.68 -30.24
N SER B 198 21.68 30.80 -31.21
CA SER B 198 21.04 32.09 -31.48
C SER B 198 19.85 32.39 -30.58
N TYR B 199 19.49 31.49 -29.66
CA TYR B 199 18.29 31.65 -28.85
C TYR B 199 18.62 31.66 -27.38
N SER B 200 17.72 32.27 -26.58
CA SER B 200 17.91 32.29 -25.13
C SER B 200 17.20 31.14 -24.40
N TYR B 201 16.19 30.52 -25.01
CA TYR B 201 15.54 29.36 -24.39
C TYR B 201 15.05 28.39 -25.45
N THR B 202 13.86 28.47 -25.89
CA THR B 202 13.35 27.58 -26.93
C THR B 202 13.49 28.23 -28.29
N PRO B 203 13.74 27.45 -29.37
CA PRO B 203 13.78 25.99 -29.41
C PRO B 203 15.11 25.35 -29.11
N ALA B 204 16.10 26.10 -28.61
CA ALA B 204 17.38 25.47 -28.23
C ALA B 204 17.19 24.34 -27.22
N ALA B 205 16.28 24.54 -26.25
CA ALA B 205 15.98 23.53 -25.23
C ALA B 205 15.35 22.27 -25.85
N TYR B 206 14.87 22.35 -27.09
CA TYR B 206 14.31 21.18 -27.78
C TYR B 206 15.28 20.59 -28.80
N TYR B 207 16.18 21.41 -29.38
CA TYR B 207 16.91 21.08 -30.59
C TYR B 207 18.39 20.84 -30.39
N ASN B 208 19.03 21.42 -29.37
CA ASN B 208 20.50 21.35 -29.36
C ASN B 208 20.98 19.92 -29.31
N ASN B 209 20.22 19.06 -28.62
CA ASN B 209 20.61 17.67 -28.37
C ASN B 209 20.35 16.75 -29.55
N LEU B 210 19.62 17.20 -30.58
CA LEU B 210 19.12 16.29 -31.63
C LEU B 210 20.21 15.82 -32.60
N SER B 211 21.30 16.57 -32.71
CA SER B 211 22.40 16.23 -33.60
C SER B 211 23.65 16.93 -33.05
N PRO B 212 24.83 16.42 -33.37
CA PRO B 212 26.06 17.08 -32.92
C PRO B 212 26.26 18.42 -33.62
N ALA B 213 27.01 19.31 -32.96
CA ALA B 213 27.42 20.57 -33.56
C ALA B 213 28.61 20.40 -34.49
N LEU B 214 29.57 19.54 -34.12
CA LEU B 214 30.73 19.25 -34.95
C LEU B 214 31.02 17.78 -34.79
N GLN B 215 31.38 17.10 -35.87
CA GLN B 215 31.68 15.67 -35.81
C GLN B 215 32.61 15.31 -36.96
N GLY B 216 33.62 14.48 -36.68
CA GLY B 216 34.34 13.80 -37.74
C GLY B 216 35.43 14.60 -38.42
N LEU B 217 36.00 15.61 -37.76
CA LEU B 217 36.93 16.54 -38.40
C LEU B 217 38.28 16.60 -37.68
N TYR B 218 39.36 16.53 -38.44
CA TYR B 218 40.69 16.90 -37.97
C TYR B 218 40.93 18.34 -38.39
N VAL B 219 41.01 19.24 -37.43
CA VAL B 219 41.13 20.67 -37.69
C VAL B 219 42.48 21.12 -37.14
N PHE B 220 43.35 21.71 -38.00
CA PHE B 220 44.69 22.02 -37.51
C PHE B 220 45.19 23.34 -38.07
N GLY B 221 46.05 23.98 -37.27
CA GLY B 221 46.70 25.22 -37.67
C GLY B 221 48.21 25.05 -37.87
N ALA B 222 48.95 26.15 -37.70
CA ALA B 222 50.39 26.15 -37.80
C ALA B 222 50.99 26.81 -36.56
N LYS B 223 50.25 26.81 -35.44
CA LYS B 223 50.72 27.38 -34.16
C LYS B 223 51.04 28.89 -34.31
N THR B 224 50.29 29.58 -35.16
CA THR B 224 50.44 31.02 -35.31
C THR B 224 49.76 31.74 -34.15
N SER B 225 50.43 32.76 -33.61
CA SER B 225 49.85 33.53 -32.53
C SER B 225 48.58 34.22 -33.00
N GLY B 226 47.52 34.08 -32.20
CA GLY B 226 46.29 34.81 -32.46
C GLY B 226 45.21 34.01 -33.17
N VAL B 227 45.48 32.76 -33.52
CA VAL B 227 44.49 31.90 -34.21
C VAL B 227 44.12 30.75 -33.29
N ASP B 228 42.92 30.76 -32.78
CA ASP B 228 42.43 29.66 -31.95
C ASP B 228 41.63 28.70 -32.82
N GLY B 229 41.43 27.47 -32.33
CA GLY B 229 40.69 26.43 -33.03
C GLY B 229 39.20 26.53 -32.83
N LEU B 230 38.74 26.18 -31.63
CA LEU B 230 37.33 26.10 -31.30
C LEU B 230 37.01 26.99 -30.11
N LEU B 231 36.04 27.87 -30.26
CA LEU B 231 35.46 28.64 -29.17
C LEU B 231 34.12 28.02 -28.79
N VAL B 232 34.01 27.59 -27.53
CA VAL B 232 32.83 26.95 -26.97
C VAL B 232 32.03 28.05 -26.27
N GLY B 233 30.98 28.55 -26.90
CA GLY B 233 30.24 29.70 -26.41
C GLY B 233 30.60 30.97 -27.17
N ARG B 234 30.59 32.11 -26.48
CA ARG B 234 30.60 33.42 -27.10
C ARG B 234 31.79 34.24 -26.61
N GLU B 235 32.31 35.15 -27.46
CA GLU B 235 33.44 35.96 -27.08
C GLU B 235 33.07 37.04 -26.07
N THR B 236 31.92 37.69 -26.25
CA THR B 236 31.53 38.77 -25.36
C THR B 236 30.13 38.48 -24.86
N VAL B 237 29.74 39.14 -23.78
CA VAL B 237 28.45 38.88 -23.16
C VAL B 237 27.35 39.50 -24.00
N GLY B 238 26.34 38.69 -24.35
CA GLY B 238 25.22 39.19 -25.10
C GLY B 238 24.19 39.88 -24.24
N SER B 239 23.30 40.63 -24.89
CA SER B 239 22.24 41.27 -24.13
C SER B 239 21.28 40.25 -23.55
N ASP B 240 21.15 39.07 -24.15
CA ASP B 240 20.42 37.96 -23.56
C ASP B 240 21.35 36.76 -23.54
N LYS B 241 21.01 35.77 -22.71
CA LYS B 241 21.83 34.56 -22.64
C LYS B 241 21.66 33.73 -23.91
N SER B 242 22.64 32.86 -24.15
CA SER B 242 22.61 31.88 -25.25
C SER B 242 22.44 30.49 -24.68
N TYR B 243 21.40 29.79 -25.12
CA TYR B 243 21.05 28.51 -24.52
C TYR B 243 21.83 27.40 -25.22
N ASN B 244 22.97 27.01 -24.63
CA ASN B 244 23.88 26.08 -25.29
C ASN B 244 23.82 24.65 -24.74
N GLY B 245 23.02 24.41 -23.70
CA GLY B 245 23.04 23.09 -23.08
C GLY B 245 22.69 21.99 -24.05
N GLN B 246 23.43 20.89 -23.92
CA GLN B 246 23.26 19.63 -24.65
C GLN B 246 23.97 19.59 -25.98
N THR B 247 24.75 20.61 -26.29
CA THR B 247 25.48 20.67 -27.56
C THR B 247 26.69 19.76 -27.50
N GLU B 248 26.89 18.96 -28.56
CA GLU B 248 27.95 17.95 -28.60
C GLU B 248 29.00 18.28 -29.66
N VAL B 249 30.27 18.08 -29.29
CA VAL B 249 31.38 18.00 -30.24
C VAL B 249 31.93 16.59 -30.13
N ARG B 250 32.00 15.85 -31.22
CA ARG B 250 32.44 14.47 -31.09
C ARG B 250 33.37 14.09 -32.24
N GLU B 251 34.31 13.20 -31.95
CA GLU B 251 35.10 12.59 -33.03
C GLU B 251 35.79 13.67 -33.83
N CYS B 252 36.41 14.62 -33.12
CA CYS B 252 37.16 15.70 -33.75
C CYS B 252 38.52 15.81 -33.09
N THR B 253 39.50 16.27 -33.84
CA THR B 253 40.84 16.58 -33.33
C THR B 253 41.15 18.04 -33.59
N PHE B 254 41.63 18.72 -32.57
CA PHE B 254 42.10 20.10 -32.69
C PHE B 254 43.57 20.12 -32.37
N ASP B 255 44.37 20.70 -33.27
CA ASP B 255 45.84 20.54 -33.22
C ASP B 255 46.50 21.82 -33.74
N LYS B 256 47.58 22.22 -33.08
CA LYS B 256 48.45 23.27 -33.64
C LYS B 256 47.73 24.60 -33.79
N PHE B 257 46.86 24.93 -32.83
CA PHE B 257 46.36 26.30 -32.72
C PHE B 257 47.03 27.01 -31.56
N ASP B 258 46.60 28.25 -31.31
CA ASP B 258 47.12 29.03 -30.19
C ASP B 258 46.46 28.49 -28.91
N ARG B 259 45.15 28.69 -28.76
CA ARG B 259 44.36 27.83 -27.88
C ARG B 259 43.55 26.90 -28.79
N ASN B 260 43.70 25.58 -28.60
CA ASN B 260 42.94 24.64 -29.42
C ASN B 260 41.46 24.71 -29.13
N ILE B 261 41.11 24.70 -27.85
CA ILE B 261 39.72 24.72 -27.39
C ILE B 261 39.69 25.74 -26.27
N ARG B 262 38.80 26.73 -26.38
CA ARG B 262 38.67 27.78 -25.38
C ARG B 262 37.20 27.95 -25.07
N MET B 263 36.86 27.96 -23.79
CA MET B 263 35.49 28.27 -23.38
CA MET B 263 35.49 28.27 -23.35
C MET B 263 35.26 29.76 -23.31
N GLY B 264 34.09 30.18 -23.80
CA GLY B 264 33.63 31.54 -23.69
C GLY B 264 32.38 31.63 -22.84
N HIS B 265 31.68 32.75 -22.93
CA HIS B 265 30.44 32.90 -22.20
C HIS B 265 29.40 31.91 -22.70
N ASN B 266 28.46 31.59 -21.82
CA ASN B 266 27.41 30.62 -22.12
C ASN B 266 27.99 29.23 -22.37
N SER B 267 29.11 28.91 -21.73
CA SER B 267 29.70 27.56 -21.88
C SER B 267 29.10 26.66 -20.80
N TRP B 268 28.02 25.96 -21.14
CA TRP B 268 27.32 25.12 -20.17
C TRP B 268 26.72 23.90 -20.85
N ARG B 269 26.90 22.74 -20.21
CA ARG B 269 26.35 21.45 -20.65
C ARG B 269 26.74 21.06 -22.09
N PHE B 270 27.89 21.51 -22.54
CA PHE B 270 28.49 20.89 -23.71
C PHE B 270 29.00 19.52 -23.35
N VAL B 271 28.95 18.60 -24.31
CA VAL B 271 29.51 17.25 -24.16
C VAL B 271 30.47 17.01 -25.31
N PHE B 272 31.60 16.38 -24.98
CA PHE B 272 32.65 16.06 -25.94
C PHE B 272 32.89 14.57 -25.86
N TYR B 273 32.87 13.87 -26.99
CA TYR B 273 33.16 12.44 -27.04
C TYR B 273 34.26 12.17 -28.04
N LYS B 274 35.33 11.46 -27.60
CA LYS B 274 36.41 11.07 -28.52
C LYS B 274 37.00 12.31 -29.18
N VAL B 275 37.24 13.37 -28.39
CA VAL B 275 37.88 14.57 -28.89
C VAL B 275 39.33 14.52 -28.49
N ASN B 276 40.22 14.87 -29.42
CA ASN B 276 41.65 14.94 -29.18
C ASN B 276 42.09 16.39 -29.24
N SER B 277 42.95 16.79 -28.32
CA SER B 277 43.55 18.13 -28.36
C SER B 277 45.03 18.01 -28.05
N LEU B 278 45.87 18.51 -28.97
CA LEU B 278 47.32 18.36 -28.81
C LEU B 278 48.07 19.52 -29.42
N ASN B 279 49.31 19.70 -28.94
CA ASN B 279 50.31 20.52 -29.62
C ASN B 279 49.83 21.95 -29.90
N ALA B 280 49.32 22.62 -28.87
CA ALA B 280 48.94 24.04 -28.98
C ALA B 280 50.12 24.94 -28.61
N LEU B 281 50.00 26.22 -28.98
CA LEU B 281 51.05 27.22 -28.72
C LEU B 281 50.96 27.81 -27.30
N SER B 282 49.75 28.19 -26.88
CA SER B 282 49.59 28.88 -25.59
C SER B 282 49.96 27.95 -24.43
N PRO B 283 50.52 28.49 -23.33
CA PRO B 283 50.69 27.65 -22.13
C PRO B 283 49.41 27.06 -21.63
N ASN B 284 48.25 27.63 -21.99
CA ASN B 284 46.94 27.10 -21.60
C ASN B 284 46.21 26.51 -22.80
N GLY B 285 46.93 26.10 -23.84
CA GLY B 285 46.30 25.93 -25.13
C GLY B 285 45.58 24.61 -25.37
N ILE B 286 45.78 23.58 -24.54
CA ILE B 286 45.08 22.31 -24.79
C ILE B 286 43.59 22.48 -24.53
N LEU B 287 43.22 23.20 -23.45
CA LEU B 287 41.82 23.45 -23.10
C LEU B 287 41.87 24.58 -22.09
N TYR B 288 41.29 25.72 -22.40
CA TYR B 288 41.39 26.90 -21.55
C TYR B 288 40.01 27.38 -21.15
N VAL B 289 39.77 27.51 -19.85
CA VAL B 289 38.53 28.08 -19.33
C VAL B 289 38.92 29.34 -18.55
N PRO B 290 38.86 30.52 -19.18
CA PRO B 290 39.32 31.74 -18.51
C PRO B 290 38.38 32.17 -17.40
N ALA B 291 38.92 33.00 -16.51
CA ALA B 291 38.09 33.57 -15.45
C ALA B 291 37.06 34.57 -16.00
N GLY B 292 35.96 34.71 -15.28
CA GLY B 292 35.01 35.79 -15.54
C GLY B 292 33.94 35.47 -16.55
N LEU B 293 33.75 34.20 -16.91
CA LEU B 293 32.74 33.87 -17.92
C LEU B 293 31.36 34.03 -17.32
N ASP B 294 30.42 34.50 -18.13
CA ASP B 294 29.04 34.66 -17.71
C ASP B 294 28.21 33.44 -18.13
N ASP B 295 27.24 33.07 -17.31
CA ASP B 295 26.28 32.02 -17.68
C ASP B 295 26.96 30.71 -18.06
N SER B 296 28.00 30.32 -17.33
CA SER B 296 28.83 29.19 -17.73
C SER B 296 29.11 28.29 -16.52
N GLY B 297 29.49 27.04 -16.83
CA GLY B 297 30.07 26.18 -15.85
C GLY B 297 29.28 24.97 -15.47
N GLU B 298 28.06 24.79 -15.98
CA GLU B 298 27.28 23.62 -15.59
C GLU B 298 27.73 22.39 -16.38
N ILE B 299 28.28 21.40 -15.70
CA ILE B 299 28.54 20.05 -16.22
C ILE B 299 29.12 20.05 -17.64
N LEU B 300 30.30 20.63 -17.79
CA LEU B 300 31.04 20.46 -19.06
C LEU B 300 31.63 19.06 -19.04
N SER B 301 31.30 18.23 -20.03
CA SER B 301 31.50 16.79 -19.92
C SER B 301 32.33 16.27 -21.06
N PHE B 302 33.26 15.38 -20.73
CA PHE B 302 34.25 14.85 -21.68
C PHE B 302 34.27 13.34 -21.52
N TYR B 303 33.96 12.60 -22.56
CA TYR B 303 33.93 11.14 -22.53
C TYR B 303 34.99 10.63 -23.50
N HIS B 304 35.94 9.88 -22.98
CA HIS B 304 36.96 9.24 -23.79
C HIS B 304 37.71 10.25 -24.66
N CYS B 305 38.11 11.37 -24.05
CA CYS B 305 38.88 12.39 -24.75
C CYS B 305 40.35 12.26 -24.37
N GLN B 306 41.22 12.75 -25.26
CA GLN B 306 42.67 12.65 -25.06
C GLN B 306 43.29 14.03 -25.19
N PHE B 307 43.97 14.46 -24.15
CA PHE B 307 44.56 15.81 -24.02
C PHE B 307 46.05 15.58 -23.85
N PHE B 308 46.85 15.96 -24.85
CA PHE B 308 48.17 15.34 -24.87
C PHE B 308 49.18 16.12 -25.67
N ASP B 309 50.44 15.81 -25.39
CA ASP B 309 51.55 16.21 -26.24
C ASP B 309 51.50 17.70 -26.51
N GLY B 310 51.34 18.46 -25.43
CA GLY B 310 51.21 19.91 -25.56
C GLY B 310 52.49 20.62 -25.93
N ALA B 311 53.65 20.00 -25.67
CA ALA B 311 54.92 20.65 -25.96
C ALA B 311 54.97 22.05 -25.37
N GLY B 312 54.47 22.18 -24.13
CA GLY B 312 54.42 23.45 -23.42
C GLY B 312 53.03 23.97 -23.20
N SER B 313 52.04 23.45 -23.92
CA SER B 313 50.63 23.80 -23.69
C SER B 313 49.99 22.82 -22.70
N ASN B 314 48.96 23.31 -22.00
CA ASN B 314 48.37 22.62 -20.86
C ASN B 314 46.88 22.89 -20.81
N ILE B 315 46.21 22.29 -19.83
CA ILE B 315 44.82 22.62 -19.50
C ILE B 315 44.83 23.61 -18.35
N ARG B 316 44.01 24.66 -18.42
CA ARG B 316 43.86 25.54 -17.27
C ARG B 316 42.40 25.90 -17.09
N LEU B 317 41.88 25.60 -15.90
CA LEU B 317 40.55 26.03 -15.46
C LEU B 317 40.73 27.19 -14.50
N SER B 318 40.26 28.38 -14.92
CA SER B 318 40.38 29.59 -14.10
C SER B 318 39.04 30.20 -13.72
N CYS B 319 37.95 29.72 -14.27
CA CYS B 319 36.65 30.30 -13.96
C CYS B 319 36.09 29.74 -12.66
N SER B 320 35.47 30.62 -11.88
CA SER B 320 34.83 30.18 -10.65
C SER B 320 33.47 29.52 -10.92
N SER B 321 33.00 28.74 -9.94
CA SER B 321 31.69 28.11 -10.01
C SER B 321 31.52 27.34 -11.32
N TYR B 322 32.46 26.41 -11.55
CA TYR B 322 32.61 25.73 -12.84
C TYR B 322 32.83 24.25 -12.55
N THR B 323 32.06 23.39 -13.21
CA THR B 323 32.05 21.98 -12.89
C THR B 323 32.34 21.19 -14.15
N MET B 324 33.40 20.38 -14.14
CA MET B 324 33.82 19.62 -15.30
C MET B 324 33.88 18.14 -14.94
N VAL B 325 33.52 17.28 -15.87
CA VAL B 325 33.49 15.85 -15.64
C VAL B 325 34.22 15.19 -16.78
N PHE B 326 35.25 14.39 -16.48
CA PHE B 326 36.05 13.66 -17.45
C PHE B 326 35.90 12.19 -17.17
N ASN B 327 35.42 11.42 -18.13
CA ASN B 327 35.22 10.00 -18.01
C ASN B 327 36.12 9.30 -19.04
N THR B 328 37.02 8.41 -18.59
CA THR B 328 37.94 7.66 -19.43
C THR B 328 38.81 8.52 -20.32
N CYS B 329 39.18 9.70 -19.83
CA CYS B 329 40.09 10.55 -20.58
C CYS B 329 41.52 10.26 -20.19
N SER B 330 42.45 10.70 -21.03
CA SER B 330 43.86 10.64 -20.67
C SER B 330 44.47 12.01 -20.80
N PHE B 331 45.39 12.30 -19.88
CA PHE B 331 46.12 13.56 -19.79
C PHE B 331 47.58 13.19 -19.88
N LEU B 332 48.21 13.45 -21.03
CA LEU B 332 49.52 12.89 -21.34
C LEU B 332 50.50 14.01 -21.68
N ASN B 333 51.58 14.11 -20.91
CA ASN B 333 52.63 15.10 -21.20
C ASN B 333 52.10 16.53 -21.15
N ILE B 334 51.17 16.78 -20.23
CA ILE B 334 50.60 18.10 -20.00
C ILE B 334 50.29 18.21 -18.52
N THR B 335 50.05 19.43 -18.04
CA THR B 335 49.57 19.68 -16.67
C THR B 335 48.12 20.11 -16.72
N PHE B 336 47.34 19.69 -15.72
CA PHE B 336 45.97 20.20 -15.53
C PHE B 336 46.04 21.21 -14.38
N PHE B 337 45.97 22.51 -14.69
CA PHE B 337 45.96 23.57 -13.72
C PHE B 337 44.54 23.95 -13.34
N VAL B 338 44.30 24.19 -12.05
CA VAL B 338 43.03 24.75 -11.55
C VAL B 338 43.39 25.92 -10.67
N ASP B 339 43.03 27.12 -11.10
CA ASP B 339 43.33 28.31 -10.30
C ASP B 339 42.11 29.19 -10.12
N SER B 340 40.91 28.62 -10.28
CA SER B 340 39.67 29.35 -10.08
C SER B 340 39.65 30.03 -8.72
N ALA B 341 39.08 31.24 -8.66
CA ALA B 341 39.00 31.90 -7.36
C ALA B 341 38.19 31.08 -6.35
N SER B 342 37.11 30.44 -6.79
CA SER B 342 36.38 29.56 -5.88
C SER B 342 35.47 28.63 -6.66
N SER B 343 35.15 27.50 -6.01
CA SER B 343 34.03 26.63 -6.44
C SER B 343 34.25 25.96 -7.80
N ALA B 344 35.49 25.64 -8.15
CA ALA B 344 35.71 24.68 -9.23
C ALA B 344 35.50 23.27 -8.69
N THR B 345 34.86 22.41 -9.48
CA THR B 345 34.75 21.00 -9.13
C THR B 345 35.10 20.21 -10.37
N VAL B 346 36.20 19.45 -10.35
CA VAL B 346 36.60 18.62 -11.49
C VAL B 346 36.54 17.17 -11.04
N THR B 347 35.86 16.32 -11.79
CA THR B 347 35.80 14.90 -11.47
C THR B 347 36.40 14.11 -12.63
N CYS B 348 37.41 13.32 -12.36
CA CYS B 348 38.06 12.44 -13.36
C CYS B 348 37.75 11.01 -12.97
N ASN B 349 36.88 10.37 -13.71
CA ASN B 349 36.48 9.01 -13.45
C ASN B 349 37.16 8.09 -14.45
N GLY B 350 38.02 7.20 -13.99
CA GLY B 350 38.62 6.23 -14.87
C GLY B 350 39.57 6.85 -15.88
N CYS B 351 40.31 7.89 -15.48
CA CYS B 351 41.24 8.58 -16.36
C CYS B 351 42.67 8.15 -16.08
N ASN B 352 43.56 8.42 -17.01
CA ASN B 352 45.00 8.20 -16.84
C ASN B 352 45.72 9.52 -16.88
N PHE B 353 46.75 9.65 -16.02
CA PHE B 353 47.68 10.79 -16.01
C PHE B 353 49.07 10.19 -16.16
N GLU B 354 49.81 10.62 -17.18
CA GLU B 354 51.09 9.97 -17.45
C GLU B 354 51.98 10.90 -18.25
N ASN B 355 53.29 10.55 -18.23
CA ASN B 355 54.35 11.28 -18.93
C ASN B 355 55.01 10.40 -20.01
N PRO B 356 54.25 9.78 -20.93
CA PRO B 356 54.89 8.81 -21.85
C PRO B 356 55.90 9.44 -22.78
N GLY B 357 57.12 8.94 -22.71
CA GLY B 357 58.20 9.41 -23.57
C GLY B 357 58.76 10.76 -23.19
N SER B 358 58.43 11.30 -22.02
CA SER B 358 58.83 12.66 -21.67
C SER B 358 59.83 12.64 -20.53
N ALA B 359 60.82 13.53 -20.61
CA ALA B 359 61.72 13.77 -19.50
C ALA B 359 61.29 14.92 -18.61
N SER B 360 60.16 15.56 -18.89
CA SER B 360 59.74 16.75 -18.17
C SER B 360 59.35 16.43 -16.72
N THR B 361 59.70 17.34 -15.81
CA THR B 361 59.26 17.22 -14.43
C THR B 361 57.96 17.95 -14.15
N ARG B 362 57.21 18.33 -15.19
CA ARG B 362 55.95 19.05 -14.98
C ARG B 362 54.99 18.29 -14.07
N ARG B 363 54.16 19.04 -13.36
CA ARG B 363 53.13 18.40 -12.55
C ARG B 363 52.05 17.80 -13.44
N TYR B 364 51.34 16.80 -12.90
CA TYR B 364 50.14 16.29 -13.57
C TYR B 364 48.92 17.12 -13.21
N VAL B 365 48.75 17.47 -11.93
CA VAL B 365 47.60 18.22 -11.47
C VAL B 365 48.10 19.29 -10.53
N ASP B 366 47.75 20.54 -10.76
CA ASP B 366 48.22 21.65 -9.96
C ASP B 366 47.00 22.50 -9.61
N ILE B 367 46.43 22.29 -8.42
CA ILE B 367 45.32 23.09 -7.93
C ILE B 367 46.01 24.18 -7.12
N SER B 368 46.14 25.37 -7.71
CA SER B 368 47.20 26.28 -7.29
C SER B 368 46.70 27.53 -6.61
N ALA B 369 45.40 27.81 -6.61
CA ALA B 369 44.90 29.05 -6.06
C ALA B 369 43.45 28.89 -5.68
N GLY B 370 42.91 29.94 -5.04
CA GLY B 370 41.51 29.97 -4.74
C GLY B 370 41.13 29.17 -3.50
N HIS B 371 39.84 29.02 -3.28
CA HIS B 371 39.34 28.24 -2.18
C HIS B 371 38.13 27.44 -2.65
N THR B 372 37.83 26.36 -1.91
CA THR B 372 36.63 25.58 -2.21
C THR B 372 36.70 24.96 -3.60
N ASN B 373 37.90 24.66 -4.06
CA ASN B 373 38.10 23.94 -5.33
C ASN B 373 38.33 22.47 -5.00
N VAL B 374 37.68 21.59 -5.76
CA VAL B 374 37.69 20.15 -5.49
C VAL B 374 38.10 19.44 -6.75
N PHE B 375 39.04 18.51 -6.64
CA PHE B 375 39.49 17.70 -7.78
C PHE B 375 39.41 16.23 -7.36
N ASN B 376 38.63 15.43 -8.05
CA ASN B 376 38.46 14.03 -7.74
C ASN B 376 39.15 13.17 -8.77
N ILE B 377 39.93 12.17 -8.32
CA ILE B 377 40.50 11.15 -9.19
C ILE B 377 39.91 9.84 -8.70
N ILE B 378 38.98 9.26 -9.46
CA ILE B 378 38.22 8.08 -9.06
C ILE B 378 38.56 6.96 -10.03
N GLY B 379 39.26 5.92 -9.56
CA GLY B 379 39.68 4.83 -10.45
C GLY B 379 40.69 5.36 -11.46
N GLY B 380 40.85 4.59 -12.53
CA GLY B 380 41.89 4.98 -13.48
C GLY B 380 43.28 4.71 -12.95
N SER B 381 44.23 5.53 -13.39
CA SER B 381 45.64 5.28 -13.12
C SER B 381 46.44 6.56 -13.14
N ILE B 382 47.54 6.53 -12.41
CA ILE B 382 48.56 7.58 -12.38
C ILE B 382 49.87 6.86 -12.61
N VAL B 383 50.55 7.15 -13.72
CA VAL B 383 51.72 6.40 -14.17
C VAL B 383 52.89 7.37 -14.28
N THR B 384 54.04 6.99 -13.73
CA THR B 384 55.21 7.87 -13.65
C THR B 384 56.43 7.16 -14.25
N ASN B 385 56.61 7.29 -15.56
CA ASN B 385 57.78 6.71 -16.19
C ASN B 385 59.03 7.45 -15.73
N SER B 386 60.14 6.74 -15.72
CA SER B 386 61.37 7.33 -15.19
C SER B 386 61.79 8.59 -15.96
N ASN B 387 62.38 9.52 -15.22
CA ASN B 387 63.01 10.68 -15.82
C ASN B 387 64.29 10.97 -15.00
N PRO B 388 65.06 12.01 -15.35
CA PRO B 388 66.34 12.24 -14.64
C PRO B 388 66.20 12.56 -13.14
N GLY B 389 64.99 12.84 -12.66
CA GLY B 389 64.78 13.11 -11.25
C GLY B 389 63.54 13.94 -11.11
N GLN B 390 62.53 13.42 -10.41
CA GLN B 390 61.25 14.12 -10.27
C GLN B 390 61.36 15.02 -9.04
N THR B 391 61.74 16.29 -9.28
CA THR B 391 62.16 17.20 -8.22
C THR B 391 61.02 18.06 -7.67
N GLN B 392 59.80 17.84 -8.12
CA GLN B 392 58.63 18.49 -7.52
C GLN B 392 57.49 17.49 -7.49
N ALA B 393 56.52 17.75 -6.61
CA ALA B 393 55.35 16.86 -6.54
C ALA B 393 54.54 16.88 -7.84
N LEU B 394 54.07 15.68 -8.24
CA LEU B 394 53.27 15.61 -9.47
C LEU B 394 51.82 16.01 -9.25
N LEU B 395 51.36 15.98 -8.00
CA LEU B 395 50.04 16.48 -7.64
C LEU B 395 50.26 17.55 -6.58
N TYR B 396 49.51 18.64 -6.68
CA TYR B 396 49.63 19.76 -5.76
C TYR B 396 48.23 20.29 -5.48
N VAL B 397 47.94 20.52 -4.21
CA VAL B 397 46.66 21.08 -3.81
C VAL B 397 46.89 22.21 -2.80
N SER B 398 46.52 23.43 -3.18
CA SER B 398 46.82 24.60 -2.35
C SER B 398 45.81 24.79 -1.21
N THR B 399 46.14 25.75 -0.33
CA THR B 399 45.36 25.94 0.88
CA THR B 399 45.35 25.99 0.89
C THR B 399 43.88 26.14 0.54
N ASP B 400 43.03 25.56 1.36
CA ASP B 400 41.57 25.70 1.29
C ASP B 400 40.96 24.88 0.17
N ASN B 401 41.73 24.07 -0.55
CA ASN B 401 41.22 23.23 -1.64
C ASN B 401 41.35 21.76 -1.28
N LEU B 402 40.79 20.88 -2.09
CA LEU B 402 40.66 19.47 -1.75
C LEU B 402 40.96 18.61 -2.97
N LEU B 403 41.81 17.59 -2.80
CA LEU B 403 42.14 16.59 -3.81
C LEU B 403 41.73 15.23 -3.26
N ASN B 404 40.74 14.59 -3.88
CA ASN B 404 40.21 13.30 -3.42
C ASN B 404 40.71 12.20 -4.34
N LEU B 405 41.29 11.16 -3.75
CA LEU B 405 41.74 9.98 -4.49
C LEU B 405 40.88 8.80 -4.07
N VAL B 406 40.26 8.13 -5.03
CA VAL B 406 39.33 7.03 -4.73
C VAL B 406 39.69 5.85 -5.62
N GLY B 407 40.03 4.72 -5.02
CA GLY B 407 40.16 3.50 -5.81
C GLY B 407 41.26 3.53 -6.86
N VAL B 408 42.34 4.20 -6.57
CA VAL B 408 43.44 4.37 -7.52
C VAL B 408 44.74 4.02 -6.80
N THR B 409 45.70 3.48 -7.54
CA THR B 409 46.98 3.11 -6.97
C THR B 409 47.97 4.27 -7.08
N ALA B 410 48.58 4.62 -5.97
CA ALA B 410 49.61 5.64 -5.98
C ALA B 410 50.91 5.04 -6.49
N PRO B 411 51.51 5.58 -7.55
CA PRO B 411 52.74 4.98 -8.09
C PRO B 411 53.96 5.35 -7.27
N TYR B 412 55.02 4.60 -7.47
CA TYR B 412 56.31 4.98 -6.90
C TYR B 412 57.41 4.70 -7.91
N GLY B 413 58.46 5.54 -7.89
CA GLY B 413 59.62 5.30 -8.72
C GLY B 413 60.88 5.77 -8.02
N GLY B 414 62.00 5.13 -8.35
CA GLY B 414 63.27 5.46 -7.73
C GLY B 414 63.81 6.82 -8.11
N HIS B 415 63.29 7.42 -9.19
CA HIS B 415 63.69 8.76 -9.60
C HIS B 415 62.94 9.84 -8.81
N TYR B 416 62.05 9.47 -7.87
CA TYR B 416 61.29 10.47 -7.11
C TYR B 416 62.23 11.25 -6.20
N GLN B 417 62.17 12.58 -6.30
CA GLN B 417 63.03 13.49 -5.55
C GLN B 417 62.21 14.69 -5.10
N GLN B 418 60.94 14.46 -4.68
CA GLN B 418 60.04 15.56 -4.35
C GLN B 418 60.54 16.41 -3.21
N GLU B 419 61.42 15.86 -2.36
CA GLU B 419 61.97 16.64 -1.27
C GLU B 419 62.72 17.89 -1.76
N GLN B 420 63.17 17.92 -3.02
CA GLN B 420 63.78 19.15 -3.50
C GLN B 420 62.81 20.31 -3.49
N GLU B 421 61.52 20.05 -3.71
CA GLU B 421 60.50 21.09 -3.57
C GLU B 421 59.99 21.20 -2.13
N LEU B 422 59.57 20.06 -1.57
CA LEU B 422 58.78 20.08 -0.33
C LEU B 422 59.64 20.20 0.90
N GLY B 423 60.90 19.80 0.81
CA GLY B 423 61.71 19.62 1.99
C GLY B 423 61.72 18.21 2.52
N TYR B 424 60.79 17.38 2.06
CA TYR B 424 60.62 16.02 2.57
C TYR B 424 59.98 15.18 1.46
N HIS B 425 60.03 13.86 1.63
CA HIS B 425 59.71 12.91 0.56
C HIS B 425 58.24 12.49 0.66
N ALA B 426 57.39 13.10 -0.16
CA ALA B 426 55.96 12.75 -0.23
C ALA B 426 55.51 12.98 -1.66
N PHE B 427 54.36 12.40 -2.00
CA PHE B 427 53.89 12.40 -3.38
C PHE B 427 53.17 13.69 -3.77
N ILE B 428 52.49 14.32 -2.82
CA ILE B 428 51.60 15.45 -3.08
C ILE B 428 52.06 16.67 -2.29
N GLY B 429 52.07 17.82 -2.94
CA GLY B 429 52.45 19.06 -2.29
C GLY B 429 51.25 19.96 -1.98
N GLY B 430 51.53 21.05 -1.29
CA GLY B 430 50.52 22.08 -1.06
C GLY B 430 49.86 21.95 0.30
N ALA B 431 49.31 23.06 0.75
CA ALA B 431 48.71 23.17 2.07
C ALA B 431 47.22 22.90 2.09
N GLY B 432 46.66 22.37 0.99
CA GLY B 432 45.28 21.91 0.96
C GLY B 432 45.10 20.58 1.68
N THR B 433 44.02 19.91 1.36
CA THR B 433 43.64 18.66 2.01
C THR B 433 43.58 17.57 0.95
N VAL B 434 44.00 16.37 1.33
CA VAL B 434 43.86 15.18 0.49
C VAL B 434 43.01 14.17 1.25
N THR B 435 42.12 13.48 0.55
CA THR B 435 41.48 12.31 1.14
C THR B 435 41.77 11.11 0.27
N THR B 436 41.70 9.95 0.93
CA THR B 436 41.91 8.67 0.27
C THR B 436 40.74 7.79 0.64
N SER B 437 40.27 7.04 -0.33
CA SER B 437 39.28 6.01 -0.09
C SER B 437 39.66 4.87 -1.02
N GLY B 438 39.97 3.69 -0.50
CA GLY B 438 40.31 2.58 -1.38
C GLY B 438 41.58 2.78 -2.19
N VAL B 439 42.51 3.56 -1.67
CA VAL B 439 43.78 3.79 -2.37
C VAL B 439 44.75 2.66 -2.06
N MET B 440 45.45 2.19 -3.09
CA MET B 440 46.47 1.17 -2.98
C MET B 440 47.85 1.84 -3.03
N LEU B 441 48.73 1.47 -2.11
CA LEU B 441 50.14 1.82 -2.20
C LEU B 441 50.88 0.67 -2.86
N GLN B 442 52.02 0.99 -3.50
CA GLN B 442 52.83 -0.04 -4.16
C GLN B 442 53.83 -0.58 -3.15
N LEU B 443 53.31 -1.42 -2.24
CA LEU B 443 54.10 -1.93 -1.12
C LEU B 443 55.19 -2.90 -1.52
N ARG B 444 55.13 -3.47 -2.73
CA ARG B 444 56.16 -4.38 -3.19
C ARG B 444 57.07 -3.74 -4.23
N ASN B 445 56.95 -2.45 -4.43
CA ASN B 445 57.79 -1.76 -5.41
C ASN B 445 59.23 -1.76 -4.92
N GLY B 446 60.13 -2.30 -5.76
CA GLY B 446 61.50 -2.48 -5.33
C GLY B 446 62.23 -1.18 -5.07
N ALA B 447 61.73 -0.07 -5.63
CA ALA B 447 62.34 1.22 -5.37
C ALA B 447 61.88 1.87 -4.06
N GLY B 448 60.74 1.45 -3.53
CA GLY B 448 60.23 1.99 -2.29
C GLY B 448 58.77 2.34 -2.40
N THR B 449 58.33 3.14 -1.41
CA THR B 449 56.98 3.67 -1.30
C THR B 449 57.13 4.96 -0.51
N CYS B 450 56.25 5.93 -0.73
CA CYS B 450 56.29 7.15 0.08
C CYS B 450 54.91 7.51 0.60
N PRO B 451 54.86 8.34 1.66
CA PRO B 451 53.55 8.86 2.07
C PRO B 451 53.02 9.81 1.00
N LEU B 452 51.70 10.01 1.05
CA LEU B 452 51.04 10.83 0.06
C LEU B 452 51.03 12.32 0.41
N HIS B 453 50.69 12.70 1.63
CA HIS B 453 50.48 14.13 1.87
C HIS B 453 50.55 14.44 3.36
N SER B 454 50.96 15.67 3.66
CA SER B 454 51.00 16.17 5.03
C SER B 454 49.65 16.07 5.73
N SER B 455 48.54 16.29 5.00
CA SER B 455 47.25 16.37 5.69
C SER B 455 46.79 15.01 6.18
N LEU B 456 47.43 13.93 5.73
CA LEU B 456 47.15 12.57 6.18
C LEU B 456 48.09 12.14 7.30
N SER B 457 48.90 13.05 7.87
CA SER B 457 49.85 12.67 8.91
C SER B 457 49.20 11.88 10.03
N THR B 458 49.78 10.72 10.34
CA THR B 458 49.34 9.90 11.47
C THR B 458 49.70 10.57 12.80
N PHE B 459 50.89 11.14 12.91
CA PHE B 459 51.42 11.63 14.16
C PHE B 459 51.25 13.13 14.28
N SER B 460 51.02 13.57 15.51
CA SER B 460 50.89 14.99 15.79
C SER B 460 52.27 15.64 15.90
N ASN B 461 52.34 16.93 15.54
CA ASN B 461 53.61 17.67 15.58
C ASN B 461 54.65 16.98 14.71
N TRP B 462 54.19 16.43 13.58
CA TRP B 462 55.02 15.58 12.72
C TRP B 462 56.18 16.37 12.12
N ASN B 463 55.99 17.67 11.92
CA ASN B 463 56.97 18.55 11.28
C ASN B 463 57.56 19.54 12.29
N PHE B 464 57.33 19.32 13.59
CA PHE B 464 57.76 20.25 14.64
C PHE B 464 57.14 21.62 14.47
N GLY B 465 56.01 21.67 13.76
CA GLY B 465 55.27 22.91 13.53
C GLY B 465 54.61 23.50 14.78
N TYR B 466 54.52 22.75 15.87
CA TYR B 466 54.09 23.31 17.14
C TYR B 466 55.09 24.36 17.64
N GLY B 467 56.34 24.34 17.15
CA GLY B 467 57.34 25.22 17.70
C GLY B 467 58.02 24.70 18.94
N ASN B 468 57.90 23.39 19.20
CA ASN B 468 58.45 22.73 20.36
C ASN B 468 58.41 21.23 20.06
N LEU B 469 58.74 20.38 21.05
CA LEU B 469 58.77 18.93 20.89
C LEU B 469 57.53 18.28 21.49
N ASN B 470 56.46 19.05 21.71
CA ASN B 470 55.29 18.46 22.32
C ASN B 470 54.70 17.37 21.42
N ALA B 471 53.95 16.46 22.06
CA ALA B 471 53.32 15.28 21.48
C ALA B 471 54.28 14.11 21.34
N TRP B 472 55.59 14.35 21.48
CA TRP B 472 56.59 13.28 21.42
C TRP B 472 57.07 12.98 22.83
N THR B 473 57.26 11.71 23.13
CA THR B 473 57.84 11.31 24.40
C THR B 473 59.35 11.17 24.18
N VAL B 474 60.12 11.92 24.95
CA VAL B 474 61.57 11.96 24.77
C VAL B 474 62.19 11.23 25.94
N ASP B 475 62.57 9.95 25.74
CA ASP B 475 63.07 9.11 26.83
C ASP B 475 64.60 9.05 26.73
N LYS B 476 65.27 9.81 27.59
CA LYS B 476 66.73 9.83 27.63
C LYS B 476 67.31 8.67 28.41
N GLY B 477 66.47 7.84 29.03
CA GLY B 477 67.01 6.73 29.83
C GLY B 477 67.84 7.29 30.97
N THR B 478 69.01 6.69 31.18
CA THR B 478 69.88 7.19 32.24
C THR B 478 70.74 8.36 31.78
N GLY B 479 70.59 8.82 30.55
CA GLY B 479 71.48 9.81 29.97
C GLY B 479 71.13 11.21 30.41
N THR B 480 71.54 11.56 31.63
CA THR B 480 71.20 12.85 32.22
C THR B 480 71.78 14.01 31.43
N SER B 481 72.90 13.82 30.75
CA SER B 481 73.48 14.92 29.99
C SER B 481 73.16 14.86 28.50
N SER B 482 72.29 13.94 28.06
CA SER B 482 71.90 13.89 26.66
C SER B 482 71.15 15.15 26.28
N VAL B 483 71.40 15.63 25.06
CA VAL B 483 70.76 16.84 24.56
C VAL B 483 69.64 16.46 23.59
N VAL B 484 68.44 16.95 23.85
CA VAL B 484 67.35 16.86 22.89
C VAL B 484 66.69 18.22 22.84
N GLU B 485 66.64 18.83 21.66
CA GLU B 485 66.16 20.22 21.59
C GLU B 485 65.43 20.48 20.29
N TYR B 486 64.41 21.35 20.38
CA TYR B 486 63.82 21.97 19.21
C TYR B 486 64.72 23.09 18.71
N LEU B 487 64.96 23.13 17.41
CA LEU B 487 65.71 24.20 16.77
C LEU B 487 64.85 24.84 15.69
N ALA B 488 64.65 26.15 15.81
CA ALA B 488 63.84 26.87 14.83
C ALA B 488 64.62 27.07 13.54
N ASN B 489 63.91 27.00 12.41
CA ASN B 489 64.50 27.28 11.09
C ASN B 489 65.73 26.42 10.80
N ALA B 490 65.68 25.16 11.24
CA ALA B 490 66.85 24.30 11.22
C ALA B 490 66.63 23.02 10.43
N GLY B 491 65.48 22.88 9.78
CA GLY B 491 65.25 21.73 8.94
C GLY B 491 65.84 21.92 7.57
N PRO B 492 65.44 21.02 6.65
CA PRO B 492 66.01 20.99 5.28
C PRO B 492 65.94 22.31 4.52
N LYS B 493 64.86 23.09 4.62
CA LYS B 493 64.68 24.35 3.90
C LYS B 493 65.10 25.57 4.71
N GLY B 494 65.44 25.40 5.98
CA GLY B 494 65.75 26.55 6.81
C GLY B 494 64.55 27.36 7.21
N THR B 495 63.35 26.83 7.02
CA THR B 495 62.11 27.54 7.33
C THR B 495 61.24 26.78 8.29
N GLU B 496 61.68 25.61 8.74
CA GLU B 496 60.88 24.72 9.56
C GLU B 496 61.70 24.29 10.77
N GLY B 497 61.00 23.77 11.77
CA GLY B 497 61.68 23.29 12.96
C GLY B 497 62.38 21.96 12.71
N ALA B 498 63.34 21.65 13.57
CA ALA B 498 63.95 20.32 13.59
C ALA B 498 64.19 19.92 15.04
N MET B 499 64.30 18.63 15.29
CA MET B 499 64.64 18.11 16.60
C MET B 499 66.07 17.59 16.54
N ARG B 500 66.96 18.14 17.34
CA ARG B 500 68.33 17.64 17.44
C ARG B 500 68.42 16.71 18.64
N VAL B 501 68.99 15.54 18.42
CA VAL B 501 69.19 14.53 19.44
C VAL B 501 70.68 14.21 19.47
N ALA B 502 71.32 14.44 20.62
CA ALA B 502 72.76 14.19 20.79
C ALA B 502 72.97 13.51 22.13
N PRO B 503 72.78 12.19 22.17
CA PRO B 503 72.81 11.48 23.46
C PRO B 503 74.23 11.28 23.96
N VAL B 504 74.34 11.20 25.28
CA VAL B 504 75.61 10.99 25.97
C VAL B 504 75.49 9.72 26.80
N SER B 505 76.42 8.79 26.60
CA SER B 505 76.60 7.53 27.37
C SER B 505 75.63 6.42 26.96
N VAL B 506 74.34 6.75 26.83
CA VAL B 506 73.30 5.79 26.45
C VAL B 506 72.40 6.47 25.42
N GLY B 507 71.72 5.67 24.63
CA GLY B 507 70.88 6.22 23.56
C GLY B 507 69.63 6.89 24.10
N THR B 508 68.99 7.70 23.24
CA THR B 508 67.72 8.35 23.53
C THR B 508 66.67 7.79 22.58
N ASN B 509 65.46 7.56 23.08
CA ASN B 509 64.35 7.05 22.28
C ASN B 509 63.21 8.05 22.31
N VAL B 510 62.78 8.51 21.14
CA VAL B 510 61.68 9.47 21.00
C VAL B 510 60.53 8.73 20.34
N SER B 511 59.35 8.77 20.97
CA SER B 511 58.25 7.93 20.48
C SER B 511 56.91 8.66 20.50
N GLN B 512 55.96 8.09 19.77
CA GLN B 512 54.58 8.54 19.80
C GLN B 512 53.67 7.38 19.42
N VAL B 513 52.48 7.32 20.00
CA VAL B 513 51.51 6.25 19.75
C VAL B 513 50.19 6.88 19.34
N GLN B 514 49.54 6.31 18.32
CA GLN B 514 48.23 6.79 17.88
C GLN B 514 47.31 5.63 17.55
N ALA B 515 46.01 5.91 17.55
CA ALA B 515 45.02 4.89 17.18
C ALA B 515 45.03 4.64 15.68
N VAL B 516 44.89 3.37 15.30
CA VAL B 516 44.71 2.92 13.92
C VAL B 516 43.69 1.77 13.95
N THR B 517 43.31 1.31 12.76
CA THR B 517 42.46 0.11 12.67
C THR B 517 42.71 -0.55 11.33
N ASN B 518 42.41 -1.85 11.27
CA ASN B 518 42.34 -2.49 9.96
C ASN B 518 41.02 -2.12 9.30
N PRO B 519 40.97 -2.16 7.96
CA PRO B 519 42.05 -2.45 7.00
C PRO B 519 42.86 -1.20 6.71
N GLY B 520 44.11 -1.36 6.30
CA GLY B 520 44.89 -0.20 5.93
C GLY B 520 46.26 -0.58 5.44
N MET B 521 46.92 0.39 4.83
CA MET B 521 48.30 0.25 4.34
CA MET B 521 48.33 0.19 4.58
C MET B 521 49.03 1.51 4.77
N PHE B 522 50.35 1.43 4.97
CA PHE B 522 51.05 2.60 5.47
C PHE B 522 52.41 2.76 4.80
N SER B 523 52.86 4.01 4.79
CA SER B 523 54.23 4.36 4.40
C SER B 523 54.67 5.57 5.19
N MET B 524 55.90 5.57 5.67
CA MET B 524 56.46 6.70 6.38
C MET B 524 57.78 7.12 5.75
N SER B 525 58.00 8.42 5.67
CA SER B 525 59.32 8.95 5.36
C SER B 525 59.73 9.92 6.44
N CYS B 526 61.03 10.09 6.58
CA CYS B 526 61.64 10.98 7.57
CA CYS B 526 61.48 11.16 7.44
C CYS B 526 62.77 11.73 6.88
N MET B 527 63.07 12.94 7.31
CA MET B 527 64.28 13.62 6.90
C MET B 527 65.25 13.60 8.07
N VAL B 528 66.48 13.17 7.80
CA VAL B 528 67.45 12.99 8.86
C VAL B 528 68.75 13.66 8.40
N ASN B 529 69.45 14.32 9.32
CA ASN B 529 70.77 14.87 9.04
C ASN B 529 71.71 14.47 10.16
N ILE B 530 72.54 13.45 9.91
CA ILE B 530 73.56 13.05 10.87
C ILE B 530 74.72 14.01 10.78
N ALA B 531 75.04 14.68 11.89
CA ALA B 531 76.24 15.52 11.94
C ALA B 531 77.48 14.68 12.20
N THR B 532 77.42 13.77 13.16
CA THR B 532 78.52 12.90 13.51
C THR B 532 77.92 11.66 14.17
N THR B 533 78.62 10.52 14.04
CA THR B 533 78.15 9.30 14.68
C THR B 533 79.29 8.29 14.76
N PRO B 534 79.34 7.47 15.82
CA PRO B 534 80.42 6.46 15.92
C PRO B 534 80.14 5.11 15.25
N GLY B 535 79.23 5.10 14.32
CA GLY B 535 78.71 3.88 13.73
C GLY B 535 77.26 4.15 13.39
N ASN B 536 76.51 3.10 13.10
CA ASN B 536 75.11 3.30 12.74
C ASN B 536 74.44 4.23 13.75
N ALA B 537 73.82 5.31 13.25
CA ALA B 537 73.40 6.38 14.18
C ALA B 537 72.14 6.03 14.94
N GLY B 538 71.39 5.04 14.50
CA GLY B 538 70.17 4.68 15.20
C GLY B 538 69.18 4.06 14.24
N GLN B 539 67.92 4.05 14.65
CA GLN B 539 66.89 3.34 13.90
C GLN B 539 65.56 4.02 14.09
N VAL B 540 64.73 4.01 13.05
CA VAL B 540 63.31 4.41 13.17
C VAL B 540 62.48 3.14 13.04
N SER B 541 61.55 2.91 13.97
CA SER B 541 60.75 1.70 13.91
CA SER B 541 60.75 1.70 13.96
C SER B 541 59.28 2.05 14.00
N ILE B 542 58.45 1.20 13.41
CA ILE B 542 57.00 1.27 13.50
C ILE B 542 56.50 -0.10 13.93
N GLY B 543 55.64 -0.12 14.93
CA GLY B 543 55.03 -1.36 15.36
C GLY B 543 53.57 -1.12 15.71
N PHE B 544 52.82 -2.22 15.82
CA PHE B 544 51.40 -2.18 16.07
C PHE B 544 51.05 -2.93 17.34
N LEU B 545 49.97 -2.47 17.99
CA LEU B 545 49.45 -3.12 19.19
C LEU B 545 47.94 -3.25 19.05
N ASP B 546 47.35 -4.20 19.75
CA ASP B 546 45.89 -4.23 19.85
C ASP B 546 45.46 -3.31 21.00
N ALA B 547 44.16 -3.26 21.31
CA ALA B 547 43.69 -2.34 22.35
C ALA B 547 44.08 -2.80 23.76
N ALA B 548 44.45 -4.05 23.94
CA ALA B 548 44.88 -4.54 25.24
C ALA B 548 46.38 -4.38 25.45
N GLY B 549 47.11 -3.80 24.50
CA GLY B 549 48.56 -3.70 24.63
C GLY B 549 49.33 -4.90 24.16
N ASN B 550 48.71 -5.85 23.48
CA ASN B 550 49.46 -6.96 22.91
C ASN B 550 50.19 -6.46 21.68
N SER B 551 51.49 -6.74 21.59
CA SER B 551 52.28 -6.37 20.41
C SER B 551 52.02 -7.37 19.28
N LEU B 552 51.73 -6.87 18.12
CA LEU B 552 51.42 -7.71 16.99
C LEU B 552 52.64 -7.91 16.10
N PRO B 553 52.78 -9.06 15.46
CA PRO B 553 54.00 -9.33 14.70
C PRO B 553 54.01 -8.48 13.46
N GLY B 554 55.22 -8.26 12.96
CA GLY B 554 55.39 -7.59 11.68
C GLY B 554 55.96 -6.19 11.72
N GLY B 555 56.46 -5.73 12.86
CA GLY B 555 57.00 -4.40 12.95
C GLY B 555 58.09 -4.21 11.91
N VAL B 556 58.32 -2.96 11.58
CA VAL B 556 59.32 -2.62 10.59
C VAL B 556 60.33 -1.64 11.17
N SER B 557 61.49 -1.55 10.53
CA SER B 557 62.56 -0.69 11.05
C SER B 557 63.50 -0.26 9.94
N ALA B 558 64.07 0.92 10.10
CA ALA B 558 65.03 1.50 9.15
C ALA B 558 66.26 1.96 9.89
N ASN B 559 67.44 1.55 9.43
CA ASN B 559 68.67 2.05 10.03
C ASN B 559 69.00 3.44 9.52
N LEU B 560 69.61 4.26 10.38
CA LEU B 560 70.00 5.60 9.92
C LEU B 560 71.30 5.61 9.14
N GLY B 561 72.17 4.66 9.43
CA GLY B 561 73.46 4.63 8.76
C GLY B 561 74.46 5.64 9.33
N THR B 562 75.41 6.04 8.47
CA THR B 562 76.52 6.88 8.90
C THR B 562 76.79 8.03 7.94
N THR B 563 75.99 8.21 6.89
CA THR B 563 76.26 9.27 5.93
C THR B 563 75.72 10.60 6.46
N THR B 564 76.51 11.67 6.37
CA THR B 564 76.10 12.98 6.85
C THR B 564 75.29 13.73 5.80
N GLY B 565 74.56 14.76 6.27
CA GLY B 565 73.75 15.59 5.39
C GLY B 565 72.31 15.13 5.32
N TRP B 566 71.43 16.03 4.90
CA TRP B 566 70.01 15.70 4.84
C TRP B 566 69.75 14.53 3.89
N GLN B 567 69.01 13.55 4.37
CA GLN B 567 68.66 12.37 3.57
C GLN B 567 67.28 11.88 3.96
N VAL B 568 66.66 11.17 3.02
CA VAL B 568 65.35 10.55 3.22
C VAL B 568 65.53 9.15 3.82
N ILE B 569 64.85 8.89 4.92
CA ILE B 569 64.81 7.56 5.53
C ILE B 569 63.39 7.01 5.43
N GLY B 570 63.28 5.74 5.05
CA GLY B 570 62.00 5.05 5.08
C GLY B 570 61.55 4.40 3.78
N LYS B 571 62.21 4.67 2.64
CA LYS B 571 61.61 4.32 1.33
C LYS B 571 61.23 2.84 1.23
N ASN B 572 62.17 1.94 1.51
CA ASN B 572 61.90 0.51 1.34
C ASN B 572 61.65 -0.20 2.65
N THR B 573 61.63 0.55 3.74
CA THR B 573 61.66 0.00 5.08
C THR B 573 60.37 0.27 5.85
N LEU B 574 59.91 1.51 5.87
CA LEU B 574 58.83 1.89 6.77
C LEU B 574 57.51 1.86 6.00
N ARG B 575 57.05 0.64 5.70
CA ARG B 575 55.85 0.46 4.87
C ARG B 575 55.29 -0.91 5.14
N GLY B 576 54.00 -1.07 4.87
CA GLY B 576 53.39 -2.37 5.00
C GLY B 576 51.88 -2.30 5.11
N LYS B 577 51.28 -3.45 5.45
CA LYS B 577 49.85 -3.55 5.73
C LYS B 577 49.59 -3.43 7.23
N VAL B 578 48.47 -2.82 7.58
CA VAL B 578 48.05 -2.80 9.00
C VAL B 578 47.58 -4.19 9.39
N PRO B 579 48.10 -4.79 10.47
CA PRO B 579 47.64 -6.14 10.83
C PRO B 579 46.17 -6.15 11.22
N ILE B 580 45.48 -7.24 10.90
CA ILE B 580 44.09 -7.35 11.32
C ILE B 580 44.05 -7.46 12.84
N GLY B 581 43.31 -6.57 13.47
CA GLY B 581 43.26 -6.52 14.92
C GLY B 581 44.12 -5.44 15.54
N ALA B 582 44.95 -4.74 14.75
CA ALA B 582 45.69 -3.62 15.27
C ALA B 582 44.74 -2.51 15.68
N LYS B 583 45.06 -1.87 16.80
CA LYS B 583 44.32 -0.71 17.27
C LYS B 583 45.22 0.47 17.58
N GLN B 584 46.54 0.27 17.63
CA GLN B 584 47.46 1.36 17.89
C GLN B 584 48.69 1.17 17.04
N VAL B 585 49.29 2.28 16.65
CA VAL B 585 50.57 2.28 15.95
C VAL B 585 51.54 3.12 16.76
N ARG B 586 52.76 2.62 16.90
CA ARG B 586 53.78 3.29 17.70
C ARG B 586 55.02 3.50 16.85
N VAL B 587 55.50 4.74 16.76
CA VAL B 587 56.78 5.04 16.12
C VAL B 587 57.81 5.31 17.19
N ASN B 588 59.04 4.84 16.95
CA ASN B 588 60.15 5.08 17.87
C ASN B 588 61.37 5.46 17.06
N ILE B 589 62.05 6.52 17.49
CA ILE B 589 63.28 6.98 16.86
C ILE B 589 64.36 6.81 17.91
N GLN B 590 65.29 5.88 17.66
CA GLN B 590 66.40 5.63 18.55
C GLN B 590 67.64 6.29 17.97
N THR B 591 68.34 7.06 18.80
CA THR B 591 69.60 7.69 18.43
C THR B 591 70.66 7.18 19.40
N VAL B 592 71.77 6.67 18.88
CA VAL B 592 72.77 6.03 19.73
C VAL B 592 73.61 7.05 20.48
N ALA B 593 74.20 6.60 21.60
CA ALA B 593 75.15 7.43 22.33
C ALA B 593 76.29 7.88 21.42
N GLY B 594 76.62 9.16 21.52
CA GLY B 594 77.70 9.75 20.73
C GLY B 594 77.29 10.23 19.36
N ALA B 595 76.09 9.88 18.88
CA ALA B 595 75.63 10.43 17.62
C ALA B 595 74.99 11.79 17.86
N ASP B 596 74.95 12.61 16.81
CA ASP B 596 74.38 13.96 16.88
C ASP B 596 73.59 14.08 15.59
N VAL B 597 72.27 14.06 15.69
CA VAL B 597 71.39 13.91 14.53
C VAL B 597 70.26 14.93 14.62
N LYS B 598 69.90 15.53 13.48
CA LYS B 598 68.69 16.32 13.37
C LYS B 598 67.62 15.54 12.61
N TYR B 599 66.39 15.66 13.10
CA TYR B 599 65.21 15.04 12.51
C TYR B 599 64.22 16.11 12.11
N ALA B 600 63.56 15.89 10.98
CA ALA B 600 62.51 16.79 10.51
C ALA B 600 61.49 15.97 9.73
N TYR B 601 60.27 16.51 9.61
CA TYR B 601 59.26 15.96 8.70
C TYR B 601 59.07 14.45 8.88
N LEU B 602 58.60 14.06 10.06
CA LEU B 602 58.36 12.65 10.40
C LEU B 602 56.95 12.30 9.94
N LEU B 603 56.82 11.95 8.66
CA LEU B 603 55.54 11.86 7.97
C LEU B 603 55.14 10.41 7.70
N CYS B 604 54.20 9.91 8.49
CA CYS B 604 53.57 8.62 8.25
C CYS B 604 52.18 8.89 7.70
N ASN B 605 51.76 8.11 6.71
CA ASN B 605 50.36 8.08 6.28
C ASN B 605 49.87 6.64 6.38
N VAL B 606 48.70 6.47 6.99
CA VAL B 606 47.96 5.21 6.92
C VAL B 606 46.78 5.46 6.00
N VAL B 607 46.75 4.80 4.86
CA VAL B 607 45.60 4.88 3.98
C VAL B 607 44.61 3.86 4.53
N LYS B 608 43.53 4.42 5.10
CA LYS B 608 42.58 3.85 6.07
C LYS B 608 43.25 2.78 6.91
N GLU C 46 17.26 0.58 -73.63
CA GLU C 46 16.29 1.50 -73.07
C GLU C 46 16.42 1.49 -71.56
N TYR C 47 16.29 2.66 -70.95
CA TYR C 47 16.30 2.73 -69.49
C TYR C 47 15.01 3.44 -69.09
N PRO C 48 13.93 2.69 -68.85
CA PRO C 48 12.64 3.31 -68.55
C PRO C 48 12.63 4.15 -67.27
N GLN C 49 11.88 5.25 -67.31
CA GLN C 49 11.66 6.14 -66.17
C GLN C 49 10.18 6.50 -66.07
N PHE C 50 9.66 6.60 -64.84
CA PHE C 50 8.26 6.89 -64.55
C PHE C 50 8.17 8.02 -63.54
N SER C 51 7.17 8.89 -63.72
CA SER C 51 7.14 10.14 -62.97
C SER C 51 6.43 10.06 -61.61
N SER C 52 5.72 8.96 -61.30
CA SER C 52 5.02 8.85 -60.03
C SER C 52 4.81 7.39 -59.74
N MET C 53 4.61 7.06 -58.46
CA MET C 53 4.24 5.69 -58.09
C MET C 53 3.01 5.19 -58.85
N ALA C 54 1.99 6.04 -58.99
CA ALA C 54 0.78 5.59 -59.70
C ALA C 54 1.10 5.21 -61.15
N LYS C 55 1.95 5.99 -61.82
CA LYS C 55 2.30 5.68 -63.20
C LYS C 55 3.20 4.45 -63.30
N LEU C 56 4.13 4.30 -62.35
CA LEU C 56 4.93 3.07 -62.30
C LEU C 56 4.05 1.85 -62.18
N LYS C 57 3.04 1.91 -61.31
CA LYS C 57 2.19 0.76 -61.03
C LYS C 57 1.27 0.42 -62.20
N ALA C 58 0.88 1.43 -63.01
CA ALA C 58 -0.08 1.19 -64.08
C ALA C 58 0.55 0.57 -65.32
N PHE C 59 1.85 0.63 -65.47
CA PHE C 59 2.50 0.15 -66.67
C PHE C 59 2.66 -1.38 -66.65
N PRO C 60 2.50 -2.03 -67.81
CA PRO C 60 2.60 -3.52 -67.89
C PRO C 60 4.03 -4.05 -67.96
N HIS C 61 4.78 -3.91 -66.86
CA HIS C 61 6.16 -4.40 -66.79
C HIS C 61 6.19 -5.90 -66.97
N SER C 62 7.23 -6.41 -67.63
CA SER C 62 7.24 -7.85 -67.91
C SER C 62 8.61 -8.50 -67.90
N GLU C 63 9.70 -7.74 -68.00
CA GLU C 63 11.02 -8.30 -68.25
C GLU C 63 11.78 -8.50 -66.94
N ASP C 64 11.96 -9.75 -66.54
CA ASP C 64 12.67 -10.00 -65.30
C ASP C 64 14.09 -9.43 -65.35
N GLY C 65 14.46 -8.72 -64.28
CA GLY C 65 15.77 -8.13 -64.13
C GLY C 65 15.91 -6.77 -64.75
N GLN C 66 14.89 -6.29 -65.46
CA GLN C 66 14.93 -4.93 -65.93
C GLN C 66 14.94 -3.96 -64.75
N LEU C 67 15.80 -2.95 -64.83
CA LEU C 67 15.85 -1.91 -63.83
C LEU C 67 15.10 -0.70 -64.37
N VAL C 68 14.18 -0.17 -63.58
CA VAL C 68 13.26 0.90 -63.94
C VAL C 68 13.43 2.03 -62.95
N ARG C 69 13.48 3.27 -63.43
CA ARG C 69 13.66 4.41 -62.54
C ARG C 69 12.33 5.05 -62.19
N LEU C 70 12.12 5.35 -60.93
CA LEU C 70 10.99 6.12 -60.44
C LEU C 70 11.52 7.50 -60.08
N LEU C 71 10.97 8.52 -60.69
CA LEU C 71 11.47 9.87 -60.44
C LEU C 71 11.03 10.40 -59.08
N SER C 72 9.82 10.05 -58.65
CA SER C 72 9.24 10.61 -57.44
C SER C 72 8.07 9.72 -57.06
N TRP C 73 7.78 9.63 -55.76
CA TRP C 73 6.59 8.90 -55.33
C TRP C 73 5.33 9.66 -55.72
N HIS C 74 5.19 10.91 -55.24
CA HIS C 74 4.12 11.82 -55.65
C HIS C 74 4.58 12.60 -56.86
N GLU C 75 3.71 12.72 -57.86
CA GLU C 75 4.04 13.45 -59.07
C GLU C 75 4.54 14.86 -58.74
N GLY C 76 5.69 15.25 -59.30
CA GLY C 76 6.20 16.61 -59.21
C GLY C 76 6.93 16.96 -57.93
N VAL C 77 7.05 16.05 -56.97
CA VAL C 77 7.69 16.38 -55.69
C VAL C 77 9.19 16.14 -55.75
N GLY C 78 9.63 14.99 -56.25
CA GLY C 78 11.05 14.65 -56.33
C GLY C 78 11.59 13.86 -55.17
N LEU C 79 10.73 13.39 -54.28
CA LEU C 79 11.14 12.60 -53.12
C LEU C 79 10.62 11.20 -53.32
N GLY C 80 11.35 10.23 -52.76
CA GLY C 80 10.82 8.88 -52.76
C GLY C 80 11.05 8.11 -54.03
N GLY C 81 11.76 8.69 -55.00
CA GLY C 81 12.12 7.95 -56.21
C GLY C 81 13.22 6.96 -55.93
N GLY C 82 13.64 6.28 -56.98
CA GLY C 82 14.68 5.26 -56.85
C GLY C 82 14.63 4.28 -57.99
N LEU C 83 15.47 3.28 -57.90
CA LEU C 83 15.54 2.21 -58.89
C LEU C 83 14.73 1.02 -58.41
N PHE C 84 14.00 0.38 -59.34
CA PHE C 84 13.19 -0.81 -59.06
C PHE C 84 13.60 -1.91 -60.02
N LYS C 85 13.64 -3.13 -59.55
CA LYS C 85 13.97 -4.32 -60.34
C LYS C 85 12.67 -5.08 -60.61
N VAL C 86 12.39 -5.33 -61.88
CA VAL C 86 11.22 -6.15 -62.24
C VAL C 86 11.49 -7.58 -61.85
N SER C 87 10.53 -8.21 -61.16
CA SER C 87 10.65 -9.61 -60.82
C SER C 87 9.31 -10.27 -61.11
N THR C 88 9.34 -11.30 -61.95
CA THR C 88 8.11 -11.99 -62.24
C THR C 88 7.83 -13.13 -61.26
N SER C 89 8.77 -13.49 -60.39
CA SER C 89 8.56 -14.61 -59.46
C SER C 89 8.71 -14.24 -57.99
N SER C 90 8.75 -12.97 -57.65
CA SER C 90 8.87 -12.56 -56.26
C SER C 90 7.60 -12.86 -55.47
N THR C 91 7.79 -13.26 -54.21
CA THR C 91 6.70 -13.44 -53.28
C THR C 91 6.49 -12.25 -52.35
N ALA C 92 7.21 -11.15 -52.57
CA ALA C 92 7.16 -10.02 -51.63
C ALA C 92 5.79 -9.37 -51.58
N THR C 93 5.41 -8.90 -50.38
CA THR C 93 4.12 -8.24 -50.21
C THR C 93 4.12 -6.84 -50.80
N GLY C 94 3.14 -6.55 -51.65
CA GLY C 94 3.04 -5.21 -52.18
C GLY C 94 2.71 -4.22 -51.09
N ASN C 95 3.37 -3.09 -51.12
CA ASN C 95 3.14 -2.04 -50.14
C ASN C 95 3.22 -0.63 -50.72
N ASP C 96 3.31 -0.50 -52.06
CA ASP C 96 3.37 0.81 -52.72
C ASP C 96 4.52 1.64 -52.18
N GLY C 97 5.61 0.97 -51.78
CA GLY C 97 6.73 1.65 -51.19
C GLY C 97 8.04 1.02 -51.64
N THR C 98 8.35 -0.11 -51.07
CA THR C 98 9.53 -0.88 -51.47
C THR C 98 9.17 -2.08 -52.35
N VAL C 99 7.91 -2.48 -52.37
CA VAL C 99 7.42 -3.55 -53.23
C VAL C 99 6.18 -3.05 -53.94
N VAL C 100 6.18 -3.00 -55.26
CA VAL C 100 5.07 -2.48 -56.01
C VAL C 100 4.49 -3.64 -56.83
N VAL C 101 3.19 -3.88 -56.70
CA VAL C 101 2.53 -4.88 -57.54
C VAL C 101 1.87 -4.09 -58.66
N ALA C 102 2.38 -4.27 -59.88
CA ALA C 102 1.83 -3.58 -61.03
C ALA C 102 0.46 -4.14 -61.35
N SER C 103 -0.27 -3.41 -62.19
CA SER C 103 -1.64 -3.79 -62.48
C SER C 103 -1.75 -5.15 -63.14
N ASN C 104 -0.71 -5.61 -63.84
CA ASN C 104 -0.71 -6.95 -64.41
C ASN C 104 -0.21 -8.03 -63.44
N GLY C 105 0.05 -7.69 -62.18
CA GLY C 105 0.50 -8.65 -61.18
C GLY C 105 1.99 -8.78 -61.04
N VAL C 106 2.79 -8.17 -61.93
CA VAL C 106 4.24 -8.28 -61.83
C VAL C 106 4.77 -7.42 -60.69
N ARG C 107 5.73 -7.98 -59.92
CA ARG C 107 6.32 -7.22 -58.82
C ARG C 107 7.50 -6.38 -59.29
N LEU C 108 7.62 -5.20 -58.72
CA LEU C 108 8.80 -4.36 -58.86
C LEU C 108 9.37 -4.14 -57.48
N LEU C 109 10.65 -4.47 -57.31
CA LEU C 109 11.29 -4.46 -56.00
C LEU C 109 12.26 -3.28 -55.95
N ARG C 110 12.00 -2.32 -55.07
CA ARG C 110 12.90 -1.18 -54.94
C ARG C 110 14.26 -1.67 -54.51
N VAL C 111 15.29 -1.13 -55.15
CA VAL C 111 16.68 -1.42 -54.82
C VAL C 111 17.10 -0.45 -53.72
N VAL C 112 17.27 -0.98 -52.52
CA VAL C 112 17.59 -0.16 -51.35
C VAL C 112 18.95 -0.62 -50.84
N ASN C 113 19.82 0.33 -50.71
N ASN C 113 19.84 0.31 -50.53
CA ASN C 113 21.09 0.13 -50.06
CA ASN C 113 21.16 -0.15 -50.09
C ASN C 113 21.05 0.98 -48.80
C ASN C 113 21.42 -0.05 -48.59
N GLY C 114 21.04 0.32 -47.66
N GLY C 114 20.89 0.97 -47.90
CA GLY C 114 20.98 1.08 -46.44
C GLY C 114 19.59 1.13 -45.88
N PRO C 115 19.28 2.17 -45.10
CA PRO C 115 18.01 2.23 -44.41
C PRO C 115 16.83 2.44 -45.35
N ILE C 116 15.66 2.09 -44.87
CA ILE C 116 14.41 2.48 -45.51
C ILE C 116 14.15 3.95 -45.18
N TRP C 117 13.55 4.71 -46.08
CA TRP C 117 13.17 6.08 -45.79
C TRP C 117 11.67 6.22 -45.90
N ALA C 118 11.07 7.03 -45.01
CA ALA C 118 9.60 7.16 -45.01
C ALA C 118 9.06 7.72 -46.31
N ASP C 119 9.82 8.60 -46.98
CA ASP C 119 9.36 9.14 -48.26
C ASP C 119 9.22 8.06 -49.34
N MET C 120 9.83 6.88 -49.14
CA MET C 120 9.65 5.78 -50.10
C MET C 120 8.21 5.26 -50.07
N PHE C 121 7.45 5.57 -49.00
CA PHE C 121 6.07 5.15 -48.81
C PHE C 121 5.12 6.32 -48.98
N GLY C 122 5.61 7.42 -49.54
CA GLY C 122 4.75 8.56 -49.79
C GLY C 122 4.68 9.59 -48.68
N ALA C 123 5.47 9.45 -47.62
CA ALA C 123 5.52 10.53 -46.63
C ALA C 123 6.05 11.80 -47.29
N LEU C 124 5.55 12.94 -46.85
CA LEU C 124 5.97 14.25 -47.35
C LEU C 124 6.40 15.15 -46.21
N PRO C 125 7.45 15.93 -46.39
CA PRO C 125 7.93 16.85 -45.37
C PRO C 125 7.06 18.09 -45.31
N ASN C 126 6.90 18.64 -44.11
CA ASN C 126 6.24 19.93 -43.93
C ASN C 126 4.83 19.94 -44.51
N SER C 127 4.12 18.83 -44.32
CA SER C 127 2.77 18.65 -44.84
C SER C 127 1.76 18.83 -43.72
N ASP C 128 0.57 19.30 -44.09
CA ASP C 128 -0.50 19.35 -43.12
C ASP C 128 -1.29 18.06 -43.01
N ILE C 129 -0.98 17.07 -43.84
CA ILE C 129 -1.62 15.78 -43.72
C ILE C 129 -0.94 14.98 -42.61
N ASP C 130 -1.73 14.20 -41.89
CA ASP C 130 -1.19 13.26 -40.89
C ASP C 130 -0.14 12.38 -41.55
N SER C 131 1.07 12.42 -41.03
CA SER C 131 2.16 11.58 -41.50
C SER C 131 2.28 10.27 -40.74
N MET C 132 1.55 10.10 -39.64
CA MET C 132 1.72 8.87 -38.87
C MET C 132 1.41 7.64 -39.70
N PRO C 133 0.36 7.60 -40.54
CA PRO C 133 0.15 6.37 -41.32
C PRO C 133 1.31 6.00 -42.24
N ALA C 134 1.88 6.97 -42.93
CA ALA C 134 2.99 6.62 -43.81
C ALA C 134 4.21 6.17 -43.03
N VAL C 135 4.50 6.84 -41.90
CA VAL C 135 5.62 6.42 -41.06
C VAL C 135 5.37 5.01 -40.52
N ALA C 136 4.13 4.74 -40.08
CA ALA C 136 3.84 3.42 -39.53
C ALA C 136 3.98 2.34 -40.59
N ALA C 137 3.52 2.60 -41.82
CA ALA C 137 3.67 1.61 -42.89
C ALA C 137 5.14 1.40 -43.25
N ALA C 138 5.89 2.50 -43.37
CA ALA C 138 7.31 2.36 -43.67
C ALA C 138 8.03 1.61 -42.56
N TYR C 139 7.67 1.89 -41.31
CA TYR C 139 8.28 1.20 -40.18
C TYR C 139 7.96 -0.27 -40.18
N ALA C 140 6.69 -0.62 -40.45
CA ALA C 140 6.38 -2.05 -40.52
C ALA C 140 7.24 -2.76 -41.54
N TYR C 141 7.45 -2.14 -42.70
CA TYR C 141 8.32 -2.81 -43.68
C TYR C 141 9.76 -2.90 -43.18
N ALA C 142 10.32 -1.77 -42.71
CA ALA C 142 11.70 -1.73 -42.22
C ALA C 142 11.91 -2.79 -41.15
N ALA C 143 11.01 -2.87 -40.16
CA ALA C 143 11.14 -3.88 -39.13
C ALA C 143 11.11 -5.27 -39.71
N SER C 144 10.22 -5.51 -40.69
CA SER C 144 10.13 -6.86 -41.26
C SER C 144 11.42 -7.30 -41.93
N VAL C 145 12.26 -6.35 -42.40
CA VAL C 145 13.51 -6.70 -43.04
C VAL C 145 14.73 -6.34 -42.16
N ASN C 146 14.52 -6.14 -40.85
CA ASN C 146 15.61 -5.90 -39.91
C ASN C 146 16.48 -4.73 -40.31
N THR C 147 15.87 -3.67 -40.82
CA THR C 147 16.54 -2.48 -41.35
C THR C 147 16.00 -1.25 -40.66
N ASP C 148 16.85 -0.29 -40.35
CA ASP C 148 16.30 0.92 -39.72
C ASP C 148 15.47 1.77 -40.69
N LEU C 149 14.59 2.59 -40.11
CA LEU C 149 13.80 3.56 -40.85
C LEU C 149 14.32 4.97 -40.61
N TYR C 150 14.59 5.72 -41.69
CA TYR C 150 14.94 7.13 -41.62
C TYR C 150 13.72 7.98 -41.93
N ILE C 151 13.55 9.06 -41.18
CA ILE C 151 12.58 10.13 -41.48
C ILE C 151 13.38 11.36 -41.87
N GLY C 152 13.22 11.82 -43.10
CA GLY C 152 14.00 12.98 -43.55
C GLY C 152 13.68 14.22 -42.74
N VAL C 153 14.73 15.00 -42.44
CA VAL C 153 14.55 16.16 -41.58
C VAL C 153 13.53 17.13 -42.16
N ALA C 154 12.55 17.49 -41.34
CA ALA C 154 11.43 18.36 -41.65
C ALA C 154 10.49 18.33 -40.46
N THR C 155 9.32 18.97 -40.58
CA THR C 155 8.27 18.86 -39.57
C THR C 155 7.19 17.88 -40.03
N TYR C 156 6.70 17.08 -39.11
CA TYR C 156 5.66 16.11 -39.37
C TYR C 156 4.57 16.25 -38.32
N LYS C 157 3.33 16.03 -38.72
CA LYS C 157 2.22 16.01 -37.78
C LYS C 157 1.78 14.57 -37.59
N PHE C 158 1.67 14.14 -36.33
CA PHE C 158 1.11 12.83 -35.99
C PHE C 158 -0.26 13.05 -35.38
N LYS C 159 -1.31 12.57 -36.04
CA LYS C 159 -2.68 12.71 -35.56
C LYS C 159 -3.25 11.34 -35.25
N GLY C 160 -4.57 11.29 -35.06
CA GLY C 160 -5.13 9.98 -34.73
C GLY C 160 -4.79 9.55 -33.32
N SER C 161 -4.88 8.23 -33.12
CA SER C 161 -4.73 7.65 -31.78
C SER C 161 -4.01 6.32 -31.81
N THR C 162 -3.29 5.99 -32.89
CA THR C 162 -2.68 4.67 -33.01
C THR C 162 -1.19 4.79 -32.70
N PRO C 163 -0.67 4.17 -31.65
CA PRO C 163 0.77 4.28 -31.33
C PRO C 163 1.61 3.55 -32.36
N ILE C 164 2.89 3.92 -32.40
CA ILE C 164 3.90 3.13 -33.08
C ILE C 164 4.69 2.36 -32.03
N ASN C 165 4.69 1.02 -32.11
CA ASN C 165 5.58 0.22 -31.27
C ASN C 165 6.85 -0.08 -32.05
N VAL C 166 7.95 0.45 -31.57
CA VAL C 166 9.26 0.19 -32.12
C VAL C 166 9.75 -1.12 -31.51
N ASP C 167 10.18 -2.05 -32.38
CA ASP C 167 10.74 -3.32 -31.95
C ASP C 167 12.25 -3.16 -32.10
N PRO C 168 12.99 -2.98 -31.01
CA PRO C 168 14.45 -2.70 -31.11
C PRO C 168 15.24 -3.90 -31.62
N SER C 169 14.64 -5.08 -31.64
CA SER C 169 15.30 -6.26 -32.20
C SER C 169 15.17 -6.31 -33.70
N ARG C 170 14.44 -5.38 -34.30
CA ARG C 170 14.22 -5.34 -35.73
C ARG C 170 14.64 -4.02 -36.37
N ALA C 171 14.25 -2.87 -35.82
CA ALA C 171 14.45 -1.61 -36.52
C ALA C 171 14.21 -0.43 -35.59
N GLY C 172 15.05 0.60 -35.73
CA GLY C 172 14.80 1.87 -35.08
C GLY C 172 14.24 2.91 -36.05
N ILE C 173 13.86 4.05 -35.48
CA ILE C 173 13.38 5.21 -36.24
C ILE C 173 14.34 6.36 -36.00
N ILE C 174 14.93 6.87 -37.07
CA ILE C 174 16.02 7.84 -37.00
C ILE C 174 15.64 9.09 -37.78
N GLY C 175 15.60 10.23 -37.11
CA GLY C 175 15.41 11.48 -37.82
C GLY C 175 16.71 11.87 -38.47
N TYR C 176 16.72 12.08 -39.79
CA TYR C 176 17.95 12.15 -40.56
C TYR C 176 17.95 13.35 -41.49
N GLN C 177 18.80 14.36 -41.24
CA GLN C 177 19.55 14.55 -40.01
C GLN C 177 19.55 16.04 -39.72
N GLY C 178 19.15 16.36 -38.53
CA GLY C 178 18.99 17.74 -38.15
C GLY C 178 17.88 17.85 -37.11
N LYS C 179 17.15 18.95 -37.11
CA LYS C 179 16.17 19.15 -36.04
C LYS C 179 14.80 18.65 -36.50
N VAL C 180 14.61 17.32 -36.41
CA VAL C 180 13.38 16.70 -36.92
C VAL C 180 12.26 16.90 -35.90
N ARG C 181 11.12 17.45 -36.33
CA ARG C 181 10.09 17.91 -35.42
C ARG C 181 8.85 17.05 -35.63
N ILE C 182 8.41 16.35 -34.58
CA ILE C 182 7.26 15.45 -34.63
C ILE C 182 6.18 16.06 -33.73
N ASP C 183 5.25 16.78 -34.37
CA ASP C 183 4.20 17.50 -33.67
C ASP C 183 3.05 16.53 -33.41
N CYS C 184 2.89 16.17 -32.13
CA CYS C 184 1.85 15.26 -31.67
C CYS C 184 0.77 15.99 -30.92
N SER C 185 0.64 17.28 -31.13
CA SER C 185 -0.33 18.08 -30.37
C SER C 185 -1.77 17.67 -30.64
N GLU C 186 -2.07 17.02 -31.77
CA GLU C 186 -3.42 16.56 -32.07
C GLU C 186 -3.61 15.06 -31.88
N PHE C 187 -2.58 14.35 -31.45
CA PHE C 187 -2.67 12.91 -31.21
C PHE C 187 -3.43 12.67 -29.92
N THR C 188 -4.33 11.68 -29.93
CA THR C 188 -5.18 11.45 -28.77
C THR C 188 -5.06 10.05 -28.19
N GLY C 189 -4.14 9.26 -28.66
CA GLY C 189 -3.94 7.94 -28.11
C GLY C 189 -3.20 7.97 -26.78
N SER C 190 -3.14 6.80 -26.15
CA SER C 190 -2.57 6.70 -24.81
C SER C 190 -1.06 6.95 -24.80
N ILE C 191 -0.36 6.58 -25.87
CA ILE C 191 1.08 6.70 -25.99
C ILE C 191 1.39 6.96 -27.46
N VAL C 192 2.40 7.80 -27.74
CA VAL C 192 2.83 8.00 -29.12
C VAL C 192 3.73 6.86 -29.57
N PHE C 193 4.81 6.63 -28.82
CA PHE C 193 5.77 5.57 -29.11
C PHE C 193 5.88 4.62 -27.94
N SER C 194 5.96 3.33 -28.24
CA SER C 194 6.45 2.36 -27.26
C SER C 194 7.67 1.67 -27.84
N ILE C 195 8.51 1.12 -26.98
CA ILE C 195 9.68 0.38 -27.44
C ILE C 195 9.72 -0.95 -26.70
N ASN C 196 9.58 -2.07 -27.44
CA ASN C 196 9.52 -3.37 -26.77
C ASN C 196 9.83 -4.44 -27.81
N SER C 197 10.73 -5.34 -27.46
CA SER C 197 11.12 -6.41 -28.37
C SER C 197 10.00 -7.41 -28.58
N SER C 198 9.97 -7.99 -29.78
CA SER C 198 9.07 -9.10 -30.08
C SER C 198 9.60 -10.47 -29.65
N TYR C 199 10.80 -10.54 -29.10
CA TYR C 199 11.42 -11.84 -28.77
C TYR C 199 11.71 -11.95 -27.27
N SER C 200 11.78 -13.20 -26.79
CA SER C 200 12.14 -13.43 -25.40
C SER C 200 13.63 -13.62 -25.19
N TYR C 201 14.40 -13.98 -26.24
CA TYR C 201 15.85 -14.11 -26.05
C TYR C 201 16.58 -13.76 -27.35
N THR C 202 16.91 -14.68 -28.14
CA THR C 202 17.58 -14.38 -29.42
C THR C 202 16.53 -14.25 -30.53
N PRO C 203 16.73 -13.40 -31.52
CA PRO C 203 17.96 -12.62 -31.79
C PRO C 203 18.02 -11.26 -31.09
N ALA C 204 17.12 -10.94 -30.16
CA ALA C 204 17.23 -9.67 -29.45
C ALA C 204 18.58 -9.53 -28.77
N ALA C 205 19.11 -10.62 -28.21
CA ALA C 205 20.42 -10.62 -27.54
C ALA C 205 21.57 -10.38 -28.50
N TYR C 206 21.33 -10.52 -29.79
CA TYR C 206 22.33 -10.22 -30.81
C TYR C 206 22.13 -8.87 -31.47
N TYR C 207 20.88 -8.37 -31.53
CA TYR C 207 20.50 -7.28 -32.44
C TYR C 207 20.12 -5.98 -31.76
N ASN C 208 19.65 -5.99 -30.52
CA ASN C 208 19.12 -4.74 -29.97
C ASN C 208 20.17 -3.66 -29.95
N ASN C 209 21.41 -4.04 -29.70
CA ASN C 209 22.51 -3.09 -29.55
C ASN C 209 23.05 -2.56 -30.86
N LEU C 210 22.65 -3.12 -32.01
CA LEU C 210 23.33 -2.80 -33.27
C LEU C 210 22.96 -1.44 -33.83
N SER C 211 21.82 -0.89 -33.42
CA SER C 211 21.36 0.40 -33.90
C SER C 211 20.42 0.96 -32.85
N PRO C 212 20.25 2.27 -32.78
CA PRO C 212 19.32 2.84 -31.80
C PRO C 212 17.89 2.52 -32.16
N ALA C 213 17.04 2.54 -31.13
CA ALA C 213 15.60 2.43 -31.36
C ALA C 213 14.95 3.74 -31.78
N LEU C 214 15.40 4.86 -31.21
CA LEU C 214 14.93 6.18 -31.60
C LEU C 214 16.11 7.12 -31.54
N GLN C 215 16.21 8.00 -32.54
CA GLN C 215 17.31 8.94 -32.59
C GLN C 215 16.89 10.18 -33.36
N GLY C 216 17.26 11.36 -32.85
CA GLY C 216 17.20 12.56 -33.65
C GLY C 216 15.85 13.23 -33.76
N LEU C 217 14.97 13.05 -32.79
CA LEU C 217 13.55 13.49 -32.90
C LEU C 217 13.16 14.39 -31.75
N TYR C 218 12.54 15.54 -32.05
CA TYR C 218 11.82 16.35 -31.06
C TYR C 218 10.35 15.95 -31.16
N VAL C 219 9.83 15.33 -30.10
CA VAL C 219 8.49 14.75 -30.05
C VAL C 219 7.73 15.51 -28.97
N PHE C 220 6.62 16.15 -29.36
CA PHE C 220 5.93 17.02 -28.40
C PHE C 220 4.42 16.93 -28.51
N GLY C 221 3.78 17.16 -27.38
CA GLY C 221 2.32 17.19 -27.31
C GLY C 221 1.78 18.56 -26.99
N ALA C 222 0.60 18.58 -26.37
CA ALA C 222 -0.05 19.82 -25.93
C ALA C 222 -0.49 19.71 -24.47
N LYS C 223 0.13 18.81 -23.72
CA LYS C 223 -0.18 18.57 -22.31
C LYS C 223 -1.62 18.11 -22.12
N THR C 224 -2.14 17.33 -23.06
CA THR C 224 -3.46 16.75 -22.92
C THR C 224 -3.42 15.61 -21.91
N SER C 225 -4.35 15.63 -20.96
CA SER C 225 -4.40 14.56 -19.99
C SER C 225 -4.62 13.23 -20.70
N GLY C 226 -3.82 12.23 -20.35
CA GLY C 226 -4.01 10.89 -20.83
C GLY C 226 -3.20 10.51 -22.04
N VAL C 227 -2.35 11.41 -22.56
CA VAL C 227 -1.50 11.13 -23.71
C VAL C 227 -0.06 11.19 -23.24
N ASP C 228 0.60 10.05 -23.19
CA ASP C 228 2.02 9.98 -22.82
C ASP C 228 2.89 9.96 -24.08
N GLY C 229 4.17 10.32 -23.92
CA GLY C 229 5.10 10.38 -25.05
C GLY C 229 5.72 9.05 -25.42
N LEU C 230 6.57 8.54 -24.52
CA LEU C 230 7.36 7.34 -24.76
C LEU C 230 7.11 6.34 -23.64
N LEU C 231 6.75 5.12 -24.02
CA LEU C 231 6.69 3.98 -23.11
C LEU C 231 7.90 3.09 -23.35
N VAL C 232 8.69 2.90 -22.31
CA VAL C 232 9.92 2.11 -22.35
C VAL C 232 9.52 0.73 -21.82
N GLY C 233 9.33 -0.25 -22.73
CA GLY C 233 8.83 -1.58 -22.35
C GLY C 233 7.37 -1.75 -22.72
N ARG C 234 6.62 -2.51 -21.93
CA ARG C 234 5.30 -3.00 -22.31
C ARG C 234 4.28 -2.54 -21.29
N GLU C 235 3.05 -2.27 -21.77
CA GLU C 235 1.99 -1.81 -20.88
C GLU C 235 1.54 -2.89 -19.92
N THR C 236 1.37 -4.11 -20.40
CA THR C 236 0.90 -5.22 -19.58
C THR C 236 1.90 -6.36 -19.66
N VAL C 237 1.80 -7.29 -18.72
CA VAL C 237 2.74 -8.40 -18.64
C VAL C 237 2.43 -9.43 -19.72
N GLY C 238 3.40 -9.78 -20.52
CA GLY C 238 3.19 -10.75 -21.58
C GLY C 238 3.29 -12.17 -21.08
N SER C 239 2.87 -13.12 -21.94
CA SER C 239 2.98 -14.52 -21.56
C SER C 239 4.43 -14.96 -21.45
N ASP C 240 5.32 -14.37 -22.25
CA ASP C 240 6.75 -14.58 -22.16
C ASP C 240 7.40 -13.20 -22.01
N LYS C 241 8.64 -13.19 -21.55
CA LYS C 241 9.36 -11.94 -21.37
C LYS C 241 9.72 -11.32 -22.72
N SER C 242 9.96 -10.02 -22.69
CA SER C 242 10.46 -9.27 -23.86
C SER C 242 11.90 -8.88 -23.58
N TYR C 243 12.82 -9.27 -24.47
CA TYR C 243 14.25 -9.09 -24.24
C TYR C 243 14.68 -7.71 -24.75
N ASN C 244 14.72 -6.72 -23.86
CA ASN C 244 14.94 -5.33 -24.27
C ASN C 244 16.34 -4.82 -23.98
N GLY C 245 17.20 -5.62 -23.36
CA GLY C 245 18.49 -5.10 -22.97
C GLY C 245 19.29 -4.59 -24.16
N GLN C 246 19.98 -3.47 -23.95
CA GLN C 246 20.91 -2.81 -24.89
C GLN C 246 20.22 -1.87 -25.85
N THR C 247 18.92 -1.64 -25.67
CA THR C 247 18.17 -0.75 -26.54
C THR C 247 18.46 0.70 -26.18
N GLU C 248 18.76 1.51 -27.20
CA GLU C 248 19.15 2.91 -27.01
C GLU C 248 18.12 3.89 -27.53
N VAL C 249 17.86 4.94 -26.75
CA VAL C 249 17.18 6.15 -27.21
C VAL C 249 18.19 7.28 -27.13
N ARG C 250 18.47 7.96 -28.24
CA ARG C 250 19.49 8.98 -28.16
C ARG C 250 19.08 10.23 -28.94
N GLU C 251 19.53 11.39 -28.46
CA GLU C 251 19.39 12.62 -29.23
C GLU C 251 17.91 12.86 -29.55
N CYS C 252 17.06 12.70 -28.53
CA CYS C 252 15.62 12.97 -28.66
C CYS C 252 15.17 13.89 -27.54
N THR C 253 14.12 14.67 -27.81
CA THR C 253 13.47 15.49 -26.79
C THR C 253 12.03 15.09 -26.69
N PHE C 254 11.56 14.88 -25.48
CA PHE C 254 10.15 14.61 -25.19
C PHE C 254 9.62 15.77 -24.37
N ASP C 255 8.50 16.35 -24.82
CA ASP C 255 8.05 17.65 -24.27
C ASP C 255 6.53 17.70 -24.27
N LYS C 256 5.93 18.27 -23.21
CA LYS C 256 4.50 18.62 -23.25
C LYS C 256 3.60 17.40 -23.42
N PHE C 257 3.97 16.27 -22.80
CA PHE C 257 3.06 15.13 -22.68
C PHE C 257 2.51 15.07 -21.25
N ASP C 258 1.72 14.02 -20.98
CA ASP C 258 1.23 13.81 -19.61
C ASP C 258 2.37 13.23 -18.80
N ARG C 259 2.78 12.00 -19.10
CA ARG C 259 4.11 11.53 -18.75
C ARG C 259 4.93 11.52 -20.04
N ASN C 260 6.05 12.24 -20.04
CA ASN C 260 6.91 12.28 -21.22
C ASN C 260 7.54 10.91 -21.47
N ILE C 261 8.10 10.30 -20.43
CA ILE C 261 8.78 9.02 -20.52
C ILE C 261 8.30 8.21 -19.33
N ARG C 262 7.78 7.00 -19.59
CA ARG C 262 7.28 6.11 -18.55
C ARG C 262 7.83 4.72 -18.80
N MET C 263 8.36 4.11 -17.75
CA MET C 263 8.83 2.73 -17.82
C MET C 263 7.66 1.77 -17.67
N GLY C 264 7.64 0.73 -18.50
CA GLY C 264 6.72 -0.37 -18.39
C GLY C 264 7.41 -1.66 -18.01
N HIS C 265 6.70 -2.77 -18.19
CA HIS C 265 7.32 -4.08 -17.93
C HIS C 265 8.43 -4.31 -18.93
N ASN C 266 9.40 -5.15 -18.52
CA ASN C 266 10.56 -5.47 -19.35
C ASN C 266 11.43 -4.24 -19.59
N SER C 267 11.43 -3.30 -18.63
CA SER C 267 12.31 -2.13 -18.74
C SER C 267 13.65 -2.45 -18.10
N TRP C 268 14.58 -2.93 -18.92
CA TRP C 268 15.89 -3.31 -18.39
C TRP C 268 16.97 -3.04 -19.44
N ARG C 269 18.09 -2.47 -18.98
CA ARG C 269 19.29 -2.19 -19.79
C ARG C 269 19.01 -1.33 -21.02
N PHE C 270 17.99 -0.47 -20.94
CA PHE C 270 17.91 0.64 -21.88
C PHE C 270 18.99 1.67 -21.56
N VAL C 271 19.49 2.32 -22.58
CA VAL C 271 20.45 3.41 -22.44
C VAL C 271 19.94 4.64 -23.18
N PHE C 272 20.07 5.81 -22.54
CA PHE C 272 19.62 7.08 -23.09
C PHE C 272 20.83 7.99 -23.17
N TYR C 273 21.08 8.62 -24.33
CA TYR C 273 22.19 9.55 -24.49
C TYR C 273 21.64 10.86 -25.05
N LYS C 274 21.90 11.96 -24.37
CA LYS C 274 21.50 13.29 -24.86
C LYS C 274 19.99 13.36 -25.05
N VAL C 275 19.25 12.82 -24.09
CA VAL C 275 17.78 12.90 -24.12
C VAL C 275 17.35 14.04 -23.20
N ASN C 276 16.41 14.85 -23.69
CA ASN C 276 15.81 15.94 -22.94
C ASN C 276 14.38 15.59 -22.61
N SER C 277 13.95 15.87 -21.37
CA SER C 277 12.55 15.70 -20.97
C SER C 277 12.16 16.93 -20.18
N LEU C 278 11.09 17.61 -20.64
CA LEU C 278 10.69 18.85 -19.98
C LEU C 278 9.19 19.06 -20.08
N ASN C 279 8.70 19.90 -19.16
CA ASN C 279 7.37 20.52 -19.28
C ASN C 279 6.25 19.50 -19.50
N ALA C 280 6.20 18.47 -18.66
CA ALA C 280 5.10 17.50 -18.68
C ALA C 280 3.97 17.93 -17.74
N LEU C 281 2.78 17.33 -17.96
CA LEU C 281 1.60 17.66 -17.16
C LEU C 281 1.59 16.92 -15.84
N SER C 282 1.88 15.62 -15.84
CA SER C 282 1.74 14.83 -14.62
C SER C 282 2.73 15.27 -13.54
N PRO C 283 2.36 15.18 -12.26
CA PRO C 283 3.35 15.39 -11.20
C PRO C 283 4.54 14.45 -11.32
N ASN C 284 4.40 13.30 -11.98
CA ASN C 284 5.48 12.36 -12.22
C ASN C 284 5.96 12.37 -13.67
N GLY C 285 5.73 13.47 -14.38
CA GLY C 285 5.76 13.40 -15.83
C GLY C 285 7.12 13.52 -16.50
N ILE C 286 8.17 13.95 -15.81
CA ILE C 286 9.46 14.02 -16.48
C ILE C 286 10.00 12.63 -16.79
N LEU C 287 9.89 11.71 -15.82
CA LEU C 287 10.35 10.34 -15.98
C LEU C 287 9.67 9.55 -14.86
N TYR C 288 8.85 8.56 -15.20
CA TYR C 288 8.08 7.84 -14.18
C TYR C 288 8.37 6.35 -14.27
N VAL C 289 8.76 5.75 -13.14
CA VAL C 289 8.96 4.31 -13.02
C VAL C 289 7.97 3.81 -11.99
N PRO C 290 6.80 3.34 -12.41
CA PRO C 290 5.77 2.95 -11.45
C PRO C 290 6.13 1.68 -10.70
N ALA C 291 5.48 1.47 -9.57
CA ALA C 291 5.63 0.23 -8.82
C ALA C 291 5.05 -0.96 -9.57
N GLY C 292 5.61 -2.13 -9.29
CA GLY C 292 5.00 -3.39 -9.73
C GLY C 292 5.42 -3.87 -11.09
N LEU C 293 6.48 -3.32 -11.66
CA LEU C 293 6.88 -3.75 -12.98
C LEU C 293 7.52 -5.12 -12.94
N ASP C 294 7.26 -5.92 -13.97
CA ASP C 294 7.80 -7.27 -14.09
C ASP C 294 9.04 -7.22 -14.96
N ASP C 295 10.04 -8.06 -14.61
CA ASP C 295 11.22 -8.26 -15.45
C ASP C 295 11.91 -6.93 -15.78
N SER C 296 12.03 -6.05 -14.79
CA SER C 296 12.53 -4.71 -14.99
C SER C 296 13.57 -4.34 -13.92
N GLY C 297 14.36 -3.34 -14.24
CA GLY C 297 15.19 -2.68 -13.24
C GLY C 297 16.68 -2.84 -13.39
N GLU C 298 17.16 -3.60 -14.35
CA GLU C 298 18.62 -3.77 -14.47
C GLU C 298 19.24 -2.61 -15.21
N ILE C 299 20.06 -1.82 -14.51
CA ILE C 299 20.94 -0.80 -15.10
C ILE C 299 20.26 0.02 -16.20
N LEU C 300 19.23 0.77 -15.81
CA LEU C 300 18.66 1.79 -16.70
C LEU C 300 19.61 2.96 -16.69
N SER C 301 20.16 3.31 -17.84
CA SER C 301 21.33 4.17 -17.88
C SER C 301 21.09 5.42 -18.70
N PHE C 302 21.59 6.56 -18.18
CA PHE C 302 21.34 7.87 -18.79
C PHE C 302 22.65 8.60 -18.85
N TYR C 303 23.09 8.99 -20.06
CA TYR C 303 24.34 9.71 -20.26
C TYR C 303 24.03 11.08 -20.84
N HIS C 304 24.44 12.12 -20.13
CA HIS C 304 24.30 13.52 -20.58
C HIS C 304 22.85 13.84 -20.95
N CYS C 305 21.94 13.42 -20.10
CA CYS C 305 20.53 13.75 -20.30
C CYS C 305 20.11 14.95 -19.44
N GLN C 306 19.05 15.66 -19.84
CA GLN C 306 18.63 16.85 -19.12
C GLN C 306 17.15 16.71 -18.81
N PHE C 307 16.81 16.79 -17.52
CA PHE C 307 15.46 16.60 -16.99
C PHE C 307 15.10 17.90 -16.32
N PHE C 308 14.14 18.65 -16.87
CA PHE C 308 14.12 20.06 -16.48
C PHE C 308 12.79 20.71 -16.72
N ASP C 309 12.62 21.86 -16.03
CA ASP C 309 11.57 22.81 -16.33
C ASP C 309 10.22 22.11 -16.39
N GLY C 310 9.97 21.33 -15.35
CA GLY C 310 8.78 20.51 -15.31
C GLY C 310 7.52 21.31 -15.07
N ALA C 311 7.63 22.53 -14.53
CA ALA C 311 6.47 23.36 -14.24
C ALA C 311 5.42 22.55 -13.47
N GLY C 312 5.89 21.77 -12.49
CA GLY C 312 5.05 20.93 -11.68
C GLY C 312 5.25 19.44 -11.89
N SER C 313 5.91 19.06 -12.97
CA SER C 313 6.24 17.65 -13.23
C SER C 313 7.63 17.32 -12.70
N ASN C 314 7.85 16.05 -12.39
CA ASN C 314 9.04 15.62 -11.65
C ASN C 314 9.43 14.22 -12.10
N ILE C 315 10.53 13.69 -11.53
CA ILE C 315 10.93 12.29 -11.70
C ILE C 315 10.44 11.52 -10.50
N ARG C 316 9.87 10.32 -10.71
CA ARG C 316 9.53 9.47 -9.57
C ARG C 316 9.89 8.04 -9.87
N LEU C 317 10.72 7.48 -9.00
CA LEU C 317 11.05 6.05 -9.02
C LEU C 317 10.27 5.37 -7.89
N SER C 318 9.32 4.50 -8.26
CA SER C 318 8.48 3.77 -7.30
C SER C 318 8.64 2.26 -7.37
N CYS C 319 9.36 1.74 -8.34
CA CYS C 319 9.51 0.29 -8.46
C CYS C 319 10.62 -0.21 -7.55
N SER C 320 10.38 -1.37 -6.93
CA SER C 320 11.40 -2.00 -6.10
C SER C 320 12.42 -2.73 -6.97
N SER C 321 13.61 -2.98 -6.39
CA SER C 321 14.68 -3.75 -7.05
C SER C 321 14.98 -3.17 -8.43
N TYR C 322 15.29 -1.88 -8.42
CA TYR C 322 15.41 -1.09 -9.63
C TYR C 322 16.68 -0.27 -9.50
N THR C 323 17.53 -0.31 -10.53
CA THR C 323 18.86 0.29 -10.46
C THR C 323 19.02 1.24 -11.64
N MET C 324 19.27 2.50 -11.35
CA MET C 324 19.38 3.54 -12.38
C MET C 324 20.72 4.23 -12.24
N VAL C 325 21.34 4.58 -13.36
CA VAL C 325 22.64 5.24 -13.37
C VAL C 325 22.55 6.47 -14.24
N PHE C 326 22.92 7.63 -13.72
CA PHE C 326 22.89 8.90 -14.44
C PHE C 326 24.30 9.42 -14.46
N ASN C 327 24.82 9.69 -15.64
CA ASN C 327 26.18 10.19 -15.84
C ASN C 327 26.07 11.54 -16.53
N THR C 328 26.61 12.59 -15.90
CA THR C 328 26.62 13.97 -16.44
C THR C 328 25.23 14.49 -16.83
N CYS C 329 24.23 14.09 -16.06
CA CYS C 329 22.89 14.59 -16.28
C CYS C 329 22.66 15.84 -15.46
N SER C 330 21.63 16.62 -15.82
CA SER C 330 21.20 17.72 -14.96
C SER C 330 19.73 17.58 -14.64
N PHE C 331 19.39 17.94 -13.40
CA PHE C 331 18.03 17.89 -12.85
C PHE C 331 17.72 19.34 -12.43
N LEU C 332 16.89 20.02 -13.22
CA LEU C 332 16.72 21.47 -13.09
C LEU C 332 15.27 21.82 -12.86
N ASN C 333 14.98 22.48 -11.75
CA ASN C 333 13.61 22.94 -11.45
C ASN C 333 12.61 21.79 -11.37
N ILE C 334 13.07 20.64 -10.86
CA ILE C 334 12.26 19.44 -10.65
C ILE C 334 12.75 18.72 -9.39
N THR C 335 11.94 17.83 -8.85
CA THR C 335 12.36 16.96 -7.76
C THR C 335 12.57 15.55 -8.29
N PHE C 336 13.55 14.82 -7.72
CA PHE C 336 13.76 13.39 -7.96
C PHE C 336 13.22 12.67 -6.73
N PHE C 337 12.04 12.06 -6.86
CA PHE C 337 11.42 11.29 -5.79
C PHE C 337 11.80 9.82 -5.91
N VAL C 338 12.08 9.19 -4.77
CA VAL C 338 12.26 7.73 -4.70
C VAL C 338 11.39 7.24 -3.58
N ASP C 339 10.37 6.43 -3.91
CA ASP C 339 9.50 5.87 -2.86
C ASP C 339 9.32 4.36 -3.03
N SER C 340 10.23 3.71 -3.76
CA SER C 340 10.23 2.25 -3.89
C SER C 340 10.12 1.56 -2.53
N ALA C 341 9.37 0.46 -2.47
CA ALA C 341 9.25 -0.30 -1.23
C ALA C 341 10.60 -0.84 -0.76
N SER C 342 11.45 -1.27 -1.68
CA SER C 342 12.79 -1.67 -1.29
C SER C 342 13.71 -1.77 -2.48
N SER C 343 15.00 -1.64 -2.18
CA SER C 343 16.06 -2.03 -3.10
C SER C 343 16.11 -1.19 -4.36
N ALA C 344 15.78 0.08 -4.27
CA ALA C 344 16.17 1.02 -5.32
C ALA C 344 17.63 1.41 -5.12
N THR C 345 18.40 1.49 -6.21
CA THR C 345 19.79 2.02 -6.16
C THR C 345 19.92 3.02 -7.29
N VAL C 346 20.10 4.30 -6.98
CA VAL C 346 20.30 5.34 -7.99
C VAL C 346 21.69 5.90 -7.81
N THR C 347 22.46 5.96 -8.89
CA THR C 347 23.79 6.54 -8.85
C THR C 347 23.84 7.71 -9.81
N CYS C 348 24.20 8.88 -9.30
CA CYS C 348 24.37 10.09 -10.11
C CYS C 348 25.84 10.46 -10.08
N ASN C 349 26.52 10.27 -11.21
CA ASN C 349 27.93 10.53 -11.33
C ASN C 349 28.11 11.80 -12.14
N GLY C 350 28.71 12.81 -11.53
CA GLY C 350 28.97 14.03 -12.29
C GLY C 350 27.73 14.76 -12.77
N CYS C 351 26.67 14.77 -11.97
CA CYS C 351 25.41 15.40 -12.31
C CYS C 351 25.29 16.75 -11.60
N ASN C 352 24.36 17.59 -12.07
CA ASN C 352 24.01 18.84 -11.40
C ASN C 352 22.56 18.81 -10.95
N PHE C 353 22.33 19.34 -9.75
CA PHE C 353 20.98 19.58 -9.22
C PHE C 353 20.88 21.07 -8.93
N GLU C 354 19.90 21.75 -9.52
CA GLU C 354 19.84 23.20 -9.41
C GLU C 354 18.42 23.70 -9.65
N ASN C 355 18.17 24.94 -9.20
CA ASN C 355 16.92 25.68 -9.30
C ASN C 355 17.07 26.92 -10.18
N PRO C 356 17.62 26.84 -11.39
CA PRO C 356 17.92 28.08 -12.14
C PRO C 356 16.67 28.86 -12.52
N GLY C 357 16.62 30.11 -12.08
CA GLY C 357 15.51 31.02 -12.38
C GLY C 357 14.26 30.74 -11.62
N SER C 358 14.29 29.87 -10.62
CA SER C 358 13.08 29.45 -9.92
C SER C 358 13.05 29.97 -8.48
N ALA C 359 11.87 30.39 -8.03
CA ALA C 359 11.63 30.73 -6.64
C ALA C 359 11.10 29.55 -5.82
N SER C 360 10.94 28.38 -6.41
CA SER C 360 10.31 27.25 -5.71
C SER C 360 11.19 26.70 -4.60
N THR C 361 10.56 26.31 -3.50
CA THR C 361 11.30 25.66 -2.43
C THR C 361 11.29 24.13 -2.54
N ARG C 362 10.93 23.60 -3.72
CA ARG C 362 10.87 22.15 -3.89
C ARG C 362 12.20 21.49 -3.53
N ARG C 363 12.11 20.24 -3.07
CA ARG C 363 13.33 19.48 -2.82
C ARG C 363 14.01 19.09 -4.14
N TYR C 364 15.29 18.83 -4.06
CA TYR C 364 16.03 18.25 -5.19
C TYR C 364 15.92 16.73 -5.21
N VAL C 365 16.08 16.08 -4.06
CA VAL C 365 16.06 14.62 -3.96
C VAL C 365 15.24 14.29 -2.73
N ASP C 366 14.22 13.46 -2.89
CA ASP C 366 13.31 13.11 -1.78
C ASP C 366 13.16 11.59 -1.77
N ILE C 367 13.93 10.91 -0.93
CA ILE C 367 13.84 9.46 -0.76
C ILE C 367 12.89 9.28 0.44
N SER C 368 11.64 8.95 0.17
CA SER C 368 10.59 9.23 1.14
C SER C 368 9.98 8.00 1.77
N ALA C 369 10.28 6.80 1.27
CA ALA C 369 9.58 5.62 1.76
C ALA C 369 10.45 4.40 1.52
N GLY C 370 10.02 3.27 2.04
CA GLY C 370 10.67 2.00 1.79
C GLY C 370 11.90 1.78 2.65
N HIS C 371 12.63 0.73 2.32
CA HIS C 371 13.88 0.42 3.03
C HIS C 371 14.93 -0.08 2.05
N THR C 372 16.20 0.03 2.44
CA THR C 372 17.28 -0.50 1.61
C THR C 372 17.33 0.21 0.26
N ASN C 373 16.91 1.48 0.24
CA ASN C 373 17.05 2.32 -0.94
C ASN C 373 18.32 3.15 -0.78
N VAL C 374 19.10 3.25 -1.85
CA VAL C 374 20.41 3.91 -1.83
C VAL C 374 20.45 4.93 -2.94
N PHE C 375 20.89 6.14 -2.64
CA PHE C 375 21.04 7.21 -3.65
C PHE C 375 22.45 7.75 -3.52
N ASN C 376 23.22 7.69 -4.60
CA ASN C 376 24.60 8.16 -4.61
C ASN C 376 24.72 9.44 -5.42
N ILE C 377 25.39 10.44 -4.86
CA ILE C 377 25.77 11.66 -5.59
C ILE C 377 27.30 11.69 -5.56
N ILE C 378 27.92 11.43 -6.71
CA ILE C 378 29.38 11.28 -6.83
C ILE C 378 29.87 12.37 -7.76
N GLY C 379 30.63 13.32 -7.23
CA GLY C 379 31.11 14.44 -8.03
C GLY C 379 29.95 15.32 -8.53
N GLY C 380 30.22 16.09 -9.57
CA GLY C 380 29.18 17.01 -10.02
C GLY C 380 28.96 18.15 -9.04
N SER C 381 27.72 18.64 -8.97
CA SER C 381 27.44 19.85 -8.22
C SER C 381 26.01 19.88 -7.72
N ILE C 382 25.81 20.59 -6.63
CA ILE C 382 24.50 20.91 -6.07
C ILE C 382 24.51 22.41 -5.88
N VAL C 383 23.61 23.10 -6.59
CA VAL C 383 23.65 24.57 -6.67
C VAL C 383 22.32 25.12 -6.20
N THR C 384 22.38 26.12 -5.31
CA THR C 384 21.18 26.66 -4.67
C THR C 384 21.11 28.17 -4.86
N ASN C 385 20.54 28.59 -5.97
CA ASN C 385 20.35 30.02 -6.21
C ASN C 385 19.34 30.58 -5.21
N SER C 386 19.49 31.86 -4.90
CA SER C 386 18.67 32.47 -3.87
C SER C 386 17.17 32.41 -4.19
N ASN C 387 16.36 32.27 -3.14
CA ASN C 387 14.91 32.35 -3.26
C ASN C 387 14.40 33.05 -2.00
N PRO C 388 13.08 33.27 -1.85
CA PRO C 388 12.60 34.05 -0.69
C PRO C 388 12.87 33.40 0.66
N GLY C 389 13.24 32.13 0.68
CA GLY C 389 13.56 31.44 1.92
C GLY C 389 13.41 29.95 1.72
N GLN C 390 14.50 29.20 1.88
CA GLN C 390 14.44 27.75 1.64
C GLN C 390 14.01 27.08 2.95
N THR C 391 12.71 26.84 3.07
CA THR C 391 12.08 26.47 4.32
C THR C 391 11.97 24.96 4.54
N GLN C 392 12.52 24.16 3.63
CA GLN C 392 12.60 22.73 3.85
C GLN C 392 13.95 22.24 3.32
N ALA C 393 14.36 21.08 3.78
CA ALA C 393 15.61 20.49 3.30
C ALA C 393 15.51 20.14 1.81
N LEU C 394 16.58 20.43 1.06
CA LEU C 394 16.58 20.13 -0.37
C LEU C 394 16.90 18.68 -0.66
N LEU C 395 17.52 17.98 0.29
CA LEU C 395 17.75 16.53 0.21
C LEU C 395 17.08 15.90 1.41
N TYR C 396 16.42 14.75 1.23
CA TYR C 396 15.70 14.09 2.31
C TYR C 396 15.91 12.60 2.15
N VAL C 397 16.24 11.90 3.23
CA VAL C 397 16.41 10.46 3.18
C VAL C 397 15.67 9.85 4.37
N SER C 398 14.67 9.03 4.08
CA SER C 398 13.82 8.47 5.13
C SER C 398 14.46 7.25 5.82
N THR C 399 13.81 6.81 6.90
CA THR C 399 14.30 5.73 7.73
CA THR C 399 14.34 5.74 7.72
C THR C 399 14.68 4.49 6.90
N ASP C 400 15.81 3.89 7.23
CA ASP C 400 16.26 2.62 6.65
C ASP C 400 16.83 2.80 5.25
N ASN C 401 16.98 4.03 4.78
CA ASN C 401 17.57 4.33 3.47
C ASN C 401 18.87 5.09 3.64
N LEU C 402 19.57 5.26 2.53
CA LEU C 402 20.95 5.77 2.58
C LEU C 402 21.19 6.75 1.44
N LEU C 403 21.74 7.93 1.75
CA LEU C 403 22.15 8.93 0.78
C LEU C 403 23.65 9.12 0.93
N ASN C 404 24.41 8.77 -0.11
CA ASN C 404 25.86 8.87 -0.07
C ASN C 404 26.32 10.05 -0.90
N LEU C 405 27.17 10.89 -0.32
CA LEU C 405 27.75 12.01 -1.02
C LEU C 405 29.24 11.76 -1.15
N VAL C 406 29.78 11.84 -2.37
CA VAL C 406 31.21 11.57 -2.61
C VAL C 406 31.77 12.69 -3.47
N GLY C 407 32.80 13.37 -2.98
CA GLY C 407 33.53 14.30 -3.86
C GLY C 407 32.70 15.44 -4.40
N VAL C 408 31.74 15.95 -3.64
CA VAL C 408 30.85 17.02 -4.07
C VAL C 408 30.88 18.09 -2.98
N THR C 409 30.70 19.33 -3.37
CA THR C 409 30.65 20.44 -2.42
C THR C 409 29.22 20.70 -1.97
N ALA C 410 29.02 20.74 -0.66
CA ALA C 410 27.70 21.10 -0.13
C ALA C 410 27.55 22.61 -0.21
N PRO C 411 26.52 23.13 -0.88
CA PRO C 411 26.39 24.59 -1.00
C PRO C 411 25.84 25.21 0.28
N TYR C 412 26.02 26.51 0.38
CA TYR C 412 25.37 27.25 1.44
C TYR C 412 24.85 28.57 0.88
N GLY C 413 23.72 29.02 1.40
CA GLY C 413 23.21 30.33 1.03
C GLY C 413 22.51 30.97 2.22
N GLY C 414 22.53 32.30 2.24
CA GLY C 414 21.92 33.06 3.35
C GLY C 414 20.42 32.92 3.42
N HIS C 415 19.78 32.46 2.35
CA HIS C 415 18.34 32.24 2.33
C HIS C 415 17.94 30.89 2.91
N TYR C 416 18.90 30.09 3.39
CA TYR C 416 18.57 28.78 3.97
C TYR C 416 17.81 28.94 5.27
N GLN C 417 16.66 28.27 5.35
CA GLN C 417 15.75 28.33 6.49
C GLN C 417 15.21 26.92 6.79
N GLN C 418 16.04 25.89 6.63
CA GLN C 418 15.58 24.52 6.77
C GLN C 418 15.01 24.23 8.15
N GLU C 419 15.39 25.03 9.15
CA GLU C 419 14.87 24.82 10.49
C GLU C 419 13.35 24.90 10.54
N GLN C 420 12.72 25.61 9.59
CA GLN C 420 11.26 25.64 9.57
C GLN C 420 10.67 24.25 9.43
N GLU C 421 11.32 23.37 8.67
CA GLU C 421 10.90 21.97 8.59
C GLU C 421 11.51 21.17 9.74
N LEU C 422 12.83 21.28 9.94
CA LEU C 422 13.50 20.26 10.74
C LEU C 422 13.45 20.53 12.21
N GLY C 423 13.30 21.78 12.57
CA GLY C 423 13.51 22.24 13.92
C GLY C 423 14.88 22.81 14.16
N TYR C 424 15.82 22.56 13.24
CA TYR C 424 17.21 22.98 13.41
C TYR C 424 17.82 23.15 12.03
N HIS C 425 18.97 23.80 12.00
CA HIS C 425 19.57 24.27 10.75
C HIS C 425 20.55 23.22 10.21
N ALA C 426 20.11 22.44 9.25
CA ALA C 426 20.95 21.43 8.61
C ALA C 426 20.46 21.26 7.18
N PHE C 427 21.31 20.65 6.35
CA PHE C 427 21.03 20.63 4.90
C PHE C 427 20.10 19.49 4.50
N ILE C 428 20.14 18.38 5.21
CA ILE C 428 19.45 17.16 4.81
C ILE C 428 18.48 16.76 5.90
N GLY C 429 17.28 16.36 5.48
CA GLY C 429 16.25 15.90 6.40
C GLY C 429 16.09 14.38 6.36
N GLY C 430 15.29 13.88 7.31
CA GLY C 430 14.85 12.50 7.33
C GLY C 430 15.66 11.63 8.28
N ALA C 431 15.06 10.50 8.66
CA ALA C 431 15.64 9.62 9.66
C ALA C 431 16.51 8.51 9.06
N GLY C 432 16.84 8.61 7.79
CA GLY C 432 17.80 7.71 7.18
C GLY C 432 19.24 8.04 7.57
N THR C 433 20.17 7.57 6.74
CA THR C 433 21.59 7.70 6.99
C THR C 433 22.21 8.45 5.82
N VAL C 434 23.18 9.31 6.13
CA VAL C 434 23.99 9.98 5.13
C VAL C 434 25.45 9.58 5.35
N THR C 435 26.19 9.37 4.25
CA THR C 435 27.63 9.25 4.38
C THR C 435 28.30 10.29 3.51
N THR C 436 29.51 10.65 3.91
CA THR C 436 30.32 11.58 3.15
C THR C 436 31.69 10.97 2.94
N SER C 437 32.22 11.17 1.75
CA SER C 437 33.60 10.84 1.42
C SER C 437 34.09 11.95 0.52
N GLY C 438 35.12 12.67 0.92
CA GLY C 438 35.65 13.73 0.09
C GLY C 438 34.71 14.90 -0.13
N VAL C 439 33.81 15.14 0.79
CA VAL C 439 32.87 16.25 0.66
C VAL C 439 33.52 17.55 1.14
N MET C 440 33.32 18.61 0.38
CA MET C 440 33.81 19.94 0.71
C MET C 440 32.66 20.77 1.29
N LEU C 441 32.93 21.48 2.36
CA LEU C 441 32.01 22.50 2.87
C LEU C 441 32.45 23.87 2.38
N GLN C 442 31.51 24.82 2.30
CA GLN C 442 31.85 26.18 1.82
C GLN C 442 32.24 27.03 3.02
N LEU C 443 33.45 26.76 3.50
CA LEU C 443 33.97 27.33 4.74
C LEU C 443 34.29 28.80 4.65
N ARG C 444 34.44 29.35 3.44
CA ARG C 444 34.71 30.77 3.24
C ARG C 444 33.48 31.51 2.70
N ASN C 445 32.32 30.86 2.71
CA ASN C 445 31.10 31.52 2.27
C ASN C 445 30.70 32.55 3.31
N GLY C 446 30.56 33.83 2.90
CA GLY C 446 30.27 34.87 3.90
C GLY C 446 28.96 34.71 4.63
N ALA C 447 27.98 34.02 4.03
CA ALA C 447 26.70 33.80 4.69
C ALA C 447 26.73 32.69 5.72
N GLY C 448 27.67 31.78 5.62
CA GLY C 448 27.78 30.70 6.59
C GLY C 448 28.04 29.36 5.95
N THR C 449 27.83 28.33 6.78
CA THR C 449 27.95 26.91 6.48
C THR C 449 27.03 26.23 7.46
N CYS C 450 26.50 25.07 7.10
CA CYS C 450 25.70 24.31 8.06
C CYS C 450 26.09 22.85 8.09
N PRO C 451 25.76 22.14 9.16
CA PRO C 451 25.97 20.68 9.14
C PRO C 451 25.02 20.04 8.12
N LEU C 452 25.39 18.82 7.70
CA LEU C 452 24.63 18.13 6.68
C LEU C 452 23.49 17.30 7.26
N HIS C 453 23.72 16.53 8.33
CA HIS C 453 22.67 15.59 8.71
C HIS C 453 22.84 15.11 10.16
N SER C 454 21.71 14.80 10.78
CA SER C 454 21.69 14.26 12.14
C SER C 454 22.54 13.00 12.26
N SER C 455 22.57 12.13 11.23
CA SER C 455 23.27 10.84 11.37
C SER C 455 24.77 11.00 11.44
N LEU C 456 25.25 12.20 11.10
CA LEU C 456 26.67 12.51 11.16
C LEU C 456 27.06 13.21 12.45
N SER C 457 26.15 13.27 13.44
CA SER C 457 26.43 14.00 14.67
C SER C 457 27.74 13.58 15.33
N THR C 458 28.60 14.57 15.61
CA THR C 458 29.83 14.29 16.32
C THR C 458 29.56 13.91 17.78
N PHE C 459 28.62 14.58 18.42
CA PHE C 459 28.39 14.48 19.85
C PHE C 459 27.20 13.58 20.17
N SER C 460 27.31 12.86 21.28
CA SER C 460 26.21 12.01 21.75
C SER C 460 25.15 12.83 22.46
N ASN C 461 23.90 12.36 22.36
CA ASN C 461 22.77 13.07 22.99
C ASN C 461 22.68 14.50 22.48
N TRP C 462 22.97 14.66 21.19
CA TRP C 462 23.10 15.99 20.57
C TRP C 462 21.78 16.75 20.59
N ASN C 463 20.66 16.01 20.55
CA ASN C 463 19.31 16.57 20.49
C ASN C 463 18.55 16.31 21.78
N PHE C 464 19.26 15.93 22.86
CA PHE C 464 18.63 15.56 24.14
C PHE C 464 17.65 14.41 23.99
N GLY C 465 17.84 13.61 22.93
CA GLY C 465 16.97 12.47 22.68
C GLY C 465 17.13 11.34 23.67
N TYR C 466 18.18 11.35 24.48
CA TYR C 466 18.26 10.40 25.59
C TYR C 466 17.13 10.62 26.60
N GLY C 467 16.52 11.80 26.62
CA GLY C 467 15.54 12.10 27.64
C GLY C 467 16.12 12.57 28.95
N ASN C 468 17.38 13.02 28.93
CA ASN C 468 18.14 13.47 30.08
C ASN C 468 19.33 14.24 29.52
N LEU C 469 20.24 14.65 30.41
CA LEU C 469 21.44 15.39 30.03
C LEU C 469 22.68 14.51 30.02
N ASN C 470 22.52 13.19 29.96
CA ASN C 470 23.69 12.31 29.96
C ASN C 470 24.54 12.58 28.73
N ALA C 471 25.82 12.24 28.87
CA ALA C 471 26.90 12.42 27.91
C ALA C 471 27.48 13.83 27.94
N TRP C 472 26.80 14.78 28.58
CA TRP C 472 27.27 16.15 28.72
C TRP C 472 27.82 16.34 30.13
N THR C 473 28.93 17.05 30.27
CA THR C 473 29.45 17.43 31.59
C THR C 473 28.92 18.81 31.90
N VAL C 474 28.19 18.93 33.01
CA VAL C 474 27.52 20.18 33.38
C VAL C 474 28.25 20.78 34.58
N ASP C 475 29.13 21.76 34.33
CA ASP C 475 29.98 22.32 35.38
C ASP C 475 29.40 23.67 35.80
N LYS C 476 28.74 23.67 36.95
CA LYS C 476 28.15 24.87 37.50
C LYS C 476 29.17 25.70 38.26
N GLY C 477 30.41 25.23 38.41
CA GLY C 477 31.39 25.99 39.17
C GLY C 477 30.96 26.15 40.61
N THR C 478 31.09 27.35 41.15
CA THR C 478 30.67 27.59 42.53
C THR C 478 29.18 27.89 42.64
N GLY C 479 28.45 27.87 41.52
CA GLY C 479 27.05 28.28 41.48
C GLY C 479 26.12 27.18 41.95
N THR C 480 26.06 27.01 43.27
CA THR C 480 25.23 25.95 43.84
C THR C 480 23.74 26.17 43.52
N SER C 481 23.33 27.43 43.38
CA SER C 481 21.94 27.81 43.06
C SER C 481 21.60 27.71 41.57
N SER C 482 22.60 27.55 40.70
CA SER C 482 22.32 27.54 39.26
C SER C 482 21.46 26.35 38.89
N VAL C 483 20.56 26.56 37.94
CA VAL C 483 19.63 25.55 37.43
C VAL C 483 20.10 25.08 36.07
N VAL C 484 20.24 23.77 35.88
CA VAL C 484 20.44 23.18 34.56
C VAL C 484 19.50 21.99 34.48
N GLU C 485 18.53 22.04 33.56
CA GLU C 485 17.49 21.03 33.58
C GLU C 485 17.15 20.58 32.17
N TYR C 486 16.93 19.28 32.02
CA TYR C 486 16.27 18.75 30.84
C TYR C 486 14.78 19.07 30.90
N LEU C 487 14.23 19.53 29.79
CA LEU C 487 12.79 19.80 29.68
C LEU C 487 12.23 19.06 28.49
N ALA C 488 11.22 18.21 28.71
CA ALA C 488 10.59 17.51 27.62
C ALA C 488 9.71 18.47 26.82
N ASN C 489 9.66 18.23 25.51
CA ASN C 489 8.77 18.96 24.60
C ASN C 489 9.00 20.47 24.69
N ALA C 490 10.25 20.87 24.87
CA ALA C 490 10.56 22.26 25.12
C ALA C 490 11.49 22.84 24.06
N GLY C 491 11.82 22.09 23.02
CA GLY C 491 12.63 22.65 21.96
C GLY C 491 11.79 23.43 20.96
N PRO C 492 12.39 23.78 19.83
CA PRO C 492 11.73 24.64 18.82
C PRO C 492 10.36 24.19 18.34
N LYS C 493 10.15 22.90 18.16
CA LYS C 493 8.89 22.43 17.66
C LYS C 493 7.90 22.09 18.75
N GLY C 494 8.33 22.07 20.00
CA GLY C 494 7.49 21.64 21.11
C GLY C 494 7.31 20.14 21.23
N THR C 495 8.13 19.36 20.53
CA THR C 495 8.04 17.91 20.57
C THR C 495 9.35 17.22 20.90
N GLU C 496 10.42 17.98 21.19
CA GLU C 496 11.75 17.45 21.43
C GLU C 496 12.25 18.04 22.73
N GLY C 497 13.29 17.45 23.26
CA GLY C 497 13.86 17.93 24.49
C GLY C 497 14.68 19.20 24.31
N ALA C 498 14.89 19.90 25.41
CA ALA C 498 15.83 21.01 25.45
C ALA C 498 16.53 21.02 26.80
N MET C 499 17.68 21.67 26.86
CA MET C 499 18.44 21.89 28.08
C MET C 499 18.31 23.35 28.46
N ARG C 500 17.75 23.65 29.63
CA ARG C 500 17.61 25.00 30.14
C ARG C 500 18.75 25.26 31.10
N VAL C 501 19.48 26.35 30.90
CA VAL C 501 20.62 26.73 31.72
C VAL C 501 20.34 28.13 32.29
N ALA C 502 20.30 28.23 33.61
CA ALA C 502 20.01 29.49 34.31
C ALA C 502 21.02 29.65 35.44
N PRO C 503 22.21 30.17 35.15
CA PRO C 503 23.25 30.26 36.19
C PRO C 503 22.99 31.41 37.14
N VAL C 504 23.41 31.20 38.38
CA VAL C 504 23.27 32.19 39.45
C VAL C 504 24.67 32.50 39.97
N SER C 505 25.03 33.78 39.95
CA SER C 505 26.25 34.34 40.54
C SER C 505 27.48 34.12 39.67
N VAL C 506 27.65 32.90 39.15
CA VAL C 506 28.75 32.58 38.25
C VAL C 506 28.21 31.77 37.07
N GLY C 507 28.95 31.77 35.96
CA GLY C 507 28.49 31.08 34.77
C GLY C 507 28.53 29.57 34.89
N THR C 508 27.81 28.90 33.98
CA THR C 508 27.83 27.43 33.87
C THR C 508 28.40 27.04 32.52
N ASN C 509 29.22 25.98 32.49
CA ASN C 509 29.84 25.49 31.26
C ASN C 509 29.43 24.04 31.04
N VAL C 510 28.81 23.75 29.92
CA VAL C 510 28.38 22.39 29.57
C VAL C 510 29.25 21.95 28.41
N SER C 511 29.91 20.80 28.53
CA SER C 511 30.89 20.41 27.53
C SER C 511 30.81 18.92 27.19
N GLN C 512 31.45 18.57 26.07
CA GLN C 512 31.62 17.18 25.66
C GLN C 512 32.85 17.10 24.78
N VAL C 513 33.57 15.98 24.89
CA VAL C 513 34.77 15.75 24.09
C VAL C 513 34.62 14.44 23.33
N GLN C 514 35.07 14.42 22.07
CA GLN C 514 35.06 13.21 21.26
C GLN C 514 36.33 13.10 20.45
N ALA C 515 36.64 11.88 20.00
CA ALA C 515 37.80 11.67 19.13
C ALA C 515 37.54 12.20 17.73
N VAL C 516 38.58 12.82 17.14
CA VAL C 516 38.55 13.28 15.74
C VAL C 516 39.98 13.11 15.24
N THR C 517 40.20 13.18 13.94
CA THR C 517 41.59 13.31 13.49
C THR C 517 41.60 14.02 12.15
N ASN C 518 42.75 14.50 11.73
CA ASN C 518 42.90 15.03 10.36
C ASN C 518 42.93 13.89 9.34
N PRO C 519 42.54 14.15 8.08
CA PRO C 519 42.04 15.41 7.57
C PRO C 519 40.54 15.56 7.80
N GLY C 520 40.04 16.79 7.88
CA GLY C 520 38.60 16.97 7.94
C GLY C 520 38.20 18.42 7.97
N MET C 521 36.89 18.63 7.84
CA MET C 521 36.32 19.96 7.95
C MET C 521 35.06 19.81 8.76
N PHE C 522 34.58 20.89 9.35
CA PHE C 522 33.43 20.78 10.24
C PHE C 522 32.55 22.00 10.18
N SER C 523 31.29 21.79 10.55
CA SER C 523 30.32 22.87 10.76
C SER C 523 29.37 22.43 11.87
N MET C 524 29.04 23.35 12.74
CA MET C 524 28.07 23.11 13.79
C MET C 524 26.98 24.18 13.75
N SER C 525 25.74 23.76 13.99
CA SER C 525 24.65 24.70 14.28
C SER C 525 24.02 24.28 15.58
N CYS C 526 23.40 25.25 16.23
CA CYS C 526 22.70 25.07 17.49
CA CYS C 526 22.56 24.87 17.32
C CYS C 526 21.39 25.83 17.41
N MET C 527 20.37 25.37 18.13
CA MET C 527 19.18 26.15 18.35
C MET C 527 19.23 26.70 19.77
N VAL C 528 19.06 28.02 19.88
CA VAL C 528 19.17 28.69 21.18
C VAL C 528 17.98 29.60 21.38
N ASN C 529 17.47 29.64 22.61
CA ASN C 529 16.40 30.58 22.96
C ASN C 529 16.76 31.29 24.25
N ILE C 530 17.25 32.51 24.13
CA ILE C 530 17.55 33.34 25.30
C ILE C 530 16.24 33.90 25.82
N ALA C 531 15.92 33.58 27.09
CA ALA C 531 14.76 34.18 27.74
C ALA C 531 15.11 35.56 28.32
N THR C 532 16.23 35.67 29.02
CA THR C 532 16.65 36.96 29.57
C THR C 532 18.15 36.88 29.74
N THR C 533 18.80 38.06 29.69
CA THR C 533 20.24 38.09 29.88
C THR C 533 20.68 39.50 30.21
N PRO C 534 21.71 39.66 31.06
CA PRO C 534 22.18 41.00 31.40
C PRO C 534 23.24 41.55 30.46
N GLY C 535 23.28 41.07 29.23
CA GLY C 535 24.35 41.36 28.29
C GLY C 535 24.54 40.11 27.45
N ASN C 536 25.66 40.05 26.72
CA ASN C 536 25.91 38.85 25.93
C ASN C 536 25.69 37.60 26.78
N ALA C 537 24.82 36.69 26.29
CA ALA C 537 24.33 35.60 27.14
C ALA C 537 25.33 34.47 27.32
N GLY C 538 26.36 34.41 26.49
CA GLY C 538 27.33 33.32 26.59
C GLY C 538 27.95 33.06 25.24
N GLN C 539 28.51 31.87 25.10
CA GLN C 539 29.13 31.51 23.84
C GLN C 539 29.16 30.01 23.69
N VAL C 540 29.17 29.57 22.44
CA VAL C 540 29.42 28.18 22.09
C VAL C 540 30.78 28.13 21.44
N SER C 541 31.66 27.24 21.89
CA SER C 541 33.00 27.15 21.33
C SER C 541 33.34 25.71 20.97
N ILE C 542 34.21 25.59 19.98
CA ILE C 542 34.76 24.30 19.56
C ILE C 542 36.29 24.46 19.53
N GLY C 543 36.98 23.53 20.17
CA GLY C 543 38.43 23.53 20.18
C GLY C 543 38.95 22.12 19.95
N PHE C 544 40.22 22.04 19.59
CA PHE C 544 40.85 20.77 19.30
C PHE C 544 42.06 20.56 20.18
N LEU C 545 42.30 19.29 20.52
CA LEU C 545 43.46 18.89 21.32
C LEU C 545 44.16 17.74 20.60
N ASP C 546 45.44 17.57 20.82
CA ASP C 546 46.10 16.34 20.42
C ASP C 546 45.86 15.28 21.49
N ALA C 547 46.46 14.11 21.33
CA ALA C 547 46.23 13.01 22.28
C ALA C 547 46.90 13.22 23.61
N ALA C 548 47.88 14.12 23.69
CA ALA C 548 48.57 14.43 24.94
C ALA C 548 47.90 15.57 25.69
N GLY C 549 46.78 16.10 25.19
CA GLY C 549 46.15 17.24 25.84
C GLY C 549 46.68 18.61 25.46
N ASN C 550 47.51 18.72 24.43
CA ASN C 550 47.93 20.03 23.98
C ASN C 550 46.81 20.68 23.18
N SER C 551 46.48 21.92 23.51
CA SER C 551 45.47 22.68 22.79
C SER C 551 46.06 23.20 21.49
N LEU C 552 45.35 22.96 20.37
CA LEU C 552 45.84 23.37 19.06
C LEU C 552 45.19 24.68 18.60
N PRO C 553 45.90 25.44 17.79
N PRO C 553 45.81 25.41 17.66
CA PRO C 553 45.28 26.59 17.13
CA PRO C 553 45.41 26.82 17.44
C PRO C 553 44.17 26.15 16.19
C PRO C 553 44.02 27.12 16.85
N GLY C 554 43.27 27.09 15.90
N GLY C 554 43.41 26.27 16.00
CA GLY C 554 42.09 26.80 15.12
CA GLY C 554 42.27 26.77 15.17
C GLY C 554 40.81 26.66 15.92
C GLY C 554 40.96 27.20 15.88
N GLY C 555 40.81 27.06 17.18
CA GLY C 555 39.53 27.20 17.93
C GLY C 555 38.55 28.26 17.45
N VAL C 556 37.26 27.96 17.48
CA VAL C 556 36.24 28.88 17.01
C VAL C 556 35.17 29.09 18.08
N SER C 557 34.45 30.20 17.99
CA SER C 557 33.43 30.49 19.01
C SER C 557 32.35 31.39 18.43
N ALA C 558 31.14 31.25 18.96
CA ALA C 558 29.96 32.03 18.56
C ALA C 558 29.40 32.66 19.82
N ASN C 559 29.26 33.98 19.82
CA ASN C 559 28.61 34.66 20.93
C ASN C 559 27.10 34.50 20.77
N LEU C 560 26.42 34.35 21.90
CA LEU C 560 24.96 34.18 21.87
CA LEU C 560 24.97 34.19 21.85
C LEU C 560 24.22 35.49 21.66
N GLY C 561 24.81 36.63 22.06
CA GLY C 561 24.12 37.90 21.91
C GLY C 561 23.03 38.08 22.97
N THR C 562 22.02 38.90 22.62
CA THR C 562 20.98 39.31 23.56
C THR C 562 19.57 39.22 22.98
N THR C 563 19.39 38.72 21.77
CA THR C 563 18.06 38.68 21.17
C THR C 563 17.31 37.46 21.70
N THR C 564 16.05 37.66 22.05
CA THR C 564 15.25 36.58 22.62
C THR C 564 14.52 35.82 21.51
N GLY C 565 14.15 34.59 21.83
CA GLY C 565 13.42 33.73 20.91
C GLY C 565 14.33 32.73 20.22
N TRP C 566 13.73 31.66 19.71
CA TRP C 566 14.53 30.64 19.03
C TRP C 566 15.31 31.23 17.86
N GLN C 567 16.61 30.94 17.81
CA GLN C 567 17.45 31.39 16.71
C GLN C 567 18.54 30.36 16.47
N VAL C 568 19.09 30.39 15.25
CA VAL C 568 20.18 29.52 14.85
C VAL C 568 21.50 30.19 15.23
N ILE C 569 22.37 29.47 15.93
CA ILE C 569 23.70 29.94 16.27
C ILE C 569 24.71 29.06 15.57
N GLY C 570 25.73 29.68 14.97
CA GLY C 570 26.87 28.96 14.42
C GLY C 570 27.14 29.19 12.96
N LYS C 571 26.26 29.84 12.20
CA LYS C 571 26.32 29.82 10.73
C LYS C 571 27.69 30.22 10.20
N ASN C 572 28.18 31.40 10.57
CA ASN C 572 29.45 31.84 10.00
C ASN C 572 30.56 31.86 11.05
N THR C 573 30.38 31.07 12.10
CA THR C 573 31.30 31.05 13.20
C THR C 573 31.82 29.66 13.53
N LEU C 574 30.93 28.68 13.67
CA LEU C 574 31.31 27.35 14.17
C LEU C 574 31.63 26.44 12.99
N ARG C 575 32.77 26.73 12.35
CA ARG C 575 33.15 26.01 11.15
C ARG C 575 34.66 26.15 10.96
N GLY C 576 35.23 25.20 10.22
CA GLY C 576 36.63 25.31 9.88
C GLY C 576 37.22 23.98 9.45
N LYS C 577 38.54 23.96 9.36
CA LYS C 577 39.31 22.76 9.04
C LYS C 577 39.81 22.11 10.34
N VAL C 578 39.84 20.77 10.36
CA VAL C 578 40.44 20.06 11.52
C VAL C 578 41.95 20.29 11.49
N PRO C 579 42.57 20.77 12.57
CA PRO C 579 44.03 21.02 12.52
C PRO C 579 44.80 19.72 12.35
N ILE C 580 45.90 19.78 11.61
CA ILE C 580 46.76 18.60 11.50
C ILE C 580 47.36 18.24 12.86
N GLY C 581 47.17 16.99 13.28
CA GLY C 581 47.57 16.57 14.60
C GLY C 581 46.48 16.54 15.64
N ALA C 582 45.27 17.04 15.34
CA ALA C 582 44.17 16.93 16.27
C ALA C 582 43.78 15.50 16.47
N LYS C 583 43.48 15.16 17.72
CA LYS C 583 42.95 13.85 18.06
C LYS C 583 41.66 13.93 18.87
N GLN C 584 41.30 15.12 19.38
CA GLN C 584 40.07 15.29 20.13
C GLN C 584 39.45 16.61 19.74
N VAL C 585 38.11 16.64 19.76
CA VAL C 585 37.34 17.85 19.57
C VAL C 585 36.49 18.07 20.81
N ARG C 586 36.45 19.30 21.32
CA ARG C 586 35.73 19.61 22.54
C ARG C 586 34.77 20.76 22.26
N VAL C 587 33.48 20.56 22.55
CA VAL C 587 32.51 21.64 22.49
C VAL C 587 32.24 22.11 23.91
N ASN C 588 32.08 23.42 24.06
CA ASN C 588 31.73 24.01 25.35
C ASN C 588 30.67 25.05 25.15
N ILE C 589 29.62 24.99 25.95
CA ILE C 589 28.52 25.94 25.92
C ILE C 589 28.59 26.70 27.23
N GLN C 590 28.92 27.99 27.17
CA GLN C 590 29.03 28.83 28.35
C GLN C 590 27.83 29.75 28.41
N THR C 591 27.16 29.76 29.56
CA THR C 591 26.04 30.65 29.81
C THR C 591 26.39 31.52 31.01
N VAL C 592 26.21 32.84 30.88
CA VAL C 592 26.68 33.76 31.91
C VAL C 592 25.74 33.79 33.11
N ALA C 593 26.28 34.24 34.23
CA ALA C 593 25.46 34.47 35.41
C ALA C 593 24.31 35.41 35.10
N GLY C 594 23.12 35.03 35.53
CA GLY C 594 21.96 35.87 35.35
C GLY C 594 21.26 35.71 34.01
N ALA C 595 21.87 35.00 33.07
CA ALA C 595 21.19 34.68 31.82
C ALA C 595 20.34 33.43 32.02
N ASP C 596 19.36 33.27 31.14
CA ASP C 596 18.47 32.12 31.17
C ASP C 596 18.30 31.70 29.71
N VAL C 597 18.83 30.53 29.33
CA VAL C 597 18.91 30.15 27.92
C VAL C 597 18.46 28.70 27.76
N LYS C 598 17.67 28.41 26.73
CA LYS C 598 17.41 27.01 26.35
C LYS C 598 18.22 26.64 25.11
N TYR C 599 18.73 25.42 25.11
CA TYR C 599 19.54 24.88 24.02
C TYR C 599 18.88 23.64 23.47
N ALA C 600 18.94 23.48 22.14
CA ALA C 600 18.39 22.30 21.50
C ALA C 600 19.23 21.99 20.27
N TYR C 601 19.23 20.74 19.83
CA TYR C 601 19.78 20.39 18.52
C TYR C 601 21.21 20.90 18.33
N LEU C 602 22.11 20.41 19.19
CA LEU C 602 23.53 20.81 19.15
C LEU C 602 24.24 19.90 18.15
N LEU C 603 24.16 20.30 16.89
CA LEU C 603 24.52 19.42 15.77
C LEU C 603 25.84 19.85 15.15
N CYS C 604 26.90 19.11 15.44
CA CYS C 604 28.18 19.27 14.77
C CYS C 604 28.34 18.12 13.80
N ASN C 605 28.87 18.40 12.63
CA ASN C 605 29.32 17.35 11.70
C ASN C 605 30.76 17.61 11.35
N VAL C 606 31.58 16.58 11.45
CA VAL C 606 32.93 16.59 10.93
C VAL C 606 32.91 15.72 9.69
N VAL C 607 33.10 16.33 8.53
CA VAL C 607 33.19 15.59 7.27
C VAL C 607 34.65 15.15 7.11
N LYS C 608 34.82 13.82 7.11
CA LYS C 608 36.11 13.12 7.13
C LYS C 608 35.95 11.72 6.61
N VAL D 45 -10.72 -2.72 70.91
CA VAL D 45 -10.54 -2.40 69.50
C VAL D 45 -11.89 -2.19 68.81
N GLU D 46 -12.94 -2.79 69.38
CA GLU D 46 -14.18 -3.05 68.68
C GLU D 46 -14.97 -1.73 68.64
N TYR D 47 -15.70 -1.50 67.54
CA TYR D 47 -16.55 -0.31 67.47
C TYR D 47 -17.76 -0.54 68.38
N PRO D 48 -18.26 0.49 69.08
CA PRO D 48 -19.46 0.30 69.93
C PRO D 48 -20.65 -0.17 69.09
N GLN D 49 -21.51 -0.99 69.68
CA GLN D 49 -22.59 -1.66 68.94
C GLN D 49 -23.95 -1.35 69.55
N PHE D 50 -24.95 -1.27 68.67
CA PHE D 50 -26.32 -0.99 69.05
C PHE D 50 -27.26 -2.00 68.39
N SER D 51 -28.21 -2.56 69.13
CA SER D 51 -28.99 -3.68 68.61
C SER D 51 -30.20 -3.25 67.78
N SER D 52 -30.53 -1.97 67.77
CA SER D 52 -31.66 -1.49 66.97
C SER D 52 -31.47 -0.01 66.66
N MET D 53 -32.18 0.45 65.64
CA MET D 53 -32.18 1.88 65.32
C MET D 53 -32.63 2.71 66.51
N ALA D 54 -33.64 2.23 67.24
CA ALA D 54 -34.10 3.01 68.38
C ALA D 54 -33.00 3.16 69.44
N LYS D 55 -32.23 2.09 69.68
CA LYS D 55 -31.15 2.20 70.64
C LYS D 55 -30.04 3.13 70.12
N LEU D 56 -29.75 3.06 68.83
CA LEU D 56 -28.76 3.94 68.22
C LEU D 56 -29.12 5.40 68.41
N LYS D 57 -30.42 5.71 68.25
CA LYS D 57 -30.85 7.11 68.37
C LYS D 57 -30.89 7.59 69.82
N ALA D 58 -31.12 6.70 70.78
CA ALA D 58 -31.25 7.11 72.17
C ALA D 58 -29.92 7.41 72.84
N PHE D 59 -28.80 6.93 72.29
CA PHE D 59 -27.52 7.10 72.96
C PHE D 59 -27.00 8.54 72.79
N PRO D 60 -26.35 9.10 73.80
CA PRO D 60 -25.82 10.48 73.73
C PRO D 60 -24.49 10.57 73.01
N HIS D 61 -24.52 10.37 71.69
CA HIS D 61 -23.29 10.42 70.90
C HIS D 61 -22.64 11.79 70.98
N SER D 62 -21.31 11.81 71.09
CA SER D 62 -20.58 13.07 71.21
C SER D 62 -19.22 13.09 70.55
N GLU D 63 -18.68 11.95 70.10
CA GLU D 63 -17.29 11.89 69.62
C GLU D 63 -17.26 11.97 68.10
N ASP D 64 -16.88 13.14 67.60
CA ASP D 64 -16.90 13.37 66.16
C ASP D 64 -15.99 12.36 65.45
N GLY D 65 -16.52 11.73 64.42
CA GLY D 65 -15.79 10.74 63.63
C GLY D 65 -15.82 9.32 64.16
N GLN D 66 -16.38 9.09 65.34
CA GLN D 66 -16.42 7.75 65.88
C GLN D 66 -17.25 6.83 65.00
N LEU D 67 -16.71 5.63 64.72
CA LEU D 67 -17.50 4.58 64.06
C LEU D 67 -18.26 3.77 65.08
N VAL D 68 -19.54 3.53 64.81
CA VAL D 68 -20.38 2.67 65.62
C VAL D 68 -21.07 1.67 64.72
N ARG D 69 -21.51 0.54 65.28
CA ARG D 69 -22.11 -0.52 64.48
C ARG D 69 -23.57 -0.67 64.88
N LEU D 70 -24.46 -0.56 63.91
CA LEU D 70 -25.87 -0.90 64.09
C LEU D 70 -26.03 -2.36 63.72
N LEU D 71 -26.49 -3.19 64.65
CA LEU D 71 -26.60 -4.62 64.37
C LEU D 71 -27.81 -4.94 63.48
N SER D 72 -28.90 -4.19 63.63
CA SER D 72 -30.16 -4.41 62.94
C SER D 72 -30.96 -3.13 63.02
N TRP D 73 -31.78 -2.85 62.00
CA TRP D 73 -32.67 -1.69 62.05
C TRP D 73 -33.79 -1.94 63.05
N HIS D 74 -34.55 -3.00 62.81
CA HIS D 74 -35.58 -3.42 63.77
C HIS D 74 -34.96 -4.39 64.77
N GLU D 75 -35.28 -4.19 66.06
CA GLU D 75 -34.72 -5.07 67.09
C GLU D 75 -35.01 -6.52 66.78
N GLY D 76 -33.97 -7.36 66.81
CA GLY D 76 -34.15 -8.80 66.69
C GLY D 76 -34.31 -9.33 65.28
N VAL D 77 -34.31 -8.48 64.25
CA VAL D 77 -34.51 -8.98 62.90
C VAL D 77 -33.21 -9.42 62.24
N GLY D 78 -32.16 -8.61 62.34
CA GLY D 78 -30.89 -8.89 61.70
C GLY D 78 -30.70 -8.30 60.31
N LEU D 79 -31.57 -7.42 59.88
CA LEU D 79 -31.45 -6.79 58.56
C LEU D 79 -31.24 -5.29 58.76
N GLY D 80 -30.55 -4.68 57.80
CA GLY D 80 -30.43 -3.22 57.74
C GLY D 80 -29.35 -2.62 58.60
N GLY D 81 -28.53 -3.44 59.25
CA GLY D 81 -27.42 -2.93 60.02
C GLY D 81 -26.30 -2.44 59.16
N GLY D 82 -25.26 -1.98 59.84
CA GLY D 82 -24.06 -1.47 59.17
C GLY D 82 -23.32 -0.51 60.09
N LEU D 83 -22.25 0.05 59.55
CA LEU D 83 -21.46 1.04 60.29
C LEU D 83 -21.99 2.45 60.04
N PHE D 84 -21.93 3.27 61.09
CA PHE D 84 -22.28 4.69 61.03
C PHE D 84 -21.12 5.50 61.61
N LYS D 85 -20.88 6.67 61.03
CA LYS D 85 -19.84 7.58 61.53
C LYS D 85 -20.53 8.78 62.17
N VAL D 86 -20.18 9.05 63.43
CA VAL D 86 -20.73 10.22 64.12
C VAL D 86 -20.21 11.47 63.43
N SER D 87 -21.11 12.43 63.18
CA SER D 87 -20.69 13.75 62.66
C SER D 87 -21.32 14.80 63.56
N THR D 88 -20.50 15.51 64.33
CA THR D 88 -21.09 16.57 65.17
C THR D 88 -21.42 17.84 64.39
N SER D 89 -20.97 17.94 63.14
CA SER D 89 -21.20 19.15 62.36
C SER D 89 -22.37 19.02 61.38
N SER D 90 -22.75 17.82 60.96
CA SER D 90 -23.74 17.73 59.91
C SER D 90 -25.09 18.23 60.38
N THR D 91 -25.79 18.99 59.51
CA THR D 91 -27.20 19.35 59.71
C THR D 91 -28.09 18.68 58.70
N ALA D 92 -27.63 17.61 58.06
CA ALA D 92 -28.44 16.96 57.04
C ALA D 92 -29.76 16.53 57.68
N THR D 93 -30.81 16.56 56.89
CA THR D 93 -32.09 16.10 57.41
C THR D 93 -32.00 14.60 57.67
N GLY D 94 -32.58 14.20 58.79
CA GLY D 94 -32.65 12.79 59.11
C GLY D 94 -33.52 12.03 58.12
N ASN D 95 -33.19 10.78 57.94
CA ASN D 95 -34.02 9.92 57.11
C ASN D 95 -34.19 8.53 57.71
N ASP D 96 -33.70 8.30 58.94
CA ASP D 96 -33.84 7.00 59.61
C ASP D 96 -33.29 5.88 58.75
N GLY D 97 -32.27 6.14 57.92
CA GLY D 97 -31.74 5.13 57.01
C GLY D 97 -30.25 5.30 56.86
N THR D 98 -29.85 6.33 56.13
CA THR D 98 -28.44 6.64 55.94
C THR D 98 -28.02 7.88 56.70
N VAL D 99 -28.96 8.72 57.13
CA VAL D 99 -28.67 9.86 58.00
C VAL D 99 -29.57 9.65 59.19
N VAL D 100 -29.00 9.33 60.33
CA VAL D 100 -29.75 9.00 61.53
C VAL D 100 -29.49 10.13 62.51
N VAL D 101 -30.54 10.74 63.04
CA VAL D 101 -30.36 11.83 63.99
C VAL D 101 -30.68 11.34 65.40
N ALA D 102 -29.69 11.36 66.28
CA ALA D 102 -29.92 10.95 67.66
C ALA D 102 -30.80 11.95 68.39
N SER D 103 -31.31 11.52 69.54
CA SER D 103 -32.21 12.41 70.27
C SER D 103 -31.54 13.71 70.70
N ASN D 104 -30.21 13.73 70.83
CA ASN D 104 -29.52 14.97 71.15
C ASN D 104 -29.18 15.79 69.91
N GLY D 105 -29.67 15.40 68.73
CA GLY D 105 -29.46 16.16 67.52
C GLY D 105 -28.23 15.77 66.72
N VAL D 106 -27.37 14.91 67.26
CA VAL D 106 -26.15 14.55 66.54
C VAL D 106 -26.47 13.61 65.37
N ARG D 107 -25.88 13.88 64.23
CA ARG D 107 -26.06 13.07 63.03
C ARG D 107 -25.09 11.91 63.02
N LEU D 108 -25.60 10.77 62.56
CA LEU D 108 -24.82 9.57 62.32
C LEU D 108 -24.98 9.24 60.86
N LEU D 109 -23.87 9.12 60.15
CA LEU D 109 -23.87 8.98 58.70
C LEU D 109 -23.49 7.55 58.34
N ARG D 110 -24.39 6.82 57.71
CA ARG D 110 -24.11 5.42 57.36
C ARG D 110 -22.97 5.31 56.38
N VAL D 111 -22.09 4.34 56.62
CA VAL D 111 -21.01 4.02 55.70
C VAL D 111 -21.56 2.94 54.75
N VAL D 112 -21.72 3.30 53.48
CA VAL D 112 -22.23 2.34 52.50
C VAL D 112 -21.20 2.17 51.41
N ASN D 113 -21.00 0.92 51.01
CA ASN D 113 -20.18 0.62 49.84
C ASN D 113 -21.09 -0.08 48.85
N GLY D 114 -21.29 0.52 47.70
CA GLY D 114 -22.18 -0.07 46.74
C GLY D 114 -23.60 0.49 46.86
N PRO D 115 -24.59 -0.26 46.42
CA PRO D 115 -25.96 0.27 46.39
C PRO D 115 -26.54 0.47 47.77
N ILE D 116 -27.55 1.36 47.82
CA ILE D 116 -28.38 1.48 49.01
C ILE D 116 -29.33 0.28 49.01
N TRP D 117 -29.69 -0.24 50.17
CA TRP D 117 -30.72 -1.29 50.26
C TRP D 117 -31.93 -0.81 51.05
N ALA D 118 -33.13 -1.22 50.61
CA ALA D 118 -34.34 -0.74 51.25
C ALA D 118 -34.43 -1.11 52.75
N ASP D 119 -33.84 -2.23 53.15
CA ASP D 119 -33.87 -2.59 54.57
C ASP D 119 -33.06 -1.65 55.44
N MET D 120 -32.16 -0.86 54.84
CA MET D 120 -31.45 0.17 55.60
C MET D 120 -32.38 1.27 56.10
N PHE D 121 -33.59 1.38 55.52
CA PHE D 121 -34.59 2.36 55.91
C PHE D 121 -35.74 1.70 56.64
N GLY D 122 -35.56 0.46 57.08
CA GLY D 122 -36.58 -0.22 57.85
C GLY D 122 -37.55 -1.04 57.04
N ALA D 123 -37.34 -1.19 55.74
CA ALA D 123 -38.18 -2.12 54.99
C ALA D 123 -37.98 -3.53 55.50
N LEU D 124 -39.04 -4.32 55.48
CA LEU D 124 -38.97 -5.72 55.88
C LEU D 124 -39.52 -6.62 54.78
N PRO D 125 -38.92 -7.79 54.58
CA PRO D 125 -39.43 -8.74 53.58
C PRO D 125 -40.65 -9.48 54.06
N ASN D 126 -41.55 -9.80 53.12
CA ASN D 126 -42.70 -10.66 53.41
C ASN D 126 -43.58 -10.12 54.53
N SER D 127 -43.76 -8.81 54.56
CA SER D 127 -44.56 -8.11 55.55
C SER D 127 -45.91 -7.74 54.96
N ASP D 128 -46.92 -7.73 55.80
CA ASP D 128 -48.22 -7.24 55.35
C ASP D 128 -48.36 -5.73 55.46
N ILE D 129 -47.38 -5.04 56.06
CA ILE D 129 -47.43 -3.60 56.13
C ILE D 129 -46.95 -3.03 54.79
N ASP D 130 -47.54 -1.90 54.37
CA ASP D 130 -47.12 -1.17 53.16
C ASP D 130 -45.63 -0.90 53.20
N SER D 131 -44.93 -1.38 52.19
CA SER D 131 -43.50 -1.13 52.05
C SER D 131 -43.19 0.06 51.16
N MET D 132 -44.17 0.61 50.47
CA MET D 132 -43.86 1.68 49.53
C MET D 132 -43.25 2.89 50.23
N PRO D 133 -43.68 3.30 51.43
CA PRO D 133 -43.02 4.47 52.06
C PRO D 133 -41.55 4.24 52.33
N ALA D 134 -41.17 3.06 52.83
CA ALA D 134 -39.75 2.84 53.08
C ALA D 134 -38.98 2.78 51.77
N VAL D 135 -39.53 2.14 50.73
CA VAL D 135 -38.83 2.09 49.44
C VAL D 135 -38.69 3.48 48.86
N ALA D 136 -39.75 4.30 48.98
CA ALA D 136 -39.69 5.65 48.43
C ALA D 136 -38.67 6.52 49.17
N ALA D 137 -38.59 6.39 50.50
CA ALA D 137 -37.58 7.14 51.25
C ALA D 137 -36.18 6.68 50.90
N ALA D 138 -35.98 5.36 50.81
CA ALA D 138 -34.67 4.86 50.43
C ALA D 138 -34.29 5.32 49.03
N TYR D 139 -35.25 5.32 48.12
CA TYR D 139 -34.99 5.75 46.76
C TYR D 139 -34.64 7.23 46.72
N ALA D 140 -35.36 8.06 47.47
CA ALA D 140 -35.04 9.49 47.44
C ALA D 140 -33.59 9.70 47.85
N TYR D 141 -33.14 9.00 48.89
CA TYR D 141 -31.74 9.17 49.29
C TYR D 141 -30.79 8.63 48.21
N ALA D 142 -31.07 7.41 47.72
CA ALA D 142 -30.19 6.81 46.72
C ALA D 142 -30.03 7.74 45.52
N ALA D 143 -31.13 8.28 45.02
CA ALA D 143 -31.04 9.21 43.90
C ALA D 143 -30.21 10.43 44.25
N SER D 144 -30.33 10.93 45.47
CA SER D 144 -29.56 12.11 45.85
C SER D 144 -28.06 11.87 45.78
N VAL D 145 -27.60 10.63 45.92
CA VAL D 145 -26.17 10.32 45.85
C VAL D 145 -25.81 9.49 44.61
N ASN D 146 -26.68 9.50 43.60
CA ASN D 146 -26.39 8.85 42.31
C ASN D 146 -26.04 7.38 42.47
N THR D 147 -26.74 6.70 43.39
CA THR D 147 -26.47 5.31 43.73
C THR D 147 -27.75 4.50 43.52
N ASP D 148 -27.65 3.29 42.96
CA ASP D 148 -28.87 2.51 42.78
C ASP D 148 -29.40 2.01 44.11
N LEU D 149 -30.70 1.72 44.10
CA LEU D 149 -31.39 1.14 45.26
C LEU D 149 -31.69 -0.32 44.99
N TYR D 150 -31.31 -1.20 45.93
CA TYR D 150 -31.65 -2.62 45.90
C TYR D 150 -32.81 -2.89 46.84
N ILE D 151 -33.74 -3.72 46.40
CA ILE D 151 -34.80 -4.29 47.24
C ILE D 151 -34.50 -5.76 47.38
N GLY D 152 -34.24 -6.23 48.61
CA GLY D 152 -33.89 -7.63 48.79
C GLY D 152 -35.03 -8.52 48.35
N VAL D 153 -34.70 -9.60 47.67
CA VAL D 153 -35.72 -10.50 47.11
C VAL D 153 -36.64 -11.01 48.21
N ALA D 154 -37.95 -10.87 48.00
CA ALA D 154 -39.06 -11.22 48.89
C ALA D 154 -40.33 -10.74 48.24
N THR D 155 -41.43 -10.79 48.96
CA THR D 155 -42.68 -10.18 48.55
C THR D 155 -42.90 -8.89 49.34
N TYR D 156 -43.37 -7.86 48.66
CA TYR D 156 -43.66 -6.53 49.20
C TYR D 156 -45.05 -6.12 48.78
N LYS D 157 -45.72 -5.38 49.65
CA LYS D 157 -47.01 -4.81 49.32
C LYS D 157 -46.82 -3.32 49.14
N PHE D 158 -47.29 -2.78 48.02
CA PHE D 158 -47.33 -1.33 47.81
C PHE D 158 -48.78 -0.87 47.90
N LYS D 159 -49.09 -0.04 48.90
CA LYS D 159 -50.45 0.43 49.13
C LYS D 159 -50.47 1.96 48.95
N GLY D 160 -51.54 2.61 49.33
CA GLY D 160 -51.57 4.06 49.13
C GLY D 160 -51.76 4.43 47.66
N SER D 161 -51.41 5.68 47.36
CA SER D 161 -51.65 6.21 46.03
C SER D 161 -50.51 7.13 45.59
N THR D 162 -49.33 7.01 46.20
CA THR D 162 -48.23 7.90 45.86
C THR D 162 -47.25 7.16 44.95
N PRO D 163 -47.08 7.56 43.69
CA PRO D 163 -46.11 6.87 42.80
C PRO D 163 -44.67 7.12 43.25
N ILE D 164 -43.78 6.24 42.76
CA ILE D 164 -42.35 6.50 42.84
C ILE D 164 -41.88 6.96 41.47
N ASN D 165 -41.27 8.16 41.43
CA ASN D 165 -40.70 8.68 40.19
C ASN D 165 -39.21 8.40 40.18
N VAL D 166 -38.84 7.48 39.33
CA VAL D 166 -37.44 7.09 39.16
C VAL D 166 -36.78 8.10 38.23
N ASP D 167 -35.64 8.63 38.64
CA ASP D 167 -34.86 9.54 37.81
C ASP D 167 -33.70 8.74 37.27
N PRO D 168 -33.72 8.36 35.99
CA PRO D 168 -32.69 7.46 35.47
C PRO D 168 -31.33 8.11 35.38
N SER D 169 -31.26 9.44 35.52
CA SER D 169 -29.98 10.11 35.54
C SER D 169 -29.33 10.05 36.91
N ARG D 170 -30.02 9.45 37.91
CA ARG D 170 -29.52 9.42 39.28
C ARG D 170 -29.48 8.01 39.83
N ALA D 171 -30.54 7.23 39.69
CA ALA D 171 -30.58 5.95 40.40
C ALA D 171 -31.70 5.07 39.86
N GLY D 172 -31.44 3.79 39.77
CA GLY D 172 -32.49 2.82 39.46
C GLY D 172 -32.93 2.05 40.70
N ILE D 173 -33.97 1.22 40.52
CA ILE D 173 -34.48 0.31 41.55
C ILE D 173 -34.32 -1.11 41.04
N ILE D 174 -33.65 -1.96 41.81
CA ILE D 174 -33.20 -3.28 41.38
C ILE D 174 -33.68 -4.29 42.41
N GLY D 175 -34.53 -5.23 41.99
CA GLY D 175 -34.87 -6.37 42.84
C GLY D 175 -33.70 -7.33 42.89
N TYR D 176 -33.19 -7.64 44.08
CA TYR D 176 -31.89 -8.29 44.21
C TYR D 176 -31.97 -9.47 45.19
N GLN D 177 -31.85 -10.71 44.71
CA GLN D 177 -31.90 -11.10 43.31
C GLN D 177 -32.67 -12.42 43.24
N GLY D 178 -33.63 -12.42 42.36
CA GLY D 178 -34.56 -13.54 42.23
C GLY D 178 -35.93 -13.03 41.83
N LYS D 179 -36.97 -13.70 42.32
CA LYS D 179 -38.31 -13.39 41.82
C LYS D 179 -38.95 -12.39 42.80
N VAL D 180 -38.57 -11.13 42.66
CA VAL D 180 -39.02 -10.08 43.61
C VAL D 180 -40.45 -9.70 43.25
N ARG D 181 -41.37 -9.84 44.21
CA ARG D 181 -42.80 -9.71 43.94
C ARG D 181 -43.31 -8.42 44.57
N ILE D 182 -43.77 -7.48 43.73
CA ILE D 182 -44.27 -6.17 44.15
C ILE D 182 -45.78 -6.18 43.92
N ASP D 183 -46.51 -6.49 44.99
CA ASP D 183 -47.96 -6.60 44.94
C ASP D 183 -48.56 -5.20 45.10
N CYS D 184 -49.13 -4.68 44.00
CA CYS D 184 -49.76 -3.37 43.96
C CYS D 184 -51.26 -3.50 43.84
N SER D 185 -51.81 -4.64 44.26
CA SER D 185 -53.24 -4.87 44.14
C SER D 185 -54.08 -3.85 44.93
N GLU D 186 -53.53 -3.25 45.99
CA GLU D 186 -54.24 -2.27 46.78
C GLU D 186 -53.78 -0.85 46.50
N PHE D 187 -52.86 -0.66 45.56
CA PHE D 187 -52.39 0.67 45.18
C PHE D 187 -53.42 1.38 44.30
N THR D 188 -53.62 2.68 44.57
CA THR D 188 -54.65 3.44 43.87
C THR D 188 -54.12 4.71 43.21
N GLY D 189 -52.82 4.86 43.09
CA GLY D 189 -52.26 6.04 42.41
C GLY D 189 -52.40 5.95 40.90
N SER D 190 -52.02 7.03 40.21
CA SER D 190 -52.19 7.05 38.76
C SER D 190 -51.28 6.06 38.08
N ILE D 191 -50.04 5.93 38.58
CA ILE D 191 -49.04 5.00 38.06
C ILE D 191 -48.24 4.52 39.27
N VAL D 192 -47.69 3.30 39.17
CA VAL D 192 -46.83 2.83 40.25
C VAL D 192 -45.47 3.47 40.15
N PHE D 193 -44.85 3.33 38.99
CA PHE D 193 -43.55 3.93 38.69
C PHE D 193 -43.66 4.84 37.48
N SER D 194 -43.02 5.98 37.56
CA SER D 194 -42.71 6.75 36.36
C SER D 194 -41.20 6.81 36.23
N ILE D 195 -40.71 6.99 35.01
CA ILE D 195 -39.26 7.10 34.79
C ILE D 195 -39.02 8.33 33.94
N ASN D 196 -38.33 9.33 34.50
CA ASN D 196 -38.14 10.59 33.79
C ASN D 196 -36.98 11.34 34.42
N SER D 197 -36.05 11.80 33.57
CA SER D 197 -34.89 12.55 34.06
C SER D 197 -35.27 13.95 34.56
N SER D 198 -34.54 14.42 35.57
CA SER D 198 -34.61 15.78 36.07
C SER D 198 -33.74 16.76 35.30
N TYR D 199 -33.01 16.31 34.28
CA TYR D 199 -32.07 17.16 33.57
C TYR D 199 -32.45 17.29 32.10
N SER D 200 -32.05 18.42 31.50
CA SER D 200 -32.28 18.59 30.08
C SER D 200 -31.11 18.15 29.22
N TYR D 201 -29.91 18.02 29.78
CA TYR D 201 -28.77 17.56 28.99
C TYR D 201 -27.81 16.80 29.91
N THR D 202 -26.93 17.48 30.57
CA THR D 202 -25.97 16.80 31.42
C THR D 202 -26.40 16.89 32.89
N PRO D 203 -26.11 15.89 33.72
CA PRO D 203 -25.32 14.69 33.40
C PRO D 203 -26.12 13.52 32.82
N ALA D 204 -27.38 13.73 32.43
CA ALA D 204 -28.15 12.62 31.84
C ALA D 204 -27.45 11.98 30.65
N ALA D 205 -26.84 12.82 29.80
CA ALA D 205 -26.12 12.34 28.62
C ALA D 205 -24.91 11.49 28.99
N TYR D 206 -24.45 11.57 30.23
CA TYR D 206 -23.33 10.76 30.73
C TYR D 206 -23.78 9.59 31.58
N TYR D 207 -24.95 9.69 32.24
CA TYR D 207 -25.31 8.80 33.35
C TYR D 207 -26.46 7.85 33.06
N ASN D 208 -27.39 8.19 32.17
CA ASN D 208 -28.60 7.35 32.07
C ASN D 208 -28.25 5.93 31.74
N ASN D 209 -27.21 5.73 30.92
CA ASN D 209 -26.84 4.42 30.42
C ASN D 209 -26.05 3.59 31.42
N LEU D 210 -25.62 4.17 32.55
CA LEU D 210 -24.64 3.48 33.40
C LEU D 210 -25.25 2.37 34.25
N SER D 211 -26.56 2.42 34.47
CA SER D 211 -27.24 1.39 35.28
C SER D 211 -28.71 1.40 34.85
N PRO D 212 -29.44 0.30 35.03
CA PRO D 212 -30.86 0.29 34.67
C PRO D 212 -31.68 1.17 35.59
N ALA D 213 -32.82 1.62 35.09
CA ALA D 213 -33.78 2.36 35.89
C ALA D 213 -34.65 1.41 36.72
N LEU D 214 -35.01 0.25 36.16
CA LEU D 214 -35.78 -0.76 36.89
C LEU D 214 -35.28 -2.12 36.44
N GLN D 215 -35.16 -3.06 37.36
CA GLN D 215 -34.63 -4.39 37.04
C GLN D 215 -35.15 -5.38 38.07
N GLY D 216 -35.61 -6.54 37.60
CA GLY D 216 -35.80 -7.69 38.48
C GLY D 216 -37.08 -7.75 39.26
N LEU D 217 -38.17 -7.10 38.78
CA LEU D 217 -39.37 -6.92 39.58
C LEU D 217 -40.59 -7.42 38.84
N TYR D 218 -41.42 -8.19 39.56
CA TYR D 218 -42.78 -8.53 39.11
C TYR D 218 -43.69 -7.53 39.77
N VAL D 219 -44.30 -6.65 38.98
CA VAL D 219 -45.13 -5.55 39.45
C VAL D 219 -46.55 -5.83 38.95
N PHE D 220 -47.51 -5.97 39.89
CA PHE D 220 -48.84 -6.33 39.41
C PHE D 220 -49.94 -5.61 40.17
N GLY D 221 -51.07 -5.42 39.50
CA GLY D 221 -52.25 -4.83 40.09
C GLY D 221 -53.42 -5.78 40.21
N ALA D 222 -54.61 -5.20 40.23
CA ALA D 222 -55.85 -5.95 40.27
C ALA D 222 -56.80 -5.47 39.19
N LYS D 223 -56.24 -4.93 38.11
CA LYS D 223 -57.06 -4.43 36.99
C LYS D 223 -58.02 -3.35 37.45
N THR D 224 -57.55 -2.51 38.38
CA THR D 224 -58.33 -1.36 38.82
C THR D 224 -58.28 -0.27 37.74
N SER D 225 -59.45 0.22 37.33
CA SER D 225 -59.49 1.27 36.32
C SER D 225 -58.76 2.51 36.85
N GLY D 226 -57.92 3.12 36.01
CA GLY D 226 -57.25 4.35 36.37
C GLY D 226 -55.90 4.16 37.04
N VAL D 227 -55.44 2.93 37.23
CA VAL D 227 -54.14 2.68 37.85
C VAL D 227 -53.26 2.00 36.79
N ASP D 228 -52.26 2.71 36.33
CA ASP D 228 -51.32 2.17 35.35
C ASP D 228 -50.06 1.65 36.07
N GLY D 229 -49.29 0.81 35.37
CA GLY D 229 -48.09 0.23 35.94
C GLY D 229 -46.90 1.16 35.80
N LEU D 230 -46.43 1.35 34.59
CA LEU D 230 -45.20 2.08 34.31
C LEU D 230 -45.48 3.20 33.33
N LEU D 231 -45.09 4.44 33.69
CA LEU D 231 -45.10 5.57 32.78
C LEU D 231 -43.66 5.80 32.33
N VAL D 232 -43.44 5.74 31.03
CA VAL D 232 -42.13 5.93 30.40
C VAL D 232 -42.10 7.39 29.94
N GLY D 233 -41.42 8.27 30.69
CA GLY D 233 -41.45 9.71 30.43
C GLY D 233 -42.33 10.46 31.41
N ARG D 234 -42.97 11.53 30.95
CA ARG D 234 -43.68 12.42 31.86
C ARG D 234 -45.12 12.68 31.44
N GLU D 235 -45.98 13.02 32.41
CA GLU D 235 -47.39 13.25 32.10
C GLU D 235 -47.63 14.54 31.37
N THR D 236 -46.87 15.59 31.70
CA THR D 236 -47.13 16.91 31.15
C THR D 236 -45.87 17.43 30.48
N VAL D 237 -46.00 18.43 29.63
CA VAL D 237 -44.86 18.98 28.92
C VAL D 237 -44.11 19.92 29.83
N GLY D 238 -42.83 19.63 30.11
CA GLY D 238 -42.01 20.53 30.90
C GLY D 238 -41.61 21.80 30.19
N SER D 239 -41.21 22.81 30.98
CA SER D 239 -40.67 24.03 30.39
C SER D 239 -39.36 23.75 29.66
N ASP D 240 -38.58 22.79 30.15
CA ASP D 240 -37.40 22.30 29.45
C ASP D 240 -37.62 20.82 29.18
N LYS D 241 -36.87 20.30 28.21
CA LYS D 241 -36.96 18.88 27.91
C LYS D 241 -36.35 18.02 29.03
N SER D 242 -36.74 16.75 29.06
CA SER D 242 -36.14 15.77 29.97
C SER D 242 -35.30 14.81 29.13
N TYR D 243 -34.02 14.69 29.46
CA TYR D 243 -33.09 13.91 28.63
C TYR D 243 -33.13 12.46 29.09
N ASN D 244 -33.93 11.62 28.42
CA ASN D 244 -34.18 10.26 28.85
C ASN D 244 -33.44 9.21 28.05
N GLY D 245 -32.69 9.61 27.03
CA GLY D 245 -32.09 8.61 26.16
C GLY D 245 -31.15 7.70 26.93
N GLN D 246 -31.20 6.39 26.58
CA GLN D 246 -30.33 5.31 27.06
C GLN D 246 -30.83 4.69 28.36
N THR D 247 -32.02 5.07 28.82
CA THR D 247 -32.60 4.51 30.03
C THR D 247 -33.14 3.10 29.77
N GLU D 248 -32.81 2.16 30.64
CA GLU D 248 -33.16 0.76 30.48
C GLU D 248 -34.14 0.28 31.54
N VAL D 249 -35.16 -0.48 31.13
CA VAL D 249 -35.99 -1.30 32.00
C VAL D 249 -35.73 -2.73 31.60
N ARG D 250 -35.33 -3.60 32.54
CA ARG D 250 -34.98 -4.95 32.14
C ARG D 250 -35.50 -5.92 33.19
N GLU D 251 -35.83 -7.13 32.70
CA GLU D 251 -36.12 -8.24 33.59
C GLU D 251 -37.24 -7.87 34.57
N CYS D 252 -38.31 -7.26 34.04
CA CYS D 252 -39.46 -6.90 34.83
C CYS D 252 -40.72 -7.38 34.15
N THR D 253 -41.73 -7.66 34.95
CA THR D 253 -43.04 -8.03 34.44
C THR D 253 -44.05 -7.02 34.96
N PHE D 254 -44.91 -6.52 34.07
CA PHE D 254 -46.03 -5.65 34.43
C PHE D 254 -47.30 -6.38 34.06
N ASP D 255 -48.21 -6.49 35.03
CA ASP D 255 -49.36 -7.40 34.90
C ASP D 255 -50.56 -6.78 35.59
N LYS D 256 -51.75 -6.91 34.99
CA LYS D 256 -53.01 -6.61 35.70
C LYS D 256 -53.09 -5.13 36.10
N PHE D 257 -52.58 -4.24 35.26
CA PHE D 257 -52.87 -2.81 35.41
C PHE D 257 -53.89 -2.39 34.39
N ASP D 258 -54.21 -1.08 34.38
CA ASP D 258 -55.13 -0.55 33.38
C ASP D 258 -54.36 -0.44 32.06
N ARG D 259 -53.38 0.44 31.99
CA ARG D 259 -52.31 0.32 31.01
C ARG D 259 -51.07 -0.14 31.76
N ASN D 260 -50.49 -1.27 31.32
CA ASN D 260 -49.30 -1.80 31.99
C ASN D 260 -48.11 -0.91 31.75
N ILE D 261 -47.91 -0.48 30.50
CA ILE D 261 -46.79 0.37 30.12
C ILE D 261 -47.38 1.45 29.23
N ARG D 262 -47.12 2.71 29.57
CA ARG D 262 -47.63 3.82 28.76
C ARG D 262 -46.51 4.82 28.55
N MET D 263 -46.36 5.29 27.31
CA MET D 263 -45.36 6.30 27.00
CA MET D 263 -45.36 6.30 26.97
C MET D 263 -45.94 7.67 27.24
N GLY D 264 -45.13 8.54 27.85
CA GLY D 264 -45.45 9.94 28.04
C GLY D 264 -44.51 10.82 27.23
N HIS D 265 -44.50 12.10 27.57
CA HIS D 265 -43.58 13.01 26.89
C HIS D 265 -42.14 12.65 27.22
N ASN D 266 -41.24 13.03 26.31
CA ASN D 266 -39.82 12.72 26.47
C ASN D 266 -39.56 11.22 26.44
N SER D 267 -40.39 10.45 25.73
CA SER D 267 -40.16 9.01 25.60
C SER D 267 -39.26 8.78 24.39
N TRP D 268 -37.94 8.71 24.64
CA TRP D 268 -37.00 8.55 23.54
C TRP D 268 -35.81 7.73 24.03
N ARG D 269 -35.39 6.78 23.16
CA ARG D 269 -34.21 5.92 23.36
C ARG D 269 -34.23 5.14 24.68
N PHE D 270 -35.42 4.84 25.18
CA PHE D 270 -35.53 3.80 26.21
C PHE D 270 -35.27 2.45 25.56
N VAL D 271 -34.68 1.54 26.33
CA VAL D 271 -34.48 0.16 25.90
C VAL D 271 -35.05 -0.76 26.96
N PHE D 272 -35.74 -1.81 26.50
CA PHE D 272 -36.38 -2.81 27.35
C PHE D 272 -35.80 -4.16 26.99
N TYR D 273 -35.36 -4.92 27.98
CA TYR D 273 -34.81 -6.26 27.74
C TYR D 273 -35.53 -7.24 28.65
N LYS D 274 -36.07 -8.32 28.07
CA LYS D 274 -36.77 -9.37 28.86
C LYS D 274 -37.88 -8.79 29.72
N VAL D 275 -38.66 -7.89 29.15
CA VAL D 275 -39.83 -7.32 29.82
C VAL D 275 -41.07 -8.09 29.34
N ASN D 276 -41.92 -8.43 30.31
CA ASN D 276 -43.19 -9.10 30.04
C ASN D 276 -44.30 -8.11 30.35
N SER D 277 -45.30 -8.05 29.47
CA SER D 277 -46.52 -7.26 29.73
C SER D 277 -47.71 -8.12 29.36
N LEU D 278 -48.61 -8.32 30.32
CA LEU D 278 -49.76 -9.19 30.08
C LEU D 278 -50.99 -8.75 30.88
N ASN D 279 -52.15 -9.20 30.39
CA ASN D 279 -53.41 -9.18 31.18
C ASN D 279 -53.72 -7.79 31.75
N ALA D 280 -53.72 -6.79 30.88
CA ALA D 280 -54.12 -5.44 31.27
C ALA D 280 -55.61 -5.23 31.03
N LEU D 281 -56.16 -4.18 31.65
CA LEU D 281 -57.61 -3.90 31.54
C LEU D 281 -57.95 -3.09 30.29
N SER D 282 -57.16 -2.04 29.98
CA SER D 282 -57.50 -1.16 28.86
C SER D 282 -57.41 -1.88 27.51
N PRO D 283 -58.27 -1.52 26.56
CA PRO D 283 -58.08 -2.05 25.19
C PRO D 283 -56.70 -1.77 24.62
N ASN D 284 -56.01 -0.74 25.11
CA ASN D 284 -54.65 -0.41 24.70
C ASN D 284 -53.62 -0.73 25.78
N GLY D 285 -53.94 -1.65 26.67
CA GLY D 285 -53.20 -1.68 27.91
C GLY D 285 -51.88 -2.46 27.91
N ILE D 286 -51.58 -3.27 26.89
CA ILE D 286 -50.31 -3.99 26.93
C ILE D 286 -49.13 -3.03 26.77
N LEU D 287 -49.27 -2.07 25.86
CA LEU D 287 -48.27 -1.04 25.62
C LEU D 287 -48.98 0.05 24.85
N TYR D 288 -49.04 1.27 25.39
CA TYR D 288 -49.79 2.36 24.78
C TYR D 288 -48.89 3.56 24.53
N VAL D 289 -48.86 4.03 23.29
CA VAL D 289 -48.12 5.24 22.92
C VAL D 289 -49.16 6.24 22.40
N PRO D 290 -49.67 7.14 23.21
CA PRO D 290 -50.74 8.04 22.77
C PRO D 290 -50.26 9.08 21.78
N ALA D 291 -51.21 9.64 21.03
CA ALA D 291 -50.89 10.72 20.12
C ALA D 291 -50.52 11.98 20.88
N GLY D 292 -49.69 12.80 20.26
CA GLY D 292 -49.43 14.14 20.76
C GLY D 292 -48.28 14.29 21.73
N LEU D 293 -47.41 13.29 21.81
CA LEU D 293 -46.29 13.38 22.75
C LEU D 293 -45.22 14.35 22.26
N ASP D 294 -44.64 15.08 23.19
CA ASP D 294 -43.60 16.04 22.89
C ASP D 294 -42.23 15.39 23.12
N ASP D 295 -41.27 15.68 22.23
CA ASP D 295 -39.87 15.26 22.42
C ASP D 295 -39.76 13.75 22.54
N SER D 296 -40.49 13.01 21.70
CA SER D 296 -40.57 11.58 21.86
C SER D 296 -40.43 10.90 20.51
N GLY D 297 -40.11 9.59 20.56
CA GLY D 297 -40.19 8.76 19.39
C GLY D 297 -38.89 8.27 18.84
N GLU D 298 -37.73 8.67 19.37
CA GLU D 298 -36.48 8.17 18.80
C GLU D 298 -36.17 6.76 19.31
N ILE D 299 -36.17 5.75 18.43
CA ILE D 299 -35.66 4.40 18.69
C ILE D 299 -36.04 3.85 20.06
N LEU D 300 -37.34 3.69 20.30
CA LEU D 300 -37.80 2.96 21.47
C LEU D 300 -37.56 1.48 21.17
N SER D 301 -36.74 0.80 21.98
CA SER D 301 -36.15 -0.49 21.62
C SER D 301 -36.52 -1.56 22.63
N PHE D 302 -36.90 -2.72 22.11
CA PHE D 302 -37.35 -3.87 22.90
C PHE D 302 -36.61 -5.11 22.46
N TYR D 303 -35.91 -5.76 23.35
CA TYR D 303 -35.13 -6.97 23.06
C TYR D 303 -35.72 -8.11 23.88
N HIS D 304 -36.16 -9.18 23.20
CA HIS D 304 -36.62 -10.40 23.85
C HIS D 304 -37.72 -10.09 24.87
N CYS D 305 -38.68 -9.23 24.47
CA CYS D 305 -39.82 -8.93 25.31
C CYS D 305 -41.02 -9.74 24.87
N GLN D 306 -41.95 -9.94 25.79
CA GLN D 306 -43.11 -10.77 25.52
C GLN D 306 -44.34 -9.97 25.88
N PHE D 307 -45.23 -9.78 24.91
CA PHE D 307 -46.44 -8.98 25.02
C PHE D 307 -47.58 -9.93 24.76
N PHE D 308 -48.42 -10.22 25.78
CA PHE D 308 -49.21 -11.43 25.63
C PHE D 308 -50.44 -11.46 26.51
N ASP D 309 -51.36 -12.36 26.12
CA ASP D 309 -52.46 -12.77 27.00
C ASP D 309 -53.20 -11.54 27.55
N GLY D 310 -53.53 -10.65 26.63
CA GLY D 310 -54.15 -9.41 27.01
C GLY D 310 -55.59 -9.55 27.47
N ALA D 311 -56.26 -10.64 27.10
CA ALA D 311 -57.67 -10.84 27.45
C ALA D 311 -58.47 -9.57 27.14
N GLY D 312 -58.23 -9.00 25.98
CA GLY D 312 -58.90 -7.78 25.55
C GLY D 312 -57.98 -6.58 25.45
N SER D 313 -56.79 -6.62 26.06
CA SER D 313 -55.83 -5.53 25.94
C SER D 313 -54.86 -5.81 24.79
N ASN D 314 -54.30 -4.71 24.24
CA ASN D 314 -53.52 -4.77 23.00
C ASN D 314 -52.41 -3.74 23.07
N ILE D 315 -51.58 -3.70 22.02
CA ILE D 315 -50.61 -2.63 21.85
C ILE D 315 -51.22 -1.62 20.90
N ARG D 316 -51.07 -0.34 21.22
CA ARG D 316 -51.46 0.68 20.25
C ARG D 316 -50.43 1.79 20.16
N LEU D 317 -49.93 2.02 18.94
CA LEU D 317 -49.04 3.15 18.65
C LEU D 317 -49.87 4.21 17.94
N SER D 318 -50.07 5.35 18.59
CA SER D 318 -50.87 6.45 18.02
C SER D 318 -50.08 7.73 17.79
N CYS D 319 -48.84 7.81 18.25
CA CYS D 319 -48.06 9.04 18.10
C CYS D 319 -47.39 9.08 16.73
N SER D 320 -47.37 10.27 16.16
CA SER D 320 -46.69 10.49 14.88
C SER D 320 -45.19 10.62 15.09
N SER D 321 -44.45 10.39 14.01
CA SER D 321 -42.99 10.55 14.00
C SER D 321 -42.35 9.77 15.15
N TYR D 322 -42.65 8.46 15.18
CA TYR D 322 -42.33 7.59 16.29
C TYR D 322 -41.78 6.30 15.72
N THR D 323 -40.62 5.88 16.23
CA THR D 323 -39.86 4.78 15.66
C THR D 323 -39.61 3.75 16.75
N MET D 324 -40.07 2.52 16.54
CA MET D 324 -39.94 1.46 17.54
C MET D 324 -39.25 0.26 16.89
N VAL D 325 -38.41 -0.43 17.66
CA VAL D 325 -37.67 -1.58 17.15
C VAL D 325 -37.87 -2.70 18.13
N PHE D 326 -38.34 -3.85 17.66
CA PHE D 326 -38.58 -5.04 18.45
C PHE D 326 -37.68 -6.16 17.92
N ASN D 327 -36.84 -6.72 18.76
CA ASN D 327 -35.92 -7.79 18.38
C ASN D 327 -36.25 -9.02 19.21
N THR D 328 -36.55 -10.13 18.55
CA THR D 328 -36.89 -11.40 19.21
C THR D 328 -38.02 -11.29 20.22
N CYS D 329 -38.99 -10.43 19.96
CA CYS D 329 -40.17 -10.31 20.79
C CYS D 329 -41.26 -11.25 20.32
N SER D 330 -42.21 -11.53 21.19
CA SER D 330 -43.40 -12.29 20.79
C SER D 330 -44.64 -11.48 21.14
N PHE D 331 -45.62 -11.52 20.25
CA PHE D 331 -46.90 -10.85 20.41
C PHE D 331 -47.95 -11.95 20.35
N LEU D 332 -48.54 -12.30 21.50
CA LEU D 332 -49.35 -13.52 21.63
C LEU D 332 -50.73 -13.16 22.13
N ASN D 333 -51.74 -13.50 21.35
CA ASN D 333 -53.13 -13.30 21.77
C ASN D 333 -53.46 -11.82 22.01
N ILE D 334 -52.86 -10.96 21.21
CA ILE D 334 -53.06 -9.52 21.23
C ILE D 334 -52.95 -9.01 19.80
N THR D 335 -53.45 -7.79 19.58
CA THR D 335 -53.26 -7.09 18.31
C THR D 335 -52.24 -5.98 18.51
N PHE D 336 -51.43 -5.75 17.48
CA PHE D 336 -50.56 -4.56 17.41
C PHE D 336 -51.21 -3.55 16.48
N PHE D 337 -51.82 -2.50 17.05
CA PHE D 337 -52.45 -1.45 16.28
C PHE D 337 -51.47 -0.30 16.02
N VAL D 338 -51.49 0.25 14.81
CA VAL D 338 -50.78 1.49 14.47
C VAL D 338 -51.78 2.42 13.82
N ASP D 339 -52.06 3.56 14.47
CA ASP D 339 -52.99 4.53 13.89
C ASP D 339 -52.42 5.94 13.93
N SER D 340 -51.10 6.08 14.04
CA SER D 340 -50.46 7.39 13.99
C SER D 340 -50.87 8.18 12.75
N ALA D 341 -51.02 9.49 12.93
CA ALA D 341 -51.36 10.32 11.79
C ALA D 341 -50.29 10.24 10.69
N SER D 342 -49.01 10.21 11.07
CA SER D 342 -48.00 10.03 10.03
C SER D 342 -46.68 9.59 10.65
N SER D 343 -45.86 8.91 9.83
CA SER D 343 -44.45 8.71 10.13
C SER D 343 -44.19 7.83 11.35
N ALA D 344 -45.03 6.83 11.56
CA ALA D 344 -44.65 5.74 12.44
C ALA D 344 -43.77 4.77 11.66
N THR D 345 -42.69 4.28 12.30
CA THR D 345 -41.90 3.21 11.69
C THR D 345 -41.67 2.16 12.75
N VAL D 346 -42.23 0.96 12.56
CA VAL D 346 -42.06 -0.14 13.50
C VAL D 346 -41.28 -1.23 12.78
N THR D 347 -40.21 -1.71 13.39
CA THR D 347 -39.42 -2.79 12.83
C THR D 347 -39.44 -3.95 13.79
N CYS D 348 -39.87 -5.13 13.33
CA CYS D 348 -39.87 -6.36 14.14
C CYS D 348 -38.89 -7.32 13.51
N ASN D 349 -37.76 -7.54 14.15
CA ASN D 349 -36.71 -8.42 13.65
C ASN D 349 -36.76 -9.72 14.44
N GLY D 350 -37.05 -10.83 13.78
CA GLY D 350 -37.01 -12.10 14.48
C GLY D 350 -38.07 -12.25 15.55
N CYS D 351 -39.28 -11.70 15.31
CA CYS D 351 -40.36 -11.77 16.26
C CYS D 351 -41.37 -12.85 15.85
N ASN D 352 -42.23 -13.26 16.81
CA ASN D 352 -43.34 -14.15 16.50
C ASN D 352 -44.65 -13.46 16.78
N PHE D 353 -45.62 -13.72 15.89
CA PHE D 353 -47.00 -13.29 16.03
C PHE D 353 -47.83 -14.56 16.01
N GLU D 354 -48.63 -14.79 17.07
CA GLU D 354 -49.33 -16.06 17.18
C GLU D 354 -50.52 -15.92 18.11
N ASN D 355 -51.42 -16.92 17.99
CA ASN D 355 -52.68 -17.03 18.73
C ASN D 355 -52.70 -18.28 19.61
N PRO D 356 -51.69 -18.55 20.45
CA PRO D 356 -51.63 -19.87 21.14
C PRO D 356 -52.78 -20.06 22.12
N GLY D 357 -53.54 -21.13 21.93
CA GLY D 357 -54.65 -21.45 22.83
C GLY D 357 -55.87 -20.58 22.66
N SER D 358 -55.94 -19.73 21.63
CA SER D 358 -57.03 -18.77 21.50
C SER D 358 -57.92 -19.08 20.31
N ALA D 359 -59.23 -18.89 20.49
CA ALA D 359 -60.20 -19.01 19.41
C ALA D 359 -60.52 -17.66 18.77
N SER D 360 -59.88 -16.59 19.23
CA SER D 360 -60.20 -15.24 18.78
C SER D 360 -59.77 -15.02 17.34
N THR D 361 -60.59 -14.29 16.58
CA THR D 361 -60.25 -13.90 15.22
C THR D 361 -59.56 -12.53 15.16
N ARG D 362 -59.07 -12.01 16.28
CA ARG D 362 -58.41 -10.71 16.26
C ARG D 362 -57.27 -10.65 15.26
N ARG D 363 -57.03 -9.45 14.75
CA ARG D 363 -55.86 -9.30 13.88
C ARG D 363 -54.56 -9.37 14.68
N TYR D 364 -53.47 -9.70 13.97
CA TYR D 364 -52.14 -9.62 14.56
C TYR D 364 -51.56 -8.21 14.42
N VAL D 365 -51.69 -7.60 13.25
CA VAL D 365 -51.14 -6.28 13.00
C VAL D 365 -52.20 -5.51 12.24
N ASP D 366 -52.55 -4.32 12.73
CA ASP D 366 -53.60 -3.51 12.13
C ASP D 366 -53.07 -2.09 11.99
N ILE D 367 -52.56 -1.75 10.82
CA ILE D 367 -52.11 -0.38 10.52
C ILE D 367 -53.32 0.29 9.90
N SER D 368 -54.05 1.11 10.67
CA SER D 368 -55.44 1.40 10.35
C SER D 368 -55.69 2.81 9.89
N ALA D 369 -54.75 3.73 10.02
CA ALA D 369 -55.02 5.10 9.71
C ALA D 369 -53.70 5.79 9.40
N GLY D 370 -53.78 7.06 9.01
CA GLY D 370 -52.62 7.88 8.81
C GLY D 370 -51.98 7.66 7.45
N HIS D 371 -50.81 8.26 7.27
CA HIS D 371 -50.04 8.07 6.04
C HIS D 371 -48.56 7.97 6.40
N THR D 372 -47.78 7.36 5.49
CA THR D 372 -46.32 7.28 5.66
C THR D 372 -45.96 6.48 6.92
N ASN D 373 -46.81 5.52 7.30
CA ASN D 373 -46.52 4.60 8.39
C ASN D 373 -45.99 3.31 7.77
N VAL D 374 -44.91 2.81 8.36
CA VAL D 374 -44.18 1.65 7.83
C VAL D 374 -44.07 0.62 8.93
N PHE D 375 -44.37 -0.63 8.62
CA PHE D 375 -44.25 -1.75 9.57
C PHE D 375 -43.46 -2.84 8.88
N ASN D 376 -42.32 -3.23 9.45
CA ASN D 376 -41.46 -4.25 8.88
C ASN D 376 -41.53 -5.51 9.71
N ILE D 377 -41.69 -6.67 9.07
CA ILE D 377 -41.55 -7.98 9.72
C ILE D 377 -40.39 -8.66 9.02
N ILE D 378 -39.25 -8.78 9.70
CA ILE D 378 -38.00 -9.29 9.11
C ILE D 378 -37.64 -10.57 9.84
N GLY D 379 -37.73 -11.70 9.17
CA GLY D 379 -37.48 -12.99 9.80
C GLY D 379 -38.54 -13.28 10.86
N GLY D 380 -38.17 -14.20 11.75
CA GLY D 380 -39.14 -14.61 12.75
C GLY D 380 -40.23 -15.46 12.12
N SER D 381 -41.43 -15.35 12.69
CA SER D 381 -42.52 -16.24 12.31
C SER D 381 -43.89 -15.59 12.49
N ILE D 382 -44.84 -16.08 11.70
CA ILE D 382 -46.26 -15.74 11.83
C ILE D 382 -46.99 -17.07 11.86
N VAL D 383 -47.63 -17.37 12.98
CA VAL D 383 -48.17 -18.71 13.23
C VAL D 383 -49.66 -18.56 13.49
N THR D 384 -50.45 -19.38 12.81
CA THR D 384 -51.92 -19.29 12.86
C THR D 384 -52.51 -20.64 13.26
N ASN D 385 -52.62 -20.88 14.56
CA ASN D 385 -53.25 -22.11 15.03
C ASN D 385 -54.74 -22.11 14.68
N SER D 386 -55.30 -23.32 14.55
CA SER D 386 -56.70 -23.46 14.12
C SER D 386 -57.63 -22.70 15.04
N ASN D 387 -58.67 -22.12 14.45
CA ASN D 387 -59.78 -21.56 15.20
C ASN D 387 -61.07 -21.86 14.41
N PRO D 388 -62.25 -21.47 14.91
CA PRO D 388 -63.49 -21.85 14.19
C PRO D 388 -63.65 -21.27 12.81
N GLY D 389 -62.86 -20.25 12.46
CA GLY D 389 -62.90 -19.69 11.13
C GLY D 389 -62.31 -18.30 11.19
N GLN D 390 -61.23 -18.05 10.46
CA GLN D 390 -60.54 -16.76 10.51
C GLN D 390 -61.19 -15.86 9.47
N THR D 391 -62.18 -15.07 9.92
CA THR D 391 -63.09 -14.36 9.04
C THR D 391 -62.64 -12.95 8.72
N GLN D 392 -61.45 -12.54 9.16
CA GLN D 392 -60.88 -11.28 8.73
C GLN D 392 -59.39 -11.48 8.53
N ALA D 393 -58.77 -10.55 7.78
CA ALA D 393 -57.34 -10.64 7.59
C ALA D 393 -56.57 -10.41 8.88
N LEU D 394 -55.51 -11.20 9.10
CA LEU D 394 -54.70 -11.07 10.29
C LEU D 394 -53.70 -9.94 10.21
N LEU D 395 -53.37 -9.49 9.00
CA LEU D 395 -52.54 -8.31 8.81
C LEU D 395 -53.35 -7.35 7.96
N TYR D 396 -53.29 -6.05 8.31
CA TYR D 396 -54.06 -5.04 7.59
C TYR D 396 -53.20 -3.80 7.44
N VAL D 397 -53.16 -3.24 6.24
CA VAL D 397 -52.39 -2.02 6.01
C VAL D 397 -53.24 -1.02 5.23
N SER D 398 -53.54 0.12 5.85
CA SER D 398 -54.47 1.07 5.23
C SER D 398 -53.78 1.92 4.16
N THR D 399 -54.60 2.73 3.45
CA THR D 399 -54.13 3.58 2.37
CA THR D 399 -54.10 3.52 2.35
C THR D 399 -52.95 4.43 2.79
N ASP D 400 -51.96 4.55 1.90
CA ASP D 400 -50.78 5.40 2.06
C ASP D 400 -49.76 4.85 3.05
N ASN D 401 -49.98 3.63 3.56
CA ASN D 401 -49.06 2.98 4.49
C ASN D 401 -48.42 1.77 3.85
N LEU D 402 -47.41 1.20 4.52
CA LEU D 402 -46.59 0.15 3.92
C LEU D 402 -46.29 -0.92 4.95
N LEU D 403 -46.51 -2.17 4.56
CA LEU D 403 -46.19 -3.35 5.36
C LEU D 403 -45.15 -4.15 4.57
N ASN D 404 -43.94 -4.28 5.12
CA ASN D 404 -42.85 -4.99 4.44
C ASN D 404 -42.61 -6.32 5.11
N LEU D 405 -42.55 -7.40 4.33
CA LEU D 405 -42.25 -8.73 4.83
C LEU D 405 -40.92 -9.15 4.23
N VAL D 406 -39.98 -9.54 5.07
CA VAL D 406 -38.64 -9.90 4.59
C VAL D 406 -38.27 -11.23 5.25
N GLY D 407 -38.00 -12.26 4.43
CA GLY D 407 -37.40 -13.47 4.98
C GLY D 407 -38.30 -14.19 5.98
N VAL D 408 -39.60 -14.14 5.77
CA VAL D 408 -40.54 -14.76 6.70
C VAL D 408 -41.47 -15.61 5.88
N THR D 409 -41.97 -16.69 6.49
CA THR D 409 -42.92 -17.56 5.82
C THR D 409 -44.35 -17.14 6.09
N ALA D 410 -45.10 -16.96 5.03
CA ALA D 410 -46.53 -16.65 5.20
C ALA D 410 -47.27 -17.94 5.50
N PRO D 411 -47.99 -18.02 6.61
CA PRO D 411 -48.66 -19.29 6.96
C PRO D 411 -49.94 -19.48 6.15
N TYR D 412 -50.41 -20.72 6.16
CA TYR D 412 -51.72 -21.01 5.61
C TYR D 412 -52.42 -22.00 6.54
N GLY D 413 -53.74 -21.89 6.63
CA GLY D 413 -54.51 -22.86 7.38
C GLY D 413 -55.86 -23.09 6.76
N GLY D 414 -56.39 -24.30 6.97
CA GLY D 414 -57.69 -24.63 6.37
C GLY D 414 -58.86 -23.84 6.92
N HIS D 415 -58.72 -23.21 8.07
CA HIS D 415 -59.75 -22.39 8.68
C HIS D 415 -59.77 -20.97 8.17
N TYR D 416 -58.91 -20.61 7.22
CA TYR D 416 -58.87 -19.25 6.68
C TYR D 416 -60.14 -18.95 5.91
N GLN D 417 -60.77 -17.83 6.30
CA GLN D 417 -62.04 -17.39 5.71
C GLN D 417 -62.02 -15.87 5.52
N GLN D 418 -60.86 -15.31 5.13
CA GLN D 418 -60.71 -13.86 5.04
C GLN D 418 -61.64 -13.24 4.03
N GLU D 419 -62.16 -14.02 3.08
CA GLU D 419 -63.11 -13.49 2.10
C GLU D 419 -64.35 -12.90 2.76
N GLN D 420 -64.69 -13.33 3.99
CA GLN D 420 -65.85 -12.73 4.67
C GLN D 420 -65.62 -11.25 4.89
N GLU D 421 -64.38 -10.84 5.16
CA GLU D 421 -64.09 -9.42 5.23
C GLU D 421 -63.80 -8.81 3.87
N LEU D 422 -62.89 -9.42 3.13
CA LEU D 422 -62.29 -8.76 1.98
C LEU D 422 -63.15 -8.88 0.73
N GLY D 423 -64.00 -9.90 0.64
CA GLY D 423 -64.66 -10.27 -0.59
C GLY D 423 -63.95 -11.34 -1.36
N TYR D 424 -62.72 -11.64 -1.01
CA TYR D 424 -61.88 -12.59 -1.74
C TYR D 424 -60.84 -13.15 -0.78
N HIS D 425 -60.19 -14.22 -1.21
CA HIS D 425 -59.34 -15.02 -0.32
C HIS D 425 -57.89 -14.55 -0.44
N ALA D 426 -57.44 -13.74 0.52
CA ALA D 426 -56.06 -13.28 0.59
C ALA D 426 -55.68 -13.08 2.05
N PHE D 427 -54.38 -13.00 2.30
CA PHE D 427 -53.91 -12.97 3.69
C PHE D 427 -53.96 -11.58 4.32
N ILE D 428 -53.78 -10.52 3.55
CA ILE D 428 -53.62 -9.17 4.07
C ILE D 428 -54.70 -8.28 3.49
N GLY D 429 -55.30 -7.46 4.34
CA GLY D 429 -56.32 -6.52 3.91
C GLY D 429 -55.78 -5.10 3.85
N GLY D 430 -56.62 -4.21 3.33
CA GLY D 430 -56.32 -2.79 3.34
C GLY D 430 -55.81 -2.29 2.01
N ALA D 431 -55.98 -0.98 1.79
CA ALA D 431 -55.62 -0.33 0.52
C ALA D 431 -54.20 0.22 0.51
N GLY D 432 -53.37 -0.11 1.52
CA GLY D 432 -51.97 0.24 1.51
C GLY D 432 -51.17 -0.66 0.58
N THR D 433 -49.86 -0.70 0.83
CA THR D 433 -48.93 -1.42 -0.02
C THR D 433 -48.23 -2.48 0.81
N VAL D 434 -47.95 -3.61 0.19
CA VAL D 434 -47.14 -4.67 0.79
C VAL D 434 -45.93 -4.91 -0.10
N THR D 435 -44.78 -5.13 0.52
CA THR D 435 -43.66 -5.63 -0.27
C THR D 435 -43.18 -6.94 0.33
N THR D 436 -42.54 -7.74 -0.53
CA THR D 436 -41.98 -9.01 -0.10
C THR D 436 -40.54 -9.06 -0.57
N SER D 437 -39.67 -9.60 0.26
CA SER D 437 -38.30 -9.88 -0.13
C SER D 437 -37.96 -11.19 0.56
N GLY D 438 -37.64 -12.25 -0.17
CA GLY D 438 -37.32 -13.52 0.47
C GLY D 438 -38.47 -14.14 1.24
N VAL D 439 -39.68 -13.88 0.86
CA VAL D 439 -40.83 -14.49 1.53
C VAL D 439 -41.09 -15.88 0.97
N MET D 440 -41.36 -16.81 1.87
CA MET D 440 -41.72 -18.16 1.51
C MET D 440 -43.22 -18.32 1.65
N LEU D 441 -43.83 -18.91 0.65
CA LEU D 441 -45.22 -19.36 0.74
C LEU D 441 -45.19 -20.83 1.13
N GLN D 442 -46.28 -21.30 1.77
CA GLN D 442 -46.37 -22.70 2.19
C GLN D 442 -46.99 -23.47 1.03
N LEU D 443 -46.15 -23.71 0.02
CA LEU D 443 -46.59 -24.33 -1.24
C LEU D 443 -46.95 -25.78 -1.08
N ARG D 444 -46.48 -26.44 -0.02
CA ARG D 444 -46.79 -27.84 0.26
C ARG D 444 -47.74 -28.01 1.42
N ASN D 445 -48.37 -26.94 1.86
CA ASN D 445 -49.34 -27.02 2.93
C ASN D 445 -50.55 -27.77 2.42
N GLY D 446 -50.91 -28.84 3.13
CA GLY D 446 -51.98 -29.72 2.71
C GLY D 446 -53.32 -29.06 2.62
N ALA D 447 -53.54 -27.91 3.31
CA ALA D 447 -54.79 -27.17 3.24
C ALA D 447 -54.86 -26.18 2.08
N GLY D 448 -53.71 -25.76 1.56
CA GLY D 448 -53.68 -24.80 0.46
C GLY D 448 -52.66 -23.70 0.71
N THR D 449 -52.78 -22.63 -0.10
CA THR D 449 -51.96 -21.43 -0.06
C THR D 449 -52.85 -20.32 -0.60
N CYS D 450 -52.62 -19.09 -0.18
CA CYS D 450 -53.37 -17.98 -0.76
C CYS D 450 -52.43 -16.84 -1.15
N PRO D 451 -52.87 -15.97 -2.04
CA PRO D 451 -52.09 -14.75 -2.29
C PRO D 451 -52.05 -13.87 -1.05
N LEU D 452 -51.03 -13.00 -1.01
CA LEU D 452 -50.85 -12.14 0.14
C LEU D 452 -51.67 -10.86 0.07
N HIS D 453 -51.68 -10.15 -1.06
CA HIS D 453 -52.28 -8.81 -1.03
C HIS D 453 -52.60 -8.32 -2.44
N SER D 454 -53.64 -7.47 -2.52
CA SER D 454 -54.03 -6.83 -3.78
C SER D 454 -52.88 -6.07 -4.44
N SER D 455 -52.01 -5.43 -3.65
CA SER D 455 -50.98 -4.56 -4.25
C SER D 455 -49.91 -5.36 -4.97
N LEU D 456 -49.85 -6.67 -4.74
CA LEU D 456 -48.93 -7.58 -5.41
C LEU D 456 -49.55 -8.26 -6.62
N SER D 457 -50.74 -7.82 -7.05
CA SER D 457 -51.42 -8.46 -8.18
C SER D 457 -50.54 -8.57 -9.40
N THR D 458 -50.44 -9.79 -9.94
CA THR D 458 -49.70 -10.02 -11.17
C THR D 458 -50.40 -9.41 -12.37
N PHE D 459 -51.72 -9.55 -12.43
CA PHE D 459 -52.51 -9.20 -13.60
C PHE D 459 -53.18 -7.83 -13.43
N SER D 460 -53.31 -7.14 -14.55
CA SER D 460 -53.98 -5.84 -14.56
C SER D 460 -55.48 -6.03 -14.60
N ASN D 461 -56.20 -5.07 -14.02
CA ASN D 461 -57.67 -5.15 -13.98
C ASN D 461 -58.14 -6.45 -13.30
N TRP D 462 -57.41 -6.82 -12.25
CA TRP D 462 -57.59 -8.13 -11.59
C TRP D 462 -58.95 -8.23 -10.92
N ASN D 463 -59.49 -7.11 -10.48
CA ASN D 463 -60.75 -7.01 -9.75
C ASN D 463 -61.81 -6.33 -10.57
N PHE D 464 -61.58 -6.16 -11.88
CA PHE D 464 -62.49 -5.45 -12.76
C PHE D 464 -62.68 -4.00 -12.30
N GLY D 465 -61.69 -3.46 -11.57
CA GLY D 465 -61.75 -2.08 -11.08
C GLY D 465 -61.60 -1.04 -12.16
N TYR D 466 -61.16 -1.44 -13.35
CA TYR D 466 -61.20 -0.50 -14.47
C TYR D 466 -62.62 -0.09 -14.81
N GLY D 467 -63.64 -0.87 -14.39
CA GLY D 467 -65.01 -0.62 -14.80
C GLY D 467 -65.36 -1.18 -16.16
N ASN D 468 -64.56 -2.11 -16.67
CA ASN D 468 -64.73 -2.73 -17.97
C ASN D 468 -63.87 -4.00 -17.96
N LEU D 469 -63.76 -4.67 -19.10
CA LEU D 469 -63.00 -5.90 -19.23
C LEU D 469 -61.62 -5.67 -19.91
N ASN D 470 -61.14 -4.42 -19.93
CA ASN D 470 -59.86 -4.14 -20.58
C ASN D 470 -58.76 -4.88 -19.85
N ALA D 471 -57.66 -5.13 -20.58
CA ALA D 471 -56.46 -5.88 -20.21
C ALA D 471 -56.65 -7.37 -20.34
N TRP D 472 -57.87 -7.86 -20.49
CA TRP D 472 -58.15 -9.28 -20.67
C TRP D 472 -58.48 -9.52 -22.13
N THR D 473 -57.99 -10.63 -22.66
CA THR D 473 -58.34 -11.08 -24.01
C THR D 473 -59.53 -12.02 -23.87
N VAL D 474 -60.63 -11.70 -24.54
CA VAL D 474 -61.87 -12.47 -24.42
C VAL D 474 -62.07 -13.21 -25.73
N ASP D 475 -61.73 -14.51 -25.79
CA ASP D 475 -61.80 -15.27 -27.03
C ASP D 475 -63.03 -16.17 -26.98
N LYS D 476 -64.07 -15.75 -27.69
CA LYS D 476 -65.30 -16.52 -27.79
C LYS D 476 -65.21 -17.63 -28.83
N GLY D 477 -64.12 -17.72 -29.57
CA GLY D 477 -64.02 -18.76 -30.59
C GLY D 477 -65.09 -18.56 -31.67
N THR D 478 -65.76 -19.65 -32.06
CA THR D 478 -66.83 -19.54 -33.05
C THR D 478 -68.16 -19.15 -32.40
N GLY D 479 -68.17 -18.94 -31.11
CA GLY D 479 -69.41 -18.72 -30.37
C GLY D 479 -69.93 -17.29 -30.44
N THR D 480 -70.53 -16.95 -31.58
CA THR D 480 -70.99 -15.59 -31.81
C THR D 480 -72.12 -15.15 -30.86
N SER D 481 -72.91 -16.08 -30.32
CA SER D 481 -73.95 -15.69 -29.38
C SER D 481 -73.51 -15.78 -27.93
N SER D 482 -72.25 -16.14 -27.65
CA SER D 482 -71.80 -16.19 -26.27
C SER D 482 -71.81 -14.81 -25.65
N VAL D 483 -72.16 -14.74 -24.36
CA VAL D 483 -72.21 -13.47 -23.64
C VAL D 483 -71.00 -13.36 -22.72
N VAL D 484 -70.25 -12.25 -22.82
CA VAL D 484 -69.20 -11.92 -21.87
C VAL D 484 -69.39 -10.45 -21.52
N GLU D 485 -69.60 -10.15 -20.26
CA GLU D 485 -69.97 -8.78 -19.92
C GLU D 485 -69.42 -8.39 -18.56
N TYR D 486 -69.03 -7.13 -18.45
CA TYR D 486 -68.77 -6.51 -17.16
C TYR D 486 -70.10 -6.16 -16.51
N LEU D 487 -70.24 -6.47 -15.23
CA LEU D 487 -71.42 -6.11 -14.44
C LEU D 487 -70.97 -5.31 -13.22
N ALA D 488 -71.49 -4.09 -13.08
CA ALA D 488 -71.15 -3.28 -11.92
C ALA D 488 -71.89 -3.78 -10.68
N ASN D 489 -71.21 -3.69 -9.54
CA ASN D 489 -71.86 -4.00 -8.25
C ASN D 489 -72.43 -5.42 -8.22
N ALA D 490 -71.71 -6.35 -8.83
CA ALA D 490 -72.18 -7.70 -9.04
C ALA D 490 -71.24 -8.77 -8.49
N GLY D 491 -70.15 -8.39 -7.83
CA GLY D 491 -69.30 -9.39 -7.20
C GLY D 491 -69.80 -9.80 -5.83
N PRO D 492 -68.92 -10.48 -5.09
CA PRO D 492 -69.31 -11.06 -3.79
C PRO D 492 -69.92 -10.09 -2.80
N LYS D 493 -69.44 -8.85 -2.71
CA LYS D 493 -69.99 -7.90 -1.75
C LYS D 493 -71.10 -7.04 -2.32
N GLY D 494 -71.34 -7.10 -3.62
CA GLY D 494 -72.32 -6.26 -4.27
C GLY D 494 -71.88 -4.84 -4.47
N THR D 495 -70.59 -4.55 -4.30
CA THR D 495 -70.04 -3.21 -4.46
C THR D 495 -68.89 -3.17 -5.46
N GLU D 496 -68.56 -4.29 -6.08
CA GLU D 496 -67.41 -4.39 -6.97
C GLU D 496 -67.87 -4.98 -8.28
N GLY D 497 -67.01 -4.86 -9.30
CA GLY D 497 -67.35 -5.40 -10.60
C GLY D 497 -67.19 -6.91 -10.66
N ALA D 498 -67.87 -7.50 -11.62
CA ALA D 498 -67.68 -8.92 -11.91
C ALA D 498 -67.73 -9.10 -13.42
N MET D 499 -67.16 -10.19 -13.89
CA MET D 499 -67.24 -10.56 -15.29
C MET D 499 -68.17 -11.78 -15.43
N ARG D 500 -69.27 -11.63 -16.14
CA ARG D 500 -70.17 -12.76 -16.40
C ARG D 500 -69.86 -13.38 -17.75
N VAL D 501 -69.66 -14.70 -17.76
CA VAL D 501 -69.37 -15.46 -18.97
C VAL D 501 -70.44 -16.53 -19.12
N ALA D 502 -71.18 -16.49 -20.24
CA ALA D 502 -72.29 -17.42 -20.48
C ALA D 502 -72.17 -17.88 -21.94
N PRO D 503 -71.31 -18.86 -22.21
CA PRO D 503 -71.03 -19.23 -23.60
C PRO D 503 -72.13 -20.10 -24.20
N VAL D 504 -72.24 -19.99 -25.52
CA VAL D 504 -73.22 -20.77 -26.28
C VAL D 504 -72.47 -21.55 -27.35
N SER D 505 -72.75 -22.86 -27.42
CA SER D 505 -72.23 -23.78 -28.42
C SER D 505 -70.79 -24.22 -28.19
N VAL D 506 -69.88 -23.27 -27.99
CA VAL D 506 -68.48 -23.57 -27.73
C VAL D 506 -68.04 -22.71 -26.55
N GLY D 507 -66.98 -23.14 -25.87
CA GLY D 507 -66.52 -22.44 -24.68
C GLY D 507 -65.87 -21.11 -24.99
N THR D 508 -65.73 -20.30 -23.94
CA THR D 508 -65.05 -19.01 -24.08
C THR D 508 -63.80 -19.06 -23.21
N ASN D 509 -62.69 -18.47 -23.69
CA ASN D 509 -61.43 -18.43 -22.96
C ASN D 509 -61.03 -16.99 -22.77
N VAL D 510 -60.86 -16.59 -21.50
CA VAL D 510 -60.45 -15.23 -21.16
C VAL D 510 -59.03 -15.32 -20.59
N SER D 511 -58.09 -14.55 -21.14
CA SER D 511 -56.69 -14.75 -20.78
C SER D 511 -55.94 -13.44 -20.60
N GLN D 512 -54.79 -13.53 -19.95
CA GLN D 512 -53.86 -12.40 -19.82
C GLN D 512 -52.46 -12.97 -19.62
N VAL D 513 -51.45 -12.29 -20.19
CA VAL D 513 -50.05 -12.71 -20.06
C VAL D 513 -49.25 -11.54 -19.49
N GLN D 514 -48.32 -11.85 -18.59
CA GLN D 514 -47.42 -10.84 -18.03
C GLN D 514 -46.02 -11.40 -17.89
N ALA D 515 -45.04 -10.51 -17.81
CA ALA D 515 -43.66 -10.93 -17.59
C ALA D 515 -43.44 -11.42 -16.17
N VAL D 516 -42.63 -12.45 -16.02
CA VAL D 516 -42.17 -13.00 -14.75
C VAL D 516 -40.70 -13.38 -14.94
N THR D 517 -40.06 -13.78 -13.85
CA THR D 517 -38.72 -14.33 -13.94
C THR D 517 -38.52 -15.23 -12.73
N ASN D 518 -37.59 -16.20 -12.87
CA ASN D 518 -37.11 -16.92 -11.70
C ASN D 518 -36.11 -16.06 -10.94
N PRO D 519 -35.94 -16.28 -9.61
CA PRO D 519 -36.67 -17.24 -8.79
C PRO D 519 -38.01 -16.66 -8.33
N GLY D 520 -38.96 -17.52 -8.00
CA GLY D 520 -40.23 -17.01 -7.52
C GLY D 520 -41.17 -18.13 -7.11
N MET D 521 -42.18 -17.76 -6.36
CA MET D 521 -43.24 -18.65 -5.92
C MET D 521 -44.55 -17.94 -6.15
N PHE D 522 -45.60 -18.68 -6.44
CA PHE D 522 -46.86 -18.00 -6.72
C PHE D 522 -48.04 -18.72 -6.08
N SER D 523 -49.10 -17.93 -5.85
CA SER D 523 -50.40 -18.44 -5.43
C SER D 523 -51.45 -17.53 -6.02
N MET D 524 -52.54 -18.13 -6.50
CA MET D 524 -53.67 -17.40 -7.01
C MET D 524 -54.97 -17.88 -6.36
N SER D 525 -55.85 -16.94 -6.07
CA SER D 525 -57.21 -17.25 -5.70
C SER D 525 -58.13 -16.45 -6.60
N CYS D 526 -59.34 -16.97 -6.77
CA CYS D 526 -60.37 -16.33 -7.57
CA CYS D 526 -60.33 -16.14 -7.39
C CYS D 526 -61.69 -16.48 -6.82
N MET D 527 -62.64 -15.61 -7.08
CA MET D 527 -64.01 -15.79 -6.61
C MET D 527 -64.90 -16.10 -7.79
N VAL D 528 -65.66 -17.18 -7.68
CA VAL D 528 -66.52 -17.57 -8.79
C VAL D 528 -67.93 -17.86 -8.26
N ASN D 529 -68.93 -17.63 -9.12
CA ASN D 529 -70.31 -17.96 -8.77
C ASN D 529 -70.93 -18.61 -10.00
N ILE D 530 -71.07 -19.94 -9.96
CA ILE D 530 -71.68 -20.72 -11.04
C ILE D 530 -73.19 -20.67 -10.87
N ALA D 531 -73.89 -20.05 -11.81
CA ALA D 531 -75.35 -20.02 -11.73
C ALA D 531 -75.96 -21.33 -12.23
N THR D 532 -75.43 -21.87 -13.32
CA THR D 532 -75.91 -23.14 -13.86
C THR D 532 -74.77 -23.69 -14.70
N THR D 533 -74.73 -25.03 -14.84
CA THR D 533 -73.66 -25.65 -15.61
C THR D 533 -74.01 -27.07 -16.05
N PRO D 534 -73.57 -27.48 -17.25
CA PRO D 534 -73.90 -28.83 -17.74
C PRO D 534 -72.90 -29.89 -17.32
N GLY D 535 -72.11 -29.61 -16.30
CA GLY D 535 -71.01 -30.44 -15.88
C GLY D 535 -69.97 -29.50 -15.32
N ASN D 536 -68.75 -30.00 -15.15
CA ASN D 536 -67.70 -29.09 -14.67
C ASN D 536 -67.72 -27.80 -15.48
N ALA D 537 -67.78 -26.65 -14.79
CA ALA D 537 -68.10 -25.40 -15.47
C ALA D 537 -66.95 -24.83 -16.26
N GLY D 538 -65.75 -25.29 -16.00
CA GLY D 538 -64.57 -24.78 -16.68
C GLY D 538 -63.37 -24.91 -15.78
N GLN D 539 -62.35 -24.11 -16.09
CA GLN D 539 -61.12 -24.21 -15.32
C GLN D 539 -60.35 -22.91 -15.37
N VAL D 540 -59.56 -22.68 -14.33
CA VAL D 540 -58.59 -21.58 -14.33
C VAL D 540 -57.22 -22.21 -14.40
N SER D 541 -56.40 -21.80 -15.35
CA SER D 541 -55.08 -22.38 -15.52
C SER D 541 -54.02 -21.30 -15.48
N ILE D 542 -52.85 -21.68 -14.99
CA ILE D 542 -51.64 -20.86 -14.99
C ILE D 542 -50.55 -21.66 -15.65
N GLY D 543 -49.92 -21.05 -16.65
CA GLY D 543 -48.78 -21.68 -17.29
C GLY D 543 -47.69 -20.68 -17.56
N PHE D 544 -46.50 -21.19 -17.85
CA PHE D 544 -45.32 -20.36 -18.04
C PHE D 544 -44.71 -20.60 -19.41
N LEU D 545 -44.12 -19.55 -19.97
CA LEU D 545 -43.40 -19.60 -21.22
C LEU D 545 -42.04 -18.95 -21.01
N ASP D 546 -41.07 -19.33 -21.85
CA ASP D 546 -39.82 -18.57 -21.90
C ASP D 546 -40.00 -17.38 -22.85
N ALA D 547 -38.94 -16.62 -23.08
CA ALA D 547 -39.06 -15.42 -23.90
C ALA D 547 -39.24 -15.72 -25.37
N ALA D 548 -38.92 -16.94 -25.80
CA ALA D 548 -39.10 -17.36 -27.17
C ALA D 548 -40.48 -17.97 -27.43
N GLY D 549 -41.34 -18.04 -26.42
CA GLY D 549 -42.65 -18.65 -26.57
C GLY D 549 -42.68 -20.15 -26.37
N ASN D 550 -41.62 -20.76 -25.88
CA ASN D 550 -41.68 -22.17 -25.56
C ASN D 550 -42.47 -22.36 -24.25
N SER D 551 -43.45 -23.27 -24.27
CA SER D 551 -44.24 -23.59 -23.08
C SER D 551 -43.42 -24.49 -22.16
N LEU D 552 -43.37 -24.12 -20.89
CA LEU D 552 -42.56 -24.86 -19.94
C LEU D 552 -43.45 -25.85 -19.17
N PRO D 553 -42.87 -26.90 -18.57
N PRO D 553 -42.98 -27.05 -18.92
CA PRO D 553 -43.68 -28.01 -18.04
CA PRO D 553 -43.83 -28.04 -18.23
C PRO D 553 -44.66 -27.71 -16.90
C PRO D 553 -44.11 -27.58 -16.82
N GLY D 554 -44.30 -26.93 -15.89
N GLY D 554 -45.23 -28.09 -16.29
CA GLY D 554 -45.09 -26.97 -14.66
CA GLY D 554 -45.64 -27.85 -14.94
C GLY D 554 -46.36 -26.11 -14.58
C GLY D 554 -46.86 -26.98 -14.76
N GLY D 555 -47.26 -26.29 -15.53
N GLY D 555 -47.62 -26.68 -15.84
CA GLY D 555 -48.53 -25.58 -15.47
CA GLY D 555 -48.81 -25.85 -15.78
C GLY D 555 -49.46 -26.24 -14.47
C GLY D 555 -49.77 -26.37 -14.73
N VAL D 556 -50.45 -25.46 -14.00
CA VAL D 556 -51.39 -25.90 -12.98
C VAL D 556 -52.78 -25.48 -13.42
N SER D 557 -53.79 -26.14 -12.87
CA SER D 557 -55.16 -25.78 -13.21
C SER D 557 -56.10 -26.13 -12.06
N ALA D 558 -57.20 -25.39 -11.98
CA ALA D 558 -58.23 -25.61 -10.98
C ALA D 558 -59.53 -25.77 -11.71
N ASN D 559 -60.21 -26.87 -11.49
CA ASN D 559 -61.54 -27.03 -12.05
C ASN D 559 -62.53 -26.21 -11.26
N LEU D 560 -63.52 -25.67 -11.96
CA LEU D 560 -64.54 -24.88 -11.27
C LEU D 560 -65.58 -25.74 -10.55
N GLY D 561 -65.79 -26.98 -11.02
CA GLY D 561 -66.85 -27.78 -10.43
C GLY D 561 -68.23 -27.33 -10.86
N THR D 562 -69.22 -27.61 -10.00
CA THR D 562 -70.62 -27.35 -10.34
C THR D 562 -71.43 -26.70 -9.21
N THR D 563 -70.83 -26.41 -8.06
CA THR D 563 -71.63 -25.90 -6.95
C THR D 563 -71.93 -24.42 -7.14
N THR D 564 -73.17 -24.02 -6.93
CA THR D 564 -73.57 -22.63 -7.06
C THR D 564 -73.17 -21.82 -5.83
N GLY D 565 -73.18 -20.50 -6.02
CA GLY D 565 -72.89 -19.55 -4.97
C GLY D 565 -71.43 -19.13 -5.00
N TRP D 566 -71.15 -17.98 -4.40
CA TRP D 566 -69.77 -17.47 -4.40
C TRP D 566 -68.85 -18.42 -3.67
N GLN D 567 -67.74 -18.78 -4.29
CA GLN D 567 -66.80 -19.70 -3.67
C GLN D 567 -65.40 -19.32 -4.10
N VAL D 568 -64.45 -19.74 -3.28
CA VAL D 568 -63.02 -19.52 -3.54
C VAL D 568 -62.47 -20.65 -4.41
N ILE D 569 -61.82 -20.29 -5.52
CA ILE D 569 -61.14 -21.27 -6.38
C ILE D 569 -59.63 -21.03 -6.32
N GLY D 570 -58.86 -22.11 -6.18
CA GLY D 570 -57.41 -22.03 -6.35
C GLY D 570 -56.60 -22.47 -5.16
N LYS D 571 -57.21 -22.71 -3.99
CA LYS D 571 -56.47 -22.81 -2.73
C LYS D 571 -55.34 -23.81 -2.83
N ASN D 572 -55.64 -25.04 -3.23
CA ASN D 572 -54.58 -26.04 -3.27
C ASN D 572 -54.16 -26.44 -4.66
N THR D 573 -54.54 -25.66 -5.66
CA THR D 573 -54.28 -25.99 -7.05
C THR D 573 -53.44 -24.92 -7.74
N LEU D 574 -53.79 -23.64 -7.58
CA LEU D 574 -53.11 -22.59 -8.33
C LEU D 574 -51.94 -22.03 -7.53
N ARG D 575 -50.89 -22.83 -7.45
CA ARG D 575 -49.73 -22.45 -6.65
C ARG D 575 -48.54 -23.22 -7.16
N GLY D 576 -47.35 -22.70 -6.88
CA GLY D 576 -46.15 -23.45 -7.23
C GLY D 576 -44.91 -22.56 -7.26
N LYS D 577 -43.82 -23.14 -7.75
CA LYS D 577 -42.58 -22.41 -7.96
C LYS D 577 -42.53 -21.93 -9.41
N VAL D 578 -41.96 -20.75 -9.62
CA VAL D 578 -41.71 -20.28 -10.99
C VAL D 578 -40.61 -21.15 -11.61
N PRO D 579 -40.83 -21.75 -12.79
CA PRO D 579 -39.76 -22.56 -13.39
C PRO D 579 -38.54 -21.73 -13.72
N ILE D 580 -37.38 -22.36 -13.57
CA ILE D 580 -36.14 -21.70 -13.96
C ILE D 580 -36.14 -21.52 -15.47
N GLY D 581 -36.03 -20.29 -15.91
CA GLY D 581 -36.08 -19.97 -17.33
C GLY D 581 -37.41 -19.40 -17.78
N ALA D 582 -38.43 -19.39 -16.91
CA ALA D 582 -39.68 -18.73 -17.25
C ALA D 582 -39.49 -17.22 -17.39
N LYS D 583 -40.15 -16.67 -18.40
CA LYS D 583 -40.15 -15.22 -18.62
C LYS D 583 -41.54 -14.65 -18.76
N GLN D 584 -42.55 -15.49 -18.93
CA GLN D 584 -43.93 -15.02 -19.03
C GLN D 584 -44.82 -15.98 -18.27
N VAL D 585 -45.89 -15.43 -17.68
CA VAL D 585 -46.92 -16.21 -17.03
C VAL D 585 -48.24 -15.89 -17.70
N ARG D 586 -49.02 -16.91 -17.99
CA ARG D 586 -50.29 -16.75 -18.68
C ARG D 586 -51.38 -17.38 -17.84
N VAL D 587 -52.42 -16.61 -17.55
CA VAL D 587 -53.61 -17.15 -16.92
C VAL D 587 -54.70 -17.27 -17.98
N ASN D 588 -55.46 -18.36 -17.91
CA ASN D 588 -56.59 -18.58 -18.81
C ASN D 588 -57.78 -19.05 -17.99
N ILE D 589 -58.93 -18.46 -18.22
CA ILE D 589 -60.18 -18.81 -17.57
C ILE D 589 -61.08 -19.38 -18.67
N GLN D 590 -61.34 -20.67 -18.60
CA GLN D 590 -62.17 -21.35 -19.57
C GLN D 590 -63.53 -21.59 -18.96
N THR D 591 -64.59 -21.21 -19.67
CA THR D 591 -65.97 -21.48 -19.26
C THR D 591 -66.62 -22.29 -20.37
N VAL D 592 -67.25 -23.42 -20.03
CA VAL D 592 -67.79 -24.32 -21.04
C VAL D 592 -69.11 -23.79 -21.60
N ALA D 593 -69.44 -24.27 -22.81
CA ALA D 593 -70.72 -23.98 -23.44
C ALA D 593 -71.84 -24.40 -22.49
N GLY D 594 -72.81 -23.50 -22.31
CA GLY D 594 -73.96 -23.77 -21.47
C GLY D 594 -73.80 -23.43 -20.01
N ALA D 595 -72.58 -23.15 -19.54
CA ALA D 595 -72.40 -22.69 -18.18
C ALA D 595 -72.66 -21.20 -18.13
N ASP D 596 -72.98 -20.70 -16.94
CA ASP D 596 -73.23 -19.29 -16.74
C ASP D 596 -72.53 -18.96 -15.42
N VAL D 597 -71.42 -18.22 -15.49
CA VAL D 597 -70.53 -18.05 -14.35
C VAL D 597 -70.16 -16.59 -14.23
N LYS D 598 -70.12 -16.09 -12.98
CA LYS D 598 -69.53 -14.79 -12.70
C LYS D 598 -68.17 -14.99 -12.04
N TYR D 599 -67.23 -14.15 -12.43
CA TYR D 599 -65.86 -14.13 -11.89
C TYR D 599 -65.56 -12.79 -11.26
N ALA D 600 -64.81 -12.81 -10.18
CA ALA D 600 -64.40 -11.59 -9.49
C ALA D 600 -63.05 -11.85 -8.85
N TYR D 601 -62.32 -10.76 -8.60
CA TYR D 601 -61.12 -10.82 -7.75
C TYR D 601 -60.15 -11.92 -8.19
N LEU D 602 -59.63 -11.78 -9.42
CA LEU D 602 -58.72 -12.77 -9.99
C LEU D 602 -57.31 -12.40 -9.55
N LEU D 603 -56.92 -12.85 -8.35
CA LEU D 603 -55.74 -12.32 -7.66
C LEU D 603 -54.63 -13.36 -7.64
N CYS D 604 -53.61 -13.12 -8.46
CA CYS D 604 -52.38 -13.88 -8.44
C CYS D 604 -51.31 -13.02 -7.78
N ASN D 605 -50.47 -13.64 -6.95
CA ASN D 605 -49.25 -12.97 -6.49
C ASN D 605 -48.07 -13.87 -6.83
N VAL D 606 -47.05 -13.28 -7.42
CA VAL D 606 -45.75 -13.94 -7.56
C VAL D 606 -44.81 -13.27 -6.58
N VAL D 607 -44.38 -14.00 -5.58
CA VAL D 607 -43.41 -13.49 -4.62
C VAL D 607 -42.02 -13.78 -5.17
N LYS D 608 -41.30 -12.72 -5.52
CA LYS D 608 -40.02 -12.78 -6.19
C LYS D 608 -39.29 -11.49 -5.85
N GLU E 46 -14.21 -15.14 69.34
CA GLU E 46 -13.91 -13.84 68.74
C GLU E 46 -12.55 -13.67 68.06
N TYR E 47 -12.61 -13.26 66.80
CA TYR E 47 -11.42 -13.00 66.01
C TYR E 47 -10.81 -11.67 66.44
N PRO E 48 -9.51 -11.63 66.69
CA PRO E 48 -8.85 -10.35 67.03
C PRO E 48 -9.14 -9.33 65.95
N GLN E 49 -9.19 -8.06 66.33
CA GLN E 49 -9.58 -7.01 65.40
C GLN E 49 -8.52 -5.92 65.32
N PHE E 50 -8.40 -5.31 64.14
CA PHE E 50 -7.43 -4.26 63.85
C PHE E 50 -8.12 -3.08 63.21
N SER E 51 -7.74 -1.87 63.61
CA SER E 51 -8.49 -0.69 63.21
C SER E 51 -8.08 -0.11 61.85
N SER E 52 -6.96 -0.56 61.26
CA SER E 52 -6.48 -0.04 59.98
C SER E 52 -5.53 -1.04 59.37
N MET E 53 -5.31 -0.90 58.06
CA MET E 53 -4.33 -1.73 57.37
C MET E 53 -2.94 -1.54 57.96
N ALA E 54 -2.57 -0.30 58.28
CA ALA E 54 -1.26 -0.07 58.86
C ALA E 54 -1.08 -0.85 60.16
N LYS E 55 -2.11 -0.84 61.03
CA LYS E 55 -2.00 -1.56 62.30
C LYS E 55 -2.01 -3.07 62.11
N LEU E 56 -2.81 -3.56 61.15
CA LEU E 56 -2.75 -4.98 60.80
C LEU E 56 -1.34 -5.40 60.38
N LYS E 57 -0.69 -4.59 59.56
CA LYS E 57 0.64 -4.91 59.06
C LYS E 57 1.71 -4.81 60.13
N ALA E 58 1.59 -3.88 61.08
CA ALA E 58 2.65 -3.70 62.06
C ALA E 58 2.63 -4.76 63.16
N PHE E 59 1.54 -5.46 63.33
CA PHE E 59 1.39 -6.38 64.45
C PHE E 59 2.20 -7.65 64.18
N PRO E 60 2.84 -8.23 65.23
CA PRO E 60 3.66 -9.45 65.06
C PRO E 60 2.83 -10.73 64.99
N HIS E 61 2.11 -10.90 63.88
CA HIS E 61 1.30 -12.10 63.70
C HIS E 61 2.17 -13.34 63.72
N SER E 62 1.65 -14.38 64.37
CA SER E 62 2.45 -15.59 64.52
C SER E 62 1.66 -16.88 64.41
N GLU E 63 0.36 -16.89 64.62
CA GLU E 63 -0.38 -18.14 64.73
C GLU E 63 -0.95 -18.56 63.37
N ASP E 64 -0.43 -19.64 62.82
CA ASP E 64 -0.81 -20.05 61.47
C ASP E 64 -2.28 -20.40 61.41
N GLY E 65 -2.95 -19.87 60.39
CA GLY E 65 -4.34 -20.17 60.16
C GLY E 65 -5.30 -19.32 60.94
N GLN E 66 -4.83 -18.48 61.85
CA GLN E 66 -5.73 -17.66 62.66
C GLN E 66 -6.50 -16.69 61.77
N LEU E 67 -7.80 -16.58 61.99
CA LEU E 67 -8.59 -15.54 61.34
C LEU E 67 -8.56 -14.28 62.20
N VAL E 68 -8.29 -13.15 61.57
CA VAL E 68 -8.32 -11.85 62.22
C VAL E 68 -9.21 -10.93 61.40
N ARG E 69 -9.77 -9.91 62.05
CA ARG E 69 -10.67 -8.99 61.37
C ARG E 69 -10.04 -7.61 61.20
N LEU E 70 -9.97 -7.13 59.97
CA LEU E 70 -9.61 -5.75 59.69
C LEU E 70 -10.91 -4.95 59.71
N LEU E 71 -11.00 -3.93 60.57
CA LEU E 71 -12.25 -3.18 60.65
C LEU E 71 -12.42 -2.21 59.49
N SER E 72 -11.31 -1.66 58.97
CA SER E 72 -11.31 -0.66 57.92
C SER E 72 -9.92 -0.59 57.36
N TRP E 73 -9.77 -0.24 56.08
CA TRP E 73 -8.43 -0.07 55.52
C TRP E 73 -7.79 1.21 56.06
N HIS E 74 -8.43 2.35 55.83
CA HIS E 74 -8.02 3.61 56.44
C HIS E 74 -8.75 3.75 57.78
N GLU E 75 -8.03 4.16 58.81
CA GLU E 75 -8.63 4.31 60.14
C GLU E 75 -9.87 5.20 60.11
N GLY E 76 -10.96 4.72 60.71
CA GLY E 76 -12.13 5.56 60.90
C GLY E 76 -13.04 5.70 59.70
N VAL E 77 -12.73 5.10 58.56
CA VAL E 77 -13.55 5.25 57.37
C VAL E 77 -14.67 4.24 57.35
N GLY E 78 -14.37 2.98 57.67
CA GLY E 78 -15.38 1.94 57.63
C GLY E 78 -15.48 1.20 56.32
N LEU E 79 -14.53 1.36 55.42
CA LEU E 79 -14.51 0.69 54.12
C LEU E 79 -13.26 -0.17 54.02
N GLY E 80 -13.38 -1.25 53.28
CA GLY E 80 -12.25 -2.07 52.92
C GLY E 80 -11.83 -3.08 53.96
N GLY E 81 -12.55 -3.20 55.06
CA GLY E 81 -12.24 -4.24 56.05
C GLY E 81 -12.65 -5.62 55.58
N GLY E 82 -12.44 -6.59 56.44
CA GLY E 82 -12.79 -7.97 56.13
C GLY E 82 -11.96 -8.91 56.97
N LEU E 83 -12.14 -10.21 56.71
CA LEU E 83 -11.38 -11.23 57.41
C LEU E 83 -10.10 -11.55 56.66
N PHE E 84 -9.06 -11.79 57.44
CA PHE E 84 -7.75 -12.21 56.93
C PHE E 84 -7.33 -13.48 57.65
N LYS E 85 -6.64 -14.36 56.94
CA LYS E 85 -6.12 -15.59 57.53
C LYS E 85 -4.59 -15.48 57.59
N VAL E 86 -4.03 -15.65 58.78
CA VAL E 86 -2.57 -15.65 58.90
C VAL E 86 -2.02 -16.88 58.20
N SER E 87 -1.01 -16.71 57.37
CA SER E 87 -0.35 -17.85 56.76
C SER E 87 1.15 -17.70 56.97
N THR E 88 1.70 -18.62 57.74
CA THR E 88 3.14 -18.60 57.95
C THR E 88 3.90 -19.40 56.88
N SER E 89 3.20 -20.04 55.95
CA SER E 89 3.85 -20.68 54.81
C SER E 89 3.87 -19.85 53.54
N SER E 90 2.93 -18.91 53.37
CA SER E 90 2.75 -18.27 52.08
C SER E 90 3.94 -17.38 51.71
N THR E 91 4.36 -17.44 50.44
CA THR E 91 5.29 -16.49 49.84
C THR E 91 4.62 -15.61 48.79
N ALA E 92 3.29 -15.48 48.86
CA ALA E 92 2.56 -14.71 47.85
C ALA E 92 3.03 -13.25 47.83
N THR E 93 2.90 -12.60 46.68
CA THR E 93 3.40 -11.23 46.53
C THR E 93 2.54 -10.28 47.33
N GLY E 94 3.18 -9.50 48.18
CA GLY E 94 2.46 -8.52 48.98
C GLY E 94 1.87 -7.42 48.12
N ASN E 95 0.64 -6.98 48.50
CA ASN E 95 0.00 -5.90 47.76
C ASN E 95 -0.80 -4.96 48.66
N ASP E 96 -0.72 -5.10 49.98
CA ASP E 96 -1.42 -4.18 50.92
C ASP E 96 -2.92 -4.13 50.67
N GLY E 97 -3.50 -5.22 50.16
CA GLY E 97 -4.90 -5.27 49.84
C GLY E 97 -5.47 -6.64 50.20
N THR E 98 -5.06 -7.65 49.44
CA THR E 98 -5.49 -9.03 49.67
C THR E 98 -4.36 -9.92 50.16
N VAL E 99 -3.11 -9.52 49.97
CA VAL E 99 -1.96 -10.22 50.50
C VAL E 99 -1.18 -9.16 51.25
N VAL E 100 -1.14 -9.28 52.56
CA VAL E 100 -0.49 -8.27 53.39
C VAL E 100 0.74 -8.94 53.97
N VAL E 101 1.91 -8.34 53.76
CA VAL E 101 3.12 -8.86 54.36
C VAL E 101 3.34 -8.04 55.64
N ALA E 102 3.18 -8.71 56.78
CA ALA E 102 3.37 -8.02 58.06
C ALA E 102 4.84 -7.65 58.23
N SER E 103 5.11 -6.77 59.21
CA SER E 103 6.49 -6.30 59.39
C SER E 103 7.45 -7.43 59.75
N ASN E 104 6.95 -8.55 60.29
CA ASN E 104 7.79 -9.70 60.56
C ASN E 104 7.86 -10.68 59.38
N GLY E 105 7.30 -10.35 58.23
CA GLY E 105 7.34 -11.19 57.05
C GLY E 105 6.19 -12.18 56.90
N VAL E 106 5.34 -12.34 57.91
CA VAL E 106 4.23 -13.28 57.83
C VAL E 106 3.13 -12.72 56.93
N ARG E 107 2.54 -13.59 56.07
CA ARG E 107 1.47 -13.14 55.18
C ARG E 107 0.11 -13.21 55.88
N LEU E 108 -0.73 -12.22 55.58
CA LEU E 108 -2.15 -12.26 55.93
C LEU E 108 -2.91 -12.27 54.62
N LEU E 109 -3.75 -13.27 54.45
CA LEU E 109 -4.44 -13.51 53.18
C LEU E 109 -5.90 -13.16 53.35
N ARG E 110 -6.37 -12.14 52.65
CA ARG E 110 -7.77 -11.75 52.80
C ARG E 110 -8.71 -12.86 52.33
N VAL E 111 -9.77 -13.10 53.10
CA VAL E 111 -10.80 -14.04 52.70
C VAL E 111 -11.84 -13.24 51.93
N VAL E 112 -11.95 -13.49 50.64
CA VAL E 112 -12.90 -12.77 49.78
C VAL E 112 -13.89 -13.78 49.23
N ASN E 113 -15.16 -13.42 49.25
CA ASN E 113 -16.20 -14.19 48.57
C ASN E 113 -16.78 -13.25 47.51
N GLY E 114 -16.65 -13.62 46.26
CA GLY E 114 -17.11 -12.78 45.18
C GLY E 114 -16.04 -11.83 44.68
N PRO E 115 -16.43 -10.72 44.10
CA PRO E 115 -15.46 -9.82 43.46
C PRO E 115 -14.53 -9.13 44.45
N ILE E 116 -13.39 -8.73 43.93
CA ILE E 116 -12.47 -7.84 44.64
C ILE E 116 -13.04 -6.44 44.59
N TRP E 117 -12.87 -5.63 45.64
CA TRP E 117 -13.29 -4.23 45.62
C TRP E 117 -12.08 -3.34 45.77
N ALA E 118 -12.09 -2.19 45.07
CA ALA E 118 -10.93 -1.29 45.11
C ALA E 118 -10.66 -0.74 46.50
N ASP E 119 -11.70 -0.56 47.33
CA ASP E 119 -11.47 -0.08 48.69
C ASP E 119 -10.67 -1.09 49.54
N MET E 120 -10.57 -2.34 49.08
CA MET E 120 -9.73 -3.33 49.79
C MET E 120 -8.26 -3.00 49.66
N PHE E 121 -7.91 -2.14 48.70
CA PHE E 121 -6.55 -1.67 48.43
C PHE E 121 -6.36 -0.22 48.83
N GLY E 122 -7.27 0.33 49.61
CA GLY E 122 -7.13 1.68 50.09
C GLY E 122 -7.75 2.75 49.22
N ALA E 123 -8.46 2.39 48.14
CA ALA E 123 -9.16 3.43 47.39
C ALA E 123 -10.24 4.04 48.29
N LEU E 124 -10.46 5.35 48.12
CA LEU E 124 -11.47 6.06 48.88
C LEU E 124 -12.43 6.75 47.92
N PRO E 125 -13.70 6.76 48.24
CA PRO E 125 -14.70 7.43 47.39
C PRO E 125 -14.66 8.94 47.59
N ASN E 126 -14.93 9.68 46.51
CA ASN E 126 -15.09 11.13 46.58
C ASN E 126 -13.88 11.82 47.17
N SER E 127 -12.70 11.34 46.81
CA SER E 127 -11.44 11.92 47.23
C SER E 127 -10.88 12.73 46.05
N ASP E 128 -10.18 13.78 46.37
CA ASP E 128 -9.49 14.56 45.37
C ASP E 128 -8.13 13.99 45.00
N ILE E 129 -7.64 12.99 45.71
CA ILE E 129 -6.34 12.38 45.47
C ILE E 129 -6.43 11.34 44.35
N ASP E 130 -5.34 11.16 43.61
CA ASP E 130 -5.29 10.15 42.54
C ASP E 130 -5.65 8.76 43.06
N SER E 131 -6.72 8.20 42.51
CA SER E 131 -7.15 6.83 42.82
C SER E 131 -6.63 5.81 41.85
N MET E 132 -6.00 6.24 40.75
CA MET E 132 -5.58 5.28 39.74
C MET E 132 -4.59 4.26 40.30
N PRO E 133 -3.63 4.62 41.16
CA PRO E 133 -2.72 3.60 41.67
C PRO E 133 -3.42 2.51 42.46
N ALA E 134 -4.39 2.87 43.31
CA ALA E 134 -5.08 1.84 44.08
C ALA E 134 -5.94 0.97 43.18
N VAL E 135 -6.62 1.57 42.21
CA VAL E 135 -7.43 0.80 41.26
C VAL E 135 -6.54 -0.13 40.44
N ALA E 136 -5.39 0.35 39.97
CA ALA E 136 -4.51 -0.48 39.18
C ALA E 136 -3.96 -1.65 40.00
N ALA E 137 -3.60 -1.42 41.26
CA ALA E 137 -3.13 -2.50 42.11
C ALA E 137 -4.22 -3.51 42.39
N ALA E 138 -5.43 -3.04 42.70
CA ALA E 138 -6.54 -3.94 42.94
C ALA E 138 -6.85 -4.75 41.68
N TYR E 139 -6.77 -4.11 40.50
CA TYR E 139 -7.01 -4.80 39.24
C TYR E 139 -5.95 -5.87 38.99
N ALA E 140 -4.67 -5.55 39.20
CA ALA E 140 -3.63 -6.55 39.00
C ALA E 140 -3.91 -7.79 39.84
N TYR E 141 -4.34 -7.60 41.08
CA TYR E 141 -4.66 -8.77 41.89
C TYR E 141 -5.89 -9.50 41.36
N ALA E 142 -6.97 -8.75 41.05
CA ALA E 142 -8.21 -9.35 40.55
C ALA E 142 -7.93 -10.22 39.32
N ALA E 143 -7.18 -9.69 38.38
CA ALA E 143 -6.82 -10.51 37.21
C ALA E 143 -6.06 -11.77 37.59
N SER E 144 -5.13 -11.64 38.55
CA SER E 144 -4.36 -12.83 38.94
C SER E 144 -5.25 -13.96 39.48
N VAL E 145 -6.38 -13.63 40.09
CA VAL E 145 -7.28 -14.67 40.59
C VAL E 145 -8.54 -14.80 39.74
N ASN E 146 -8.54 -14.28 38.51
CA ASN E 146 -9.65 -14.50 37.55
C ASN E 146 -10.98 -14.07 38.15
N THR E 147 -10.97 -12.95 38.87
CA THR E 147 -12.11 -12.41 39.60
C THR E 147 -12.30 -10.96 39.16
N ASP E 148 -13.55 -10.54 38.97
CA ASP E 148 -13.75 -9.14 38.59
C ASP E 148 -13.44 -8.17 39.74
N LEU E 149 -13.12 -6.92 39.36
CA LEU E 149 -12.87 -5.84 40.30
C LEU E 149 -14.06 -4.89 40.32
N TYR E 150 -14.59 -4.61 41.51
CA TYR E 150 -15.64 -3.62 41.68
C TYR E 150 -15.04 -2.31 42.18
N ILE E 151 -15.53 -1.19 41.66
CA ILE E 151 -15.26 0.13 42.19
C ILE E 151 -16.56 0.65 42.78
N GLY E 152 -16.57 0.89 44.09
CA GLY E 152 -17.80 1.34 44.73
C GLY E 152 -18.24 2.68 44.16
N VAL E 153 -19.54 2.81 43.92
CA VAL E 153 -20.08 4.00 43.30
C VAL E 153 -19.72 5.24 44.10
N ALA E 154 -19.14 6.24 43.41
CA ALA E 154 -18.64 7.51 43.90
C ALA E 154 -17.93 8.18 42.75
N THR E 155 -17.27 9.29 43.03
CA THR E 155 -16.39 9.95 42.06
C THR E 155 -14.94 9.65 42.40
N TYR E 156 -14.13 9.46 41.36
CA TYR E 156 -12.71 9.14 41.46
C TYR E 156 -11.96 9.99 40.46
N LYS E 157 -10.75 10.40 40.83
CA LYS E 157 -9.84 11.11 39.94
C LYS E 157 -8.73 10.16 39.53
N PHE E 158 -8.49 10.05 38.24
CA PHE E 158 -7.35 9.30 37.71
C PHE E 158 -6.36 10.31 37.17
N LYS E 159 -5.15 10.31 37.73
CA LYS E 159 -4.11 11.28 37.35
C LYS E 159 -2.91 10.49 36.84
N GLY E 160 -1.78 11.16 36.66
CA GLY E 160 -0.62 10.43 36.16
C GLY E 160 -0.72 10.14 34.68
N SER E 161 0.05 9.13 34.25
CA SER E 161 0.17 8.83 32.83
C SER E 161 0.27 7.33 32.57
N THR E 162 -0.13 6.49 33.51
CA THR E 162 0.01 5.05 33.38
C THR E 162 -1.35 4.44 33.03
N PRO E 163 -1.52 3.83 31.86
CA PRO E 163 -2.82 3.22 31.51
C PRO E 163 -3.09 1.99 32.36
N ILE E 164 -4.37 1.63 32.46
CA ILE E 164 -4.75 0.32 32.96
C ILE E 164 -5.09 -0.56 31.77
N ASN E 165 -4.37 -1.68 31.62
CA ASN E 165 -4.73 -2.68 30.62
C ASN E 165 -5.58 -3.76 31.23
N VAL E 166 -6.83 -3.80 30.82
CA VAL E 166 -7.77 -4.82 31.26
C VAL E 166 -7.55 -6.06 30.42
N ASP E 167 -7.40 -7.20 31.08
CA ASP E 167 -7.27 -8.50 30.43
C ASP E 167 -8.62 -9.16 30.52
N PRO E 168 -9.41 -9.18 29.44
CA PRO E 168 -10.80 -9.67 29.51
C PRO E 168 -10.87 -11.14 29.72
N SER E 169 -9.77 -11.87 29.55
CA SER E 169 -9.76 -13.29 29.87
C SER E 169 -9.65 -13.56 31.35
N ARG E 170 -9.39 -12.53 32.15
CA ARG E 170 -9.12 -12.69 33.57
C ARG E 170 -10.00 -11.86 34.47
N ALA E 171 -10.27 -10.60 34.16
CA ALA E 171 -11.02 -9.76 35.10
C ALA E 171 -11.52 -8.51 34.40
N GLY E 172 -12.73 -8.08 34.73
CA GLY E 172 -13.23 -6.80 34.30
C GLY E 172 -13.23 -5.79 35.45
N ILE E 173 -13.54 -4.53 35.11
CA ILE E 173 -13.70 -3.46 36.10
C ILE E 173 -15.14 -2.99 36.03
N ILE E 174 -15.84 -3.02 37.17
CA ILE E 174 -17.28 -2.84 37.24
C ILE E 174 -17.57 -1.73 38.26
N GLY E 175 -18.14 -0.61 37.80
CA GLY E 175 -18.62 0.40 38.72
C GLY E 175 -19.87 -0.11 39.40
N TYR E 176 -19.89 -0.15 40.74
CA TYR E 176 -20.91 -0.90 41.47
C TYR E 176 -21.50 -0.07 42.61
N GLN E 177 -22.77 0.34 42.52
CA GLN E 177 -23.59 0.28 41.34
C GLN E 177 -24.39 1.57 41.34
N GLY E 178 -24.35 2.26 40.22
CA GLY E 178 -24.95 3.56 40.05
C GLY E 178 -24.10 4.38 39.09
N LYS E 179 -24.04 5.67 39.34
CA LYS E 179 -23.40 6.55 38.35
C LYS E 179 -21.95 6.78 38.78
N VAL E 180 -21.08 5.83 38.45
CA VAL E 180 -19.67 5.90 38.87
C VAL E 180 -18.90 6.84 37.96
N ARG E 181 -18.21 7.83 38.53
CA ARG E 181 -17.63 8.93 37.76
C ARG E 181 -16.12 8.84 37.84
N ILE E 182 -15.46 8.60 36.70
CA ILE E 182 -13.99 8.47 36.60
C ILE E 182 -13.47 9.70 35.86
N ASP E 183 -13.03 10.67 36.63
CA ASP E 183 -12.54 11.96 36.13
C ASP E 183 -11.09 11.80 35.74
N CYS E 184 -10.82 11.79 34.44
CA CYS E 184 -9.47 11.66 33.90
C CYS E 184 -8.98 12.96 33.30
N SER E 185 -9.55 14.10 33.73
CA SER E 185 -9.19 15.36 33.13
C SER E 185 -7.72 15.72 33.35
N GLU E 186 -7.08 15.18 34.38
CA GLU E 186 -5.66 15.48 34.62
C GLU E 186 -4.72 14.38 34.17
N PHE E 187 -5.24 13.29 33.60
CA PHE E 187 -4.41 12.20 33.12
C PHE E 187 -3.72 12.61 31.82
N THR E 188 -2.43 12.25 31.69
CA THR E 188 -1.64 12.67 30.55
C THR E 188 -1.05 11.52 29.76
N GLY E 189 -1.44 10.29 30.05
CA GLY E 189 -0.94 9.14 29.30
C GLY E 189 -1.63 8.99 27.94
N SER E 190 -1.16 8.00 27.18
CA SER E 190 -1.62 7.84 25.79
C SER E 190 -3.06 7.37 25.73
N ILE E 191 -3.45 6.50 26.66
CA ILE E 191 -4.80 5.93 26.76
C ILE E 191 -5.08 5.71 28.23
N VAL E 192 -6.35 5.86 28.62
CA VAL E 192 -6.72 5.55 29.99
C VAL E 192 -6.83 4.06 30.19
N PHE E 193 -7.67 3.40 29.40
CA PHE E 193 -7.87 1.96 29.45
C PHE E 193 -7.53 1.35 28.12
N SER E 194 -6.88 0.21 28.15
CA SER E 194 -6.85 -0.67 27.00
C SER E 194 -7.48 -1.99 27.40
N ILE E 195 -7.98 -2.74 26.41
CA ILE E 195 -8.58 -4.04 26.68
C ILE E 195 -7.96 -5.04 25.70
N ASN E 196 -7.21 -6.02 26.23
CA ASN E 196 -6.55 -6.98 25.36
C ASN E 196 -6.17 -8.20 26.19
N SER E 197 -6.49 -9.39 25.65
CA SER E 197 -6.20 -10.64 26.32
C SER E 197 -4.71 -10.92 26.39
N SER E 198 -4.29 -11.59 27.47
CA SER E 198 -2.93 -12.11 27.60
C SER E 198 -2.74 -13.46 26.93
N TYR E 199 -3.78 -14.05 26.33
CA TYR E 199 -3.69 -15.39 25.78
C TYR E 199 -3.93 -15.40 24.28
N SER E 200 -3.37 -16.42 23.60
CA SER E 200 -3.64 -16.59 22.17
C SER E 200 -4.80 -17.51 21.86
N TYR E 201 -5.16 -18.39 22.79
CA TYR E 201 -6.35 -19.24 22.58
C TYR E 201 -7.08 -19.51 23.89
N THR E 202 -6.71 -20.57 24.63
CA THR E 202 -7.36 -20.83 25.92
C THR E 202 -6.50 -20.30 27.07
N PRO E 203 -7.09 -19.84 28.17
CA PRO E 203 -8.53 -19.94 28.45
C PRO E 203 -9.36 -18.77 27.95
N ALA E 204 -8.83 -17.87 27.10
CA ALA E 204 -9.65 -16.79 26.58
C ALA E 204 -10.93 -17.27 25.90
N ALA E 205 -10.82 -18.36 25.13
CA ALA E 205 -11.96 -18.94 24.43
C ALA E 205 -12.99 -19.50 25.40
N TYR E 206 -12.64 -19.70 26.67
CA TYR E 206 -13.59 -20.15 27.70
C TYR E 206 -14.08 -19.03 28.59
N TYR E 207 -13.27 -17.96 28.76
CA TYR E 207 -13.47 -16.99 29.84
C TYR E 207 -13.87 -15.60 29.39
N ASN E 208 -13.54 -15.15 28.17
CA ASN E 208 -13.78 -13.73 27.86
C ASN E 208 -15.24 -13.37 28.03
N ASN E 209 -16.11 -14.32 27.69
CA ASN E 209 -17.55 -14.08 27.67
C ASN E 209 -18.19 -14.15 29.05
N LEU E 210 -17.49 -14.60 30.09
CA LEU E 210 -18.16 -14.90 31.37
C LEU E 210 -18.50 -13.67 32.19
N SER E 211 -17.84 -12.55 31.92
CA SER E 211 -18.12 -11.31 32.64
C SER E 211 -17.68 -10.17 31.76
N PRO E 212 -18.22 -8.96 31.95
CA PRO E 212 -17.78 -7.82 31.13
C PRO E 212 -16.35 -7.40 31.44
N ALA E 213 -15.70 -6.76 30.48
CA ALA E 213 -14.39 -6.15 30.74
C ALA E 213 -14.51 -4.78 31.40
N LEU E 214 -15.52 -3.99 31.02
CA LEU E 214 -15.79 -2.70 31.66
C LEU E 214 -17.28 -2.56 31.76
N GLN E 215 -17.77 -2.03 32.90
CA GLN E 215 -19.21 -1.84 33.09
C GLN E 215 -19.44 -0.72 34.07
N GLY E 216 -20.41 0.15 33.75
CA GLY E 216 -20.94 1.07 34.75
C GLY E 216 -20.14 2.33 35.03
N LEU E 217 -19.33 2.81 34.09
CA LEU E 217 -18.38 3.89 34.33
C LEU E 217 -18.58 5.03 33.37
N TYR E 218 -18.63 6.25 33.90
CA TYR E 218 -18.49 7.48 33.08
C TYR E 218 -17.03 7.89 33.15
N VAL E 219 -16.35 7.83 32.01
CA VAL E 219 -14.91 8.06 31.91
C VAL E 219 -14.72 9.28 31.01
N PHE E 220 -14.10 10.34 31.56
CA PHE E 220 -14.01 11.56 30.76
C PHE E 220 -12.69 12.27 30.92
N GLY E 221 -12.32 13.01 29.89
CA GLY E 221 -11.12 13.81 29.89
C GLY E 221 -11.41 15.31 29.84
N ALA E 222 -10.44 16.05 29.31
CA ALA E 222 -10.54 17.50 29.12
C ALA E 222 -10.14 17.88 27.71
N LYS E 223 -10.29 16.95 26.76
CA LYS E 223 -9.93 17.16 25.34
C LYS E 223 -8.47 17.55 25.19
N THR E 224 -7.61 16.97 26.03
CA THR E 224 -6.18 17.17 25.88
C THR E 224 -5.68 16.41 24.65
N SER E 225 -4.91 17.08 23.79
CA SER E 225 -4.38 16.42 22.62
C SER E 225 -3.49 15.25 23.03
N GLY E 226 -3.70 14.10 22.41
CA GLY E 226 -2.83 12.96 22.63
C GLY E 226 -3.27 12.01 23.72
N VAL E 227 -4.42 12.24 24.35
CA VAL E 227 -4.93 11.37 25.40
C VAL E 227 -6.22 10.75 24.88
N ASP E 228 -6.19 9.45 24.65
CA ASP E 228 -7.37 8.72 24.21
C ASP E 228 -8.06 8.05 25.41
N GLY E 229 -9.33 7.70 25.24
CA GLY E 229 -10.06 7.08 26.35
C GLY E 229 -9.87 5.57 26.42
N LEU E 230 -10.43 4.87 25.45
CA LEU E 230 -10.43 3.41 25.43
C LEU E 230 -9.79 2.91 24.15
N LEU E 231 -8.80 2.04 24.30
CA LEU E 231 -8.21 1.27 23.20
C LEU E 231 -8.75 -0.15 23.25
N VAL E 232 -9.40 -0.54 22.17
CA VAL E 232 -10.01 -1.86 22.01
C VAL E 232 -8.99 -2.73 21.27
N GLY E 233 -8.28 -3.59 22.00
CA GLY E 233 -7.17 -4.32 21.41
C GLY E 233 -5.79 -3.78 21.81
N ARG E 234 -4.80 -3.89 20.90
CA ARG E 234 -3.40 -3.61 21.21
CA ARG E 234 -3.41 -3.64 21.20
C ARG E 234 -2.86 -2.50 20.33
N GLU E 235 -1.93 -1.74 20.88
CA GLU E 235 -1.31 -0.64 20.18
C GLU E 235 -0.38 -1.14 19.05
N THR E 236 0.39 -2.21 19.28
CA THR E 236 1.32 -2.71 18.28
C THR E 236 1.08 -4.21 18.11
N VAL E 237 1.58 -4.77 17.01
CA VAL E 237 1.33 -6.17 16.70
C VAL E 237 2.21 -7.02 17.60
N GLY E 238 1.61 -7.96 18.32
CA GLY E 238 2.37 -8.85 19.16
C GLY E 238 2.96 -10.02 18.39
N SER E 239 3.89 -10.73 19.04
CA SER E 239 4.49 -11.91 18.43
C SER E 239 3.49 -13.04 18.27
N ASP E 240 2.47 -13.07 19.11
CA ASP E 240 1.37 -14.00 19.01
C ASP E 240 0.09 -13.19 19.00
N LYS E 241 -1.00 -13.80 18.50
CA LYS E 241 -2.27 -13.10 18.52
C LYS E 241 -2.83 -13.01 19.93
N SER E 242 -3.71 -12.05 20.13
CA SER E 242 -4.46 -11.90 21.38
C SER E 242 -5.90 -12.29 21.14
N TYR E 243 -6.39 -13.25 21.90
CA TYR E 243 -7.75 -13.81 21.69
C TYR E 243 -8.76 -12.98 22.44
N ASN E 244 -9.40 -12.02 21.74
CA ASN E 244 -10.26 -11.04 22.37
C ASN E 244 -11.75 -11.28 22.13
N GLY E 245 -12.11 -12.31 21.37
CA GLY E 245 -13.51 -12.47 21.01
C GLY E 245 -14.38 -12.68 22.23
N GLN E 246 -15.58 -12.09 22.21
CA GLN E 246 -16.65 -12.19 23.22
C GLN E 246 -16.45 -11.18 24.35
N THR E 247 -15.48 -10.30 24.27
CA THR E 247 -15.25 -9.31 25.33
C THR E 247 -16.31 -8.20 25.25
N GLU E 248 -16.90 -7.85 26.40
CA GLU E 248 -17.98 -6.88 26.44
C GLU E 248 -17.57 -5.60 27.17
N VAL E 249 -17.95 -4.45 26.60
CA VAL E 249 -17.97 -3.16 27.30
C VAL E 249 -19.44 -2.75 27.37
N ARG E 250 -19.96 -2.49 28.55
CA ARG E 250 -21.38 -2.18 28.65
C ARG E 250 -21.60 -1.05 29.65
N GLU E 251 -22.63 -0.25 29.39
CA GLU E 251 -23.07 0.72 30.39
C GLU E 251 -21.94 1.64 30.80
N CYS E 252 -21.23 2.17 29.80
CA CYS E 252 -20.14 3.10 30.02
C CYS E 252 -20.31 4.29 29.09
N THR E 253 -19.80 5.43 29.53
CA THR E 253 -19.74 6.64 28.70
C THR E 253 -18.30 7.07 28.57
N PHE E 254 -17.88 7.37 27.34
CA PHE E 254 -16.56 7.93 27.07
C PHE E 254 -16.77 9.33 26.49
N ASP E 255 -16.08 10.33 27.05
CA ASP E 255 -16.41 11.74 26.78
C ASP E 255 -15.13 12.56 26.85
N LYS E 256 -14.98 13.52 25.94
CA LYS E 256 -13.97 14.56 26.10
C LYS E 256 -12.54 14.00 26.09
N PHE E 257 -12.32 12.98 25.26
CA PHE E 257 -10.96 12.55 24.97
C PHE E 257 -10.55 13.01 23.58
N ASP E 258 -9.34 12.63 23.15
CA ASP E 258 -8.89 12.93 21.79
C ASP E 258 -9.61 11.98 20.82
N ARG E 259 -9.32 10.68 20.89
CA ARG E 259 -10.25 9.67 20.41
C ARG E 259 -10.86 9.01 21.64
N ASN E 260 -12.19 9.01 21.73
CA ASN E 260 -12.86 8.38 22.87
C ASN E 260 -12.67 6.89 22.85
N ILE E 261 -12.87 6.27 21.70
CA ILE E 261 -12.80 4.82 21.52
C ILE E 261 -12.01 4.61 20.24
N ARG E 262 -10.93 3.82 20.30
CA ARG E 262 -10.11 3.55 19.13
C ARG E 262 -9.83 2.07 19.08
N MET E 263 -9.97 1.47 17.89
CA MET E 263 -9.69 0.05 17.72
C MET E 263 -8.22 -0.13 17.41
N GLY E 264 -7.62 -1.14 18.06
CA GLY E 264 -6.26 -1.54 17.78
C GLY E 264 -6.19 -2.92 17.16
N HIS E 265 -5.00 -3.49 17.18
CA HIS E 265 -4.84 -4.85 16.68
C HIS E 265 -5.62 -5.82 17.56
N ASN E 266 -6.01 -6.94 16.97
CA ASN E 266 -6.79 -7.95 17.68
C ASN E 266 -8.16 -7.45 18.10
N SER E 267 -8.72 -6.52 17.33
CA SER E 267 -10.05 -6.01 17.64
C SER E 267 -11.11 -6.85 16.91
N TRP E 268 -11.61 -7.89 17.58
CA TRP E 268 -12.55 -8.82 16.95
C TRP E 268 -13.52 -9.33 17.99
N ARG E 269 -14.81 -9.36 17.59
CA ARG E 269 -15.93 -9.90 18.41
C ARG E 269 -16.05 -9.24 19.77
N PHE E 270 -15.63 -7.97 19.89
CA PHE E 270 -16.07 -7.18 21.04
C PHE E 270 -17.55 -6.84 20.85
N VAL E 271 -18.26 -6.76 21.98
CA VAL E 271 -19.66 -6.32 22.00
C VAL E 271 -19.79 -5.15 22.96
N PHE E 272 -20.56 -4.14 22.56
CA PHE E 272 -20.80 -2.94 23.34
C PHE E 272 -22.30 -2.83 23.54
N TYR E 273 -22.76 -2.65 24.77
CA TYR E 273 -24.18 -2.48 25.05
C TYR E 273 -24.37 -1.20 25.84
N LYS E 274 -25.23 -0.30 25.37
CA LYS E 274 -25.56 0.92 26.14
C LYS E 274 -24.29 1.75 26.41
N VAL E 275 -23.44 1.88 25.38
CA VAL E 275 -22.25 2.70 25.47
C VAL E 275 -22.53 4.02 24.79
N ASN E 276 -22.12 5.11 25.44
CA ASN E 276 -22.22 6.47 24.91
C ASN E 276 -20.83 6.99 24.59
N SER E 277 -20.69 7.65 23.45
CA SER E 277 -19.44 8.31 23.09
C SER E 277 -19.80 9.68 22.53
N LEU E 278 -19.25 10.75 23.13
CA LEU E 278 -19.61 12.11 22.71
C LEU E 278 -18.42 13.05 22.92
N ASN E 279 -18.48 14.18 22.18
CA ASN E 279 -17.66 15.37 22.47
C ASN E 279 -16.15 15.06 22.54
N ALA E 280 -15.65 14.38 21.51
CA ALA E 280 -14.21 14.14 21.40
C ALA E 280 -13.51 15.24 20.62
N LEU E 281 -12.16 15.32 20.75
CA LEU E 281 -11.38 16.35 20.08
C LEU E 281 -11.06 16.00 18.64
N SER E 282 -10.65 14.77 18.36
CA SER E 282 -10.20 14.40 17.03
C SER E 282 -11.34 14.44 16.03
N PRO E 283 -11.08 14.78 14.76
CA PRO E 283 -12.11 14.63 13.73
C PRO E 283 -12.64 13.21 13.63
N ASN E 284 -11.87 12.22 14.07
CA ASN E 284 -12.30 10.82 14.10
C ASN E 284 -12.61 10.33 15.51
N GLY E 285 -12.92 11.24 16.45
CA GLY E 285 -12.81 10.89 17.85
C GLY E 285 -13.96 10.16 18.49
N ILE E 286 -15.14 10.09 17.87
CA ILE E 286 -16.24 9.36 18.50
C ILE E 286 -15.94 7.86 18.49
N LEU E 287 -15.44 7.34 17.38
CA LEU E 287 -15.08 5.93 17.25
C LEU E 287 -14.19 5.82 16.04
N TYR E 288 -12.96 5.36 16.23
CA TYR E 288 -11.98 5.33 15.15
C TYR E 288 -11.45 3.92 14.94
N VAL E 289 -11.54 3.43 13.73
CA VAL E 289 -10.96 2.14 13.34
C VAL E 289 -9.89 2.40 12.28
N PRO E 290 -8.62 2.55 12.63
CA PRO E 290 -7.60 2.93 11.66
C PRO E 290 -7.32 1.82 10.66
N ALA E 291 -6.71 2.21 9.54
CA ALA E 291 -6.26 1.21 8.58
C ALA E 291 -5.11 0.37 9.11
N GLY E 292 -5.01 -0.86 8.60
CA GLY E 292 -3.79 -1.65 8.81
C GLY E 292 -3.78 -2.49 10.05
N LEU E 293 -4.92 -2.70 10.67
CA LEU E 293 -4.98 -3.49 11.90
C LEU E 293 -4.80 -4.96 11.59
N ASP E 294 -4.10 -5.66 12.47
CA ASP E 294 -3.84 -7.09 12.33
C ASP E 294 -4.86 -7.87 13.14
N ASP E 295 -5.28 -9.03 12.61
CA ASP E 295 -6.14 -9.99 13.33
C ASP E 295 -7.40 -9.30 13.87
N SER E 296 -8.03 -8.45 13.06
CA SER E 296 -9.15 -7.62 13.49
C SER E 296 -10.28 -7.68 12.48
N GLY E 297 -11.48 -7.30 12.95
CA GLY E 297 -12.58 -7.02 12.04
C GLY E 297 -13.75 -7.95 12.10
N GLU E 298 -13.70 -9.03 12.89
CA GLU E 298 -14.84 -9.94 12.92
C GLU E 298 -15.93 -9.40 13.85
N ILE E 299 -17.08 -9.06 13.26
CA ILE E 299 -18.33 -8.78 14.00
C ILE E 299 -18.12 -7.92 15.25
N LEU E 300 -17.67 -6.69 15.04
CA LEU E 300 -17.63 -5.71 16.13
C LEU E 300 -19.07 -5.24 16.31
N SER E 301 -19.64 -5.43 17.50
CA SER E 301 -21.10 -5.37 17.64
C SER E 301 -21.49 -4.32 18.67
N PHE E 302 -22.52 -3.53 18.35
CA PHE E 302 -22.96 -2.41 19.18
C PHE E 302 -24.46 -2.52 19.35
N TYR E 303 -24.94 -2.61 20.59
CA TYR E 303 -26.37 -2.72 20.87
C TYR E 303 -26.79 -1.51 21.69
N HIS E 304 -27.77 -0.74 21.19
CA HIS E 304 -28.34 0.41 21.91
C HIS E 304 -27.27 1.39 22.36
N CYS E 305 -26.33 1.70 21.46
CA CYS E 305 -25.27 2.67 21.75
C CYS E 305 -25.61 4.02 21.15
N GLN E 306 -25.04 5.08 21.72
CA GLN E 306 -25.36 6.44 21.28
C GLN E 306 -24.05 7.16 20.99
N PHE E 307 -23.90 7.62 19.75
CA PHE E 307 -22.68 8.25 19.24
C PHE E 307 -23.10 9.65 18.82
N PHE E 308 -22.64 10.67 19.54
CA PHE E 308 -23.37 11.92 19.44
C PHE E 308 -22.55 13.13 19.83
N ASP E 309 -23.06 14.30 19.39
CA ASP E 309 -22.63 15.58 19.91
C ASP E 309 -21.11 15.70 19.85
N GLY E 310 -20.57 15.37 18.67
CA GLY E 310 -19.12 15.35 18.54
C GLY E 310 -18.50 16.70 18.51
N ALA E 311 -19.27 17.75 18.20
CA ALA E 311 -18.70 19.09 18.10
C ALA E 311 -17.46 19.08 17.20
N GLY E 312 -17.53 18.37 16.09
CA GLY E 312 -16.41 18.25 15.16
C GLY E 312 -15.78 16.87 15.11
N SER E 313 -16.06 16.03 16.10
CA SER E 313 -15.59 14.65 16.05
C SER E 313 -16.64 13.73 15.43
N ASN E 314 -16.18 12.62 14.88
CA ASN E 314 -17.02 11.75 14.03
C ASN E 314 -16.62 10.29 14.21
N ILE E 315 -17.32 9.39 13.52
CA ILE E 315 -16.89 7.99 13.43
C ILE E 315 -16.16 7.81 12.11
N ARG E 316 -15.06 7.08 12.12
CA ARG E 316 -14.39 6.75 10.85
C ARG E 316 -13.92 5.32 10.89
N LEU E 317 -14.37 4.54 9.89
CA LEU E 317 -13.89 3.18 9.65
C LEU E 317 -12.96 3.21 8.46
N SER E 318 -11.68 2.92 8.70
CA SER E 318 -10.64 2.94 7.67
C SER E 318 -9.98 1.58 7.46
N CYS E 319 -10.26 0.59 8.28
CA CYS E 319 -9.63 -0.71 8.14
C CYS E 319 -10.35 -1.56 7.09
N SER E 320 -9.58 -2.29 6.30
CA SER E 320 -10.14 -3.22 5.32
C SER E 320 -10.59 -4.52 5.98
N SER E 321 -11.51 -5.23 5.32
CA SER E 321 -11.99 -6.54 5.79
C SER E 321 -12.47 -6.47 7.24
N TYR E 322 -13.42 -5.56 7.46
CA TYR E 322 -13.85 -5.18 8.81
C TYR E 322 -15.36 -5.12 8.78
N THR E 323 -15.99 -5.80 9.74
CA THR E 323 -17.44 -5.97 9.73
C THR E 323 -17.98 -5.46 11.05
N MET E 324 -18.89 -4.48 10.98
CA MET E 324 -19.47 -3.86 12.18
C MET E 324 -20.99 -3.98 12.11
N VAL E 325 -21.61 -4.21 13.26
CA VAL E 325 -23.06 -4.34 13.34
C VAL E 325 -23.58 -3.43 14.45
N PHE E 326 -24.51 -2.56 14.11
CA PHE E 326 -25.10 -1.61 15.06
C PHE E 326 -26.58 -1.90 15.13
N ASN E 327 -27.08 -2.17 16.32
CA ASN E 327 -28.49 -2.48 16.54
C ASN E 327 -29.06 -1.43 17.48
N THR E 328 -30.11 -0.74 17.06
CA THR E 328 -30.81 0.32 17.86
C THR E 328 -29.87 1.41 18.35
N CYS E 329 -28.87 1.74 17.56
CA CYS E 329 -27.98 2.83 17.91
C CYS E 329 -28.50 4.14 17.34
N SER E 330 -28.00 5.26 17.86
CA SER E 330 -28.26 6.56 17.26
C SER E 330 -26.97 7.27 16.96
N PHE E 331 -26.95 7.97 15.83
CA PHE E 331 -25.80 8.73 15.33
C PHE E 331 -26.31 10.16 15.19
N LEU E 332 -25.91 11.03 16.13
CA LEU E 332 -26.52 12.34 16.28
C LEU E 332 -25.47 13.43 16.17
N ASN E 333 -25.64 14.33 15.20
CA ASN E 333 -24.74 15.48 15.05
C ASN E 333 -23.29 15.04 14.80
N ILE E 334 -23.12 13.93 14.07
CA ILE E 334 -21.82 13.41 13.68
C ILE E 334 -21.97 12.80 12.30
N THR E 335 -20.85 12.57 11.64
CA THR E 335 -20.83 11.82 10.39
C THR E 335 -20.23 10.43 10.65
N PHE E 336 -20.75 9.42 9.93
CA PHE E 336 -20.14 8.09 9.87
C PHE E 336 -19.38 7.98 8.54
N PHE E 337 -18.05 8.08 8.61
CA PHE E 337 -17.19 7.93 7.45
C PHE E 337 -16.74 6.50 7.28
N VAL E 338 -16.71 6.03 6.04
CA VAL E 338 -16.12 4.72 5.70
C VAL E 338 -15.18 4.95 4.52
N ASP E 339 -13.89 4.73 4.74
CA ASP E 339 -12.91 4.91 3.67
C ASP E 339 -11.95 3.72 3.54
N SER E 340 -12.34 2.56 4.06
CA SER E 340 -11.55 1.35 3.93
C SER E 340 -11.18 1.08 2.49
N ALA E 341 -9.96 0.59 2.29
CA ALA E 341 -9.55 0.24 0.92
C ALA E 341 -10.45 -0.84 0.33
N SER E 342 -10.86 -1.83 1.12
CA SER E 342 -11.83 -2.80 0.59
C SER E 342 -12.49 -3.59 1.69
N SER E 343 -13.69 -4.09 1.38
CA SER E 343 -14.32 -5.13 2.18
C SER E 343 -14.72 -4.67 3.58
N ALA E 344 -15.12 -3.40 3.74
CA ALA E 344 -15.87 -3.01 4.92
C ALA E 344 -17.33 -3.43 4.75
N THR E 345 -17.97 -3.94 5.81
CA THR E 345 -19.41 -4.21 5.80
C THR E 345 -19.95 -3.65 7.08
N VAL E 346 -20.80 -2.63 7.01
CA VAL E 346 -21.44 -2.03 8.18
C VAL E 346 -22.93 -2.29 8.07
N THR E 347 -23.54 -2.82 9.12
CA THR E 347 -25.00 -3.06 9.12
C THR E 347 -25.60 -2.27 10.26
N CYS E 348 -26.56 -1.39 9.96
CA CYS E 348 -27.27 -0.62 10.99
C CYS E 348 -28.72 -1.10 10.97
N ASN E 349 -29.14 -1.78 12.03
CA ASN E 349 -30.48 -2.38 12.17
CA ASN E 349 -30.50 -2.30 12.10
C ASN E 349 -31.25 -1.51 13.16
N GLY E 350 -32.28 -0.82 12.73
CA GLY E 350 -33.12 -0.11 13.69
C GLY E 350 -32.42 1.09 14.32
N CYS E 351 -31.57 1.78 13.59
CA CYS E 351 -30.83 2.91 14.11
C CYS E 351 -31.47 4.21 13.65
N ASN E 352 -31.09 5.31 14.30
CA ASN E 352 -31.49 6.66 13.87
C ASN E 352 -30.26 7.47 13.50
N PHE E 353 -30.40 8.26 12.43
CA PHE E 353 -29.42 9.24 11.97
C PHE E 353 -30.14 10.58 11.99
N GLU E 354 -29.59 11.56 12.71
CA GLU E 354 -30.32 12.82 12.86
C GLU E 354 -29.36 13.93 13.24
N ASN E 355 -29.84 15.17 13.04
CA ASN E 355 -29.14 16.42 13.33
C ASN E 355 -29.84 17.23 14.40
N PRO E 356 -30.19 16.67 15.57
CA PRO E 356 -31.05 17.40 16.53
C PRO E 356 -30.37 18.65 17.07
N GLY E 357 -31.02 19.79 16.89
CA GLY E 357 -30.48 21.06 17.39
C GLY E 357 -29.30 21.62 16.64
N SER E 358 -28.94 21.07 15.48
CA SER E 358 -27.75 21.50 14.79
C SER E 358 -28.10 22.19 13.48
N ALA E 359 -27.34 23.23 13.16
CA ALA E 359 -27.42 23.88 11.87
C ALA E 359 -26.42 23.33 10.86
N SER E 360 -25.62 22.33 11.22
CA SER E 360 -24.55 21.85 10.37
C SER E 360 -25.07 21.12 9.14
N THR E 361 -24.41 21.31 8.00
CA THR E 361 -24.76 20.56 6.80
C THR E 361 -23.95 19.28 6.64
N ARG E 362 -23.29 18.81 7.71
CA ARG E 362 -22.45 17.61 7.61
C ARG E 362 -23.25 16.42 7.08
N ARG E 363 -22.56 15.51 6.41
CA ARG E 363 -23.22 14.28 5.97
C ARG E 363 -23.52 13.38 7.17
N TYR E 364 -24.49 12.48 6.98
CA TYR E 364 -24.74 11.43 7.97
C TYR E 364 -23.86 10.22 7.71
N VAL E 365 -23.75 9.79 6.46
CA VAL E 365 -22.97 8.62 6.08
C VAL E 365 -22.17 8.97 4.84
N ASP E 366 -20.85 8.77 4.88
CA ASP E 366 -19.98 9.15 3.76
C ASP E 366 -19.07 7.95 3.50
N ILE E 367 -19.43 7.14 2.52
CA ILE E 367 -18.61 6.00 2.08
C ILE E 367 -17.79 6.56 0.90
N SER E 368 -16.53 6.91 1.15
CA SER E 368 -15.83 7.87 0.29
C SER E 368 -14.68 7.27 -0.49
N ALA E 369 -14.28 6.04 -0.25
CA ALA E 369 -13.12 5.48 -0.92
C ALA E 369 -13.22 3.97 -0.94
N GLY E 370 -12.28 3.35 -1.63
CA GLY E 370 -12.16 1.90 -1.61
C GLY E 370 -13.13 1.23 -2.57
N HIS E 371 -13.20 -0.10 -2.48
CA HIS E 371 -14.12 -0.87 -3.29
C HIS E 371 -14.68 -2.00 -2.45
N THR E 372 -15.84 -2.51 -2.87
CA THR E 372 -16.45 -3.67 -2.20
C THR E 372 -16.78 -3.34 -0.74
N ASN E 373 -17.07 -2.08 -0.48
CA ASN E 373 -17.55 -1.65 0.83
C ASN E 373 -19.08 -1.59 0.78
N VAL E 374 -19.73 -2.10 1.82
CA VAL E 374 -21.19 -2.24 1.87
C VAL E 374 -21.67 -1.60 3.17
N PHE E 375 -22.70 -0.76 3.09
CA PHE E 375 -23.31 -0.13 4.25
C PHE E 375 -24.81 -0.39 4.17
N ASN E 376 -25.38 -1.04 5.20
CA ASN E 376 -26.80 -1.38 5.23
C ASN E 376 -27.52 -0.51 6.25
N ILE E 377 -28.64 0.08 5.85
CA ILE E 377 -29.56 0.76 6.77
C ILE E 377 -30.87 0.00 6.71
N ILE E 378 -31.20 -0.74 7.77
CA ILE E 378 -32.37 -1.64 7.81
C ILE E 378 -33.32 -1.14 8.89
N GLY E 379 -34.50 -0.65 8.51
CA GLY E 379 -35.41 -0.12 9.51
C GLY E 379 -34.86 1.12 10.20
N GLY E 380 -35.44 1.43 11.36
CA GLY E 380 -34.99 2.66 11.99
C GLY E 380 -35.49 3.91 11.26
N SER E 381 -34.70 4.98 11.32
CA SER E 381 -35.14 6.27 10.82
C SER E 381 -33.96 7.13 10.39
N ILE E 382 -34.23 8.03 9.44
CA ILE E 382 -33.31 9.06 9.01
C ILE E 382 -34.10 10.36 9.08
N VAL E 383 -33.67 11.28 9.94
CA VAL E 383 -34.46 12.46 10.28
C VAL E 383 -33.63 13.70 9.97
N THR E 384 -34.24 14.66 9.28
CA THR E 384 -33.52 15.85 8.81
C THR E 384 -34.25 17.11 9.28
N ASN E 385 -33.92 17.58 10.47
CA ASN E 385 -34.51 18.83 10.97
C ASN E 385 -34.01 19.99 10.13
N SER E 386 -34.84 21.03 10.04
CA SER E 386 -34.51 22.13 9.15
C SER E 386 -33.22 22.80 9.55
N ASN E 387 -32.47 23.27 8.54
CA ASN E 387 -31.27 24.09 8.72
C ASN E 387 -31.26 25.17 7.64
N PRO E 388 -30.26 26.05 7.57
CA PRO E 388 -30.33 27.16 6.60
C PRO E 388 -30.31 26.73 5.14
N GLY E 389 -29.97 25.48 4.84
CA GLY E 389 -29.97 24.98 3.49
C GLY E 389 -29.07 23.77 3.42
N GLN E 390 -29.59 22.60 3.07
CA GLN E 390 -28.78 21.36 3.07
C GLN E 390 -28.14 21.28 1.69
N THR E 391 -26.92 21.78 1.59
CA THR E 391 -26.27 22.03 0.31
C THR E 391 -25.40 20.87 -0.17
N GLN E 392 -25.40 19.75 0.54
CA GLN E 392 -24.73 18.53 0.07
C GLN E 392 -25.59 17.34 0.45
N ALA E 393 -25.35 16.22 -0.22
CA ALA E 393 -26.10 15.00 0.08
C ALA E 393 -25.75 14.50 1.48
N LEU E 394 -26.76 14.06 2.21
CA LEU E 394 -26.53 13.54 3.55
C LEU E 394 -26.03 12.10 3.56
N LEU E 395 -26.24 11.35 2.47
CA LEU E 395 -25.68 10.02 2.26
C LEU E 395 -24.83 10.08 1.01
N TYR E 396 -23.66 9.44 1.03
CA TYR E 396 -22.77 9.46 -0.12
C TYR E 396 -22.15 8.08 -0.25
N VAL E 397 -22.16 7.52 -1.46
CA VAL E 397 -21.56 6.20 -1.69
C VAL E 397 -20.67 6.28 -2.94
N SER E 398 -19.37 6.08 -2.76
CA SER E 398 -18.42 6.26 -3.85
C SER E 398 -18.38 5.04 -4.79
N THR E 399 -17.65 5.20 -5.91
CA THR E 399 -17.59 4.16 -6.93
C THR E 399 -17.18 2.81 -6.35
N ASP E 400 -17.82 1.76 -6.84
CA ASP E 400 -17.53 0.36 -6.52
C ASP E 400 -18.03 -0.03 -5.14
N ASN E 401 -18.75 0.85 -4.44
CA ASN E 401 -19.31 0.58 -3.13
C ASN E 401 -20.83 0.53 -3.20
N LEU E 402 -21.46 0.12 -2.10
CA LEU E 402 -22.90 -0.19 -2.11
C LEU E 402 -23.53 0.31 -0.82
N LEU E 403 -24.64 1.03 -0.94
CA LEU E 403 -25.44 1.50 0.18
C LEU E 403 -26.83 0.91 0.01
N ASN E 404 -27.26 0.05 0.95
CA ASN E 404 -28.55 -0.63 0.86
C ASN E 404 -29.50 -0.02 1.88
N LEU E 405 -30.71 0.33 1.43
CA LEU E 405 -31.76 0.83 2.32
C LEU E 405 -32.89 -0.17 2.33
N VAL E 406 -33.30 -0.61 3.52
CA VAL E 406 -34.34 -1.63 3.65
C VAL E 406 -35.34 -1.13 4.68
N GLY E 407 -36.60 -1.00 4.29
CA GLY E 407 -37.65 -0.77 5.29
C GLY E 407 -37.52 0.52 6.06
N VAL E 408 -37.03 1.57 5.43
CA VAL E 408 -36.83 2.85 6.08
C VAL E 408 -37.49 3.93 5.22
N THR E 409 -37.95 4.99 5.87
CA THR E 409 -38.55 6.11 5.14
C THR E 409 -37.49 7.15 4.79
N ALA E 410 -37.43 7.51 3.51
CA ALA E 410 -36.54 8.58 3.09
C ALA E 410 -37.19 9.92 3.44
N PRO E 411 -36.55 10.78 4.22
CA PRO E 411 -37.16 12.05 4.62
C PRO E 411 -37.08 13.07 3.49
N TYR E 412 -37.90 14.10 3.63
CA TYR E 412 -37.80 15.24 2.73
C TYR E 412 -38.01 16.51 3.55
N GLY E 413 -37.31 17.58 3.17
CA GLY E 413 -37.54 18.90 3.79
C GLY E 413 -37.36 20.00 2.77
N GLY E 414 -38.07 21.11 3.00
CA GLY E 414 -38.00 22.23 2.07
C GLY E 414 -36.66 22.91 2.02
N HIS E 415 -35.81 22.67 3.02
CA HIS E 415 -34.46 23.24 3.05
C HIS E 415 -33.45 22.43 2.25
N TYR E 416 -33.87 21.34 1.60
CA TYR E 416 -32.96 20.51 0.81
C TYR E 416 -32.48 21.29 -0.41
N GLN E 417 -31.15 21.33 -0.58
CA GLN E 417 -30.45 22.05 -1.64
C GLN E 417 -29.28 21.23 -2.16
N GLN E 418 -29.45 19.90 -2.24
CA GLN E 418 -28.34 19.00 -2.59
C GLN E 418 -27.78 19.28 -3.97
N GLU E 419 -28.58 19.92 -4.83
CA GLU E 419 -28.11 20.27 -6.16
C GLU E 419 -26.90 21.18 -6.13
N GLN E 420 -26.66 21.91 -5.04
CA GLN E 420 -25.43 22.70 -4.96
C GLN E 420 -24.19 21.82 -5.03
N GLU E 421 -24.26 20.59 -4.50
CA GLU E 421 -23.14 19.66 -4.65
C GLU E 421 -23.28 18.82 -5.91
N LEU E 422 -24.45 18.20 -6.10
CA LEU E 422 -24.56 17.15 -7.11
C LEU E 422 -24.77 17.69 -8.51
N GLY E 423 -25.31 18.92 -8.64
CA GLY E 423 -25.80 19.43 -9.90
C GLY E 423 -27.29 19.21 -10.10
N TYR E 424 -27.91 18.38 -9.28
CA TYR E 424 -29.32 18.04 -9.42
C TYR E 424 -29.86 17.64 -8.05
N HIS E 425 -31.17 17.55 -7.94
CA HIS E 425 -31.86 17.41 -6.65
C HIS E 425 -32.13 15.92 -6.37
N ALA E 426 -31.26 15.31 -5.56
CA ALA E 426 -31.43 13.93 -5.14
C ALA E 426 -30.85 13.79 -3.75
N PHE E 427 -31.22 12.72 -3.07
CA PHE E 427 -30.89 12.58 -1.67
C PHE E 427 -29.49 12.05 -1.45
N ILE E 428 -28.98 11.21 -2.35
CA ILE E 428 -27.74 10.47 -2.13
C ILE E 428 -26.76 10.82 -3.24
N GLY E 429 -25.49 11.09 -2.88
CA GLY E 429 -24.46 11.37 -3.86
C GLY E 429 -23.52 10.20 -4.08
N GLY E 430 -22.63 10.37 -5.05
CA GLY E 430 -21.55 9.43 -5.28
C GLY E 430 -21.84 8.46 -6.44
N ALA E 431 -20.77 7.90 -6.99
CA ALA E 431 -20.86 7.04 -8.17
C ALA E 431 -20.98 5.56 -7.82
N GLY E 432 -21.22 5.23 -6.56
CA GLY E 432 -21.51 3.86 -6.17
C GLY E 432 -22.93 3.45 -6.54
N THR E 433 -23.41 2.39 -5.86
CA THR E 433 -24.72 1.82 -6.11
C THR E 433 -25.57 1.93 -4.86
N VAL E 434 -26.86 2.18 -5.04
CA VAL E 434 -27.85 2.15 -3.97
C VAL E 434 -28.89 1.10 -4.33
N THR E 435 -29.35 0.34 -3.33
CA THR E 435 -30.52 -0.50 -3.53
C THR E 435 -31.57 -0.12 -2.51
N THR E 436 -32.81 -0.40 -2.86
CA THR E 436 -33.94 -0.14 -1.99
C THR E 436 -34.78 -1.41 -1.92
N SER E 437 -35.26 -1.69 -0.73
CA SER E 437 -36.22 -2.75 -0.52
C SER E 437 -37.19 -2.23 0.54
N GLY E 438 -38.47 -2.09 0.21
CA GLY E 438 -39.43 -1.62 1.19
C GLY E 438 -39.20 -0.21 1.65
N VAL E 439 -38.61 0.63 0.82
CA VAL E 439 -38.40 2.03 1.21
C VAL E 439 -39.66 2.84 0.96
N MET E 440 -40.00 3.68 1.92
CA MET E 440 -41.12 4.60 1.81
C MET E 440 -40.62 5.99 1.46
N LEU E 441 -41.29 6.65 0.50
CA LEU E 441 -41.07 8.08 0.21
C LEU E 441 -42.12 8.89 0.94
N GLN E 442 -41.81 10.15 1.23
CA GLN E 442 -42.78 11.02 1.92
C GLN E 442 -43.64 11.72 0.88
N LEU E 443 -44.59 10.97 0.31
CA LEU E 443 -45.40 11.41 -0.81
C LEU E 443 -46.40 12.47 -0.43
N ARG E 444 -46.74 12.60 0.86
CA ARG E 444 -47.69 13.61 1.32
C ARG E 444 -47.02 14.77 2.03
N ASN E 445 -45.70 14.84 1.95
CA ASN E 445 -44.95 15.96 2.49
C ASN E 445 -45.20 17.19 1.63
N GLY E 446 -45.75 18.27 2.21
CA GLY E 446 -46.13 19.43 1.41
C GLY E 446 -44.97 20.12 0.74
N ALA E 447 -43.76 19.97 1.29
CA ALA E 447 -42.60 20.60 0.65
C ALA E 447 -42.11 19.82 -0.55
N GLY E 448 -42.41 18.52 -0.64
CA GLY E 448 -42.00 17.75 -1.79
C GLY E 448 -41.46 16.40 -1.43
N THR E 449 -40.78 15.82 -2.42
CA THR E 449 -40.13 14.51 -2.37
C THR E 449 -39.04 14.60 -3.44
N CYS E 450 -37.96 13.85 -3.26
CA CYS E 450 -36.95 13.80 -4.30
C CYS E 450 -36.55 12.37 -4.60
N PRO E 451 -35.96 12.12 -5.77
CA PRO E 451 -35.38 10.80 -6.02
C PRO E 451 -34.19 10.56 -5.10
N LEU E 452 -33.85 9.27 -4.96
CA LEU E 452 -32.77 8.91 -4.06
C LEU E 452 -31.39 8.92 -4.72
N HIS E 453 -31.23 8.34 -5.90
CA HIS E 453 -29.86 8.18 -6.40
C HIS E 453 -29.86 7.92 -7.90
N SER E 454 -28.76 8.35 -8.53
CA SER E 454 -28.56 8.11 -9.96
C SER E 454 -28.63 6.63 -10.35
N SER E 455 -28.15 5.72 -9.49
CA SER E 455 -28.06 4.32 -9.88
C SER E 455 -29.44 3.67 -9.95
N LEU E 456 -30.48 4.33 -9.41
CA LEU E 456 -31.85 3.88 -9.48
C LEU E 456 -32.61 4.51 -10.65
N SER E 457 -31.93 5.21 -11.55
CA SER E 457 -32.62 5.88 -12.65
C SER E 457 -33.54 4.95 -13.41
N THR E 458 -34.81 5.37 -13.57
CA THR E 458 -35.78 4.63 -14.36
C THR E 458 -35.44 4.69 -15.84
N PHE E 459 -35.01 5.85 -16.31
CA PHE E 459 -34.82 6.11 -17.73
C PHE E 459 -33.35 6.01 -18.11
N SER E 460 -33.12 5.55 -19.33
CA SER E 460 -31.78 5.48 -19.90
C SER E 460 -31.34 6.85 -20.40
N ASN E 461 -30.03 7.10 -20.32
CA ASN E 461 -29.45 8.35 -20.77
C ASN E 461 -30.07 9.53 -20.02
N TRP E 462 -30.32 9.30 -18.72
CA TRP E 462 -31.07 10.25 -17.89
C TRP E 462 -30.33 11.56 -17.72
N ASN E 463 -29.01 11.51 -17.75
CA ASN E 463 -28.14 12.68 -17.58
C ASN E 463 -27.43 13.06 -18.87
N PHE E 464 -27.86 12.51 -20.00
CA PHE E 464 -27.19 12.73 -21.28
C PHE E 464 -25.76 12.25 -21.25
N GLY E 465 -25.43 11.31 -20.36
CA GLY E 465 -24.09 10.74 -20.27
C GLY E 465 -23.69 9.87 -21.44
N TYR E 466 -24.65 9.49 -22.30
CA TYR E 466 -24.29 8.82 -23.53
C TYR E 466 -23.47 9.73 -24.43
N GLY E 467 -23.55 11.05 -24.24
CA GLY E 467 -22.90 11.96 -25.14
C GLY E 467 -23.70 12.26 -26.38
N ASN E 468 -25.01 12.01 -26.34
CA ASN E 468 -25.93 12.21 -27.45
C ASN E 468 -27.33 12.15 -26.83
N LEU E 469 -28.36 12.21 -27.68
CA LEU E 469 -29.76 12.16 -27.26
C LEU E 469 -30.38 10.79 -27.43
N ASN E 470 -29.55 9.75 -27.54
CA ASN E 470 -30.11 8.41 -27.74
C ASN E 470 -30.94 7.99 -26.56
N ALA E 471 -31.86 7.06 -26.83
CA ALA E 471 -32.86 6.52 -25.91
C ALA E 471 -34.08 7.42 -25.75
N TRP E 472 -34.01 8.67 -26.17
CA TRP E 472 -35.14 9.61 -26.11
C TRP E 472 -35.77 9.72 -27.49
N THR E 473 -37.11 9.77 -27.55
CA THR E 473 -37.81 10.05 -28.79
C THR E 473 -38.06 11.55 -28.85
N VAL E 474 -37.56 12.21 -29.89
CA VAL E 474 -37.63 13.66 -30.05
C VAL E 474 -38.63 13.95 -31.16
N ASP E 475 -39.87 14.28 -30.80
CA ASP E 475 -40.95 14.49 -31.77
C ASP E 475 -41.13 16.00 -31.95
N LYS E 476 -40.62 16.53 -33.05
CA LYS E 476 -40.76 17.95 -33.35
C LYS E 476 -42.09 18.27 -34.02
N GLY E 477 -42.93 17.26 -34.26
CA GLY E 477 -44.20 17.51 -34.94
C GLY E 477 -43.95 18.09 -36.33
N THR E 478 -44.71 19.13 -36.67
CA THR E 478 -44.54 19.78 -37.97
C THR E 478 -43.43 20.82 -37.96
N GLY E 479 -42.72 20.96 -36.85
CA GLY E 479 -41.76 22.05 -36.69
C GLY E 479 -40.45 21.75 -37.37
N THR E 480 -40.39 22.00 -38.69
CA THR E 480 -39.21 21.68 -39.48
C THR E 480 -37.97 22.44 -38.99
N SER E 481 -38.14 23.67 -38.55
CA SER E 481 -37.02 24.49 -38.08
C SER E 481 -36.80 24.43 -36.56
N SER E 482 -37.50 23.56 -35.84
CA SER E 482 -37.24 23.39 -34.42
C SER E 482 -35.88 22.71 -34.24
N VAL E 483 -35.14 23.15 -33.22
CA VAL E 483 -33.80 22.64 -32.94
C VAL E 483 -33.82 21.88 -31.62
N VAL E 484 -33.30 20.66 -31.64
CA VAL E 484 -33.08 19.88 -30.41
C VAL E 484 -31.69 19.30 -30.49
N GLU E 485 -30.85 19.57 -29.47
CA GLU E 485 -29.43 19.20 -29.58
C GLU E 485 -28.86 18.76 -28.26
N TYR E 486 -27.95 17.78 -28.33
CA TYR E 486 -27.08 17.49 -27.21
C TYR E 486 -26.01 18.57 -27.09
N LEU E 487 -25.74 19.00 -25.87
CA LEU E 487 -24.75 20.04 -25.56
C LEU E 487 -23.72 19.52 -24.58
N ALA E 488 -22.46 19.65 -24.90
CA ALA E 488 -21.38 19.29 -23.99
C ALA E 488 -21.11 20.37 -22.96
N ASN E 489 -20.81 19.96 -21.72
CA ASN E 489 -20.34 20.88 -20.67
C ASN E 489 -21.32 22.04 -20.46
N ALA E 490 -22.60 21.72 -20.55
CA ALA E 490 -23.63 22.74 -20.60
C ALA E 490 -24.72 22.56 -19.56
N GLY E 491 -24.61 21.56 -18.68
CA GLY E 491 -25.56 21.42 -17.60
C GLY E 491 -25.20 22.34 -16.43
N PRO E 492 -25.84 22.13 -15.28
CA PRO E 492 -25.69 23.03 -14.12
C PRO E 492 -24.25 23.25 -13.66
N LYS E 493 -23.40 22.22 -13.71
CA LYS E 493 -22.04 22.37 -13.24
C LYS E 493 -21.08 22.79 -14.34
N GLY E 494 -21.54 22.82 -15.59
CA GLY E 494 -20.67 23.14 -16.71
C GLY E 494 -19.71 22.04 -17.08
N THR E 495 -19.91 20.84 -16.57
CA THR E 495 -19.06 19.68 -16.82
C THR E 495 -19.84 18.49 -17.34
N GLU E 496 -21.14 18.62 -17.55
CA GLU E 496 -22.00 17.49 -17.92
C GLU E 496 -22.83 17.87 -19.14
N GLY E 497 -23.45 16.87 -19.74
CA GLY E 497 -24.29 17.10 -20.90
C GLY E 497 -25.63 17.72 -20.55
N ALA E 498 -26.24 18.30 -21.59
CA ALA E 498 -27.59 18.81 -21.49
C ALA E 498 -28.28 18.70 -22.84
N MET E 499 -29.61 18.80 -22.84
CA MET E 499 -30.39 18.82 -24.07
C MET E 499 -31.03 20.18 -24.23
N ARG E 500 -30.77 20.85 -25.34
CA ARG E 500 -31.42 22.10 -25.64
C ARG E 500 -32.59 21.85 -26.57
N VAL E 501 -33.74 22.46 -26.26
CA VAL E 501 -34.97 22.34 -27.04
C VAL E 501 -35.42 23.76 -27.36
N ALA E 502 -35.50 24.07 -28.65
CA ALA E 502 -35.87 25.41 -29.13
C ALA E 502 -36.87 25.25 -30.26
N PRO E 503 -38.15 25.05 -29.93
CA PRO E 503 -39.16 24.78 -30.97
C PRO E 503 -39.59 26.04 -31.69
N VAL E 504 -39.92 25.89 -32.96
CA VAL E 504 -40.41 27.01 -33.76
C VAL E 504 -41.76 26.60 -34.30
N SER E 505 -42.75 27.50 -34.16
CA SER E 505 -44.10 27.36 -34.70
C SER E 505 -45.00 26.43 -33.89
N VAL E 506 -44.51 25.24 -33.57
CA VAL E 506 -45.23 24.23 -32.81
C VAL E 506 -44.28 23.65 -31.77
N GLY E 507 -44.87 23.09 -30.70
CA GLY E 507 -44.07 22.57 -29.62
C GLY E 507 -43.34 21.27 -29.98
N THR E 508 -42.36 20.94 -29.18
CA THR E 508 -41.60 19.69 -29.32
C THR E 508 -41.86 18.84 -28.08
N ASN E 509 -42.02 17.53 -28.27
CA ASN E 509 -42.24 16.59 -27.17
C ASN E 509 -41.14 15.55 -27.17
N VAL E 510 -40.42 15.44 -26.06
CA VAL E 510 -39.35 14.44 -25.92
C VAL E 510 -39.79 13.41 -24.90
N SER E 511 -39.75 12.14 -25.25
CA SER E 511 -40.37 11.11 -24.40
C SER E 511 -39.52 9.87 -24.28
N GLN E 512 -39.86 9.06 -23.27
CA GLN E 512 -39.25 7.74 -23.12
C GLN E 512 -40.21 6.87 -22.33
N VAL E 513 -40.28 5.59 -22.66
CA VAL E 513 -41.12 4.62 -21.98
C VAL E 513 -40.27 3.49 -21.43
N GLN E 514 -40.59 3.03 -20.21
CA GLN E 514 -39.91 1.87 -19.62
C GLN E 514 -40.89 0.98 -18.90
N ALA E 515 -40.52 -0.27 -18.68
CA ALA E 515 -41.35 -1.20 -17.93
C ALA E 515 -41.32 -0.85 -16.46
N VAL E 516 -42.48 -0.97 -15.80
CA VAL E 516 -42.66 -0.82 -14.36
C VAL E 516 -43.70 -1.86 -13.94
N THR E 517 -43.87 -2.03 -12.64
CA THR E 517 -44.93 -2.88 -12.12
C THR E 517 -45.31 -2.37 -10.74
N ASN E 518 -46.54 -2.70 -10.34
CA ASN E 518 -46.89 -2.53 -8.92
C ASN E 518 -46.29 -3.65 -8.10
N PRO E 519 -46.03 -3.43 -6.81
CA PRO E 519 -46.22 -2.20 -6.05
C PRO E 519 -45.03 -1.27 -6.21
N GLY E 520 -45.22 0.04 -6.03
CA GLY E 520 -44.08 0.95 -6.11
C GLY E 520 -44.53 2.37 -5.80
N MET E 521 -43.55 3.21 -5.55
CA MET E 521 -43.76 4.64 -5.37
C MET E 521 -42.66 5.33 -6.13
N PHE E 522 -42.88 6.56 -6.58
CA PHE E 522 -41.86 7.21 -7.42
C PHE E 522 -41.75 8.69 -7.09
N SER E 523 -40.57 9.22 -7.44
CA SER E 523 -40.32 10.66 -7.40
C SER E 523 -39.33 10.95 -8.52
N MET E 524 -39.57 12.07 -9.22
CA MET E 524 -38.67 12.53 -10.27
C MET E 524 -38.30 13.98 -9.99
N SER E 525 -37.03 14.31 -10.24
CA SER E 525 -36.60 15.69 -10.31
C SER E 525 -35.89 15.88 -11.63
N CYS E 526 -35.92 17.12 -12.12
CA CYS E 526 -35.18 17.50 -13.31
C CYS E 526 -34.55 18.86 -13.11
N MET E 527 -33.47 19.12 -13.83
CA MET E 527 -32.88 20.44 -13.84
C MET E 527 -33.24 21.11 -15.16
N VAL E 528 -33.75 22.33 -15.07
CA VAL E 528 -34.26 23.05 -16.24
C VAL E 528 -33.69 24.45 -16.23
N ASN E 529 -33.27 24.94 -17.40
CA ASN E 529 -32.84 26.34 -17.54
C ASN E 529 -33.58 26.96 -18.71
N ILE E 530 -34.61 27.72 -18.43
CA ILE E 530 -35.31 28.46 -19.48
C ILE E 530 -34.47 29.67 -19.87
N ALA E 531 -34.07 29.76 -21.15
CA ALA E 531 -33.40 30.97 -21.60
C ALA E 531 -34.40 32.05 -21.96
N THR E 532 -35.42 31.68 -22.74
CA THR E 532 -36.43 32.64 -23.18
C THR E 532 -37.73 31.88 -23.40
N THR E 533 -38.87 32.55 -23.20
CA THR E 533 -40.15 31.89 -23.40
C THR E 533 -41.26 32.92 -23.50
N PRO E 534 -42.30 32.66 -24.33
CA PRO E 534 -43.42 33.62 -24.45
C PRO E 534 -44.55 33.42 -23.47
N GLY E 535 -44.31 32.74 -22.37
CA GLY E 535 -45.34 32.29 -21.45
C GLY E 535 -44.83 31.00 -20.84
N ASN E 536 -45.72 30.26 -20.17
CA ASN E 536 -45.30 28.99 -19.56
C ASN E 536 -44.51 28.16 -20.57
N ALA E 537 -43.31 27.75 -20.18
CA ALA E 537 -42.39 27.22 -21.19
C ALA E 537 -42.71 25.79 -21.59
N GLY E 538 -43.49 25.08 -20.82
CA GLY E 538 -43.81 23.68 -21.13
C GLY E 538 -44.15 22.93 -19.87
N GLN E 539 -44.03 21.61 -19.97
CA GLN E 539 -44.33 20.78 -18.82
C GLN E 539 -43.60 19.45 -18.91
N VAL E 540 -43.35 18.86 -17.75
CA VAL E 540 -42.83 17.50 -17.66
C VAL E 540 -43.94 16.65 -17.06
N SER E 541 -44.24 15.54 -17.70
CA SER E 541 -45.33 14.70 -17.22
CA SER E 541 -45.35 14.69 -17.28
C SER E 541 -44.88 13.25 -17.12
N ILE E 542 -45.53 12.53 -16.24
CA ILE E 542 -45.33 11.09 -16.06
C ILE E 542 -46.70 10.44 -16.09
N GLY E 543 -46.83 9.39 -16.91
CA GLY E 543 -48.06 8.63 -16.97
C GLY E 543 -47.77 7.14 -16.98
N PHE E 544 -48.81 6.36 -16.71
CA PHE E 544 -48.69 4.91 -16.63
C PHE E 544 -49.65 4.26 -17.62
N LEU E 545 -49.22 3.12 -18.14
CA LEU E 545 -50.04 2.30 -19.03
C LEU E 545 -49.99 0.85 -18.56
N ASP E 546 -51.01 0.07 -18.89
CA ASP E 546 -50.92 -1.37 -18.72
C ASP E 546 -50.23 -1.97 -19.93
N ALA E 547 -50.13 -3.30 -19.99
CA ALA E 547 -49.40 -3.91 -21.11
C ALA E 547 -50.17 -3.85 -22.42
N ALA E 548 -51.48 -3.62 -22.39
CA ALA E 548 -52.30 -3.50 -23.59
C ALA E 548 -52.37 -2.08 -24.11
N GLY E 549 -51.66 -1.13 -23.46
CA GLY E 549 -51.70 0.25 -23.89
C GLY E 549 -52.84 1.06 -23.32
N ASN E 550 -53.56 0.55 -22.34
CA ASN E 550 -54.57 1.36 -21.67
C ASN E 550 -53.90 2.34 -20.73
N SER E 551 -54.27 3.62 -20.82
CA SER E 551 -53.75 4.64 -19.93
C SER E 551 -54.45 4.55 -18.59
N LEU E 552 -53.67 4.55 -17.51
CA LEU E 552 -54.23 4.40 -16.18
C LEU E 552 -54.35 5.75 -15.48
N PRO E 553 -55.06 5.80 -14.27
N PRO E 553 -55.44 5.99 -14.76
CA PRO E 553 -55.36 7.10 -13.60
CA PRO E 553 -55.65 7.32 -14.19
C PRO E 553 -54.27 8.07 -13.11
C PRO E 553 -54.56 7.61 -13.17
N GLY E 554 -53.38 7.68 -12.19
N GLY E 554 -54.36 8.90 -12.90
CA GLY E 554 -52.49 8.60 -11.47
CA GLY E 554 -53.36 9.34 -11.95
C GLY E 554 -51.30 9.20 -12.21
C GLY E 554 -52.16 10.10 -12.48
N GLY E 555 -51.55 9.78 -13.37
N GLY E 555 -52.09 10.39 -13.78
CA GLY E 555 -50.55 10.62 -14.02
CA GLY E 555 -50.89 11.01 -14.33
C GLY E 555 -50.38 11.93 -13.28
C GLY E 555 -50.52 12.29 -13.60
N VAL E 556 -49.21 12.54 -13.49
CA VAL E 556 -48.76 13.74 -12.81
C VAL E 556 -48.03 14.64 -13.80
N SER E 557 -47.97 15.94 -13.49
CA SER E 557 -47.27 16.85 -14.39
C SER E 557 -46.78 18.06 -13.61
N ALA E 558 -45.73 18.71 -14.13
CA ALA E 558 -45.13 19.90 -13.54
C ALA E 558 -44.98 20.94 -14.65
N ASN E 559 -45.51 22.13 -14.42
CA ASN E 559 -45.29 23.20 -15.38
C ASN E 559 -43.90 23.80 -15.18
N LEU E 560 -43.30 24.28 -16.29
CA LEU E 560 -41.97 24.84 -16.21
C LEU E 560 -41.97 26.30 -15.81
N GLY E 561 -43.07 27.01 -16.06
CA GLY E 561 -43.10 28.43 -15.73
C GLY E 561 -42.31 29.30 -16.68
N THR E 562 -41.86 30.45 -16.15
CA THR E 562 -41.23 31.47 -16.97
C THR E 562 -39.95 32.02 -16.36
N THR E 563 -39.48 31.51 -15.22
CA THR E 563 -38.30 32.08 -14.58
C THR E 563 -37.04 31.53 -15.26
N THR E 564 -36.07 32.40 -15.55
CA THR E 564 -34.85 31.94 -16.19
C THR E 564 -33.82 31.44 -15.18
N GLY E 565 -32.85 30.67 -15.67
CA GLY E 565 -31.78 30.17 -14.84
C GLY E 565 -32.05 28.75 -14.36
N TRP E 566 -31.00 28.07 -13.93
CA TRP E 566 -31.16 26.68 -13.49
C TRP E 566 -32.11 26.58 -12.31
N GLN E 567 -33.06 25.66 -12.40
CA GLN E 567 -34.00 25.43 -11.31
C GLN E 567 -34.39 23.95 -11.28
N VAL E 568 -34.80 23.52 -10.10
CA VAL E 568 -35.29 22.17 -9.89
C VAL E 568 -36.77 22.11 -10.22
N ILE E 569 -37.16 21.18 -11.08
CA ILE E 569 -38.56 20.93 -11.39
C ILE E 569 -38.93 19.55 -10.87
N GLY E 570 -40.07 19.44 -10.21
CA GLY E 570 -40.64 18.15 -9.84
C GLY E 570 -40.93 17.94 -8.35
N LYS E 571 -40.50 18.83 -7.45
CA LYS E 571 -40.46 18.53 -6.00
C LYS E 571 -41.81 18.05 -5.48
N ASN E 572 -42.86 18.85 -5.66
CA ASN E 572 -44.15 18.46 -5.11
C ASN E 572 -45.16 18.10 -6.18
N THR E 573 -44.67 17.73 -7.37
CA THR E 573 -45.52 17.43 -8.52
C THR E 573 -45.25 16.04 -9.08
N LEU E 574 -43.98 15.69 -9.32
CA LEU E 574 -43.68 14.47 -10.06
C LEU E 574 -43.40 13.34 -9.06
N ARG E 575 -44.49 12.88 -8.45
CA ARG E 575 -44.38 11.89 -7.39
C ARG E 575 -45.71 11.18 -7.25
N GLY E 576 -45.66 9.97 -6.70
CA GLY E 576 -46.91 9.27 -6.44
C GLY E 576 -46.72 7.78 -6.24
N LYS E 577 -47.84 7.08 -6.20
CA LYS E 577 -47.82 5.63 -6.14
C LYS E 577 -47.97 5.03 -7.54
N VAL E 578 -47.31 3.89 -7.77
CA VAL E 578 -47.54 3.18 -9.05
C VAL E 578 -48.94 2.56 -9.04
N PRO E 579 -49.79 2.83 -10.05
CA PRO E 579 -51.15 2.25 -10.04
C PRO E 579 -51.11 0.73 -10.15
N ILE E 580 -52.04 0.06 -9.48
CA ILE E 580 -52.11 -1.40 -9.56
C ILE E 580 -52.51 -1.78 -10.97
N GLY E 581 -51.69 -2.58 -11.63
CA GLY E 581 -51.91 -2.95 -13.02
C GLY E 581 -51.04 -2.21 -14.00
N ALA E 582 -50.28 -1.22 -13.56
CA ALA E 582 -49.34 -0.58 -14.45
C ALA E 582 -48.24 -1.53 -14.87
N LYS E 583 -47.88 -1.45 -16.15
CA LYS E 583 -46.76 -2.20 -16.69
C LYS E 583 -45.78 -1.33 -17.43
N GLN E 584 -46.12 -0.08 -17.71
CA GLN E 584 -45.21 0.84 -18.39
C GLN E 584 -45.34 2.20 -17.75
N VAL E 585 -44.22 2.93 -17.69
CA VAL E 585 -44.19 4.33 -17.28
C VAL E 585 -43.62 5.14 -18.42
N ARG E 586 -44.26 6.28 -18.69
CA ARG E 586 -43.88 7.13 -19.81
C ARG E 586 -43.62 8.54 -19.29
N VAL E 587 -42.44 9.07 -19.57
CA VAL E 587 -42.16 10.47 -19.28
C VAL E 587 -42.23 11.26 -20.58
N ASN E 588 -42.77 12.47 -20.49
CA ASN E 588 -42.82 13.36 -21.64
C ASN E 588 -42.42 14.75 -21.22
N ILE E 589 -41.53 15.37 -21.98
CA ILE E 589 -41.05 16.73 -21.77
C ILE E 589 -41.59 17.54 -22.94
N GLN E 590 -42.49 18.47 -22.68
CA GLN E 590 -43.10 19.30 -23.68
C GLN E 590 -42.51 20.71 -23.56
N THR E 591 -42.00 21.25 -24.67
CA THR E 591 -41.48 22.61 -24.72
C THR E 591 -42.31 23.36 -25.76
N VAL E 592 -42.81 24.55 -25.38
CA VAL E 592 -43.75 25.28 -26.23
C VAL E 592 -43.02 25.96 -27.38
N ALA E 593 -43.79 26.22 -28.44
CA ALA E 593 -43.27 26.99 -29.56
C ALA E 593 -42.75 28.33 -29.09
N GLY E 594 -41.57 28.69 -29.57
CA GLY E 594 -40.96 29.96 -29.23
C GLY E 594 -40.13 29.99 -27.97
N ALA E 595 -40.14 28.92 -27.17
CA ALA E 595 -39.29 28.83 -26.00
C ALA E 595 -37.94 28.24 -26.36
N ASP E 596 -36.96 28.48 -25.48
CA ASP E 596 -35.60 27.97 -25.64
C ASP E 596 -35.16 27.54 -24.27
N VAL E 597 -35.07 26.22 -24.06
CA VAL E 597 -34.91 25.64 -22.72
C VAL E 597 -33.84 24.55 -22.77
N LYS E 598 -32.99 24.51 -21.75
CA LYS E 598 -32.05 23.39 -21.56
C LYS E 598 -32.53 22.49 -20.42
N TYR E 599 -32.35 21.20 -20.62
CA TYR E 599 -32.72 20.16 -19.66
C TYR E 599 -31.50 19.35 -19.27
N ALA E 600 -31.42 18.95 -18.01
CA ALA E 600 -30.34 18.10 -17.53
C ALA E 600 -30.86 17.23 -16.42
N TYR E 601 -30.20 16.10 -16.19
CA TYR E 601 -30.43 15.30 -15.00
C TYR E 601 -31.90 14.96 -14.82
N LEU E 602 -32.43 14.25 -15.79
CA LEU E 602 -33.85 13.84 -15.76
C LEU E 602 -33.96 12.55 -14.96
N LEU E 603 -34.04 12.69 -13.64
CA LEU E 603 -33.85 11.59 -12.69
C LEU E 603 -35.17 11.18 -12.08
N CYS E 604 -35.70 10.04 -12.53
CA CYS E 604 -36.85 9.42 -11.90
C CYS E 604 -36.34 8.20 -11.15
N ASN E 605 -36.86 7.96 -9.95
CA ASN E 605 -36.64 6.70 -9.25
C ASN E 605 -38.00 6.10 -8.93
N VAL E 606 -38.17 4.82 -9.23
CA VAL E 606 -39.30 4.02 -8.75
C VAL E 606 -38.76 3.11 -7.67
N VAL E 607 -39.17 3.32 -6.42
CA VAL E 607 -38.81 2.40 -5.34
C VAL E 607 -39.86 1.28 -5.36
N LYS E 608 -39.40 0.09 -5.73
CA LYS E 608 -40.26 -1.04 -6.07
C LYS E 608 -39.73 -2.34 -5.48
N GLU F 46 -24.38 -6.99 71.76
CA GLU F 46 -23.47 -8.00 71.23
C GLU F 46 -24.06 -9.39 71.01
N TYR F 47 -24.07 -9.80 69.77
CA TYR F 47 -24.63 -11.10 69.44
C TYR F 47 -23.56 -12.16 69.70
N PRO F 48 -23.88 -13.22 70.44
CA PRO F 48 -22.90 -14.28 70.70
C PRO F 48 -22.36 -14.81 69.37
N GLN F 49 -21.11 -15.29 69.37
CA GLN F 49 -20.44 -15.70 68.15
C GLN F 49 -19.97 -17.14 68.21
N PHE F 50 -20.03 -17.81 67.06
CA PHE F 50 -19.65 -19.21 66.92
C PHE F 50 -18.73 -19.35 65.73
N SER F 51 -17.65 -20.09 65.90
CA SER F 51 -16.59 -20.08 64.89
C SER F 51 -16.81 -21.08 63.77
N SER F 52 -17.77 -21.99 63.92
CA SER F 52 -18.04 -22.97 62.90
C SER F 52 -19.46 -23.47 63.03
N MET F 53 -19.94 -24.06 61.94
CA MET F 53 -21.26 -24.67 61.97
C MET F 53 -21.34 -25.78 63.00
N ALA F 54 -20.26 -26.56 63.15
CA ALA F 54 -20.26 -27.61 64.16
C ALA F 54 -20.43 -27.04 65.57
N LYS F 55 -19.74 -25.93 65.87
CA LYS F 55 -19.89 -25.33 67.20
C LYS F 55 -21.27 -24.69 67.37
N LEU F 56 -21.83 -24.12 66.29
CA LEU F 56 -23.18 -23.57 66.35
C LEU F 56 -24.19 -24.66 66.69
N LYS F 57 -24.03 -25.84 66.11
CA LYS F 57 -24.98 -26.92 66.35
C LYS F 57 -24.79 -27.56 67.72
N ALA F 58 -23.56 -27.58 68.25
CA ALA F 58 -23.30 -28.25 69.53
C ALA F 58 -23.74 -27.42 70.74
N PHE F 59 -23.93 -26.12 70.59
CA PHE F 59 -24.23 -25.24 71.71
C PHE F 59 -25.69 -25.40 72.15
N PRO F 60 -25.95 -25.39 73.45
CA PRO F 60 -27.34 -25.56 73.94
C PRO F 60 -28.17 -24.28 73.89
N HIS F 61 -28.53 -23.86 72.68
CA HIS F 61 -29.32 -22.64 72.51
C HIS F 61 -30.66 -22.76 73.21
N SER F 62 -31.07 -21.68 73.87
CA SER F 62 -32.30 -21.69 74.65
C SER F 62 -33.11 -20.41 74.59
N GLU F 63 -32.56 -19.27 74.15
CA GLU F 63 -33.28 -18.00 74.26
C GLU F 63 -33.96 -17.75 72.94
N ASP F 64 -35.26 -17.93 72.90
CA ASP F 64 -36.02 -17.76 71.67
C ASP F 64 -35.86 -16.34 71.14
N GLY F 65 -35.62 -16.23 69.84
CA GLY F 65 -35.48 -14.95 69.20
C GLY F 65 -34.08 -14.36 69.22
N GLN F 66 -33.14 -14.96 69.94
CA GLN F 66 -31.81 -14.38 70.04
C GLN F 66 -31.09 -14.41 68.69
N LEU F 67 -30.46 -13.30 68.31
CA LEU F 67 -29.57 -13.29 67.14
C LEU F 67 -28.18 -13.72 67.58
N VAL F 68 -27.57 -14.61 66.81
CA VAL F 68 -26.21 -15.11 67.02
C VAL F 68 -25.46 -14.99 65.70
N ARG F 69 -24.15 -14.89 65.78
CA ARG F 69 -23.33 -14.71 64.58
C ARG F 69 -22.53 -15.99 64.34
N LEU F 70 -22.65 -16.57 63.14
CA LEU F 70 -21.78 -17.65 62.70
C LEU F 70 -20.62 -17.00 61.94
N LEU F 71 -19.39 -17.21 62.41
CA LEU F 71 -18.24 -16.55 61.80
C LEU F 71 -17.85 -17.22 60.47
N SER F 72 -18.07 -18.51 60.34
CA SER F 72 -17.65 -19.29 59.19
C SER F 72 -18.41 -20.61 59.24
N TRP F 73 -18.70 -21.18 58.08
CA TRP F 73 -19.30 -22.51 58.06
C TRP F 73 -18.29 -23.58 58.50
N HIS F 74 -17.17 -23.70 57.79
CA HIS F 74 -16.07 -24.55 58.20
C HIS F 74 -15.13 -23.78 59.10
N GLU F 75 -14.71 -24.40 60.20
CA GLU F 75 -13.78 -23.76 61.11
C GLU F 75 -12.55 -23.24 60.37
N GLY F 76 -12.22 -21.96 60.60
CA GLY F 76 -10.99 -21.37 60.09
C GLY F 76 -11.01 -20.91 58.66
N VAL F 77 -12.10 -21.09 57.92
CA VAL F 77 -12.12 -20.71 56.50
C VAL F 77 -12.50 -19.26 56.33
N GLY F 78 -13.53 -18.80 57.04
CA GLY F 78 -13.97 -17.43 56.91
C GLY F 78 -15.06 -17.21 55.89
N LEU F 79 -15.66 -18.27 55.38
CA LEU F 79 -16.73 -18.17 54.38
C LEU F 79 -18.01 -18.78 54.90
N GLY F 80 -19.14 -18.26 54.43
CA GLY F 80 -20.43 -18.86 54.71
C GLY F 80 -21.04 -18.49 56.04
N GLY F 81 -20.44 -17.56 56.77
CA GLY F 81 -21.01 -17.09 58.03
C GLY F 81 -22.18 -16.16 57.80
N GLY F 82 -22.72 -15.64 58.89
CA GLY F 82 -23.85 -14.72 58.86
C GLY F 82 -24.60 -14.74 60.17
N LEU F 83 -25.68 -13.97 60.24
CA LEU F 83 -26.51 -13.96 61.44
C LEU F 83 -27.57 -15.04 61.35
N PHE F 84 -27.85 -15.64 62.48
CA PHE F 84 -28.89 -16.63 62.65
C PHE F 84 -29.79 -16.20 63.79
N LYS F 85 -31.07 -16.47 63.65
CA LYS F 85 -32.01 -16.20 64.74
C LYS F 85 -32.42 -17.52 65.38
N VAL F 86 -32.23 -17.61 66.70
CA VAL F 86 -32.64 -18.78 67.44
C VAL F 86 -34.16 -18.86 67.41
N SER F 87 -34.68 -20.03 67.06
CA SER F 87 -36.12 -20.24 67.06
C SER F 87 -36.37 -21.56 67.79
N THR F 88 -36.78 -21.43 69.05
CA THR F 88 -37.07 -22.63 69.81
C THR F 88 -38.37 -23.29 69.38
N SER F 89 -39.24 -22.57 68.67
CA SER F 89 -40.53 -23.09 68.24
C SER F 89 -40.56 -23.52 66.78
N SER F 90 -39.53 -23.19 66.01
CA SER F 90 -39.57 -23.47 64.59
C SER F 90 -39.70 -24.96 64.33
N THR F 91 -40.51 -25.32 63.35
CA THR F 91 -40.61 -26.69 62.90
C THR F 91 -39.96 -26.91 61.54
N ALA F 92 -39.14 -25.96 61.07
CA ALA F 92 -38.57 -26.07 59.73
C ALA F 92 -37.61 -27.25 59.61
N THR F 93 -37.54 -27.83 58.42
CA THR F 93 -36.63 -28.95 58.15
C THR F 93 -35.18 -28.46 58.04
N GLY F 94 -34.29 -29.14 58.77
CA GLY F 94 -32.89 -28.78 58.72
C GLY F 94 -32.28 -29.02 57.35
N ASN F 95 -31.39 -28.11 56.97
CA ASN F 95 -30.67 -28.27 55.72
C ASN F 95 -29.20 -27.90 55.85
N ASP F 96 -28.71 -27.63 57.06
CA ASP F 96 -27.29 -27.28 57.32
C ASP F 96 -26.82 -26.08 56.55
N GLY F 97 -27.73 -25.17 56.22
CA GLY F 97 -27.33 -24.00 55.48
C GLY F 97 -28.13 -22.79 55.94
N THR F 98 -29.43 -22.79 55.68
CA THR F 98 -30.30 -21.71 56.11
C THR F 98 -31.22 -22.10 57.25
N VAL F 99 -31.43 -23.40 57.48
CA VAL F 99 -32.17 -23.90 58.64
C VAL F 99 -31.21 -24.89 59.28
N VAL F 100 -30.73 -24.56 60.47
CA VAL F 100 -29.74 -25.39 61.15
C VAL F 100 -30.43 -25.97 62.37
N VAL F 101 -30.39 -27.29 62.53
CA VAL F 101 -30.97 -27.94 63.70
C VAL F 101 -29.84 -28.24 64.67
N ALA F 102 -29.85 -27.58 65.84
CA ALA F 102 -28.84 -27.84 66.86
C ALA F 102 -29.07 -29.21 67.49
N SER F 103 -28.05 -29.69 68.22
CA SER F 103 -28.15 -31.04 68.79
C SER F 103 -29.31 -31.18 69.77
N ASN F 104 -29.78 -30.09 70.37
CA ASN F 104 -30.91 -30.09 71.28
C ASN F 104 -32.25 -29.88 70.58
N GLY F 105 -32.27 -29.89 69.24
CA GLY F 105 -33.50 -29.75 68.47
C GLY F 105 -33.87 -28.31 68.14
N VAL F 106 -33.20 -27.31 68.70
CA VAL F 106 -33.58 -25.93 68.44
C VAL F 106 -33.15 -25.54 67.03
N ARG F 107 -34.03 -24.83 66.31
CA ARG F 107 -33.71 -24.35 64.97
C ARG F 107 -33.00 -23.00 65.05
N LEU F 108 -32.05 -22.82 64.17
CA LEU F 108 -31.41 -21.53 63.96
C LEU F 108 -31.67 -21.18 62.53
N LEU F 109 -32.23 -20.00 62.31
CA LEU F 109 -32.71 -19.60 61.00
C LEU F 109 -31.79 -18.51 60.48
N ARG F 110 -31.09 -18.79 59.39
CA ARG F 110 -30.19 -17.81 58.82
C ARG F 110 -30.95 -16.56 58.37
N VAL F 111 -30.40 -15.39 58.67
CA VAL F 111 -30.93 -14.14 58.17
C VAL F 111 -30.24 -13.87 56.85
N VAL F 112 -30.98 -13.93 55.76
CA VAL F 112 -30.41 -13.70 54.42
C VAL F 112 -31.04 -12.46 53.83
N ASN F 113 -30.25 -11.72 53.09
CA ASN F 113 -30.71 -10.58 52.34
C ASN F 113 -30.06 -10.70 50.98
N GLY F 114 -30.86 -10.83 49.95
CA GLY F 114 -30.34 -11.04 48.62
C GLY F 114 -30.19 -12.53 48.35
N PRO F 115 -29.35 -12.86 47.39
CA PRO F 115 -29.23 -14.26 46.95
C PRO F 115 -28.68 -15.18 48.02
N ILE F 116 -29.00 -16.46 47.88
CA ILE F 116 -28.37 -17.53 48.65
C ILE F 116 -26.99 -17.76 48.06
N TRP F 117 -25.99 -18.08 48.88
CA TRP F 117 -24.67 -18.40 48.36
C TRP F 117 -24.35 -19.84 48.70
N ALA F 118 -23.70 -20.57 47.79
CA ALA F 118 -23.45 -22.00 48.03
C ALA F 118 -22.57 -22.22 49.27
N ASP F 119 -21.69 -21.28 49.59
CA ASP F 119 -20.85 -21.47 50.76
C ASP F 119 -21.66 -21.45 52.05
N MET F 120 -22.90 -20.93 52.02
CA MET F 120 -23.78 -21.00 53.18
C MET F 120 -24.18 -22.43 53.52
N PHE F 121 -23.99 -23.36 52.59
CA PHE F 121 -24.30 -24.77 52.75
C PHE F 121 -23.02 -25.59 52.84
N GLY F 122 -21.89 -24.92 53.04
CA GLY F 122 -20.62 -25.61 53.24
C GLY F 122 -19.80 -25.84 52.00
N ALA F 123 -20.24 -25.34 50.84
CA ALA F 123 -19.39 -25.44 49.65
C ALA F 123 -18.11 -24.65 49.89
N LEU F 124 -17.01 -25.15 49.33
CA LEU F 124 -15.74 -24.46 49.47
C LEU F 124 -15.12 -24.20 48.11
N PRO F 125 -14.47 -23.06 47.93
CA PRO F 125 -13.81 -22.75 46.65
C PRO F 125 -12.50 -23.50 46.52
N ASN F 126 -12.16 -23.81 45.27
CA ASN F 126 -10.83 -24.34 44.93
C ASN F 126 -10.53 -25.64 45.67
N SER F 127 -11.54 -26.48 45.84
CA SER F 127 -11.45 -27.77 46.51
C SER F 127 -11.44 -28.90 45.49
N ASP F 128 -10.77 -29.98 45.83
CA ASP F 128 -10.75 -31.16 44.98
C ASP F 128 -11.91 -32.13 45.23
N ILE F 129 -12.72 -31.87 46.26
CA ILE F 129 -13.90 -32.67 46.61
C ILE F 129 -15.09 -32.23 45.77
N ASP F 130 -15.98 -33.18 45.46
CA ASP F 130 -17.22 -32.89 44.72
C ASP F 130 -18.04 -31.82 45.41
N SER F 131 -18.27 -30.72 44.69
CA SER F 131 -19.12 -29.63 45.18
C SER F 131 -20.55 -29.75 44.70
N MET F 132 -20.85 -30.69 43.80
CA MET F 132 -22.20 -30.73 43.27
C MET F 132 -23.24 -30.97 44.35
N PRO F 133 -23.03 -31.83 45.35
CA PRO F 133 -24.06 -32.01 46.39
C PRO F 133 -24.36 -30.73 47.15
N ALA F 134 -23.34 -29.97 47.54
CA ALA F 134 -23.60 -28.73 48.28
C ALA F 134 -24.31 -27.72 47.40
N VAL F 135 -23.92 -27.62 46.12
CA VAL F 135 -24.61 -26.70 45.22
C VAL F 135 -26.06 -27.12 45.04
N ALA F 136 -26.29 -28.44 44.85
CA ALA F 136 -27.66 -28.92 44.67
C ALA F 136 -28.51 -28.67 45.89
N ALA F 137 -27.96 -28.86 47.09
CA ALA F 137 -28.71 -28.59 48.32
C ALA F 137 -29.03 -27.11 48.46
N ALA F 138 -28.04 -26.25 48.18
CA ALA F 138 -28.26 -24.81 48.26
C ALA F 138 -29.29 -24.38 47.24
N TYR F 139 -29.23 -24.96 46.04
CA TYR F 139 -30.18 -24.65 45.00
C TYR F 139 -31.58 -25.06 45.39
N ALA F 140 -31.75 -26.25 45.96
CA ALA F 140 -33.09 -26.68 46.35
C ALA F 140 -33.70 -25.69 47.33
N TYR F 141 -32.91 -25.22 48.29
CA TYR F 141 -33.44 -24.20 49.20
C TYR F 141 -33.74 -22.90 48.47
N ALA F 142 -32.78 -22.41 47.65
CA ALA F 142 -32.99 -21.15 46.95
C ALA F 142 -34.28 -21.18 46.12
N ALA F 143 -34.47 -22.26 45.36
CA ALA F 143 -35.69 -22.37 44.56
C ALA F 143 -36.93 -22.34 45.43
N SER F 144 -36.88 -22.99 46.61
CA SER F 144 -38.06 -23.01 47.48
C SER F 144 -38.48 -21.63 47.96
N VAL F 145 -37.54 -20.67 47.99
CA VAL F 145 -37.88 -19.30 48.39
C VAL F 145 -37.75 -18.31 47.22
N ASN F 146 -37.75 -18.82 45.98
CA ASN F 146 -37.78 -17.97 44.77
C ASN F 146 -36.63 -16.96 44.77
N THR F 147 -35.46 -17.41 45.18
CA THR F 147 -34.25 -16.59 45.34
C THR F 147 -33.12 -17.21 44.50
N ASP F 148 -32.32 -16.38 43.81
CA ASP F 148 -31.24 -16.95 43.04
C ASP F 148 -30.14 -17.51 43.94
N LEU F 149 -29.37 -18.44 43.38
CA LEU F 149 -28.20 -19.01 44.05
C LEU F 149 -26.92 -18.46 43.42
N TYR F 150 -26.02 -17.94 44.24
CA TYR F 150 -24.71 -17.51 43.81
C TYR F 150 -23.69 -18.57 44.17
N ILE F 151 -22.74 -18.79 43.26
CA ILE F 151 -21.55 -19.60 43.51
C ILE F 151 -20.38 -18.63 43.46
N GLY F 152 -19.66 -18.48 44.58
CA GLY F 152 -18.56 -17.54 44.61
C GLY F 152 -17.48 -17.92 43.60
N VAL F 153 -16.92 -16.92 42.91
CA VAL F 153 -15.95 -17.18 41.86
C VAL F 153 -14.77 -17.97 42.41
N ALA F 154 -14.44 -19.07 41.74
CA ALA F 154 -13.38 -20.00 42.11
C ALA F 154 -13.49 -21.17 41.15
N THR F 155 -12.74 -22.23 41.40
CA THR F 155 -12.87 -23.49 40.67
C THR F 155 -13.63 -24.50 41.52
N TYR F 156 -14.47 -25.30 40.84
CA TYR F 156 -15.30 -26.32 41.47
C TYR F 156 -15.25 -27.59 40.64
N LYS F 157 -15.37 -28.72 41.31
CA LYS F 157 -15.50 -30.02 40.65
C LYS F 157 -16.92 -30.51 40.82
N PHE F 158 -17.55 -30.92 39.72
CA PHE F 158 -18.85 -31.61 39.78
C PHE F 158 -18.62 -33.05 39.40
N LYS F 159 -19.01 -33.99 40.29
CA LYS F 159 -18.74 -35.41 40.05
C LYS F 159 -20.07 -36.13 40.22
N GLY F 160 -20.04 -37.46 40.32
CA GLY F 160 -21.30 -38.20 40.44
C GLY F 160 -22.05 -38.25 39.12
N SER F 161 -23.35 -38.51 39.24
CA SER F 161 -24.17 -38.71 38.06
C SER F 161 -25.56 -38.08 38.20
N THR F 162 -25.73 -37.14 39.13
CA THR F 162 -27.04 -36.54 39.40
C THR F 162 -27.09 -35.15 38.78
N PRO F 163 -27.91 -34.91 37.77
CA PRO F 163 -28.02 -33.56 37.19
C PRO F 163 -28.62 -32.60 38.18
N ILE F 164 -28.34 -31.32 37.93
CA ILE F 164 -29.06 -30.23 38.58
C ILE F 164 -30.14 -29.77 37.62
N ASN F 165 -31.41 -29.79 38.06
CA ASN F 165 -32.50 -29.28 37.27
C ASN F 165 -32.84 -27.87 37.75
N VAL F 166 -32.47 -26.89 36.97
CA VAL F 166 -32.77 -25.51 37.28
C VAL F 166 -34.21 -25.24 36.88
N ASP F 167 -34.97 -24.67 37.80
CA ASP F 167 -36.35 -24.26 37.55
C ASP F 167 -36.33 -22.75 37.35
N PRO F 168 -36.41 -22.26 36.12
CA PRO F 168 -36.25 -20.81 35.88
C PRO F 168 -37.38 -19.99 36.44
N SER F 169 -38.49 -20.62 36.82
CA SER F 169 -39.59 -19.89 37.45
C SER F 169 -39.33 -19.66 38.92
N ARG F 170 -38.24 -20.21 39.47
CA ARG F 170 -37.96 -20.12 40.89
C ARG F 170 -36.56 -19.58 41.19
N ALA F 171 -35.52 -20.05 40.49
CA ALA F 171 -34.18 -19.60 40.89
C ALA F 171 -33.19 -19.93 39.79
N GLY F 172 -32.25 -19.03 39.55
CA GLY F 172 -31.13 -19.31 38.70
C GLY F 172 -29.87 -19.58 39.48
N ILE F 173 -28.82 -20.00 38.77
CA ILE F 173 -27.49 -20.23 39.35
C ILE F 173 -26.51 -19.28 38.69
N ILE F 174 -25.83 -18.47 39.49
CA ILE F 174 -25.05 -17.34 39.02
C ILE F 174 -23.62 -17.49 39.58
N GLY F 175 -22.63 -17.60 38.70
CA GLY F 175 -21.25 -17.55 39.17
C GLY F 175 -20.89 -16.12 39.42
N TYR F 176 -20.43 -15.80 40.63
CA TYR F 176 -20.37 -14.40 41.09
C TYR F 176 -19.00 -14.11 41.71
N GLN F 177 -18.19 -13.27 41.06
CA GLN F 177 -18.36 -12.74 39.73
C GLN F 177 -16.95 -12.72 39.13
N GLY F 178 -16.85 -13.36 37.99
CA GLY F 178 -15.57 -13.52 37.32
C GLY F 178 -15.57 -14.81 36.52
N LYS F 179 -14.41 -15.44 36.44
CA LYS F 179 -14.26 -16.63 35.57
C LYS F 179 -14.48 -17.88 36.41
N VAL F 180 -15.76 -18.21 36.62
CA VAL F 180 -16.10 -19.35 37.49
C VAL F 180 -15.95 -20.65 36.71
N ARG F 181 -15.14 -21.58 37.23
CA ARG F 181 -14.74 -22.78 36.49
C ARG F 181 -15.42 -23.99 37.11
N ILE F 182 -16.35 -24.61 36.38
CA ILE F 182 -17.09 -25.79 36.82
C ILE F 182 -16.58 -27.00 36.03
N ASP F 183 -15.63 -27.72 36.64
CA ASP F 183 -15.00 -28.88 36.03
C ASP F 183 -15.89 -30.10 36.21
N CYS F 184 -16.49 -30.55 35.11
CA CYS F 184 -17.37 -31.71 35.10
C CYS F 184 -16.73 -32.91 34.43
N SER F 185 -15.40 -32.95 34.36
CA SER F 185 -14.72 -34.05 33.67
C SER F 185 -14.98 -35.39 34.32
N GLU F 186 -15.36 -35.43 35.61
CA GLU F 186 -15.65 -36.69 36.29
C GLU F 186 -17.14 -36.98 36.40
N PHE F 187 -17.99 -36.11 35.90
CA PHE F 187 -19.44 -36.31 35.96
C PHE F 187 -19.83 -37.36 34.93
N THR F 188 -20.72 -38.27 35.34
CA THR F 188 -21.08 -39.40 34.47
C THR F 188 -22.59 -39.48 34.19
N GLY F 189 -23.36 -38.49 34.62
CA GLY F 189 -24.80 -38.48 34.37
C GLY F 189 -25.15 -38.06 32.94
N SER F 190 -26.45 -38.06 32.65
CA SER F 190 -26.91 -37.82 31.28
C SER F 190 -26.68 -36.38 30.84
N ILE F 191 -26.96 -35.42 31.73
CA ILE F 191 -26.72 -34.00 31.50
C ILE F 191 -26.24 -33.41 32.82
N VAL F 192 -25.45 -32.35 32.72
CA VAL F 192 -25.04 -31.66 33.94
C VAL F 192 -26.17 -30.78 34.46
N PHE F 193 -26.69 -29.91 33.61
CA PHE F 193 -27.79 -29.00 33.93
C PHE F 193 -28.93 -29.25 32.98
N SER F 194 -30.15 -29.25 33.52
CA SER F 194 -31.32 -29.07 32.69
C SER F 194 -31.99 -27.80 33.15
N ILE F 195 -32.79 -27.20 32.29
CA ILE F 195 -33.54 -25.99 32.63
C ILE F 195 -34.97 -26.19 32.19
N ASN F 196 -35.90 -26.28 33.14
CA ASN F 196 -37.30 -26.53 32.79
C ASN F 196 -38.17 -26.10 33.96
N SER F 197 -39.25 -25.37 33.65
CA SER F 197 -40.15 -24.86 34.68
C SER F 197 -40.97 -25.97 35.32
N SER F 198 -41.29 -25.77 36.61
CA SER F 198 -42.21 -26.65 37.31
C SER F 198 -43.67 -26.27 37.11
N TYR F 199 -43.96 -25.21 36.34
CA TYR F 199 -45.32 -24.70 36.19
C TYR F 199 -45.79 -24.74 34.74
N SER F 200 -47.10 -24.86 34.56
CA SER F 200 -47.68 -24.77 33.22
C SER F 200 -48.02 -23.35 32.80
N TYR F 201 -48.23 -22.43 33.75
CA TYR F 201 -48.58 -21.06 33.36
C TYR F 201 -48.07 -20.08 34.41
N THR F 202 -48.79 -19.84 35.43
CA THR F 202 -48.29 -18.92 36.45
C THR F 202 -47.69 -19.69 37.62
N PRO F 203 -46.69 -19.16 38.31
CA PRO F 203 -46.10 -17.84 38.10
C PRO F 203 -44.95 -17.78 37.08
N ALA F 204 -44.73 -18.84 36.29
CA ALA F 204 -43.67 -18.78 35.26
C ALA F 204 -43.83 -17.59 34.34
N ALA F 205 -45.09 -17.26 33.93
CA ALA F 205 -45.34 -16.13 33.04
C ALA F 205 -45.00 -14.81 33.68
N TYR F 206 -44.83 -14.78 35.00
CA TYR F 206 -44.44 -13.58 35.74
C TYR F 206 -42.97 -13.57 36.11
N TYR F 207 -42.35 -14.74 36.26
CA TYR F 207 -41.07 -14.86 36.96
C TYR F 207 -39.90 -15.28 36.10
N ASN F 208 -40.11 -16.01 34.99
CA ASN F 208 -38.95 -16.56 34.29
C ASN F 208 -37.98 -15.48 33.86
N ASN F 209 -38.52 -14.33 33.49
CA ASN F 209 -37.73 -13.24 32.91
C ASN F 209 -37.01 -12.41 33.96
N LEU F 210 -37.28 -12.59 35.27
CA LEU F 210 -36.79 -11.65 36.27
C LEU F 210 -35.31 -11.83 36.60
N SER F 211 -34.75 -13.00 36.31
CA SER F 211 -33.34 -13.25 36.56
C SER F 211 -32.91 -14.36 35.64
N PRO F 212 -31.63 -14.45 35.32
CA PRO F 212 -31.18 -15.54 34.44
C PRO F 212 -31.28 -16.88 35.12
N ALA F 213 -31.37 -17.95 34.30
CA ALA F 213 -31.34 -19.31 34.82
C ALA F 213 -29.91 -19.78 35.10
N LEU F 214 -28.96 -19.38 34.25
CA LEU F 214 -27.54 -19.68 34.43
C LEU F 214 -26.77 -18.48 33.95
N GLN F 215 -25.73 -18.13 34.68
CA GLN F 215 -24.90 -16.98 34.30
CA GLN F 215 -24.90 -16.99 34.29
C GLN F 215 -23.49 -17.15 34.84
N GLY F 216 -22.48 -16.84 34.02
CA GLY F 216 -21.14 -16.65 34.55
C GLY F 216 -20.32 -17.88 34.76
N LEU F 217 -20.59 -18.98 34.05
CA LEU F 217 -19.99 -20.28 34.33
C LEU F 217 -19.29 -20.85 33.10
N TYR F 218 -18.04 -21.31 33.26
CA TYR F 218 -17.40 -22.18 32.27
C TYR F 218 -17.62 -23.62 32.72
N VAL F 219 -18.40 -24.38 31.95
CA VAL F 219 -18.82 -25.73 32.31
C VAL F 219 -18.21 -26.66 31.26
N PHE F 220 -17.40 -27.61 31.72
CA PHE F 220 -16.71 -28.45 30.73
C PHE F 220 -16.63 -29.90 31.16
N GLY F 221 -16.56 -30.77 30.16
CA GLY F 221 -16.43 -32.20 30.37
C GLY F 221 -15.10 -32.75 29.88
N ALA F 222 -15.10 -34.04 29.52
CA ALA F 222 -13.93 -34.74 29.00
C ALA F 222 -14.26 -35.46 27.71
N LYS F 223 -15.31 -35.02 27.03
CA LYS F 223 -15.77 -35.60 25.77
C LYS F 223 -16.14 -37.06 25.92
N THR F 224 -16.68 -37.41 27.07
CA THR F 224 -17.19 -38.76 27.29
C THR F 224 -18.51 -38.98 26.55
N SER F 225 -18.63 -40.13 25.87
CA SER F 225 -19.89 -40.46 25.22
C SER F 225 -21.00 -40.55 26.27
N GLY F 226 -22.15 -39.93 25.98
CA GLY F 226 -23.33 -40.08 26.80
C GLY F 226 -23.51 -39.04 27.88
N VAL F 227 -22.61 -38.06 27.99
CA VAL F 227 -22.70 -37.00 28.98
C VAL F 227 -22.83 -35.68 28.23
N ASP F 228 -24.01 -35.07 28.32
CA ASP F 228 -24.26 -33.77 27.69
C ASP F 228 -24.08 -32.66 28.71
N GLY F 229 -23.90 -31.43 28.21
CA GLY F 229 -23.72 -30.29 29.10
C GLY F 229 -25.03 -29.69 29.60
N LEU F 230 -25.78 -29.05 28.71
CA LEU F 230 -27.00 -28.32 29.04
C LEU F 230 -28.18 -28.87 28.25
N LEU F 231 -29.27 -29.26 28.94
CA LEU F 231 -30.54 -29.58 28.31
C LEU F 231 -31.47 -28.41 28.51
N VAL F 232 -31.95 -27.85 27.39
CA VAL F 232 -32.86 -26.72 27.34
C VAL F 232 -34.26 -27.29 27.23
N GLY F 233 -35.01 -27.33 28.33
CA GLY F 233 -36.30 -28.00 28.35
C GLY F 233 -36.25 -29.36 29.05
N ARG F 234 -37.06 -30.31 28.62
CA ARG F 234 -37.15 -31.57 29.33
C ARG F 234 -36.95 -32.77 28.42
N GLU F 235 -36.58 -33.92 29.03
CA GLU F 235 -36.38 -35.15 28.27
C GLU F 235 -37.68 -35.77 27.75
N THR F 236 -38.77 -35.71 28.51
CA THR F 236 -39.99 -36.41 28.12
C THR F 236 -41.22 -35.51 28.29
N VAL F 237 -42.32 -35.84 27.56
CA VAL F 237 -43.54 -35.02 27.56
C VAL F 237 -44.49 -35.36 28.72
N GLY F 238 -45.16 -34.33 29.27
CA GLY F 238 -46.18 -34.49 30.29
C GLY F 238 -47.58 -34.14 29.79
N SER F 239 -48.59 -34.40 30.66
CA SER F 239 -49.97 -33.96 30.37
C SER F 239 -50.10 -32.46 30.42
N ASP F 240 -49.14 -31.77 31.05
CA ASP F 240 -49.11 -30.33 31.09
C ASP F 240 -47.78 -29.85 30.54
N LYS F 241 -47.84 -28.77 29.80
CA LYS F 241 -46.61 -28.22 29.27
C LYS F 241 -45.81 -27.56 30.41
N SER F 242 -44.54 -27.29 30.16
CA SER F 242 -43.72 -26.52 31.08
C SER F 242 -43.50 -25.13 30.49
N TYR F 243 -43.82 -24.10 31.25
CA TYR F 243 -43.81 -22.73 30.72
C TYR F 243 -42.42 -22.15 30.85
N ASN F 244 -41.62 -22.24 29.77
CA ASN F 244 -40.21 -21.87 29.82
C ASN F 244 -39.90 -20.53 29.17
N GLY F 245 -40.89 -19.87 28.58
CA GLY F 245 -40.59 -18.66 27.83
C GLY F 245 -39.94 -17.61 28.71
N GLN F 246 -38.97 -16.91 28.12
CA GLN F 246 -38.23 -15.77 28.71
C GLN F 246 -37.06 -16.18 29.56
N THR F 247 -36.74 -17.48 29.59
CA THR F 247 -35.62 -17.96 30.38
C THR F 247 -34.30 -17.66 29.68
N GLU F 248 -33.34 -17.13 30.43
CA GLU F 248 -32.06 -16.70 29.88
C GLU F 248 -30.89 -17.55 30.39
N VAL F 249 -29.99 -17.89 29.47
CA VAL F 249 -28.65 -18.39 29.80
C VAL F 249 -27.69 -17.34 29.26
N ARG F 250 -26.83 -16.82 30.11
CA ARG F 250 -25.95 -15.76 29.64
C ARG F 250 -24.54 -15.94 30.18
N GLU F 251 -23.57 -15.52 29.40
CA GLU F 251 -22.20 -15.41 29.91
C GLU F 251 -21.73 -16.76 30.45
N CYS F 252 -21.98 -17.79 29.67
CA CYS F 252 -21.53 -19.15 30.02
C CYS F 252 -20.84 -19.78 28.82
N THR F 253 -19.92 -20.71 29.10
CA THR F 253 -19.25 -21.49 28.06
C THR F 253 -19.51 -22.97 28.34
N PHE F 254 -19.92 -23.70 27.32
CA PHE F 254 -20.06 -25.15 27.39
C PHE F 254 -19.06 -25.79 26.44
N ASP F 255 -18.29 -26.75 26.95
CA ASP F 255 -17.08 -27.22 26.27
C ASP F 255 -16.89 -28.70 26.57
N LYS F 256 -16.51 -29.49 25.55
CA LYS F 256 -16.02 -30.85 25.76
C LYS F 256 -17.08 -31.76 26.37
N PHE F 257 -18.34 -31.58 25.96
CA PHE F 257 -19.37 -32.57 26.27
C PHE F 257 -19.68 -33.39 25.04
N ASP F 258 -20.67 -34.30 25.13
CA ASP F 258 -21.08 -35.09 23.96
C ASP F 258 -21.92 -34.18 23.07
N ARG F 259 -23.09 -33.78 23.54
CA ARG F 259 -23.75 -32.56 23.06
C ARG F 259 -23.57 -31.49 24.14
N ASN F 260 -23.00 -30.36 23.75
CA ASN F 260 -22.81 -29.27 24.71
C ASN F 260 -24.14 -28.67 25.12
N ILE F 261 -25.00 -28.38 24.14
CA ILE F 261 -26.31 -27.78 24.33
C ILE F 261 -27.29 -28.58 23.49
N ARG F 262 -28.34 -29.07 24.11
CA ARG F 262 -29.35 -29.85 23.42
C ARG F 262 -30.71 -29.33 23.82
N MET F 263 -31.59 -29.13 22.85
CA MET F 263 -32.95 -28.73 23.14
CA MET F 263 -32.97 -28.72 23.09
C MET F 263 -33.84 -29.93 23.36
N GLY F 264 -34.68 -29.83 24.39
CA GLY F 264 -35.67 -30.82 24.69
C GLY F 264 -37.07 -30.30 24.47
N HIS F 265 -38.04 -31.02 25.02
CA HIS F 265 -39.42 -30.56 24.96
C HIS F 265 -39.59 -29.28 25.75
N ASN F 266 -40.57 -28.46 25.35
CA ASN F 266 -40.81 -27.14 25.98
C ASN F 266 -39.66 -26.19 25.76
N SER F 267 -38.93 -26.34 24.65
CA SER F 267 -37.84 -25.41 24.34
C SER F 267 -38.41 -24.24 23.52
N TRP F 268 -38.83 -23.18 24.23
CA TRP F 268 -39.43 -22.04 23.57
C TRP F 268 -39.07 -20.75 24.33
N ARG F 269 -38.73 -19.73 23.53
CA ARG F 269 -38.40 -18.37 23.99
C ARG F 269 -37.29 -18.33 25.04
N PHE F 270 -36.36 -19.30 25.00
CA PHE F 270 -35.10 -19.10 25.70
C PHE F 270 -34.27 -18.07 24.95
N VAL F 271 -33.50 -17.29 25.70
CA VAL F 271 -32.54 -16.34 25.15
C VAL F 271 -31.16 -16.64 25.70
N PHE F 272 -30.17 -16.56 24.82
CA PHE F 272 -28.77 -16.81 25.16
C PHE F 272 -28.00 -15.56 24.80
N TYR F 273 -27.18 -15.03 25.72
CA TYR F 273 -26.34 -13.87 25.45
C TYR F 273 -24.91 -14.21 25.81
N LYS F 274 -23.98 -14.01 24.86
CA LYS F 274 -22.56 -14.23 25.13
C LYS F 274 -22.30 -15.67 25.59
N VAL F 275 -22.95 -16.63 24.96
CA VAL F 275 -22.72 -18.04 25.24
C VAL F 275 -21.75 -18.59 24.21
N ASN F 276 -20.77 -19.34 24.69
CA ASN F 276 -19.78 -20.02 23.84
C ASN F 276 -20.03 -21.51 23.89
N SER F 277 -19.96 -22.19 22.74
CA SER F 277 -20.06 -23.65 22.69
C SER F 277 -18.98 -24.14 21.74
N LEU F 278 -18.10 -25.03 22.22
CA LEU F 278 -16.98 -25.47 21.41
C LEU F 278 -16.58 -26.90 21.74
N ASN F 279 -15.89 -27.54 20.80
CA ASN F 279 -15.15 -28.79 21.06
C ASN F 279 -15.99 -29.91 21.69
N ALA F 280 -17.15 -30.19 21.09
CA ALA F 280 -17.98 -31.29 21.55
C ALA F 280 -17.65 -32.58 20.80
N LEU F 281 -18.09 -33.73 21.36
CA LEU F 281 -17.78 -35.04 20.75
C LEU F 281 -18.76 -35.38 19.61
N SER F 282 -20.06 -35.16 19.82
CA SER F 282 -21.08 -35.61 18.88
C SER F 282 -20.96 -34.85 17.57
N PRO F 283 -21.24 -35.50 16.42
CA PRO F 283 -21.32 -34.75 15.17
C PRO F 283 -22.31 -33.61 15.24
N ASN F 284 -23.30 -33.67 16.14
CA ASN F 284 -24.26 -32.59 16.34
C ASN F 284 -24.03 -31.84 17.65
N GLY F 285 -22.82 -31.83 18.17
CA GLY F 285 -22.60 -31.51 19.55
C GLY F 285 -22.51 -30.04 19.91
N ILE F 286 -22.35 -29.14 18.95
CA ILE F 286 -22.24 -27.74 19.33
C ILE F 286 -23.57 -27.21 19.81
N LEU F 287 -24.64 -27.56 19.09
CA LEU F 287 -26.01 -27.17 19.44
C LEU F 287 -26.91 -28.12 18.66
N TYR F 288 -27.73 -28.91 19.36
CA TYR F 288 -28.56 -29.92 18.72
C TYR F 288 -30.03 -29.69 19.06
N VAL F 289 -30.85 -29.57 18.02
CA VAL F 289 -32.31 -29.49 18.16
C VAL F 289 -32.89 -30.72 17.48
N PRO F 290 -33.16 -31.79 18.21
CA PRO F 290 -33.65 -33.02 17.56
C PRO F 290 -35.07 -32.89 17.05
N ALA F 291 -35.41 -33.80 16.15
CA ALA F 291 -36.77 -33.89 15.64
C ALA F 291 -37.72 -34.35 16.73
N GLY F 292 -38.99 -33.94 16.62
CA GLY F 292 -40.04 -34.53 17.43
C GLY F 292 -40.26 -33.86 18.76
N LEU F 293 -39.75 -32.66 18.94
CA LEU F 293 -39.91 -31.98 20.22
C LEU F 293 -41.35 -31.47 20.33
N ASP F 294 -41.94 -31.57 21.53
CA ASP F 294 -43.27 -31.08 21.79
C ASP F 294 -43.23 -29.68 22.39
N ASP F 295 -44.20 -28.86 22.00
CA ASP F 295 -44.38 -27.53 22.62
C ASP F 295 -43.11 -26.69 22.57
N SER F 296 -42.44 -26.72 21.41
CA SER F 296 -41.13 -26.11 21.26
C SER F 296 -41.07 -25.31 19.96
N GLY F 297 -40.10 -24.41 19.91
CA GLY F 297 -39.72 -23.80 18.63
C GLY F 297 -39.98 -22.33 18.53
N GLU F 298 -40.59 -21.69 19.49
CA GLU F 298 -40.87 -20.26 19.39
C GLU F 298 -39.63 -19.41 19.73
N ILE F 299 -39.10 -18.71 18.74
CA ILE F 299 -38.09 -17.67 18.92
C ILE F 299 -37.01 -18.05 19.90
N LEU F 300 -36.25 -19.11 19.57
CA LEU F 300 -35.03 -19.39 20.31
C LEU F 300 -33.98 -18.39 19.88
N SER F 301 -33.47 -17.60 20.81
CA SER F 301 -32.75 -16.37 20.46
C SER F 301 -31.33 -16.38 21.00
N PHE F 302 -30.39 -15.97 20.18
CA PHE F 302 -28.97 -16.00 20.50
C PHE F 302 -28.38 -14.65 20.17
N TYR F 303 -27.82 -13.96 21.14
CA TYR F 303 -27.22 -12.65 20.94
C TYR F 303 -25.74 -12.76 21.24
N HIS F 304 -24.91 -12.44 20.26
CA HIS F 304 -23.46 -12.40 20.45
C HIS F 304 -22.91 -13.71 21.01
N CYS F 305 -23.36 -14.80 20.45
CA CYS F 305 -22.87 -16.12 20.83
C CYS F 305 -21.85 -16.63 19.83
N GLN F 306 -20.99 -17.54 20.28
CA GLN F 306 -19.90 -18.02 19.44
C GLN F 306 -19.94 -19.54 19.45
N PHE F 307 -20.04 -20.13 18.26
CA PHE F 307 -20.22 -21.58 18.08
C PHE F 307 -19.04 -22.01 17.23
N PHE F 308 -18.12 -22.81 17.80
CA PHE F 308 -16.81 -22.79 17.16
C PHE F 308 -15.98 -24.01 17.49
N ASP F 309 -14.98 -24.25 16.63
CA ASP F 309 -13.89 -25.18 16.94
C ASP F 309 -14.43 -26.53 17.40
N GLY F 310 -15.38 -27.04 16.60
CA GLY F 310 -16.04 -28.28 16.98
C GLY F 310 -15.18 -29.51 16.83
N ALA F 311 -14.13 -29.46 16.01
CA ALA F 311 -13.28 -30.63 15.79
C ALA F 311 -14.11 -31.85 15.45
N GLY F 312 -15.10 -31.66 14.58
CA GLY F 312 -16.01 -32.69 14.15
C GLY F 312 -17.42 -32.51 14.63
N SER F 313 -17.65 -31.66 15.62
CA SER F 313 -19.00 -31.36 16.09
C SER F 313 -19.55 -30.12 15.38
N ASN F 314 -20.88 -30.05 15.30
CA ASN F 314 -21.57 -29.08 14.45
C ASN F 314 -22.90 -28.69 15.10
N ILE F 315 -23.60 -27.78 14.45
CA ILE F 315 -24.98 -27.43 14.82
C ILE F 315 -25.93 -28.19 13.93
N ARG F 316 -26.99 -28.76 14.50
CA ARG F 316 -28.02 -29.38 13.67
C ARG F 316 -29.39 -29.03 14.21
N LEU F 317 -30.22 -28.47 13.33
CA LEU F 317 -31.63 -28.20 13.57
C LEU F 317 -32.41 -29.24 12.80
N SER F 318 -33.11 -30.12 13.51
CA SER F 318 -33.90 -31.21 12.92
C SER F 318 -35.37 -31.12 13.27
N CYS F 319 -35.79 -30.23 14.17
CA CYS F 319 -37.19 -30.13 14.56
C CYS F 319 -37.98 -29.29 13.58
N SER F 320 -39.19 -29.72 13.30
CA SER F 320 -40.08 -28.96 12.44
C SER F 320 -40.70 -27.80 13.20
N SER F 321 -41.18 -26.79 12.45
CA SER F 321 -41.91 -25.65 13.02
C SER F 321 -41.13 -25.00 14.16
N TYR F 322 -39.90 -24.63 13.83
CA TYR F 322 -38.88 -24.21 14.80
C TYR F 322 -38.22 -22.96 14.27
N THR F 323 -38.15 -21.93 15.11
CA THR F 323 -37.71 -20.62 14.65
C THR F 323 -36.55 -20.18 15.55
N MET F 324 -35.41 -19.90 14.95
CA MET F 324 -34.20 -19.50 15.67
C MET F 324 -33.71 -18.18 15.12
N VAL F 325 -33.19 -17.34 16.01
CA VAL F 325 -32.69 -16.03 15.63
C VAL F 325 -31.32 -15.86 16.23
N PHE F 326 -30.34 -15.54 15.40
CA PHE F 326 -28.96 -15.35 15.82
C PHE F 326 -28.58 -13.92 15.46
N ASN F 327 -28.18 -13.15 16.43
CA ASN F 327 -27.78 -11.75 16.22
C ASN F 327 -26.32 -11.65 16.61
N THR F 328 -25.47 -11.18 15.68
CA THR F 328 -24.02 -10.98 15.92
C THR F 328 -23.30 -12.22 16.43
N CYS F 329 -23.75 -13.38 15.98
CA CYS F 329 -23.08 -14.62 16.33
C CYS F 329 -21.99 -14.95 15.32
N SER F 330 -21.08 -15.84 15.70
CA SER F 330 -20.11 -16.37 14.75
C SER F 330 -20.14 -17.89 14.77
N PHE F 331 -20.01 -18.44 13.60
CA PHE F 331 -20.00 -19.89 13.37
C PHE F 331 -18.65 -20.19 12.73
N LEU F 332 -17.74 -20.80 13.49
CA LEU F 332 -16.33 -20.91 13.09
C LEU F 332 -15.88 -22.37 13.09
N ASN F 333 -15.44 -22.86 11.94
CA ASN F 333 -14.92 -24.24 11.85
C ASN F 333 -15.96 -25.28 12.23
N ILE F 334 -17.22 -25.01 11.86
CA ILE F 334 -18.35 -25.92 12.11
C ILE F 334 -19.31 -25.76 10.95
N THR F 335 -20.22 -26.73 10.79
CA THR F 335 -21.33 -26.63 9.83
C THR F 335 -22.61 -26.34 10.60
N PHE F 336 -23.49 -25.52 9.99
CA PHE F 336 -24.88 -25.35 10.47
C PHE F 336 -25.78 -26.20 9.57
N PHE F 337 -26.23 -27.36 10.07
CA PHE F 337 -27.15 -28.23 9.32
C PHE F 337 -28.60 -27.91 9.66
N VAL F 338 -29.46 -27.90 8.66
CA VAL F 338 -30.92 -27.84 8.87
C VAL F 338 -31.55 -28.97 8.06
N ASP F 339 -32.16 -29.93 8.75
CA ASP F 339 -32.82 -31.04 8.06
C ASP F 339 -34.25 -31.27 8.55
N SER F 340 -34.85 -30.26 9.16
CA SER F 340 -36.25 -30.34 9.61
C SER F 340 -37.17 -30.77 8.49
N ALA F 341 -38.18 -31.60 8.84
CA ALA F 341 -39.14 -31.99 7.81
C ALA F 341 -39.87 -30.81 7.21
N SER F 342 -40.22 -29.81 8.02
CA SER F 342 -40.82 -28.61 7.45
C SER F 342 -40.78 -27.44 8.41
N SER F 343 -40.81 -26.23 7.84
CA SER F 343 -41.09 -25.01 8.58
C SER F 343 -40.02 -24.64 9.61
N ALA F 344 -38.77 -24.92 9.34
CA ALA F 344 -37.69 -24.27 10.08
C ALA F 344 -37.49 -22.87 9.54
N THR F 345 -37.28 -21.91 10.42
CA THR F 345 -36.90 -20.56 9.99
C THR F 345 -35.71 -20.14 10.84
N VAL F 346 -34.55 -19.94 10.23
CA VAL F 346 -33.35 -19.48 10.93
C VAL F 346 -33.01 -18.12 10.38
N THR F 347 -32.83 -17.12 11.24
CA THR F 347 -32.43 -15.79 10.80
C THR F 347 -31.10 -15.48 11.46
N CYS F 348 -30.08 -15.16 10.67
CA CYS F 348 -28.77 -14.76 11.16
C CYS F 348 -28.57 -13.31 10.75
N ASN F 349 -28.60 -12.41 11.71
CA ASN F 349 -28.47 -10.97 11.50
C ASN F 349 -27.09 -10.58 11.97
N GLY F 350 -26.25 -10.11 11.06
CA GLY F 350 -24.98 -9.58 11.49
C GLY F 350 -24.05 -10.65 11.99
N CYS F 351 -24.09 -11.85 11.40
CA CYS F 351 -23.25 -12.96 11.85
C CYS F 351 -22.06 -13.18 10.92
N ASN F 352 -21.05 -13.92 11.40
CA ASN F 352 -19.93 -14.33 10.55
C ASN F 352 -19.91 -15.85 10.44
N PHE F 353 -19.61 -16.32 9.23
CA PHE F 353 -19.36 -17.73 8.95
C PHE F 353 -17.96 -17.80 8.35
N GLU F 354 -17.06 -18.59 8.99
CA GLU F 354 -15.67 -18.60 8.57
C GLU F 354 -15.00 -19.90 9.00
N ASN F 355 -13.84 -20.18 8.36
CA ASN F 355 -13.01 -21.33 8.56
C ASN F 355 -11.63 -20.93 9.13
N PRO F 356 -11.53 -20.16 10.21
CA PRO F 356 -10.20 -19.61 10.60
C PRO F 356 -9.23 -20.70 11.03
N GLY F 357 -8.09 -20.78 10.36
CA GLY F 357 -7.07 -21.75 10.68
C GLY F 357 -7.37 -23.17 10.26
N SER F 358 -8.41 -23.41 9.46
CA SER F 358 -8.82 -24.76 9.13
C SER F 358 -8.56 -25.08 7.66
N ALA F 359 -8.13 -26.31 7.40
CA ALA F 359 -8.01 -26.82 6.05
C ALA F 359 -9.25 -27.59 5.61
N SER F 360 -10.27 -27.68 6.46
CA SER F 360 -11.44 -28.51 6.16
C SER F 360 -12.30 -27.92 5.03
N THR F 361 -12.86 -28.79 4.18
CA THR F 361 -13.77 -28.37 3.15
C THR F 361 -15.23 -28.44 3.59
N ARG F 362 -15.50 -28.56 4.90
CA ARG F 362 -16.88 -28.66 5.39
C ARG F 362 -17.71 -27.47 4.90
N ARG F 363 -19.00 -27.72 4.74
CA ARG F 363 -19.90 -26.63 4.42
C ARG F 363 -20.08 -25.68 5.62
N TYR F 364 -20.48 -24.44 5.30
CA TYR F 364 -20.89 -23.52 6.36
C TYR F 364 -22.36 -23.70 6.71
N VAL F 365 -23.24 -23.84 5.72
CA VAL F 365 -24.68 -23.97 5.93
C VAL F 365 -25.17 -25.07 5.00
N ASP F 366 -25.88 -26.08 5.53
CA ASP F 366 -26.33 -27.22 4.74
C ASP F 366 -27.80 -27.44 5.09
N ILE F 367 -28.69 -26.90 4.26
CA ILE F 367 -30.14 -27.10 4.43
C ILE F 367 -30.45 -28.28 3.51
N SER F 368 -30.59 -29.48 4.10
CA SER F 368 -30.39 -30.71 3.33
C SER F 368 -31.64 -31.52 3.12
N ALA F 369 -32.74 -31.21 3.79
CA ALA F 369 -33.94 -32.03 3.68
C ALA F 369 -35.15 -31.18 3.99
N GLY F 370 -36.33 -31.78 3.83
CA GLY F 370 -37.57 -31.11 4.20
C GLY F 370 -38.05 -30.11 3.16
N HIS F 371 -39.08 -29.38 3.54
CA HIS F 371 -39.61 -28.32 2.69
C HIS F 371 -40.00 -27.13 3.54
N THR F 372 -40.09 -25.97 2.91
CA THR F 372 -40.57 -24.75 3.59
C THR F 372 -39.62 -24.39 4.72
N ASN F 373 -38.35 -24.73 4.54
CA ASN F 373 -37.30 -24.31 5.48
C ASN F 373 -36.63 -23.06 4.92
N VAL F 374 -36.43 -22.06 5.77
CA VAL F 374 -35.95 -20.75 5.34
C VAL F 374 -34.75 -20.42 6.19
N PHE F 375 -33.68 -19.97 5.57
CA PHE F 375 -32.46 -19.55 6.24
C PHE F 375 -32.10 -18.17 5.72
N ASN F 376 -32.03 -17.19 6.59
CA ASN F 376 -31.69 -15.81 6.23
C ASN F 376 -30.29 -15.47 6.72
N ILE F 377 -29.48 -14.88 5.83
CA ILE F 377 -28.20 -14.26 6.20
C ILE F 377 -28.33 -12.78 5.87
N ILE F 378 -28.46 -11.94 6.89
CA ILE F 378 -28.73 -10.50 6.73
C ILE F 378 -27.53 -9.76 7.30
N GLY F 379 -26.76 -9.10 6.43
CA GLY F 379 -25.57 -8.40 6.87
C GLY F 379 -24.53 -9.40 7.38
N GLY F 380 -23.59 -8.88 8.16
CA GLY F 380 -22.52 -9.76 8.58
C GLY F 380 -21.56 -10.10 7.45
N SER F 381 -20.99 -11.29 7.53
CA SER F 381 -19.90 -11.65 6.60
C SER F 381 -19.82 -13.15 6.41
N ILE F 382 -19.32 -13.54 5.25
CA ILE F 382 -19.00 -14.93 4.91
C ILE F 382 -17.57 -14.88 4.41
N VAL F 383 -16.66 -15.55 5.12
CA VAL F 383 -15.21 -15.41 4.89
C VAL F 383 -14.65 -16.80 4.59
N THR F 384 -13.87 -16.93 3.52
CA THR F 384 -13.37 -18.21 3.05
C THR F 384 -11.86 -18.13 2.92
N ASN F 385 -11.16 -18.42 4.01
CA ASN F 385 -9.70 -18.47 3.96
C ASN F 385 -9.25 -19.66 3.11
N SER F 386 -8.06 -19.51 2.50
CA SER F 386 -7.59 -20.50 1.54
C SER F 386 -7.43 -21.86 2.19
N ASN F 387 -7.71 -22.92 1.40
CA ASN F 387 -7.46 -24.29 1.81
C ASN F 387 -6.96 -25.01 0.55
N PRO F 388 -6.64 -26.31 0.62
CA PRO F 388 -6.07 -27.00 -0.55
C PRO F 388 -7.00 -27.08 -1.76
N GLY F 389 -8.28 -26.79 -1.59
CA GLY F 389 -9.21 -26.82 -2.71
C GLY F 389 -10.60 -27.01 -2.17
N GLN F 390 -11.49 -26.05 -2.39
CA GLN F 390 -12.82 -26.12 -1.82
C GLN F 390 -13.70 -26.87 -2.80
N THR F 391 -13.82 -28.19 -2.59
CA THR F 391 -14.36 -29.10 -3.58
C THR F 391 -15.86 -29.33 -3.44
N GLN F 392 -16.54 -28.62 -2.53
CA GLN F 392 -17.99 -28.66 -2.47
C GLN F 392 -18.48 -27.27 -2.12
N ALA F 393 -19.75 -27.02 -2.40
CA ALA F 393 -20.35 -25.74 -2.09
C ALA F 393 -20.39 -25.51 -0.58
N LEU F 394 -20.05 -24.28 -0.17
CA LEU F 394 -20.08 -23.94 1.26
C LEU F 394 -21.47 -23.64 1.78
N LEU F 395 -22.39 -23.31 0.88
CA LEU F 395 -23.81 -23.14 1.23
C LEU F 395 -24.58 -24.11 0.35
N TYR F 396 -25.60 -24.77 0.92
CA TYR F 396 -26.39 -25.73 0.16
C TYR F 396 -27.84 -25.57 0.61
N VAL F 397 -28.75 -25.49 -0.36
CA VAL F 397 -30.18 -25.38 -0.04
C VAL F 397 -30.94 -26.40 -0.91
N SER F 398 -31.56 -27.37 -0.25
CA SER F 398 -32.21 -28.48 -0.97
C SER F 398 -33.59 -28.06 -1.51
N THR F 399 -34.16 -28.96 -2.31
CA THR F 399 -35.41 -28.69 -3.01
C THR F 399 -36.50 -28.23 -2.04
N ASP F 400 -37.26 -27.23 -2.46
CA ASP F 400 -38.41 -26.69 -1.74
C ASP F 400 -38.03 -25.81 -0.55
N ASN F 401 -36.75 -25.52 -0.35
CA ASN F 401 -36.26 -24.68 0.72
C ASN F 401 -35.69 -23.39 0.15
N LEU F 402 -35.39 -22.44 1.04
CA LEU F 402 -35.03 -21.10 0.62
C LEU F 402 -33.88 -20.56 1.46
N LEU F 403 -32.87 -20.03 0.79
CA LEU F 403 -31.73 -19.34 1.41
C LEU F 403 -31.74 -17.90 0.93
N ASN F 404 -31.93 -16.95 1.84
CA ASN F 404 -32.00 -15.54 1.50
C ASN F 404 -30.73 -14.86 1.95
N LEU F 405 -30.10 -14.12 1.04
CA LEU F 405 -28.91 -13.33 1.34
C LEU F 405 -29.29 -11.87 1.21
N VAL F 406 -29.04 -11.07 2.24
CA VAL F 406 -29.42 -9.67 2.24
C VAL F 406 -28.22 -8.86 2.71
N GLY F 407 -27.76 -7.92 1.91
CA GLY F 407 -26.77 -6.95 2.42
C GLY F 407 -25.46 -7.55 2.84
N VAL F 408 -25.03 -8.62 2.18
CA VAL F 408 -23.80 -9.33 2.53
C VAL F 408 -22.98 -9.51 1.27
N THR F 409 -21.68 -9.54 1.44
CA THR F 409 -20.77 -9.74 0.32
C THR F 409 -20.48 -11.22 0.12
N ALA F 410 -20.67 -11.69 -1.11
CA ALA F 410 -20.32 -13.07 -1.43
C ALA F 410 -18.80 -13.16 -1.67
N PRO F 411 -18.06 -13.99 -0.93
CA PRO F 411 -16.61 -14.03 -1.13
C PRO F 411 -16.22 -14.82 -2.36
N TYR F 412 -14.98 -14.63 -2.77
CA TYR F 412 -14.39 -15.47 -3.80
C TYR F 412 -12.94 -15.78 -3.43
N GLY F 413 -12.48 -16.97 -3.82
CA GLY F 413 -11.08 -17.31 -3.66
C GLY F 413 -10.61 -18.22 -4.76
N GLY F 414 -9.31 -18.13 -5.08
CA GLY F 414 -8.76 -18.92 -6.15
C GLY F 414 -8.75 -20.41 -5.87
N HIS F 415 -8.96 -20.80 -4.61
CA HIS F 415 -9.00 -22.20 -4.25
C HIS F 415 -10.39 -22.81 -4.45
N TYR F 416 -11.37 -22.04 -4.93
CA TYR F 416 -12.71 -22.57 -5.12
C TYR F 416 -12.73 -23.63 -6.22
N GLN F 417 -13.30 -24.81 -5.92
CA GLN F 417 -13.38 -25.94 -6.83
C GLN F 417 -14.75 -26.60 -6.70
N GLN F 418 -15.81 -25.80 -6.51
CA GLN F 418 -17.13 -26.37 -6.24
C GLN F 418 -17.64 -27.23 -7.37
N GLU F 419 -17.12 -27.05 -8.58
CA GLU F 419 -17.54 -27.87 -9.70
C GLU F 419 -17.30 -29.34 -9.47
N GLN F 420 -16.36 -29.69 -8.58
CA GLN F 420 -16.18 -31.11 -8.30
C GLN F 420 -17.43 -31.73 -7.71
N GLU F 421 -18.20 -30.97 -6.94
CA GLU F 421 -19.49 -31.47 -6.47
C GLU F 421 -20.61 -31.18 -7.46
N LEU F 422 -20.74 -29.92 -7.89
CA LEU F 422 -21.94 -29.48 -8.60
C LEU F 422 -21.91 -29.83 -10.07
N GLY F 423 -20.73 -30.03 -10.65
CA GLY F 423 -20.58 -30.13 -12.09
C GLY F 423 -20.22 -28.81 -12.73
N TYR F 424 -20.36 -27.71 -12.00
CA TYR F 424 -20.13 -26.38 -12.55
C TYR F 424 -19.73 -25.45 -11.40
N HIS F 425 -19.22 -24.27 -11.77
CA HIS F 425 -18.57 -23.37 -10.79
C HIS F 425 -19.57 -22.36 -10.28
N ALA F 426 -20.13 -22.63 -9.09
CA ALA F 426 -21.07 -21.70 -8.45
C ALA F 426 -20.88 -21.81 -6.94
N PHE F 427 -21.39 -20.80 -6.22
CA PHE F 427 -21.09 -20.75 -4.79
C PHE F 427 -22.00 -21.63 -3.96
N ILE F 428 -23.24 -21.82 -4.40
CA ILE F 428 -24.29 -22.44 -3.61
C ILE F 428 -24.79 -23.66 -4.38
N GLY F 429 -24.96 -24.77 -3.67
CA GLY F 429 -25.51 -25.97 -4.27
C GLY F 429 -26.96 -26.22 -3.86
N GLY F 430 -27.54 -27.25 -4.48
CA GLY F 430 -28.87 -27.72 -4.11
C GLY F 430 -29.95 -27.20 -5.03
N ALA F 431 -31.08 -27.90 -5.02
CA ALA F 431 -32.19 -27.60 -5.92
C ALA F 431 -33.24 -26.69 -5.30
N GLY F 432 -32.94 -26.06 -4.17
CA GLY F 432 -33.80 -25.05 -3.58
C GLY F 432 -33.71 -23.73 -4.30
N THR F 433 -34.11 -22.67 -3.60
CA THR F 433 -34.13 -21.33 -4.14
C THR F 433 -33.22 -20.43 -3.31
N VAL F 434 -32.55 -19.50 -3.98
CA VAL F 434 -31.80 -18.43 -3.33
C VAL F 434 -32.38 -17.09 -3.74
N THR F 435 -32.45 -16.14 -2.82
CA THR F 435 -32.74 -14.78 -3.20
C THR F 435 -31.60 -13.89 -2.75
N THR F 436 -31.46 -12.77 -3.43
CA THR F 436 -30.48 -11.77 -3.09
C THR F 436 -31.17 -10.43 -3.02
N SER F 437 -30.79 -9.65 -2.03
CA SER F 437 -31.20 -8.25 -1.93
C SER F 437 -29.99 -7.51 -1.42
N GLY F 438 -29.47 -6.56 -2.18
CA GLY F 438 -28.33 -5.83 -1.70
C GLY F 438 -27.05 -6.64 -1.53
N VAL F 439 -26.90 -7.71 -2.30
CA VAL F 439 -25.69 -8.53 -2.22
C VAL F 439 -24.59 -7.92 -3.09
N MET F 440 -23.39 -7.89 -2.55
CA MET F 440 -22.19 -7.42 -3.24
C MET F 440 -21.38 -8.62 -3.73
N LEU F 441 -20.92 -8.58 -4.97
CA LEU F 441 -19.96 -9.55 -5.49
C LEU F 441 -18.57 -8.92 -5.39
N GLN F 442 -17.53 -9.77 -5.35
CA GLN F 442 -16.15 -9.28 -5.26
C GLN F 442 -15.61 -9.11 -6.68
N LEU F 443 -16.06 -8.02 -7.32
CA LEU F 443 -15.76 -7.76 -8.73
C LEU F 443 -14.33 -7.36 -8.95
N ARG F 444 -13.60 -6.92 -7.92
CA ARG F 444 -12.21 -6.52 -8.08
C ARG F 444 -11.26 -7.56 -7.50
N ASN F 445 -11.79 -8.74 -7.15
CA ASN F 445 -10.96 -9.83 -6.65
C ASN F 445 -10.12 -10.39 -7.81
N GLY F 446 -8.80 -10.38 -7.68
CA GLY F 446 -7.97 -10.82 -8.80
C GLY F 446 -8.14 -12.27 -9.20
N ALA F 447 -8.60 -13.11 -8.29
CA ALA F 447 -8.79 -14.52 -8.59
C ALA F 447 -10.08 -14.77 -9.36
N GLY F 448 -11.05 -13.87 -9.25
CA GLY F 448 -12.29 -14.04 -9.96
C GLY F 448 -13.51 -13.73 -9.11
N THR F 449 -14.64 -14.19 -9.65
CA THR F 449 -15.98 -14.08 -9.06
C THR F 449 -16.74 -15.24 -9.68
N CYS F 450 -17.72 -15.75 -8.98
CA CYS F 450 -18.57 -16.78 -9.56
C CYS F 450 -20.04 -16.47 -9.35
N PRO F 451 -20.92 -17.07 -10.15
CA PRO F 451 -22.35 -16.95 -9.87
C PRO F 451 -22.67 -17.65 -8.56
N LEU F 452 -23.80 -17.24 -8.00
CA LEU F 452 -24.21 -17.77 -6.71
C LEU F 452 -25.01 -19.06 -6.82
N HIS F 453 -26.01 -19.11 -7.71
CA HIS F 453 -26.89 -20.26 -7.67
C HIS F 453 -27.67 -20.43 -8.97
N SER F 454 -28.00 -21.69 -9.27
CA SER F 454 -28.83 -22.04 -10.43
C SER F 454 -30.16 -21.30 -10.44
N SER F 455 -30.80 -21.11 -9.28
CA SER F 455 -32.13 -20.52 -9.29
C SER F 455 -32.13 -19.06 -9.70
N LEU F 456 -30.96 -18.42 -9.75
CA LEU F 456 -30.82 -17.05 -10.16
C LEU F 456 -30.42 -16.95 -11.63
N SER F 457 -30.44 -18.06 -12.38
CA SER F 457 -30.00 -18.05 -13.78
C SER F 457 -30.70 -16.95 -14.58
N THR F 458 -29.88 -16.13 -15.25
CA THR F 458 -30.39 -15.10 -16.14
C THR F 458 -31.03 -15.71 -17.38
N PHE F 459 -30.42 -16.74 -17.93
CA PHE F 459 -30.79 -17.30 -19.22
C PHE F 459 -31.62 -18.55 -19.07
N SER F 460 -32.52 -18.74 -20.01
CA SER F 460 -33.39 -19.92 -20.02
C SER F 460 -32.64 -21.08 -20.65
N ASN F 461 -32.97 -22.30 -20.19
CA ASN F 461 -32.33 -23.51 -20.71
C ASN F 461 -30.81 -23.43 -20.50
N TRP F 462 -30.42 -22.85 -19.36
CA TRP F 462 -29.01 -22.56 -19.07
C TRP F 462 -28.18 -23.84 -18.98
N ASN F 463 -28.80 -24.95 -18.55
CA ASN F 463 -28.13 -26.22 -18.32
C ASN F 463 -28.58 -27.27 -19.33
N PHE F 464 -29.26 -26.84 -20.39
CA PHE F 464 -29.82 -27.75 -21.39
C PHE F 464 -30.82 -28.71 -20.78
N GLY F 465 -31.40 -28.33 -19.63
CA GLY F 465 -32.40 -29.14 -18.97
C GLY F 465 -33.71 -29.23 -19.72
N TYR F 466 -33.95 -28.39 -20.72
CA TYR F 466 -35.11 -28.60 -21.57
C TYR F 466 -35.01 -29.93 -22.32
N GLY F 467 -33.81 -30.50 -22.47
CA GLY F 467 -33.65 -31.68 -23.31
C GLY F 467 -33.53 -31.39 -24.79
N ASN F 468 -33.24 -30.14 -25.13
CA ASN F 468 -33.08 -29.67 -26.50
C ASN F 468 -32.35 -28.33 -26.40
N LEU F 469 -32.19 -27.64 -27.54
CA LEU F 469 -31.47 -26.36 -27.60
C LEU F 469 -32.42 -25.16 -27.66
N ASN F 470 -33.69 -25.38 -27.29
CA ASN F 470 -34.62 -24.25 -27.35
C ASN F 470 -34.20 -23.11 -26.41
N ALA F 471 -34.68 -21.90 -26.72
CA ALA F 471 -34.37 -20.63 -26.05
C ALA F 471 -33.06 -20.01 -26.53
N TRP F 472 -32.21 -20.80 -27.21
CA TRP F 472 -30.94 -20.33 -27.75
C TRP F 472 -31.11 -20.06 -29.24
N THR F 473 -30.52 -18.99 -29.74
CA THR F 473 -30.48 -18.74 -31.18
C THR F 473 -29.16 -19.31 -31.70
N VAL F 474 -29.22 -20.23 -32.65
CA VAL F 474 -28.04 -20.93 -33.16
C VAL F 474 -27.78 -20.43 -34.56
N ASP F 475 -26.86 -19.44 -34.71
CA ASP F 475 -26.60 -18.78 -35.99
C ASP F 475 -25.34 -19.41 -36.57
N LYS F 476 -25.53 -20.31 -37.54
CA LYS F 476 -24.42 -20.96 -38.24
C LYS F 476 -23.85 -20.11 -39.34
N GLY F 477 -24.45 -18.95 -39.60
CA GLY F 477 -23.93 -18.11 -40.69
C GLY F 477 -24.09 -18.81 -42.01
N THR F 478 -23.05 -18.81 -42.81
CA THR F 478 -23.12 -19.52 -44.08
C THR F 478 -22.83 -21.01 -43.92
N GLY F 479 -22.52 -21.47 -42.70
CA GLY F 479 -22.07 -22.85 -42.51
C GLY F 479 -23.22 -23.83 -42.38
N THR F 480 -23.89 -24.15 -43.49
CA THR F 480 -25.07 -25.00 -43.40
C THR F 480 -24.76 -26.39 -42.87
N SER F 481 -23.54 -26.89 -43.10
CA SER F 481 -23.17 -28.22 -42.61
C SER F 481 -22.59 -28.22 -41.19
N SER F 482 -22.44 -27.07 -40.54
CA SER F 482 -21.95 -27.06 -39.16
C SER F 482 -22.88 -27.87 -38.29
N VAL F 483 -22.31 -28.58 -37.31
CA VAL F 483 -23.12 -29.42 -36.43
C VAL F 483 -23.33 -28.67 -35.11
N VAL F 484 -24.58 -28.50 -34.71
CA VAL F 484 -24.90 -27.99 -33.38
C VAL F 484 -26.00 -28.89 -32.83
N GLU F 485 -25.71 -29.59 -31.73
CA GLU F 485 -26.65 -30.60 -31.27
C GLU F 485 -26.72 -30.69 -29.76
N TYR F 486 -27.92 -30.97 -29.25
CA TYR F 486 -28.09 -31.41 -27.86
C TYR F 486 -27.64 -32.86 -27.73
N LEU F 487 -26.88 -33.15 -26.67
CA LEU F 487 -26.45 -34.51 -26.33
C LEU F 487 -26.85 -34.83 -24.89
N ALA F 488 -27.61 -35.92 -24.71
CA ALA F 488 -28.01 -36.36 -23.39
C ALA F 488 -26.83 -36.99 -22.67
N ASN F 489 -26.78 -36.78 -21.35
CA ASN F 489 -25.79 -37.44 -20.48
C ASN F 489 -24.36 -37.20 -20.95
N ALA F 490 -24.10 -35.99 -21.42
CA ALA F 490 -22.84 -35.66 -22.04
C ALA F 490 -22.14 -34.50 -21.39
N GLY F 491 -22.67 -33.97 -20.29
CA GLY F 491 -21.98 -32.89 -19.58
C GLY F 491 -20.94 -33.43 -18.64
N PRO F 492 -20.45 -32.55 -17.75
CA PRO F 492 -19.34 -32.91 -16.83
C PRO F 492 -19.54 -34.15 -15.97
N LYS F 493 -20.75 -34.38 -15.48
CA LYS F 493 -21.04 -35.51 -14.58
C LYS F 493 -21.48 -36.74 -15.36
N GLY F 494 -21.70 -36.61 -16.66
CA GLY F 494 -22.22 -37.70 -17.47
C GLY F 494 -23.69 -37.98 -17.26
N THR F 495 -24.42 -37.08 -16.57
CA THR F 495 -25.83 -37.26 -16.25
C THR F 495 -26.73 -36.10 -16.69
N GLU F 496 -26.17 -35.09 -17.34
CA GLU F 496 -26.85 -33.87 -17.71
C GLU F 496 -26.62 -33.63 -19.18
N GLY F 497 -27.42 -32.71 -19.76
CA GLY F 497 -27.29 -32.38 -21.16
C GLY F 497 -26.09 -31.51 -21.44
N ALA F 498 -25.68 -31.53 -22.71
CA ALA F 498 -24.66 -30.61 -23.19
C ALA F 498 -24.99 -30.21 -24.62
N MET F 499 -24.45 -29.09 -25.06
CA MET F 499 -24.57 -28.65 -26.44
C MET F 499 -23.22 -28.82 -27.11
N ARG F 500 -23.17 -29.62 -28.16
CA ARG F 500 -21.95 -29.79 -28.94
C ARG F 500 -22.01 -28.88 -30.16
N VAL F 501 -20.94 -28.11 -30.36
CA VAL F 501 -20.83 -27.20 -31.50
C VAL F 501 -19.57 -27.60 -32.26
N ALA F 502 -19.73 -27.99 -33.53
CA ALA F 502 -18.62 -28.41 -34.38
C ALA F 502 -18.81 -27.72 -35.73
N PRO F 503 -18.38 -26.47 -35.84
CA PRO F 503 -18.65 -25.69 -37.07
C PRO F 503 -17.73 -26.10 -38.18
N VAL F 504 -18.24 -25.94 -39.40
CA VAL F 504 -17.52 -26.28 -40.62
C VAL F 504 -17.42 -25.02 -41.45
N SER F 505 -16.18 -24.65 -41.80
CA SER F 505 -15.83 -23.56 -42.73
C SER F 505 -15.91 -22.15 -42.13
N VAL F 506 -16.96 -21.89 -41.34
CA VAL F 506 -17.16 -20.59 -40.70
C VAL F 506 -17.66 -20.87 -39.28
N GLY F 507 -17.43 -19.90 -38.38
CA GLY F 507 -17.82 -20.09 -36.98
C GLY F 507 -19.32 -20.09 -36.78
N THR F 508 -19.73 -20.60 -35.61
CA THR F 508 -21.13 -20.59 -35.20
C THR F 508 -21.27 -19.73 -33.97
N ASN F 509 -22.34 -18.94 -33.93
CA ASN F 509 -22.61 -18.07 -32.78
C ASN F 509 -23.94 -18.44 -32.16
N VAL F 510 -23.93 -18.82 -30.90
CA VAL F 510 -25.14 -19.19 -30.15
C VAL F 510 -25.41 -18.09 -29.13
N SER F 511 -26.61 -17.53 -29.14
CA SER F 511 -26.85 -16.33 -28.33
C SER F 511 -28.20 -16.40 -27.63
N GLN F 512 -28.37 -15.51 -26.63
CA GLN F 512 -29.66 -15.35 -25.98
C GLN F 512 -29.67 -13.94 -25.38
N VAL F 513 -30.84 -13.28 -25.41
CA VAL F 513 -31.03 -11.95 -24.87
C VAL F 513 -32.13 -11.98 -23.82
N GLN F 514 -31.91 -11.28 -22.71
CA GLN F 514 -32.94 -11.16 -21.67
C GLN F 514 -33.01 -9.75 -21.10
N ALA F 515 -34.14 -9.43 -20.48
CA ALA F 515 -34.30 -8.11 -19.85
C ALA F 515 -33.50 -8.04 -18.56
N VAL F 516 -32.89 -6.88 -18.33
CA VAL F 516 -32.15 -6.57 -17.12
C VAL F 516 -32.44 -5.10 -16.81
N THR F 517 -32.01 -4.63 -15.65
CA THR F 517 -32.13 -3.22 -15.34
C THR F 517 -31.03 -2.87 -14.34
N ASN F 518 -30.64 -1.57 -14.30
CA ASN F 518 -29.81 -1.08 -13.21
C ASN F 518 -30.68 -0.88 -11.97
N PRO F 519 -30.11 -0.96 -10.77
CA PRO F 519 -28.72 -1.28 -10.44
C PRO F 519 -28.49 -2.78 -10.41
N GLY F 520 -27.27 -3.24 -10.62
CA GLY F 520 -26.98 -4.67 -10.55
C GLY F 520 -25.51 -4.96 -10.75
N MET F 521 -25.13 -6.18 -10.38
CA MET F 521 -23.79 -6.68 -10.63
C MET F 521 -23.96 -8.09 -11.15
N PHE F 522 -23.02 -8.57 -11.93
CA PHE F 522 -23.18 -9.90 -12.54
C PHE F 522 -21.88 -10.68 -12.53
N SER F 523 -22.05 -12.00 -12.58
CA SER F 523 -20.97 -12.96 -12.80
C SER F 523 -21.52 -14.16 -13.55
N MET F 524 -20.75 -14.66 -14.51
CA MET F 524 -21.13 -15.84 -15.24
C MET F 524 -20.00 -16.84 -15.23
N SER F 525 -20.33 -18.12 -15.10
CA SER F 525 -19.40 -19.20 -15.34
C SER F 525 -20.03 -20.16 -16.34
N CYS F 526 -19.17 -20.88 -17.04
CA CYS F 526 -19.55 -21.88 -18.05
CA CYS F 526 -19.69 -21.99 -17.80
C CYS F 526 -18.68 -23.11 -17.86
N MET F 527 -19.16 -24.27 -18.24
CA MET F 527 -18.32 -25.46 -18.37
C MET F 527 -18.13 -25.74 -19.84
N VAL F 528 -16.87 -25.95 -20.24
CA VAL F 528 -16.54 -26.14 -21.64
C VAL F 528 -15.60 -27.34 -21.75
N ASN F 529 -15.78 -28.16 -22.77
CA ASN F 529 -14.86 -29.24 -23.07
C ASN F 529 -14.50 -29.17 -24.54
N ILE F 530 -13.31 -28.66 -24.84
CA ILE F 530 -12.79 -28.63 -26.20
C ILE F 530 -12.28 -30.03 -26.54
N ALA F 531 -12.87 -30.65 -27.56
CA ALA F 531 -12.37 -31.93 -28.04
C ALA F 531 -11.20 -31.71 -28.98
N THR F 532 -11.34 -30.75 -29.90
CA THR F 532 -10.23 -30.43 -30.79
C THR F 532 -10.47 -29.01 -31.26
N THR F 533 -9.39 -28.29 -31.58
CA THR F 533 -9.53 -26.92 -32.08
C THR F 533 -8.28 -26.45 -32.78
N PRO F 534 -8.42 -25.68 -33.88
CA PRO F 534 -7.26 -25.06 -34.55
C PRO F 534 -7.02 -23.67 -33.99
N GLY F 535 -6.22 -23.57 -32.98
CA GLY F 535 -6.08 -22.30 -32.30
C GLY F 535 -7.21 -22.08 -31.31
N ASN F 536 -7.27 -20.85 -30.81
CA ASN F 536 -8.30 -20.50 -29.82
C ASN F 536 -9.68 -20.94 -30.30
N ALA F 537 -10.41 -21.67 -29.43
CA ALA F 537 -11.62 -22.35 -29.88
C ALA F 537 -12.81 -21.42 -30.01
N GLY F 538 -12.75 -20.24 -29.41
CA GLY F 538 -13.89 -19.33 -29.46
C GLY F 538 -13.90 -18.41 -28.26
N GLN F 539 -15.05 -17.81 -28.01
CA GLN F 539 -15.15 -16.84 -26.94
C GLN F 539 -16.58 -16.83 -26.44
N VAL F 540 -16.76 -16.54 -25.17
CA VAL F 540 -18.07 -16.26 -24.58
C VAL F 540 -18.09 -14.78 -24.22
N SER F 541 -19.13 -14.07 -24.64
CA SER F 541 -19.20 -12.63 -24.38
C SER F 541 -20.54 -12.26 -23.78
N ILE F 542 -20.53 -11.18 -23.00
CA ILE F 542 -21.73 -10.59 -22.41
C ILE F 542 -21.71 -9.11 -22.74
N GLY F 543 -22.82 -8.61 -23.27
CA GLY F 543 -22.95 -7.19 -23.53
C GLY F 543 -24.33 -6.71 -23.14
N PHE F 544 -24.47 -5.39 -23.00
CA PHE F 544 -25.72 -4.78 -22.58
C PHE F 544 -26.22 -3.81 -23.65
N LEU F 545 -27.56 -3.68 -23.69
CA LEU F 545 -28.23 -2.74 -24.57
C LEU F 545 -29.28 -2.00 -23.78
N ASP F 546 -29.63 -0.80 -24.24
CA ASP F 546 -30.83 -0.14 -23.70
C ASP F 546 -32.06 -0.68 -24.44
N ALA F 547 -33.24 -0.13 -24.12
CA ALA F 547 -34.47 -0.65 -24.72
C ALA F 547 -34.61 -0.29 -26.19
N ALA F 548 -33.86 0.70 -26.69
CA ALA F 548 -33.90 1.08 -28.09
C ALA F 548 -32.87 0.34 -28.93
N GLY F 549 -32.11 -0.56 -28.33
CA GLY F 549 -31.08 -1.28 -29.07
C GLY F 549 -29.74 -0.59 -29.13
N ASN F 550 -29.53 0.46 -28.36
CA ASN F 550 -28.18 1.02 -28.32
C ASN F 550 -27.27 0.15 -27.47
N SER F 551 -26.10 -0.18 -28.00
CA SER F 551 -25.11 -0.97 -27.26
C SER F 551 -24.39 -0.08 -26.25
N LEU F 552 -24.30 -0.52 -25.04
CA LEU F 552 -23.66 0.27 -24.00
C LEU F 552 -22.21 -0.22 -23.78
N PRO F 553 -21.32 0.71 -23.47
N PRO F 553 -21.32 0.64 -23.30
CA PRO F 553 -19.91 0.34 -23.33
CA PRO F 553 -19.86 0.35 -23.36
C PRO F 553 -19.71 -0.58 -22.14
C PRO F 553 -19.31 -0.88 -22.59
N GLY F 554 -18.63 -1.37 -22.22
N GLY F 554 -19.86 -1.31 -21.46
CA GLY F 554 -18.21 -2.21 -21.13
CA GLY F 554 -19.07 -2.26 -20.67
C GLY F 554 -18.36 -3.69 -21.34
C GLY F 554 -19.19 -3.76 -20.94
N GLY F 555 -18.67 -4.16 -22.55
N GLY F 555 -19.06 -4.17 -22.20
CA GLY F 555 -18.82 -5.58 -22.81
CA GLY F 555 -19.04 -5.59 -22.52
C GLY F 555 -17.64 -6.39 -22.35
C GLY F 555 -17.77 -6.29 -22.02
N VAL F 556 -17.89 -7.62 -21.86
CA VAL F 556 -16.82 -8.47 -21.37
C VAL F 556 -16.77 -9.74 -22.21
N SER F 557 -15.62 -10.43 -22.18
CA SER F 557 -15.47 -11.63 -22.99
C SER F 557 -14.41 -12.53 -22.37
N ALA F 558 -14.52 -13.82 -22.66
CA ALA F 558 -13.59 -14.85 -22.19
C ALA F 558 -13.21 -15.72 -23.36
N ASN F 559 -11.92 -15.88 -23.59
CA ASN F 559 -11.47 -16.80 -24.62
C ASN F 559 -11.54 -18.23 -24.11
N LEU F 560 -11.81 -19.17 -25.05
CA LEU F 560 -11.87 -20.58 -24.67
C LEU F 560 -10.50 -21.24 -24.63
N GLY F 561 -9.55 -20.75 -25.40
CA GLY F 561 -8.23 -21.38 -25.42
C GLY F 561 -8.19 -22.65 -26.25
N THR F 562 -7.23 -23.53 -25.90
CA THR F 562 -6.98 -24.72 -26.69
C THR F 562 -6.80 -25.96 -25.86
N THR F 563 -6.97 -25.90 -24.56
CA THR F 563 -6.76 -27.06 -23.70
C THR F 563 -7.99 -27.94 -23.68
N THR F 564 -7.80 -29.26 -23.79
CA THR F 564 -8.93 -30.17 -23.86
C THR F 564 -9.38 -30.58 -22.47
N GLY F 565 -10.60 -31.09 -22.39
CA GLY F 565 -11.15 -31.56 -21.14
C GLY F 565 -12.04 -30.51 -20.47
N TRP F 566 -12.89 -30.98 -19.57
CA TRP F 566 -13.82 -30.06 -18.91
C TRP F 566 -13.07 -28.99 -18.12
N GLN F 567 -13.44 -27.72 -18.36
CA GLN F 567 -12.85 -26.61 -17.62
C GLN F 567 -13.89 -25.52 -17.38
N VAL F 568 -13.62 -24.71 -16.37
CA VAL F 568 -14.44 -23.56 -16.02
C VAL F 568 -13.97 -22.35 -16.81
N ILE F 569 -14.91 -21.69 -17.50
CA ILE F 569 -14.65 -20.43 -18.20
C ILE F 569 -15.44 -19.32 -17.52
N GLY F 570 -14.79 -18.18 -17.32
CA GLY F 570 -15.49 -16.97 -16.87
C GLY F 570 -15.01 -16.35 -15.59
N LYS F 571 -14.11 -16.99 -14.83
CA LYS F 571 -13.85 -16.59 -13.44
C LYS F 571 -13.49 -15.12 -13.29
N ASN F 572 -12.46 -14.66 -14.01
CA ASN F 572 -12.02 -13.28 -13.86
C ASN F 572 -12.29 -12.44 -15.08
N THR F 573 -13.24 -12.86 -15.91
CA THR F 573 -13.58 -12.23 -17.18
C THR F 573 -15.05 -11.84 -17.27
N LEU F 574 -15.97 -12.78 -16.98
CA LEU F 574 -17.39 -12.58 -17.24
C LEU F 574 -18.06 -12.04 -15.99
N ARG F 575 -17.78 -10.77 -15.71
CA ARG F 575 -18.25 -10.14 -14.47
C ARG F 575 -18.23 -8.65 -14.63
N GLY F 576 -19.02 -7.97 -13.81
CA GLY F 576 -18.99 -6.51 -13.81
C GLY F 576 -20.25 -5.90 -13.20
N LYS F 577 -20.37 -4.59 -13.39
CA LYS F 577 -21.57 -3.84 -12.98
C LYS F 577 -22.52 -3.71 -14.17
N VAL F 578 -23.82 -3.73 -13.88
CA VAL F 578 -24.81 -3.42 -14.92
C VAL F 578 -24.73 -1.92 -15.24
N PRO F 579 -24.56 -1.53 -16.51
CA PRO F 579 -24.49 -0.08 -16.82
C PRO F 579 -25.81 0.60 -16.51
N ILE F 580 -25.73 1.85 -16.04
CA ILE F 580 -26.95 2.61 -15.82
C ILE F 580 -27.61 2.86 -17.16
N GLY F 581 -28.87 2.48 -17.26
CA GLY F 581 -29.61 2.61 -18.49
C GLY F 581 -29.73 1.31 -19.27
N ALA F 582 -29.02 0.26 -18.87
CA ALA F 582 -29.17 -1.04 -19.53
C ALA F 582 -30.58 -1.58 -19.30
N LYS F 583 -31.14 -2.18 -20.35
CA LYS F 583 -32.44 -2.83 -20.28
C LYS F 583 -32.39 -4.24 -20.82
N GLN F 584 -31.31 -4.62 -21.50
CA GLN F 584 -31.16 -5.97 -22.03
C GLN F 584 -29.73 -6.44 -21.83
N VAL F 585 -29.57 -7.74 -21.60
CA VAL F 585 -28.26 -8.40 -21.55
C VAL F 585 -28.24 -9.49 -22.60
N ARG F 586 -27.14 -9.58 -23.34
CA ARG F 586 -27.01 -10.54 -24.43
C ARG F 586 -25.75 -11.36 -24.20
N VAL F 587 -25.88 -12.68 -24.17
CA VAL F 587 -24.73 -13.57 -24.15
C VAL F 587 -24.55 -14.15 -25.54
N ASN F 588 -23.28 -14.28 -25.96
CA ASN F 588 -22.95 -14.91 -27.24
C ASN F 588 -21.81 -15.89 -27.03
N ILE F 589 -21.97 -17.10 -27.54
CA ILE F 589 -20.96 -18.15 -27.49
C ILE F 589 -20.51 -18.35 -28.93
N GLN F 590 -19.28 -18.00 -29.23
CA GLN F 590 -18.72 -18.13 -30.57
C GLN F 590 -17.78 -19.32 -30.56
N THR F 591 -17.95 -20.21 -31.53
CA THR F 591 -17.10 -21.38 -31.70
C THR F 591 -16.50 -21.29 -33.09
N VAL F 592 -15.18 -21.42 -33.22
CA VAL F 592 -14.53 -21.21 -34.51
C VAL F 592 -14.72 -22.40 -35.44
N ALA F 593 -14.57 -22.12 -36.75
CA ALA F 593 -14.57 -23.20 -37.74
C ALA F 593 -13.51 -24.24 -37.42
N GLY F 594 -13.90 -25.53 -37.50
CA GLY F 594 -12.98 -26.61 -37.26
C GLY F 594 -12.82 -27.01 -35.82
N ALA F 595 -13.36 -26.24 -34.86
CA ALA F 595 -13.33 -26.63 -33.47
C ALA F 595 -14.50 -27.56 -33.18
N ASP F 596 -14.37 -28.33 -32.12
CA ASP F 596 -15.38 -29.29 -31.70
C ASP F 596 -15.43 -29.17 -30.19
N VAL F 597 -16.51 -28.54 -29.68
CA VAL F 597 -16.58 -28.12 -28.29
C VAL F 597 -17.92 -28.52 -27.71
N LYS F 598 -17.93 -29.01 -26.47
CA LYS F 598 -19.17 -29.17 -25.72
C LYS F 598 -19.30 -28.07 -24.66
N TYR F 599 -20.51 -27.57 -24.51
CA TYR F 599 -20.86 -26.54 -23.53
C TYR F 599 -21.89 -27.10 -22.57
N ALA F 600 -21.76 -26.72 -21.30
CA ALA F 600 -22.74 -27.11 -20.28
C ALA F 600 -22.83 -26.01 -19.24
N TYR F 601 -23.94 -25.96 -18.53
CA TYR F 601 -24.06 -25.11 -17.34
C TYR F 601 -23.64 -23.66 -17.60
N LEU F 602 -24.36 -23.01 -18.51
CA LEU F 602 -24.06 -21.62 -18.88
C LEU F 602 -24.79 -20.74 -17.88
N LEU F 603 -24.16 -20.49 -16.74
CA LEU F 603 -24.82 -19.90 -15.58
C LEU F 603 -24.38 -18.47 -15.38
N CYS F 604 -25.26 -17.52 -15.70
CA CYS F 604 -25.07 -16.12 -15.37
C CYS F 604 -26.03 -15.79 -14.24
N ASN F 605 -25.56 -14.99 -13.29
CA ASN F 605 -26.43 -14.40 -12.28
C ASN F 605 -26.24 -12.89 -12.32
N VAL F 606 -27.35 -12.16 -12.37
CA VAL F 606 -27.36 -10.72 -12.15
C VAL F 606 -27.98 -10.52 -10.79
N VAL F 607 -27.17 -10.05 -9.83
CA VAL F 607 -27.63 -9.74 -8.48
C VAL F 607 -28.15 -8.31 -8.50
N LYS F 608 -29.45 -8.19 -8.29
CA LYS F 608 -30.19 -6.97 -8.45
C LYS F 608 -31.36 -7.04 -7.49
C TRS G . 28.36 7.73 -26.59
C1 TRS G . 27.13 7.62 -25.70
C2 TRS G . 29.05 9.04 -26.18
C3 TRS G . 29.29 6.59 -26.23
N TRS G . 27.98 7.74 -28.05
O1 TRS G . 27.47 7.52 -24.31
O2 TRS G . 29.38 9.03 -24.81
O3 TRS G . 29.62 6.63 -24.84
C1 GOL H . 18.89 -12.86 -19.48
O1 GOL H . 18.84 -11.47 -19.47
C2 GOL H . 20.34 -13.16 -19.18
O2 GOL H . 20.62 -14.55 -19.16
C3 GOL H . 21.11 -12.37 -20.24
O3 GOL H . 20.72 -12.85 -21.48
C1 GOL I . 29.11 -11.79 -52.67
O1 GOL I . 29.11 -10.66 -51.86
C2 GOL I . 29.53 -11.27 -54.05
O2 GOL I . 30.87 -10.71 -54.04
C3 GOL I . 29.38 -12.45 -54.95
O3 GOL I . 29.47 -11.93 -56.25
C1 GOL J . 49.64 -11.57 18.30
O1 GOL J . 49.64 -12.53 17.25
C2 GOL J . 49.94 -12.32 19.62
O2 GOL J . 51.25 -12.74 19.69
C3 GOL J . 49.63 -11.27 20.70
O3 GOL J . 49.78 -11.89 21.95
C1 GOL K . 42.35 13.12 -45.69
C1 GOL K . 40.46 11.95 -46.63
O1 GOL K . 42.60 12.17 -44.69
O1 GOL K . 40.00 11.28 -47.82
C2 GOL K . 41.97 12.35 -46.95
C2 GOL K . 41.91 12.42 -46.93
O2 GOL K . 42.86 11.34 -47.24
O2 GOL K . 41.93 13.38 -47.92
C3 GOL K . 40.50 11.89 -46.72
C3 GOL K . 42.40 13.03 -45.62
O3 GOL K . 40.08 11.26 -47.94
O3 GOL K . 42.57 12.00 -44.71
C1 GOL L . 52.66 10.65 -26.11
O1 GOL L . 53.73 10.16 -26.94
C2 GOL L . 51.32 9.96 -26.62
O2 GOL L . 50.72 10.55 -27.86
C3 GOL L . 51.91 8.57 -26.92
O3 GOL L . 50.92 7.63 -26.71
C1 GOL M . 50.64 34.06 -27.80
O1 GOL M . 49.96 33.94 -29.04
C2 GOL M . 50.54 32.67 -27.06
O2 GOL M . 49.22 32.45 -26.69
C3 GOL M . 51.40 32.76 -25.77
O3 GOL M . 52.73 32.79 -26.11
C1 GOL N . 21.38 26.92 -15.53
O1 GOL N . 20.89 25.62 -15.99
C2 GOL N . 22.58 27.50 -16.41
O2 GOL N . 23.75 26.68 -16.33
C3 GOL N . 22.03 27.68 -17.84
O3 GOL N . 21.55 29.01 -18.01
C1 GOL O . 36.90 24.39 -53.18
O1 GOL O . 35.87 23.81 -52.44
C2 GOL O . 36.34 25.14 -54.37
O2 GOL O . 35.50 24.39 -55.14
C3 GOL O . 35.66 26.33 -53.76
O3 GOL O . 34.36 25.92 -53.58
C1 GOL P . 16.01 26.35 -16.54
O1 GOL P . 16.01 27.76 -16.73
C2 GOL P . 16.94 25.74 -17.70
O2 GOL P . 16.25 25.25 -18.95
C3 GOL P . 17.82 26.95 -17.98
O3 GOL P . 19.10 26.51 -18.14
C1 GOL Q . 2.09 12.94 -45.48
O1 GOL Q . 3.39 12.54 -44.96
C2 GOL Q . 1.90 12.07 -46.78
O2 GOL Q . 1.80 10.71 -46.45
C3 GOL Q . 0.61 12.62 -47.42
O3 GOL Q . 0.47 11.95 -48.64
C1 GOL R . 20.35 6.44 25.95
O1 GOL R . 19.10 6.57 25.33
C2 GOL R . 20.15 6.79 27.44
O2 GOL R . 19.15 6.02 28.02
C3 GOL R . 21.51 6.54 28.13
O3 GOL R . 21.42 7.20 29.36
C1 GOL S . 12.14 22.47 -38.39
O1 GOL S . 13.02 22.04 -37.41
C2 GOL S . 12.00 21.37 -39.43
O2 GOL S . 11.09 21.75 -40.44
C3 GOL S . 13.42 21.08 -40.01
O3 GOL S . 13.49 21.68 -41.32
C TRS T . -28.30 -7.53 26.58
C1 TRS T . -27.26 -6.86 25.70
C2 TRS T . -29.61 -6.79 26.35
C3 TRS T . -28.52 -8.94 26.06
N TRS T . -27.89 -7.49 28.03
O1 TRS T . -27.63 -6.96 24.32
O2 TRS T . -29.88 -6.74 24.96
O3 TRS T . -28.97 -8.87 24.71
C1 GOL U . -42.46 -2.79 55.81
O1 GOL U . -41.50 -2.95 54.77
C2 GOL U . -41.72 -2.18 57.01
O2 GOL U . -41.25 -0.89 56.65
C3 GOL U . -42.72 -2.24 58.21
O3 GOL U . -41.96 -1.92 59.38
C1 GOL V . -39.42 -14.08 46.73
C1 GOL V . -41.80 -13.89 45.89
O1 GOL V . -38.64 -14.60 47.82
O1 GOL V . -41.51 -14.59 44.71
C2 GOL V . -40.90 -14.46 47.04
C2 GOL V . -40.89 -14.48 46.99
O2 GOL V . -41.38 -13.85 48.18
O2 GOL V . -41.07 -15.86 47.13
C3 GOL V . -41.73 -14.06 45.83
C3 GOL V . -39.41 -14.07 46.65
O3 GOL V . -41.24 -14.78 44.76
O3 GOL V . -38.62 -14.49 47.76
C1 GOL W . -35.69 9.90 15.47
O1 GOL W . -36.47 10.93 15.94
C2 GOL W . -36.59 8.71 15.44
O2 GOL W . -36.00 7.47 15.58
C3 GOL W . -37.67 8.94 14.37
O3 GOL W . -38.86 8.86 15.09
C1 GOL X . -33.14 14.04 19.92
O1 GOL X . -32.11 13.09 19.55
C2 GOL X . -34.16 13.25 20.80
O2 GOL X . -34.97 12.38 20.03
C3 GOL X . -34.97 14.27 21.45
O3 GOL X . -34.21 14.97 22.42
C1 GOL Y . -58.15 2.05 -16.28
O1 GOL Y . -58.83 2.54 -15.16
C2 GOL Y . -59.16 2.08 -17.46
O2 GOL Y . -59.69 3.34 -17.66
C3 GOL Y . -58.38 1.59 -18.71
O3 GOL Y . -59.36 1.29 -19.66
C1 GOL Z . -48.33 -17.08 26.30
O1 GOL Z . -48.65 -17.23 27.61
C2 GOL Z . -49.19 -18.03 25.53
O2 GOL Z . -50.56 -17.78 25.66
C3 GOL Z . -48.76 -19.48 25.96
O3 GOL Z . -49.76 -19.99 26.82
O3 GOL Z . -47.37 -19.53 25.85
N1 BCN AA . -10.06 -13.98 13.90
C1 BCN AA . -10.41 -15.26 13.24
C2 BCN AA . -11.86 -15.71 13.48
O21 BCN AA . -12.23 -16.02 14.63
O22 BCN AA . -12.71 -15.77 12.54
C3 BCN AA . -11.08 -12.90 13.78
C4 BCN AA . -10.19 -11.65 13.44
O4 BCN AA . -10.97 -10.56 13.03
C5 BCN AA . -9.51 -14.13 15.27
C6 BCN AA . -8.17 -14.94 15.18
O6 BCN AA . -8.16 -16.08 15.99
C1 GOL BA . -25.34 4.79 -26.70
O1 GOL BA . -25.45 4.96 -28.07
C2 GOL BA . -23.86 4.64 -26.30
O2 GOL BA . -23.04 5.59 -26.88
C3 GOL BA . -23.90 4.73 -24.74
O3 GOL BA . -22.82 5.44 -24.29
C1 GOL CA . -29.98 15.51 21.96
O1 GOL CA . -30.71 14.37 22.12
C2 GOL CA . -28.60 15.04 21.53
O2 GOL CA . -27.73 14.70 22.71
C3 GOL CA . -28.17 16.32 20.63
O3 GOL CA . -28.62 17.53 21.29
C1 GOL DA . -0.57 -10.03 44.65
O1 GOL DA . -0.48 -11.22 45.27
C2 GOL DA . -0.16 -10.04 43.15
O2 GOL DA . -1.09 -10.72 42.35
C3 GOL DA . -0.27 -8.58 42.81
O3 GOL DA . -1.48 -8.22 43.44
C1 GOL EA . -0.08 -19.91 25.89
O1 GOL EA . 0.86 -18.94 25.50
C2 GOL EA . -1.46 -19.22 25.82
O2 GOL EA . -1.35 -17.92 25.33
C3 GOL EA . -2.34 -20.08 24.96
O3 GOL EA . -3.65 -19.46 24.96
C1 GOL FA . -39.36 -26.20 -23.98
O1 GOL FA . -39.32 -26.69 -25.31
C2 GOL FA . -39.72 -27.34 -22.99
O2 GOL FA . -39.46 -28.62 -23.46
C3 GOL FA . -38.95 -26.96 -21.68
O3 GOL FA . -38.73 -28.14 -20.91
C1 GOL GA . -44.60 -21.50 22.20
O1 GOL GA . -45.20 -20.69 21.24
C2 GOL GA . -45.65 -21.59 23.36
O2 GOL GA . -45.91 -22.92 23.73
C3 GOL GA . -46.88 -20.73 22.92
O3 GOL GA . -46.48 -19.34 22.94
C1 GOL HA . -10.12 -18.58 16.06
O1 GOL HA . -10.67 -17.39 16.52
O1 GOL HA . -9.02 -19.26 16.59
C2 GOL HA . -11.24 -19.61 15.86
O2 GOL HA . -10.73 -20.92 15.55
C3 GOL HA . -12.14 -19.50 17.06
O3 GOL HA . -11.43 -19.96 18.11
#